data_2LIQ
#
_entry.id   2LIQ
#
loop_
_entity.id
_entity.type
_entity.pdbx_description
1 polymer 'CCL2 lectin'
2 branched 'alpha-L-fucopyranose-(1-3)-[2-acetamido-2-deoxy-beta-D-glucopyranose-(1-4)]methyl 2-acetamido-2-deoxy-beta-D-glucopyranoside'
#
_entity_poly.entity_id   1
_entity_poly.type   'polypeptide(L)'
_entity_poly.pdbx_seq_one_letter_code
;MGHHHHHHHHSGDSPAVTLSAGNYIIYNRVLSPRGEKLALTYPGRQRTPVTVSPLDGSSEQAWILRSYDSNSNTWTISPV
GSPNSQIGWGAGNVPVVLPPNNYVWTLTLTSGGYNIQDGKRTVSWSLNNATAGEEVSIGADATFSGRWVIEKV
;
_entity_poly.pdbx_strand_id   A
#
# COMPACT_ATOMS: atom_id res chain seq x y z
N MET A 1 -20.66 -22.65 -3.69
CA MET A 1 -20.34 -21.29 -4.22
C MET A 1 -21.26 -20.96 -5.40
N GLY A 2 -21.87 -19.78 -5.40
CA GLY A 2 -22.79 -19.32 -6.46
C GLY A 2 -23.40 -17.95 -6.18
N HIS A 3 -24.24 -17.47 -7.11
CA HIS A 3 -24.95 -16.18 -7.02
C HIS A 3 -26.27 -16.19 -7.79
N HIS A 4 -27.09 -15.14 -7.62
CA HIS A 4 -28.37 -14.93 -8.30
C HIS A 4 -28.71 -13.44 -8.40
N HIS A 5 -29.84 -13.10 -9.01
CA HIS A 5 -30.28 -11.72 -9.33
C HIS A 5 -31.72 -11.40 -8.93
N HIS A 6 -32.44 -12.34 -8.30
CA HIS A 6 -33.85 -12.19 -7.86
C HIS A 6 -34.06 -12.54 -6.37
N HIS A 7 -33.14 -13.29 -5.75
CA HIS A 7 -33.15 -13.63 -4.31
C HIS A 7 -31.80 -13.43 -3.59
N HIS A 8 -30.79 -12.91 -4.30
CA HIS A 8 -29.44 -12.65 -3.81
C HIS A 8 -28.82 -11.41 -4.47
N HIS A 9 -27.71 -10.90 -3.93
CA HIS A 9 -26.96 -9.75 -4.46
C HIS A 9 -25.46 -9.80 -4.08
N HIS A 10 -24.66 -8.93 -4.70
CA HIS A 10 -23.21 -8.82 -4.49
C HIS A 10 -22.77 -7.37 -4.22
N SER A 11 -23.41 -6.41 -4.87
CA SER A 11 -23.13 -4.96 -4.83
C SER A 11 -23.31 -4.27 -3.46
N GLY A 12 -23.79 -5.01 -2.46
CA GLY A 12 -24.01 -4.54 -1.08
C GLY A 12 -23.58 -5.54 0.01
N ASP A 13 -22.76 -6.55 -0.34
CA ASP A 13 -22.29 -7.59 0.60
C ASP A 13 -20.83 -8.04 0.36
N SER A 14 -20.17 -7.56 -0.69
CA SER A 14 -18.82 -7.97 -1.10
C SER A 14 -18.11 -6.87 -1.92
N PRO A 15 -16.76 -6.78 -1.91
CA PRO A 15 -16.00 -5.86 -2.76
C PRO A 15 -16.31 -5.95 -4.27
N ALA A 16 -15.93 -4.88 -4.98
CA ALA A 16 -16.23 -4.67 -6.40
C ALA A 16 -15.01 -4.23 -7.24
N VAL A 17 -13.79 -4.34 -6.68
CA VAL A 17 -12.51 -3.98 -7.34
C VAL A 17 -11.46 -5.06 -7.16
N THR A 18 -10.42 -5.01 -8.00
CA THR A 18 -9.20 -5.81 -7.88
C THR A 18 -8.01 -5.01 -8.46
N LEU A 19 -6.80 -5.28 -7.98
CA LEU A 19 -5.57 -4.62 -8.43
C LEU A 19 -5.16 -5.08 -9.84
N SER A 20 -4.50 -4.19 -10.56
CA SER A 20 -3.97 -4.39 -11.92
C SER A 20 -2.81 -3.42 -12.18
N ALA A 21 -2.11 -3.58 -13.31
CA ALA A 21 -1.04 -2.68 -13.73
C ALA A 21 -1.58 -1.27 -14.08
N GLY A 22 -1.27 -0.26 -13.27
CA GLY A 22 -1.82 1.10 -13.41
C GLY A 22 -1.45 2.07 -12.29
N ASN A 23 -2.11 3.23 -12.25
CA ASN A 23 -1.92 4.26 -11.22
C ASN A 23 -2.99 4.12 -10.12
N TYR A 24 -2.58 4.24 -8.85
CA TYR A 24 -3.41 4.04 -7.66
C TYR A 24 -3.04 5.03 -6.54
N ILE A 25 -3.88 5.07 -5.51
CA ILE A 25 -3.66 5.76 -4.24
C ILE A 25 -3.85 4.76 -3.09
N ILE A 26 -3.12 4.96 -1.99
CA ILE A 26 -3.07 4.07 -0.83
C ILE A 26 -3.21 4.91 0.43
N TYR A 27 -4.20 4.58 1.27
CA TYR A 27 -4.49 5.30 2.51
C TYR A 27 -4.94 4.38 3.65
N ASN A 28 -4.75 4.81 4.89
CA ASN A 28 -5.12 4.02 6.06
C ASN A 28 -6.64 3.86 6.20
N ARG A 29 -7.08 2.68 6.66
CA ARG A 29 -8.50 2.32 6.86
C ARG A 29 -9.23 3.13 7.95
N VAL A 30 -8.52 4.01 8.66
CA VAL A 30 -8.99 4.79 9.82
C VAL A 30 -9.00 6.30 9.60
N LEU A 31 -8.74 6.79 8.38
CA LEU A 31 -8.67 8.22 8.04
C LEU A 31 -7.72 8.98 8.98
N SER A 32 -8.02 10.24 9.32
CA SER A 32 -7.28 11.05 10.31
C SER A 32 -8.22 11.95 11.14
N PRO A 33 -7.76 12.49 12.28
CA PRO A 33 -8.49 13.52 13.06
C PRO A 33 -8.90 14.78 12.27
N ARG A 34 -8.32 15.02 11.09
CA ARG A 34 -8.70 16.12 10.17
C ARG A 34 -10.06 15.89 9.48
N GLY A 35 -10.67 14.71 9.62
CA GLY A 35 -11.93 14.34 8.97
C GLY A 35 -11.76 13.95 7.49
N GLU A 36 -10.54 13.57 7.09
CA GLU A 36 -10.14 13.30 5.70
C GLU A 36 -9.15 12.12 5.62
N LYS A 37 -9.01 11.52 4.42
CA LYS A 37 -8.09 10.41 4.14
C LYS A 37 -6.64 10.71 4.53
N LEU A 38 -5.90 9.67 4.91
CA LEU A 38 -4.52 9.70 5.38
C LEU A 38 -3.69 8.79 4.47
N ALA A 39 -3.06 9.37 3.45
CA ALA A 39 -2.43 8.67 2.33
C ALA A 39 -0.90 8.74 2.33
N LEU A 40 -0.29 7.70 1.74
CA LEU A 40 1.16 7.65 1.52
C LEU A 40 1.63 8.81 0.65
N THR A 41 2.70 9.47 1.09
CA THR A 41 3.22 10.70 0.48
C THR A 41 4.76 10.65 0.43
N TYR A 42 5.31 11.10 -0.69
CA TYR A 42 6.75 11.15 -0.96
C TYR A 42 7.47 12.05 0.06
N PRO A 43 8.58 11.60 0.68
CA PRO A 43 9.29 12.35 1.73
C PRO A 43 10.09 13.55 1.21
N GLY A 44 10.16 13.76 -0.12
CA GLY A 44 10.81 14.89 -0.77
C GLY A 44 12.18 14.58 -1.40
N ARG A 45 12.76 13.41 -1.11
CA ARG A 45 14.00 12.90 -1.71
C ARG A 45 14.06 11.37 -1.74
N GLN A 46 15.14 10.84 -2.30
CA GLN A 46 15.50 9.41 -2.27
C GLN A 46 16.24 9.03 -0.97
N ARG A 47 16.35 7.71 -0.72
CA ARG A 47 17.09 7.11 0.42
C ARG A 47 16.58 7.56 1.81
N THR A 48 15.27 7.80 1.91
CA THR A 48 14.56 8.24 3.13
C THR A 48 13.29 7.38 3.36
N PRO A 49 12.81 7.26 4.62
CA PRO A 49 11.54 6.59 4.94
C PRO A 49 10.31 7.19 4.23
N VAL A 50 9.33 6.35 3.89
CA VAL A 50 8.02 6.82 3.38
C VAL A 50 7.26 7.59 4.48
N THR A 51 6.45 8.58 4.12
CA THR A 51 5.69 9.43 5.06
C THR A 51 4.19 9.34 4.75
N VAL A 52 3.32 9.76 5.67
CA VAL A 52 1.86 9.77 5.48
C VAL A 52 1.27 11.15 5.82
N SER A 53 0.31 11.61 5.02
CA SER A 53 -0.25 12.99 5.05
C SER A 53 -1.68 13.03 4.50
N PRO A 54 -2.42 14.16 4.56
CA PRO A 54 -3.69 14.32 3.85
C PRO A 54 -3.57 14.07 2.33
N LEU A 55 -4.71 13.94 1.65
CA LEU A 55 -4.77 13.60 0.22
C LEU A 55 -5.55 14.64 -0.60
N ASP A 56 -4.98 15.05 -1.73
CA ASP A 56 -5.50 16.02 -2.69
C ASP A 56 -5.42 15.52 -4.15
N GLY A 57 -4.67 14.43 -4.39
CA GLY A 57 -4.41 13.86 -5.71
C GLY A 57 -3.13 14.36 -6.38
N SER A 58 -2.25 15.06 -5.64
CA SER A 58 -0.98 15.60 -6.14
C SER A 58 0.01 14.51 -6.55
N SER A 59 0.98 14.89 -7.39
CA SER A 59 2.06 14.03 -7.91
C SER A 59 2.97 13.40 -6.85
N GLU A 60 2.97 13.95 -5.62
CA GLU A 60 3.72 13.42 -4.47
C GLU A 60 2.86 12.53 -3.54
N GLN A 61 1.55 12.40 -3.82
CA GLN A 61 0.58 11.61 -3.04
C GLN A 61 0.00 10.43 -3.84
N ALA A 62 0.25 10.38 -5.16
CA ALA A 62 -0.23 9.35 -6.07
C ALA A 62 0.90 8.39 -6.48
N TRP A 63 0.54 7.15 -6.76
CA TRP A 63 1.48 6.02 -6.93
C TRP A 63 1.08 5.16 -8.13
N ILE A 64 1.90 4.16 -8.45
CA ILE A 64 1.61 3.10 -9.44
C ILE A 64 1.78 1.72 -8.79
N LEU A 65 1.09 0.73 -9.35
CA LEU A 65 1.20 -0.69 -9.00
C LEU A 65 1.51 -1.47 -10.28
N ARG A 66 2.49 -2.37 -10.21
CA ARG A 66 2.97 -3.21 -11.33
C ARG A 66 3.25 -4.63 -10.84
N SER A 67 2.77 -5.62 -11.58
CA SER A 67 2.92 -7.04 -11.20
C SER A 67 4.39 -7.49 -11.24
N TYR A 68 4.76 -8.42 -10.35
CA TYR A 68 6.06 -9.10 -10.37
C TYR A 68 5.92 -10.63 -10.35
N ASP A 69 4.97 -11.18 -9.59
CA ASP A 69 4.61 -12.61 -9.62
C ASP A 69 3.12 -12.83 -9.31
N SER A 70 2.67 -14.08 -9.44
CA SER A 70 1.27 -14.51 -9.30
C SER A 70 1.11 -15.73 -8.38
N ASN A 71 2.16 -16.54 -8.21
CA ASN A 71 2.24 -17.63 -7.24
C ASN A 71 2.35 -17.12 -5.79
N SER A 72 2.78 -15.86 -5.60
CA SER A 72 3.04 -15.22 -4.30
C SER A 72 2.28 -13.89 -4.11
N ASN A 73 1.47 -13.48 -5.09
CA ASN A 73 0.69 -12.22 -5.08
C ASN A 73 1.54 -10.98 -4.73
N THR A 74 2.72 -10.91 -5.34
CA THR A 74 3.74 -9.87 -5.14
C THR A 74 3.85 -8.92 -6.35
N TRP A 75 4.08 -7.65 -6.02
CA TRP A 75 4.03 -6.49 -6.90
C TRP A 75 5.17 -5.52 -6.55
N THR A 76 5.36 -4.49 -7.38
CA THR A 76 6.24 -3.35 -7.09
C THR A 76 5.43 -2.04 -7.13
N ILE A 77 5.91 -1.03 -6.39
CA ILE A 77 5.16 0.21 -6.09
C ILE A 77 6.09 1.42 -6.21
N SER A 78 5.67 2.45 -6.94
CA SER A 78 6.48 3.67 -7.18
C SER A 78 5.62 4.94 -7.13
N PRO A 79 6.16 6.11 -6.74
CA PRO A 79 5.43 7.38 -6.79
C PRO A 79 5.34 7.90 -8.24
N VAL A 80 4.23 8.54 -8.62
CA VAL A 80 4.05 9.06 -10.01
C VAL A 80 5.04 10.18 -10.37
N GLY A 81 5.58 10.89 -9.37
CA GLY A 81 6.55 11.98 -9.55
C GLY A 81 8.02 11.52 -9.63
N SER A 82 8.34 10.31 -9.15
CA SER A 82 9.70 9.72 -9.16
C SER A 82 9.70 8.22 -9.49
N PRO A 83 9.12 7.78 -10.64
CA PRO A 83 9.06 6.37 -11.03
C PRO A 83 10.43 5.77 -11.42
N ASN A 84 11.49 6.58 -11.44
CA ASN A 84 12.89 6.13 -11.55
C ASN A 84 13.37 5.37 -10.29
N SER A 85 12.55 5.31 -9.24
CA SER A 85 12.74 4.58 -7.99
C SER A 85 11.41 3.97 -7.49
N GLN A 86 11.49 3.08 -6.50
CA GLN A 86 10.36 2.32 -5.96
C GLN A 86 10.46 2.12 -4.44
N ILE A 87 9.37 1.71 -3.80
CA ILE A 87 9.34 1.44 -2.36
C ILE A 87 10.15 0.16 -2.06
N GLY A 88 11.06 0.25 -1.09
CA GLY A 88 11.90 -0.82 -0.56
C GLY A 88 11.95 -0.79 0.97
N TRP A 89 12.81 -1.59 1.58
CA TRP A 89 12.88 -1.76 3.04
C TRP A 89 14.30 -1.50 3.55
N GLY A 90 14.46 -0.52 4.44
CA GLY A 90 15.78 -0.11 4.96
C GLY A 90 16.39 -1.06 6.00
N ALA A 91 15.86 -2.28 6.14
CA ALA A 91 16.17 -3.30 7.15
C ALA A 91 16.02 -2.88 8.64
N GLY A 92 15.60 -1.64 8.88
CA GLY A 92 15.38 -1.01 10.19
C GLY A 92 13.88 -0.90 10.55
N ASN A 93 13.08 -1.89 10.14
CA ASN A 93 11.63 -1.99 10.37
C ASN A 93 10.80 -0.77 9.87
N VAL A 94 11.26 -0.11 8.80
CA VAL A 94 10.53 0.98 8.10
C VAL A 94 10.71 0.88 6.58
N PRO A 95 9.69 1.23 5.77
CA PRO A 95 9.82 1.27 4.31
C PRO A 95 10.52 2.57 3.88
N VAL A 96 11.23 2.54 2.76
CA VAL A 96 12.02 3.63 2.18
C VAL A 96 11.78 3.73 0.67
N VAL A 97 12.32 4.75 0.00
CA VAL A 97 12.27 4.88 -1.48
C VAL A 97 13.69 4.81 -2.05
N LEU A 98 13.91 3.91 -3.01
CA LEU A 98 15.23 3.53 -3.51
C LEU A 98 15.18 3.13 -5.02
N PRO A 99 16.24 3.36 -5.83
CA PRO A 99 16.31 2.89 -7.22
C PRO A 99 16.02 1.38 -7.37
N PRO A 100 15.47 0.94 -8.51
CA PRO A 100 14.98 -0.43 -8.69
C PRO A 100 16.12 -1.46 -8.76
N ASN A 101 15.82 -2.66 -8.27
CA ASN A 101 16.65 -3.87 -8.37
C ASN A 101 15.72 -5.09 -8.48
N ASN A 102 15.16 -5.52 -7.35
CA ASN A 102 14.18 -6.61 -7.25
C ASN A 102 13.24 -6.46 -6.02
N TYR A 103 13.19 -5.29 -5.37
CA TYR A 103 12.40 -5.09 -4.15
C TYR A 103 10.89 -5.21 -4.45
N VAL A 104 10.15 -5.97 -3.66
CA VAL A 104 8.70 -6.27 -3.89
C VAL A 104 7.88 -6.19 -2.60
N TRP A 105 6.57 -6.12 -2.73
CA TRP A 105 5.61 -6.15 -1.63
C TRP A 105 4.37 -6.99 -2.00
N THR A 106 3.70 -7.53 -0.99
CA THR A 106 2.54 -8.41 -1.13
C THR A 106 1.27 -7.63 -0.80
N LEU A 107 0.22 -7.74 -1.62
CA LEU A 107 -1.07 -7.04 -1.40
C LEU A 107 -2.18 -8.06 -1.18
N THR A 108 -3.16 -7.75 -0.33
CA THR A 108 -4.29 -8.65 -0.02
C THR A 108 -5.60 -7.90 0.07
N LEU A 109 -6.64 -8.45 -0.57
CA LEU A 109 -8.02 -7.94 -0.53
C LEU A 109 -8.82 -8.71 0.52
N THR A 110 -9.73 -8.01 1.21
CA THR A 110 -10.67 -8.55 2.21
C THR A 110 -12.08 -7.98 2.01
N SER A 111 -13.07 -8.54 2.71
CA SER A 111 -14.51 -8.21 2.56
C SER A 111 -14.90 -6.74 2.79
N GLY A 112 -13.96 -5.88 3.21
CA GLY A 112 -14.16 -4.44 3.35
C GLY A 112 -12.87 -3.62 3.44
N GLY A 113 -11.77 -4.04 2.80
CA GLY A 113 -10.49 -3.32 2.85
C GLY A 113 -9.33 -3.99 2.10
N TYR A 114 -8.13 -3.43 2.26
CA TYR A 114 -6.86 -3.94 1.73
C TYR A 114 -5.78 -4.06 2.82
N ASN A 115 -4.78 -4.90 2.57
CA ASN A 115 -3.59 -5.07 3.42
C ASN A 115 -2.31 -5.13 2.60
N ILE A 116 -1.19 -4.78 3.25
CA ILE A 116 0.15 -4.62 2.65
C ILE A 116 1.20 -5.26 3.55
N GLN A 117 1.91 -6.26 3.02
CA GLN A 117 2.86 -7.10 3.78
C GLN A 117 4.16 -7.39 3.01
N ASP A 118 5.17 -7.87 3.73
CA ASP A 118 6.43 -8.36 3.19
C ASP A 118 6.30 -9.70 2.43
N GLY A 119 7.33 -10.07 1.66
CA GLY A 119 7.41 -11.32 0.90
C GLY A 119 7.42 -12.64 1.69
N LYS A 120 7.43 -12.61 3.04
CA LYS A 120 7.40 -13.78 3.95
C LYS A 120 6.21 -13.76 4.91
N ARG A 121 5.33 -12.75 4.82
CA ARG A 121 4.17 -12.48 5.71
C ARG A 121 4.49 -12.39 7.22
N THR A 122 5.75 -12.19 7.62
CA THR A 122 6.12 -12.06 9.04
C THR A 122 5.67 -10.73 9.67
N VAL A 123 5.40 -9.71 8.84
CA VAL A 123 5.06 -8.34 9.26
C VAL A 123 4.03 -7.69 8.31
N SER A 124 3.59 -6.48 8.64
CA SER A 124 2.63 -5.65 7.92
C SER A 124 3.00 -4.16 8.04
N TRP A 125 2.60 -3.33 7.07
CA TRP A 125 2.79 -1.88 7.14
C TRP A 125 1.81 -1.26 8.16
N SER A 126 2.34 -0.45 9.08
CA SER A 126 1.58 0.13 10.21
C SER A 126 2.05 1.55 10.59
N LEU A 127 1.33 2.18 11.52
CA LEU A 127 1.58 3.51 12.10
C LEU A 127 1.54 3.45 13.64
N ASN A 128 1.86 4.57 14.30
CA ASN A 128 1.99 4.66 15.77
C ASN A 128 1.13 5.76 16.41
N ASN A 129 0.79 6.81 15.67
CA ASN A 129 -0.11 7.90 16.08
C ASN A 129 -1.27 8.11 15.09
N ALA A 130 -1.21 7.47 13.91
CA ALA A 130 -2.24 7.56 12.85
C ALA A 130 -2.60 9.01 12.46
N THR A 131 -1.58 9.86 12.29
CA THR A 131 -1.69 11.30 11.97
C THR A 131 -0.67 11.73 10.91
N ALA A 132 -0.93 12.89 10.29
CA ALA A 132 -0.07 13.46 9.26
C ALA A 132 1.36 13.78 9.74
N GLY A 133 2.33 13.62 8.85
CA GLY A 133 3.76 13.87 9.10
C GLY A 133 4.50 12.68 9.75
N GLU A 134 3.79 11.64 10.18
CA GLU A 134 4.40 10.42 10.72
C GLU A 134 5.10 9.61 9.61
N GLU A 135 6.32 9.13 9.90
CA GLU A 135 7.03 8.17 9.05
C GLU A 135 6.37 6.78 9.17
N VAL A 136 6.14 6.11 8.03
CA VAL A 136 5.52 4.78 7.97
C VAL A 136 6.41 3.74 8.65
N SER A 137 5.81 2.69 9.21
CA SER A 137 6.50 1.65 9.98
C SER A 137 6.10 0.23 9.54
N ILE A 138 6.84 -0.77 10.00
CA ILE A 138 6.64 -2.20 9.71
C ILE A 138 6.78 -3.01 11.00
N GLY A 139 5.84 -3.91 11.24
CA GLY A 139 5.79 -4.76 12.44
C GLY A 139 4.59 -5.71 12.40
N ALA A 140 4.17 -6.23 13.57
CA ALA A 140 2.90 -6.95 13.69
C ALA A 140 1.70 -6.08 13.23
N ASP A 141 0.65 -6.73 12.71
CA ASP A 141 -0.60 -6.06 12.33
C ASP A 141 -1.33 -5.42 13.52
N ALA A 142 -2.21 -4.46 13.23
CA ALA A 142 -2.95 -3.69 14.23
C ALA A 142 -4.34 -3.29 13.70
N THR A 143 -5.38 -3.53 14.51
CA THR A 143 -6.81 -3.39 14.15
C THR A 143 -7.20 -2.01 13.60
N PHE A 144 -6.56 -0.95 14.10
CA PHE A 144 -6.89 0.45 13.79
C PHE A 144 -5.68 1.30 13.35
N SER A 145 -4.51 0.69 13.16
CA SER A 145 -3.29 1.40 12.71
C SER A 145 -2.39 0.58 11.75
N GLY A 146 -2.84 -0.61 11.33
CA GLY A 146 -2.10 -1.54 10.47
C GLY A 146 -2.96 -2.19 9.38
N ARG A 147 -3.96 -1.45 8.87
CA ARG A 147 -4.85 -1.82 7.76
C ARG A 147 -5.04 -0.63 6.80
N TRP A 148 -5.34 -0.92 5.54
CA TRP A 148 -5.32 0.06 4.45
C TRP A 148 -6.53 -0.05 3.51
N VAL A 149 -6.62 0.88 2.57
CA VAL A 149 -7.58 0.93 1.46
C VAL A 149 -6.83 1.43 0.23
N ILE A 150 -7.18 0.91 -0.94
CA ILE A 150 -6.54 1.22 -2.22
C ILE A 150 -7.62 1.52 -3.27
N GLU A 151 -7.36 2.51 -4.12
CA GLU A 151 -8.26 2.97 -5.19
C GLU A 151 -7.47 3.36 -6.44
N LYS A 152 -8.05 3.12 -7.62
CA LYS A 152 -7.45 3.39 -8.93
C LYS A 152 -7.67 4.86 -9.34
N VAL A 153 -6.69 5.47 -10.02
CA VAL A 153 -6.69 6.89 -10.47
C VAL A 153 -6.28 7.10 -11.93
N MET A 1 -34.60 -10.59 0.19
CA MET A 1 -33.52 -10.52 -0.84
C MET A 1 -33.78 -11.54 -1.96
N GLY A 2 -33.29 -11.26 -3.17
CA GLY A 2 -33.42 -12.14 -4.34
C GLY A 2 -32.35 -11.99 -5.43
N HIS A 3 -31.38 -11.09 -5.23
CA HIS A 3 -30.29 -10.78 -6.19
C HIS A 3 -28.95 -10.51 -5.47
N HIS A 4 -28.81 -11.01 -4.23
CA HIS A 4 -27.72 -10.66 -3.29
C HIS A 4 -27.07 -11.87 -2.61
N HIS A 5 -27.64 -13.07 -2.79
CA HIS A 5 -27.23 -14.34 -2.17
C HIS A 5 -27.43 -15.56 -3.10
N HIS A 6 -27.83 -15.33 -4.35
CA HIS A 6 -28.17 -16.34 -5.35
C HIS A 6 -26.95 -16.88 -6.11
N HIS A 7 -27.15 -17.95 -6.88
CA HIS A 7 -26.08 -18.73 -7.55
C HIS A 7 -26.40 -19.06 -9.02
N HIS A 8 -27.38 -18.37 -9.62
CA HIS A 8 -27.78 -18.52 -11.03
C HIS A 8 -26.74 -17.95 -12.04
N HIS A 9 -25.60 -17.46 -11.56
CA HIS A 9 -24.53 -16.84 -12.34
C HIS A 9 -23.14 -17.15 -11.75
N HIS A 10 -22.08 -16.82 -12.49
CA HIS A 10 -20.67 -17.00 -12.08
C HIS A 10 -19.78 -15.78 -12.39
N SER A 11 -20.24 -14.89 -13.27
CA SER A 11 -19.56 -13.64 -13.69
C SER A 11 -20.52 -12.43 -13.71
N GLY A 12 -21.71 -12.59 -13.13
CA GLY A 12 -22.75 -11.55 -13.03
C GLY A 12 -22.49 -10.49 -11.93
N ASP A 13 -21.51 -10.74 -11.06
CA ASP A 13 -21.06 -9.82 -10.00
C ASP A 13 -19.54 -10.01 -9.73
N SER A 14 -18.88 -8.95 -9.25
CA SER A 14 -17.44 -8.89 -8.95
C SER A 14 -17.14 -8.03 -7.71
N PRO A 15 -15.96 -8.18 -7.07
CA PRO A 15 -15.50 -7.33 -5.97
C PRO A 15 -15.60 -5.83 -6.22
N ALA A 16 -15.71 -5.07 -5.13
CA ALA A 16 -15.80 -3.60 -5.14
C ALA A 16 -14.51 -2.88 -5.60
N VAL A 17 -13.38 -3.61 -5.69
CA VAL A 17 -12.04 -3.12 -5.99
C VAL A 17 -11.27 -4.06 -6.93
N THR A 18 -10.20 -3.55 -7.53
CA THR A 18 -9.24 -4.28 -8.37
C THR A 18 -7.82 -3.77 -8.17
N LEU A 19 -6.86 -4.58 -8.62
CA LEU A 19 -5.45 -4.24 -8.80
C LEU A 19 -5.00 -4.71 -10.20
N SER A 20 -4.18 -3.92 -10.86
CA SER A 20 -3.71 -4.15 -12.23
C SER A 20 -2.41 -3.37 -12.49
N ALA A 21 -1.77 -3.63 -13.63
CA ALA A 21 -0.64 -2.84 -14.11
C ALA A 21 -1.10 -1.40 -14.49
N GLY A 22 -1.00 -0.46 -13.55
CA GLY A 22 -1.60 0.88 -13.67
C GLY A 22 -1.28 1.84 -12.53
N ASN A 23 -1.93 3.00 -12.53
CA ASN A 23 -1.79 4.06 -11.53
C ASN A 23 -2.87 3.90 -10.43
N TYR A 24 -2.46 4.00 -9.17
CA TYR A 24 -3.29 3.80 -7.98
C TYR A 24 -2.92 4.80 -6.86
N ILE A 25 -3.78 4.86 -5.84
CA ILE A 25 -3.55 5.57 -4.57
C ILE A 25 -3.79 4.61 -3.40
N ILE A 26 -3.09 4.86 -2.29
CA ILE A 26 -3.06 3.98 -1.11
C ILE A 26 -3.24 4.85 0.14
N TYR A 27 -4.26 4.53 0.95
CA TYR A 27 -4.63 5.31 2.12
C TYR A 27 -5.13 4.44 3.28
N ASN A 28 -5.04 4.95 4.51
CA ASN A 28 -5.38 4.20 5.72
C ASN A 28 -6.89 3.99 5.88
N ARG A 29 -7.27 2.79 6.34
CA ARG A 29 -8.68 2.35 6.50
C ARG A 29 -9.45 3.09 7.61
N VAL A 30 -8.77 3.93 8.41
CA VAL A 30 -9.29 4.56 9.64
C VAL A 30 -9.25 6.10 9.62
N LEU A 31 -8.81 6.72 8.51
CA LEU A 31 -8.69 8.19 8.36
C LEU A 31 -7.84 8.80 9.51
N SER A 32 -8.18 9.99 10.02
CA SER A 32 -7.52 10.65 11.16
C SER A 32 -8.51 11.47 12.00
N PRO A 33 -8.23 11.72 13.30
CA PRO A 33 -9.09 12.52 14.18
C PRO A 33 -9.13 14.02 13.80
N ARG A 34 -8.25 14.45 12.87
CA ARG A 34 -8.27 15.78 12.23
C ARG A 34 -9.55 16.02 11.40
N GLY A 35 -10.19 14.95 10.94
CA GLY A 35 -11.38 14.98 10.08
C GLY A 35 -11.10 14.71 8.60
N GLU A 36 -9.93 14.18 8.26
CA GLU A 36 -9.48 13.93 6.88
C GLU A 36 -8.85 12.53 6.72
N LYS A 37 -8.75 12.05 5.47
CA LYS A 37 -8.02 10.83 5.08
C LYS A 37 -6.50 11.01 5.32
N LEU A 38 -5.74 9.91 5.30
CA LEU A 38 -4.27 9.91 5.29
C LEU A 38 -3.77 8.92 4.23
N ALA A 39 -2.88 9.37 3.35
CA ALA A 39 -2.38 8.61 2.19
C ALA A 39 -0.85 8.59 2.14
N LEU A 40 -0.29 7.53 1.56
CA LEU A 40 1.16 7.40 1.33
C LEU A 40 1.69 8.53 0.46
N THR A 41 2.77 9.16 0.92
CA THR A 41 3.33 10.39 0.34
C THR A 41 4.84 10.28 0.20
N TYR A 42 5.36 10.66 -0.97
CA TYR A 42 6.78 10.68 -1.29
C TYR A 42 7.56 11.67 -0.40
N PRO A 43 8.69 11.25 0.24
CA PRO A 43 9.48 12.10 1.14
C PRO A 43 10.35 13.15 0.43
N GLY A 44 10.45 13.10 -0.91
CA GLY A 44 11.12 14.11 -1.74
C GLY A 44 12.51 13.73 -2.27
N ARG A 45 13.10 12.61 -1.79
CA ARG A 45 14.44 12.13 -2.19
C ARG A 45 14.62 10.61 -2.00
N GLN A 46 15.78 10.09 -2.41
CA GLN A 46 16.22 8.72 -2.11
C GLN A 46 16.62 8.57 -0.63
N ARG A 47 16.79 7.33 -0.15
CA ARG A 47 17.35 6.97 1.17
C ARG A 47 16.62 7.62 2.36
N THR A 48 15.31 7.78 2.23
CA THR A 48 14.40 8.35 3.25
C THR A 48 13.15 7.46 3.42
N PRO A 49 12.56 7.39 4.63
CA PRO A 49 11.38 6.57 4.89
C PRO A 49 10.11 7.18 4.27
N VAL A 50 9.10 6.35 4.01
CA VAL A 50 7.79 6.81 3.47
C VAL A 50 7.00 7.59 4.54
N THR A 51 6.30 8.64 4.11
CA THR A 51 5.57 9.61 4.96
C THR A 51 4.08 9.59 4.62
N VAL A 52 3.21 10.20 5.43
CA VAL A 52 1.77 10.36 5.10
C VAL A 52 1.26 11.79 5.27
N SER A 53 0.27 12.15 4.45
CA SER A 53 -0.36 13.49 4.40
C SER A 53 -1.85 13.36 4.02
N PRO A 54 -2.68 14.41 4.22
CA PRO A 54 -4.09 14.37 3.83
C PRO A 54 -4.24 14.33 2.30
N LEU A 55 -4.97 13.30 1.82
CA LEU A 55 -5.14 13.05 0.38
C LEU A 55 -5.80 14.21 -0.35
N ASP A 56 -5.17 14.65 -1.45
CA ASP A 56 -5.65 15.67 -2.38
C ASP A 56 -5.45 15.27 -3.86
N GLY A 57 -4.59 14.27 -4.13
CA GLY A 57 -4.37 13.68 -5.46
C GLY A 57 -3.10 14.17 -6.18
N SER A 58 -2.20 14.85 -5.46
CA SER A 58 -0.94 15.38 -5.99
C SER A 58 -0.01 14.28 -6.51
N SER A 59 0.93 14.65 -7.38
CA SER A 59 1.95 13.74 -7.95
C SER A 59 2.85 13.06 -6.89
N GLU A 60 2.97 13.66 -5.69
CA GLU A 60 3.70 13.09 -4.55
C GLU A 60 2.84 12.10 -3.72
N GLN A 61 1.54 12.02 -3.97
CA GLN A 61 0.58 11.12 -3.30
C GLN A 61 0.03 10.01 -4.22
N ALA A 62 0.17 10.18 -5.54
CA ALA A 62 -0.18 9.18 -6.55
C ALA A 62 0.98 8.19 -6.78
N TRP A 63 0.64 6.92 -7.04
CA TRP A 63 1.60 5.82 -7.20
C TRP A 63 1.23 4.96 -8.43
N ILE A 64 2.08 3.99 -8.75
CA ILE A 64 1.81 2.94 -9.73
C ILE A 64 2.04 1.57 -9.08
N LEU A 65 1.37 0.55 -9.62
CA LEU A 65 1.48 -0.85 -9.23
C LEU A 65 1.78 -1.67 -10.49
N ARG A 66 2.77 -2.56 -10.40
CA ARG A 66 3.21 -3.43 -11.50
C ARG A 66 3.44 -4.84 -10.96
N SER A 67 2.81 -5.84 -11.56
CA SER A 67 2.86 -7.24 -11.09
C SER A 67 4.29 -7.79 -11.14
N TYR A 68 4.64 -8.64 -10.18
CA TYR A 68 5.92 -9.36 -10.15
C TYR A 68 5.70 -10.88 -10.13
N ASP A 69 4.80 -11.38 -9.28
CA ASP A 69 4.35 -12.77 -9.31
C ASP A 69 2.91 -12.91 -8.77
N SER A 70 1.96 -13.11 -9.69
CA SER A 70 0.54 -13.35 -9.38
C SER A 70 0.30 -14.65 -8.60
N ASN A 71 1.17 -15.65 -8.76
CA ASN A 71 1.17 -16.89 -7.98
C ASN A 71 1.54 -16.66 -6.50
N SER A 72 2.09 -15.48 -6.18
CA SER A 72 2.49 -15.07 -4.82
C SER A 72 1.83 -13.76 -4.38
N ASN A 73 0.92 -13.18 -5.19
CA ASN A 73 0.29 -11.87 -5.00
C ASN A 73 1.28 -10.73 -4.66
N THR A 74 2.48 -10.78 -5.25
CA THR A 74 3.54 -9.79 -5.06
C THR A 74 3.72 -8.88 -6.28
N TRP A 75 4.01 -7.62 -5.98
CA TRP A 75 4.05 -6.49 -6.90
C TRP A 75 5.20 -5.53 -6.54
N THR A 76 5.53 -4.61 -7.44
CA THR A 76 6.44 -3.47 -7.18
C THR A 76 5.64 -2.17 -7.18
N ILE A 77 6.16 -1.15 -6.47
CA ILE A 77 5.44 0.11 -6.17
C ILE A 77 6.39 1.30 -6.35
N SER A 78 5.95 2.30 -7.12
CA SER A 78 6.72 3.52 -7.45
C SER A 78 5.81 4.76 -7.45
N PRO A 79 6.32 5.97 -7.10
CA PRO A 79 5.54 7.19 -7.09
C PRO A 79 5.39 7.78 -8.52
N VAL A 80 4.26 8.42 -8.82
CA VAL A 80 4.02 9.09 -10.12
C VAL A 80 4.94 10.31 -10.30
N GLY A 81 5.28 11.01 -9.22
CA GLY A 81 6.21 12.15 -9.24
C GLY A 81 7.67 11.78 -9.54
N SER A 82 8.10 10.56 -9.21
CA SER A 82 9.48 10.07 -9.38
C SER A 82 9.55 8.57 -9.77
N PRO A 83 9.06 8.16 -10.96
CA PRO A 83 9.06 6.75 -11.41
C PRO A 83 10.43 6.05 -11.41
N ASN A 84 11.52 6.84 -11.36
CA ASN A 84 12.91 6.41 -11.15
C ASN A 84 13.21 5.86 -9.72
N SER A 85 12.19 5.70 -8.87
CA SER A 85 12.29 5.23 -7.48
C SER A 85 11.30 4.09 -7.21
N GLN A 86 11.57 3.28 -6.19
CA GLN A 86 10.77 2.12 -5.81
C GLN A 86 10.80 1.91 -4.28
N ILE A 87 9.68 1.48 -3.69
CA ILE A 87 9.61 1.21 -2.25
C ILE A 87 10.31 -0.13 -1.94
N GLY A 88 11.20 -0.12 -0.96
CA GLY A 88 11.87 -1.30 -0.40
C GLY A 88 12.03 -1.20 1.11
N TRP A 89 12.57 -2.23 1.77
CA TRP A 89 12.91 -2.17 3.20
C TRP A 89 14.15 -1.28 3.42
N GLY A 90 14.58 -1.10 4.67
CA GLY A 90 15.81 -0.37 5.02
C GLY A 90 16.54 -0.93 6.25
N ALA A 91 16.30 -2.21 6.58
CA ALA A 91 16.82 -2.96 7.74
C ALA A 91 16.55 -2.37 9.15
N GLY A 92 15.90 -1.20 9.23
CA GLY A 92 15.48 -0.50 10.45
C GLY A 92 13.98 -0.58 10.72
N ASN A 93 13.32 -1.63 10.22
CA ASN A 93 11.87 -1.89 10.32
C ASN A 93 10.97 -0.72 9.84
N VAL A 94 11.38 -0.07 8.75
CA VAL A 94 10.62 0.94 8.00
C VAL A 94 10.79 0.75 6.49
N PRO A 95 9.80 1.10 5.65
CA PRO A 95 9.98 1.14 4.19
C PRO A 95 10.71 2.43 3.81
N VAL A 96 11.56 2.36 2.78
CA VAL A 96 12.50 3.40 2.35
C VAL A 96 12.46 3.52 0.82
N VAL A 97 12.51 4.75 0.32
CA VAL A 97 12.62 5.06 -1.11
C VAL A 97 14.03 4.73 -1.61
N LEU A 98 14.13 3.83 -2.59
CA LEU A 98 15.41 3.37 -3.17
C LEU A 98 15.32 3.27 -4.71
N PRO A 99 16.47 3.21 -5.43
CA PRO A 99 16.48 2.89 -6.86
C PRO A 99 15.80 1.54 -7.17
N PRO A 100 15.23 1.34 -8.37
CA PRO A 100 14.56 0.09 -8.74
C PRO A 100 15.55 -1.08 -8.84
N ASN A 101 15.18 -2.23 -8.24
CA ASN A 101 15.99 -3.44 -8.23
C ASN A 101 15.08 -4.69 -8.23
N ASN A 102 14.74 -5.23 -7.05
CA ASN A 102 13.91 -6.42 -6.87
C ASN A 102 12.99 -6.34 -5.62
N TYR A 103 12.87 -5.18 -4.98
CA TYR A 103 12.05 -5.00 -3.77
C TYR A 103 10.56 -5.17 -4.08
N VAL A 104 9.88 -6.10 -3.40
CA VAL A 104 8.46 -6.42 -3.66
C VAL A 104 7.64 -6.43 -2.38
N TRP A 105 6.33 -6.24 -2.55
CA TRP A 105 5.35 -6.25 -1.46
C TRP A 105 4.09 -6.99 -1.87
N THR A 106 3.43 -7.62 -0.89
CA THR A 106 2.16 -8.32 -1.04
C THR A 106 1.00 -7.33 -0.85
N LEU A 107 0.00 -7.38 -1.72
CA LEU A 107 -1.22 -6.56 -1.62
C LEU A 107 -2.44 -7.47 -1.33
N THR A 108 -2.57 -7.89 -0.08
CA THR A 108 -3.61 -8.84 0.36
C THR A 108 -4.99 -8.17 0.44
N LEU A 109 -5.98 -8.74 -0.26
CA LEU A 109 -7.38 -8.31 -0.28
C LEU A 109 -8.20 -9.03 0.81
N THR A 110 -9.20 -8.36 1.37
CA THR A 110 -10.17 -8.90 2.35
C THR A 110 -11.61 -8.49 2.00
N SER A 111 -12.60 -9.00 2.74
CA SER A 111 -14.03 -8.75 2.54
C SER A 111 -14.49 -7.27 2.63
N GLY A 112 -13.59 -6.34 3.01
CA GLY A 112 -13.89 -4.91 3.07
C GLY A 112 -12.66 -3.99 3.17
N GLY A 113 -11.50 -4.39 2.62
CA GLY A 113 -10.27 -3.60 2.69
C GLY A 113 -9.04 -4.25 2.05
N TYR A 114 -7.88 -3.61 2.22
CA TYR A 114 -6.57 -4.10 1.79
C TYR A 114 -5.56 -4.13 2.93
N ASN A 115 -4.51 -4.93 2.75
CA ASN A 115 -3.33 -4.98 3.62
C ASN A 115 -2.06 -5.00 2.78
N ILE A 116 -0.97 -4.56 3.38
CA ILE A 116 0.32 -4.38 2.71
C ILE A 116 1.43 -4.99 3.57
N GLN A 117 2.01 -6.07 3.06
CA GLN A 117 2.94 -6.94 3.80
C GLN A 117 4.20 -7.24 2.99
N ASP A 118 5.26 -7.63 3.69
CA ASP A 118 6.45 -8.17 3.05
C ASP A 118 6.14 -9.53 2.34
N GLY A 119 7.05 -9.99 1.49
CA GLY A 119 6.94 -11.28 0.79
C GLY A 119 6.65 -12.50 1.69
N LYS A 120 7.17 -12.50 2.92
CA LYS A 120 7.11 -13.64 3.88
C LYS A 120 5.88 -13.60 4.80
N ARG A 121 5.07 -12.53 4.74
CA ARG A 121 3.89 -12.24 5.59
C ARG A 121 4.19 -12.20 7.11
N THR A 122 5.45 -12.09 7.52
CA THR A 122 5.83 -12.01 8.95
C THR A 122 5.46 -10.65 9.59
N VAL A 123 5.24 -9.62 8.76
CA VAL A 123 4.97 -8.23 9.15
C VAL A 123 3.99 -7.54 8.19
N SER A 124 3.56 -6.32 8.55
CA SER A 124 2.65 -5.44 7.81
C SER A 124 3.05 -3.98 8.01
N TRP A 125 2.69 -3.09 7.08
CA TRP A 125 2.91 -1.63 7.21
C TRP A 125 1.89 -0.99 8.17
N SER A 126 2.38 -0.18 9.12
CA SER A 126 1.58 0.44 10.19
C SER A 126 1.99 1.89 10.49
N LEU A 127 1.20 2.58 11.33
CA LEU A 127 1.36 3.99 11.71
C LEU A 127 1.76 4.12 13.20
N ASN A 128 2.04 5.36 13.64
CA ASN A 128 2.63 5.70 14.94
C ASN A 128 1.85 6.77 15.72
N ASN A 129 1.18 7.70 15.03
CA ASN A 129 0.46 8.84 15.61
C ASN A 129 -0.99 9.00 15.07
N ALA A 130 -1.38 8.22 14.06
CA ALA A 130 -2.64 8.32 13.31
C ALA A 130 -3.00 9.75 12.81
N THR A 131 -1.99 10.57 12.49
CA THR A 131 -2.14 12.01 12.14
C THR A 131 -1.12 12.48 11.10
N ALA A 132 -1.49 13.50 10.33
CA ALA A 132 -0.70 14.01 9.20
C ALA A 132 0.74 14.42 9.59
N GLY A 133 1.69 14.16 8.69
CA GLY A 133 3.11 14.48 8.87
C GLY A 133 3.93 13.36 9.53
N GLU A 134 3.29 12.29 10.03
CA GLU A 134 3.99 11.12 10.55
C GLU A 134 4.68 10.28 9.46
N GLU A 135 5.51 9.32 9.89
CA GLU A 135 6.19 8.34 9.04
C GLU A 135 5.71 6.93 9.41
N VAL A 136 5.61 6.04 8.42
CA VAL A 136 5.12 4.66 8.62
C VAL A 136 6.20 3.75 9.23
N SER A 137 5.79 2.55 9.66
CA SER A 137 6.60 1.53 10.35
C SER A 137 6.22 0.12 9.90
N ILE A 138 6.99 -0.89 10.30
CA ILE A 138 6.80 -2.29 9.94
C ILE A 138 6.87 -3.18 11.19
N GLY A 139 5.87 -4.02 11.38
CA GLY A 139 5.72 -4.93 12.52
C GLY A 139 4.51 -5.86 12.37
N ALA A 140 4.10 -6.54 13.44
CA ALA A 140 2.87 -7.34 13.45
C ALA A 140 1.60 -6.53 13.09
N ASP A 141 0.55 -7.22 12.65
CA ASP A 141 -0.77 -6.63 12.38
C ASP A 141 -1.36 -5.89 13.59
N ALA A 142 -2.19 -4.88 13.31
CA ALA A 142 -2.83 -4.00 14.28
C ALA A 142 -4.31 -3.76 13.93
N THR A 143 -5.13 -3.51 14.97
CA THR A 143 -6.61 -3.44 14.89
C THR A 143 -7.16 -2.52 13.78
N PHE A 144 -6.51 -1.37 13.58
CA PHE A 144 -6.83 -0.42 12.49
C PHE A 144 -5.62 0.41 12.02
N SER A 145 -4.63 0.65 12.87
CA SER A 145 -3.41 1.42 12.57
C SER A 145 -2.41 0.72 11.65
N GLY A 146 -2.72 -0.50 11.18
CA GLY A 146 -1.90 -1.31 10.28
C GLY A 146 -2.67 -1.88 9.07
N ARG A 147 -3.75 -1.19 8.66
CA ARG A 147 -4.70 -1.63 7.61
C ARG A 147 -5.00 -0.50 6.63
N TRP A 148 -5.29 -0.86 5.38
CA TRP A 148 -5.30 0.07 4.25
C TRP A 148 -6.50 -0.11 3.31
N VAL A 149 -6.62 0.79 2.34
CA VAL A 149 -7.55 0.76 1.20
C VAL A 149 -6.80 1.31 -0.02
N ILE A 150 -7.14 0.81 -1.21
CA ILE A 150 -6.48 1.12 -2.48
C ILE A 150 -7.54 1.41 -3.55
N GLU A 151 -7.26 2.38 -4.42
CA GLU A 151 -8.16 2.80 -5.51
C GLU A 151 -7.36 3.19 -6.77
N LYS A 152 -7.96 2.98 -7.94
CA LYS A 152 -7.36 3.26 -9.26
C LYS A 152 -7.56 4.73 -9.65
N VAL A 153 -6.59 5.32 -10.35
CA VAL A 153 -6.59 6.73 -10.80
C VAL A 153 -6.23 6.93 -12.28
N MET A 1 -46.60 5.01 4.99
CA MET A 1 -45.62 4.00 5.44
C MET A 1 -44.73 3.53 4.28
N GLY A 2 -43.49 3.14 4.55
CA GLY A 2 -42.54 2.64 3.54
C GLY A 2 -41.32 1.86 4.09
N HIS A 3 -41.31 1.53 5.39
CA HIS A 3 -40.22 0.79 6.07
C HIS A 3 -40.75 -0.17 7.15
N HIS A 4 -42.07 -0.40 7.18
CA HIS A 4 -42.77 -1.33 8.08
C HIS A 4 -42.50 -2.82 7.79
N HIS A 5 -41.93 -3.13 6.61
CA HIS A 5 -41.58 -4.46 6.14
C HIS A 5 -40.34 -4.42 5.22
N HIS A 6 -39.69 -5.57 5.01
CA HIS A 6 -38.46 -5.71 4.20
C HIS A 6 -38.36 -7.10 3.55
N HIS A 7 -37.41 -7.27 2.62
CA HIS A 7 -37.17 -8.52 1.89
C HIS A 7 -35.66 -8.70 1.56
N HIS A 8 -35.30 -9.87 1.04
CA HIS A 8 -33.94 -10.19 0.57
C HIS A 8 -33.46 -9.25 -0.57
N HIS A 9 -32.14 -9.17 -0.78
CA HIS A 9 -31.50 -8.32 -1.79
C HIS A 9 -30.25 -8.98 -2.39
N HIS A 10 -29.82 -8.53 -3.57
CA HIS A 10 -28.63 -9.01 -4.28
C HIS A 10 -27.33 -8.80 -3.47
N SER A 11 -26.32 -9.64 -3.75
CA SER A 11 -24.98 -9.57 -3.14
C SER A 11 -24.12 -8.38 -3.61
N GLY A 12 -24.64 -7.54 -4.51
CA GLY A 12 -23.98 -6.34 -5.07
C GLY A 12 -23.58 -5.26 -4.06
N ASP A 13 -24.05 -5.35 -2.81
CA ASP A 13 -23.60 -4.53 -1.67
C ASP A 13 -22.13 -4.81 -1.26
N SER A 14 -21.60 -6.01 -1.58
CA SER A 14 -20.19 -6.36 -1.38
C SER A 14 -19.21 -5.55 -2.26
N PRO A 15 -17.92 -5.44 -1.90
CA PRO A 15 -16.89 -4.77 -2.71
C PRO A 15 -16.77 -5.23 -4.17
N ALA A 16 -16.16 -4.35 -4.97
CA ALA A 16 -15.96 -4.53 -6.42
C ALA A 16 -14.55 -4.10 -6.90
N VAL A 17 -13.63 -3.82 -5.98
CA VAL A 17 -12.22 -3.47 -6.27
C VAL A 17 -11.43 -4.60 -6.92
N THR A 18 -10.31 -4.24 -7.54
CA THR A 18 -9.28 -5.14 -8.06
C THR A 18 -7.94 -4.39 -8.16
N LEU A 19 -6.85 -5.12 -8.40
CA LEU A 19 -5.52 -4.61 -8.73
C LEU A 19 -5.03 -5.16 -10.08
N SER A 20 -4.28 -4.32 -10.79
CA SER A 20 -3.68 -4.57 -12.11
C SER A 20 -2.48 -3.64 -12.34
N ALA A 21 -1.76 -3.85 -13.44
CA ALA A 21 -0.71 -2.93 -13.88
C ALA A 21 -1.31 -1.55 -14.26
N GLY A 22 -1.08 -0.52 -13.43
CA GLY A 22 -1.76 0.77 -13.56
C GLY A 22 -1.46 1.76 -12.42
N ASN A 23 -2.16 2.91 -12.41
CA ASN A 23 -1.99 3.98 -11.44
C ASN A 23 -3.06 3.90 -10.34
N TYR A 24 -2.66 4.12 -9.08
CA TYR A 24 -3.48 3.96 -7.88
C TYR A 24 -3.14 5.01 -6.81
N ILE A 25 -3.97 5.05 -5.77
CA ILE A 25 -3.76 5.78 -4.51
C ILE A 25 -3.93 4.81 -3.34
N ILE A 26 -3.18 5.04 -2.26
CA ILE A 26 -3.13 4.19 -1.07
C ILE A 26 -3.32 5.07 0.16
N TYR A 27 -4.29 4.73 1.01
CA TYR A 27 -4.57 5.49 2.24
C TYR A 27 -5.01 4.61 3.40
N ASN A 28 -4.80 5.10 4.62
CA ASN A 28 -5.11 4.38 5.84
C ASN A 28 -6.62 4.19 6.01
N ARG A 29 -7.08 2.99 6.41
CA ARG A 29 -8.51 2.71 6.63
C ARG A 29 -9.13 3.49 7.80
N VAL A 30 -8.32 4.06 8.71
CA VAL A 30 -8.81 4.99 9.74
C VAL A 30 -8.55 6.45 9.35
N LEU A 31 -9.62 7.25 9.44
CA LEU A 31 -9.63 8.71 9.36
C LEU A 31 -8.84 9.34 10.53
N SER A 32 -8.59 10.65 10.47
CA SER A 32 -7.78 11.40 11.45
C SER A 32 -8.53 12.61 12.03
N PRO A 33 -8.29 12.99 13.32
CA PRO A 33 -8.75 14.26 13.90
C PRO A 33 -8.42 15.52 13.08
N ARG A 34 -7.45 15.45 12.16
CA ARG A 34 -7.14 16.48 11.15
C ARG A 34 -8.34 16.83 10.24
N GLY A 35 -9.33 15.94 10.14
CA GLY A 35 -10.60 16.15 9.42
C GLY A 35 -10.71 15.42 8.07
N GLU A 36 -9.65 14.73 7.64
CA GLU A 36 -9.54 14.08 6.32
C GLU A 36 -8.83 12.72 6.40
N LYS A 37 -8.87 11.96 5.30
CA LYS A 37 -8.07 10.73 5.07
C LYS A 37 -6.57 11.05 5.06
N LEU A 38 -5.74 10.09 5.44
CA LEU A 38 -4.28 10.19 5.39
C LEU A 38 -3.73 9.16 4.40
N ALA A 39 -2.97 9.64 3.42
CA ALA A 39 -2.53 8.88 2.25
C ALA A 39 -1.01 8.78 2.17
N LEU A 40 -0.54 7.68 1.56
CA LEU A 40 0.88 7.40 1.30
C LEU A 40 1.48 8.54 0.45
N THR A 41 2.50 9.21 1.00
CA THR A 41 3.06 10.45 0.44
C THR A 41 4.58 10.35 0.32
N TYR A 42 5.09 10.66 -0.87
CA TYR A 42 6.51 10.60 -1.23
C TYR A 42 7.34 11.59 -0.37
N PRO A 43 8.45 11.14 0.26
CA PRO A 43 9.24 11.98 1.17
C PRO A 43 10.14 13.03 0.46
N GLY A 44 10.25 12.98 -0.87
CA GLY A 44 10.94 13.99 -1.68
C GLY A 44 12.38 13.60 -2.08
N ARG A 45 12.94 12.51 -1.53
CA ARG A 45 14.34 12.08 -1.73
C ARG A 45 14.56 10.58 -1.54
N GLN A 46 15.75 10.12 -1.91
CA GLN A 46 16.23 8.73 -1.79
C GLN A 46 16.57 8.33 -0.35
N ARG A 47 16.66 7.02 -0.09
CA ARG A 47 17.14 6.39 1.16
C ARG A 47 16.54 6.98 2.45
N THR A 48 15.27 7.37 2.37
CA THR A 48 14.54 8.15 3.38
C THR A 48 13.15 7.54 3.61
N PRO A 49 12.69 7.39 4.88
CA PRO A 49 11.38 6.81 5.21
C PRO A 49 10.21 7.48 4.49
N VAL A 50 9.24 6.68 4.03
CA VAL A 50 7.97 7.17 3.47
C VAL A 50 7.06 7.73 4.59
N THR A 51 6.11 8.59 4.24
CA THR A 51 5.29 9.39 5.19
C THR A 51 3.81 9.31 4.80
N VAL A 52 2.90 9.68 5.72
CA VAL A 52 1.46 9.87 5.39
C VAL A 52 0.99 11.28 5.71
N SER A 53 0.16 11.84 4.83
CA SER A 53 -0.31 13.24 4.86
C SER A 53 -1.76 13.33 4.35
N PRO A 54 -2.51 14.42 4.62
CA PRO A 54 -3.87 14.62 4.13
C PRO A 54 -4.04 14.29 2.63
N LEU A 55 -5.05 13.50 2.29
CA LEU A 55 -5.34 13.08 0.92
C LEU A 55 -5.73 14.28 0.03
N ASP A 56 -4.94 14.48 -1.03
CA ASP A 56 -5.16 15.46 -2.11
C ASP A 56 -4.92 14.84 -3.51
N GLY A 57 -4.17 13.73 -3.60
CA GLY A 57 -3.96 13.00 -4.85
C GLY A 57 -2.96 13.68 -5.82
N SER A 58 -2.02 14.45 -5.27
CA SER A 58 -0.95 15.14 -6.01
C SER A 58 0.03 14.16 -6.69
N SER A 59 0.98 14.72 -7.46
CA SER A 59 2.12 13.97 -8.02
C SER A 59 2.99 13.25 -6.96
N GLU A 60 2.90 13.67 -5.69
CA GLU A 60 3.59 13.04 -4.55
C GLU A 60 2.70 12.05 -3.77
N GLN A 61 1.43 11.87 -4.16
CA GLN A 61 0.46 10.95 -3.53
C GLN A 61 -0.16 9.93 -4.51
N ALA A 62 -0.01 10.13 -5.82
CA ALA A 62 -0.34 9.13 -6.82
C ALA A 62 0.83 8.16 -6.99
N TRP A 63 0.52 6.86 -7.14
CA TRP A 63 1.48 5.76 -7.25
C TRP A 63 1.10 4.84 -8.43
N ILE A 64 1.93 3.85 -8.72
CA ILE A 64 1.65 2.78 -9.67
C ILE A 64 1.86 1.41 -9.02
N LEU A 65 1.11 0.42 -9.51
CA LEU A 65 1.27 -1.01 -9.21
C LEU A 65 1.77 -1.68 -10.48
N ARG A 66 2.77 -2.56 -10.35
CA ARG A 66 3.32 -3.39 -11.42
C ARG A 66 3.56 -4.81 -10.88
N SER A 67 2.92 -5.81 -11.49
CA SER A 67 3.01 -7.21 -11.05
C SER A 67 4.45 -7.73 -11.13
N TYR A 68 4.83 -8.60 -10.19
CA TYR A 68 6.17 -9.20 -10.12
C TYR A 68 6.11 -10.74 -10.09
N ASP A 69 5.24 -11.33 -9.28
CA ASP A 69 4.95 -12.77 -9.31
C ASP A 69 3.53 -13.06 -8.77
N SER A 70 2.61 -13.36 -9.69
CA SER A 70 1.22 -13.73 -9.40
C SER A 70 1.08 -15.05 -8.62
N ASN A 71 2.05 -15.97 -8.77
CA ASN A 71 2.15 -17.20 -7.99
C ASN A 71 2.45 -16.93 -6.49
N SER A 72 2.87 -15.70 -6.16
CA SER A 72 3.18 -15.25 -4.79
C SER A 72 2.38 -14.00 -4.37
N ASN A 73 1.46 -13.52 -5.22
CA ASN A 73 0.71 -12.26 -5.06
C ASN A 73 1.57 -11.03 -4.71
N THR A 74 2.78 -10.99 -5.29
CA THR A 74 3.80 -9.95 -5.07
C THR A 74 3.93 -9.01 -6.27
N TRP A 75 4.17 -7.75 -5.95
CA TRP A 75 4.16 -6.60 -6.85
C TRP A 75 5.30 -5.64 -6.48
N THR A 76 5.50 -4.62 -7.30
CA THR A 76 6.38 -3.47 -7.02
C THR A 76 5.56 -2.17 -7.10
N ILE A 77 6.00 -1.15 -6.36
CA ILE A 77 5.25 0.10 -6.10
C ILE A 77 6.18 1.30 -6.28
N SER A 78 5.76 2.28 -7.08
CA SER A 78 6.56 3.48 -7.42
C SER A 78 5.70 4.75 -7.46
N PRO A 79 6.22 5.93 -7.11
CA PRO A 79 5.48 7.19 -7.16
C PRO A 79 5.35 7.71 -8.60
N VAL A 80 4.22 8.32 -8.95
CA VAL A 80 4.01 8.95 -10.27
C VAL A 80 4.96 10.15 -10.49
N GLY A 81 5.35 10.84 -9.42
CA GLY A 81 6.32 11.95 -9.48
C GLY A 81 7.78 11.53 -9.74
N SER A 82 8.15 10.28 -9.42
CA SER A 82 9.53 9.76 -9.56
C SER A 82 9.58 8.26 -9.92
N PRO A 83 9.04 7.81 -11.09
CA PRO A 83 9.07 6.40 -11.53
C PRO A 83 10.48 5.77 -11.63
N ASN A 84 11.53 6.58 -11.62
CA ASN A 84 12.95 6.19 -11.55
C ASN A 84 13.34 5.41 -10.27
N SER A 85 12.45 5.32 -9.27
CA SER A 85 12.69 4.64 -7.99
C SER A 85 11.40 3.95 -7.50
N GLN A 86 11.54 3.02 -6.55
CA GLN A 86 10.44 2.22 -6.00
C GLN A 86 10.57 2.09 -4.47
N ILE A 87 9.51 1.61 -3.81
CA ILE A 87 9.51 1.38 -2.36
C ILE A 87 10.25 0.07 -2.04
N GLY A 88 11.15 0.12 -1.06
CA GLY A 88 11.91 -1.01 -0.51
C GLY A 88 12.14 -0.87 1.00
N TRP A 89 12.72 -1.87 1.67
CA TRP A 89 13.03 -1.78 3.10
C TRP A 89 14.29 -0.93 3.33
N GLY A 90 14.48 -0.40 4.55
CA GLY A 90 15.68 0.33 4.97
C GLY A 90 16.38 -0.24 6.21
N ALA A 91 16.14 -1.53 6.53
CA ALA A 91 16.62 -2.28 7.70
C ALA A 91 16.31 -1.71 9.11
N GLY A 92 15.61 -0.57 9.17
CA GLY A 92 15.15 0.11 10.39
C GLY A 92 13.65 -0.06 10.65
N ASN A 93 13.06 -1.17 10.18
CA ASN A 93 11.62 -1.50 10.23
C ASN A 93 10.70 -0.38 9.70
N VAL A 94 11.14 0.30 8.63
CA VAL A 94 10.38 1.29 7.85
C VAL A 94 10.64 1.10 6.35
N PRO A 95 9.67 1.37 5.47
CA PRO A 95 9.90 1.41 4.03
C PRO A 95 10.54 2.76 3.63
N VAL A 96 11.36 2.73 2.58
CA VAL A 96 12.12 3.86 2.05
C VAL A 96 12.06 3.92 0.52
N VAL A 97 12.32 5.09 -0.05
CA VAL A 97 12.52 5.26 -1.50
C VAL A 97 13.90 4.72 -1.90
N LEU A 98 13.97 3.86 -2.92
CA LEU A 98 15.23 3.24 -3.37
C LEU A 98 15.22 2.97 -4.89
N PRO A 99 16.36 3.06 -5.62
CA PRO A 99 16.45 2.66 -7.02
C PRO A 99 15.97 1.21 -7.29
N PRO A 100 15.51 0.89 -8.51
CA PRO A 100 14.97 -0.44 -8.83
C PRO A 100 16.04 -1.55 -8.83
N ASN A 101 15.68 -2.70 -8.25
CA ASN A 101 16.44 -3.95 -8.32
C ASN A 101 15.48 -5.14 -8.28
N ASN A 102 15.04 -5.55 -7.07
CA ASN A 102 14.14 -6.68 -6.85
C ASN A 102 13.22 -6.51 -5.61
N TYR A 103 13.16 -5.32 -5.01
CA TYR A 103 12.39 -5.06 -3.78
C TYR A 103 10.87 -5.15 -4.06
N VAL A 104 10.15 -6.03 -3.36
CA VAL A 104 8.72 -6.34 -3.63
C VAL A 104 7.87 -6.29 -2.37
N TRP A 105 6.54 -6.21 -2.56
CA TRP A 105 5.52 -6.22 -1.50
C TRP A 105 4.32 -7.06 -1.93
N THR A 106 3.59 -7.62 -0.98
CA THR A 106 2.37 -8.41 -1.18
C THR A 106 1.13 -7.56 -0.92
N LEU A 107 0.08 -7.71 -1.74
CA LEU A 107 -1.18 -6.97 -1.58
C LEU A 107 -2.36 -7.93 -1.32
N THR A 108 -3.03 -7.80 -0.17
CA THR A 108 -4.07 -8.77 0.26
C THR A 108 -5.41 -8.11 0.53
N LEU A 109 -6.34 -8.30 -0.40
CA LEU A 109 -7.74 -7.86 -0.34
C LEU A 109 -8.54 -8.57 0.78
N THR A 110 -9.55 -7.90 1.34
CA THR A 110 -10.52 -8.46 2.30
C THR A 110 -11.97 -8.09 1.94
N SER A 111 -12.93 -8.51 2.76
CA SER A 111 -14.37 -8.19 2.64
C SER A 111 -14.73 -6.70 2.77
N GLY A 112 -13.77 -5.80 3.04
CA GLY A 112 -14.01 -4.35 3.13
C GLY A 112 -12.76 -3.47 3.18
N GLY A 113 -11.60 -3.93 2.69
CA GLY A 113 -10.34 -3.19 2.73
C GLY A 113 -9.17 -3.93 2.08
N TYR A 114 -7.97 -3.39 2.23
CA TYR A 114 -6.71 -3.95 1.73
C TYR A 114 -5.65 -4.08 2.84
N ASN A 115 -4.64 -4.90 2.59
CA ASN A 115 -3.43 -5.02 3.40
C ASN A 115 -2.18 -5.01 2.52
N ILE A 116 -1.06 -4.61 3.13
CA ILE A 116 0.23 -4.41 2.47
C ILE A 116 1.33 -5.02 3.35
N GLN A 117 2.04 -6.02 2.83
CA GLN A 117 2.99 -6.84 3.60
C GLN A 117 4.31 -7.07 2.85
N ASP A 118 5.34 -7.49 3.59
CA ASP A 118 6.60 -7.99 3.01
C ASP A 118 6.39 -9.27 2.18
N GLY A 119 7.38 -9.67 1.39
CA GLY A 119 7.33 -10.87 0.55
C GLY A 119 7.18 -12.19 1.33
N LYS A 120 7.64 -12.25 2.59
CA LYS A 120 7.59 -13.44 3.47
C LYS A 120 6.33 -13.46 4.36
N ARG A 121 5.54 -12.38 4.36
CA ARG A 121 4.35 -12.12 5.19
C ARG A 121 4.59 -12.22 6.71
N THR A 122 5.84 -12.06 7.17
CA THR A 122 6.16 -12.05 8.61
C THR A 122 5.73 -10.75 9.32
N VAL A 123 5.47 -9.68 8.57
CA VAL A 123 5.09 -8.33 9.05
C VAL A 123 4.05 -7.66 8.12
N SER A 124 3.60 -6.46 8.48
CA SER A 124 2.64 -5.64 7.74
C SER A 124 2.98 -4.15 7.89
N TRP A 125 2.55 -3.33 6.93
CA TRP A 125 2.64 -1.87 7.00
C TRP A 125 1.63 -1.31 8.01
N SER A 126 2.11 -0.52 8.97
CA SER A 126 1.35 0.02 10.10
C SER A 126 1.79 1.44 10.50
N LEU A 127 1.00 2.07 11.38
CA LEU A 127 1.26 3.39 11.96
C LEU A 127 1.43 3.27 13.49
N ASN A 128 1.76 4.39 14.16
CA ASN A 128 2.14 4.42 15.58
C ASN A 128 1.21 5.33 16.41
N ASN A 129 0.74 6.43 15.82
CA ASN A 129 -0.30 7.33 16.33
C ASN A 129 -1.41 7.59 15.29
N ALA A 130 -1.18 7.24 14.02
CA ALA A 130 -2.07 7.48 12.87
C ALA A 130 -2.44 8.97 12.67
N THR A 131 -1.56 9.88 13.10
CA THR A 131 -1.67 11.34 12.94
C THR A 131 -1.06 11.83 11.61
N ALA A 132 -1.45 13.03 11.16
CA ALA A 132 -0.89 13.66 9.97
C ALA A 132 0.62 13.92 10.11
N GLY A 133 1.39 13.61 9.05
CA GLY A 133 2.84 13.81 8.99
C GLY A 133 3.66 12.67 9.62
N GLU A 134 3.03 11.60 10.12
CA GLU A 134 3.73 10.44 10.68
C GLU A 134 4.46 9.62 9.60
N GLU A 135 5.70 9.23 9.88
CA GLU A 135 6.46 8.27 9.06
C GLU A 135 5.85 6.87 9.18
N VAL A 136 5.53 6.22 8.06
CA VAL A 136 4.93 4.86 8.08
C VAL A 136 5.96 3.81 8.54
N SER A 137 5.47 2.75 9.17
CA SER A 137 6.27 1.74 9.89
C SER A 137 5.91 0.31 9.45
N ILE A 138 6.74 -0.67 9.84
CA ILE A 138 6.56 -2.09 9.53
C ILE A 138 6.75 -2.90 10.82
N GLY A 139 5.84 -3.86 11.05
CA GLY A 139 5.82 -4.69 12.26
C GLY A 139 4.64 -5.67 12.26
N ALA A 140 4.24 -6.15 13.43
CA ALA A 140 2.99 -6.91 13.55
C ALA A 140 1.77 -6.09 13.08
N ASP A 141 0.73 -6.77 12.58
CA ASP A 141 -0.55 -6.15 12.24
C ASP A 141 -1.26 -5.55 13.47
N ALA A 142 -2.19 -4.63 13.20
CA ALA A 142 -2.95 -3.90 14.22
C ALA A 142 -4.39 -3.62 13.76
N THR A 143 -5.36 -3.92 14.64
CA THR A 143 -6.81 -3.95 14.35
C THR A 143 -7.39 -2.63 13.82
N PHE A 144 -6.77 -1.49 14.15
CA PHE A 144 -7.22 -0.15 13.76
C PHE A 144 -6.14 0.72 13.10
N SER A 145 -4.88 0.29 13.06
CA SER A 145 -3.76 1.13 12.59
C SER A 145 -2.75 0.39 11.68
N GLY A 146 -3.08 -0.84 11.26
CA GLY A 146 -2.23 -1.73 10.46
C GLY A 146 -2.95 -2.34 9.25
N ARG A 147 -3.86 -1.56 8.64
CA ARG A 147 -4.69 -1.92 7.48
C ARG A 147 -4.96 -0.68 6.61
N TRP A 148 -5.30 -0.91 5.33
CA TRP A 148 -5.32 0.13 4.30
C TRP A 148 -6.55 0.05 3.38
N VAL A 149 -6.64 1.01 2.45
CA VAL A 149 -7.58 1.06 1.34
C VAL A 149 -6.80 1.51 0.10
N ILE A 150 -7.12 0.93 -1.06
CA ILE A 150 -6.49 1.20 -2.34
C ILE A 150 -7.56 1.41 -3.40
N GLU A 151 -7.36 2.41 -4.26
CA GLU A 151 -8.29 2.79 -5.33
C GLU A 151 -7.53 3.22 -6.60
N LYS A 152 -8.11 2.95 -7.77
CA LYS A 152 -7.51 3.18 -9.09
C LYS A 152 -7.76 4.63 -9.55
N VAL A 153 -6.78 5.22 -10.26
CA VAL A 153 -6.82 6.62 -10.79
C VAL A 153 -6.46 6.74 -12.27
N MET A 1 -31.37 -34.79 -0.17
CA MET A 1 -32.71 -34.58 0.42
C MET A 1 -32.66 -34.67 1.94
N GLY A 2 -33.48 -33.89 2.65
CA GLY A 2 -33.56 -33.88 4.12
C GLY A 2 -34.55 -32.85 4.67
N HIS A 3 -34.68 -32.81 6.00
CA HIS A 3 -35.56 -31.87 6.74
C HIS A 3 -35.12 -30.39 6.69
N HIS A 4 -33.90 -30.12 6.21
CA HIS A 4 -33.30 -28.79 6.07
C HIS A 4 -32.40 -28.71 4.84
N HIS A 5 -32.07 -27.49 4.39
CA HIS A 5 -31.25 -27.19 3.22
C HIS A 5 -30.47 -25.87 3.37
N HIS A 6 -29.51 -25.63 2.48
CA HIS A 6 -28.68 -24.41 2.46
C HIS A 6 -28.29 -24.02 1.03
N HIS A 7 -27.88 -22.77 0.84
CA HIS A 7 -27.52 -22.18 -0.47
C HIS A 7 -26.44 -21.10 -0.33
N HIS A 8 -25.80 -20.74 -1.45
CA HIS A 8 -24.65 -19.82 -1.50
C HIS A 8 -24.79 -18.79 -2.63
N HIS A 9 -24.09 -17.67 -2.50
CA HIS A 9 -24.10 -16.55 -3.46
C HIS A 9 -22.75 -15.81 -3.46
N HIS A 10 -22.58 -14.89 -4.42
CA HIS A 10 -21.34 -14.15 -4.67
C HIS A 10 -21.51 -12.63 -4.71
N SER A 11 -22.75 -12.14 -4.74
CA SER A 11 -23.08 -10.72 -4.90
C SER A 11 -23.34 -10.02 -3.55
N GLY A 12 -22.95 -10.66 -2.45
CA GLY A 12 -23.08 -10.15 -1.07
C GLY A 12 -22.20 -10.85 -0.02
N ASP A 13 -21.21 -11.63 -0.47
CA ASP A 13 -20.28 -12.40 0.39
C ASP A 13 -18.87 -12.48 -0.24
N SER A 14 -18.52 -11.50 -1.07
CA SER A 14 -17.28 -11.43 -1.86
C SER A 14 -16.85 -9.96 -2.08
N PRO A 15 -15.55 -9.64 -2.20
CA PRO A 15 -15.07 -8.30 -2.55
C PRO A 15 -15.66 -7.67 -3.82
N ALA A 16 -15.45 -6.36 -3.98
CA ALA A 16 -15.97 -5.53 -5.07
C ALA A 16 -14.88 -4.67 -5.76
N VAL A 17 -13.60 -4.96 -5.51
CA VAL A 17 -12.42 -4.23 -6.01
C VAL A 17 -11.34 -5.17 -6.55
N THR A 18 -10.42 -4.58 -7.32
CA THR A 18 -9.23 -5.24 -7.89
C THR A 18 -8.02 -4.31 -7.92
N LEU A 19 -6.85 -4.92 -8.07
CA LEU A 19 -5.57 -4.28 -8.39
C LEU A 19 -5.01 -4.92 -9.66
N SER A 20 -4.35 -4.10 -10.47
CA SER A 20 -3.80 -4.45 -11.79
C SER A 20 -2.69 -3.46 -12.15
N ALA A 21 -1.95 -3.70 -13.23
CA ALA A 21 -0.87 -2.83 -13.68
C ALA A 21 -1.36 -1.42 -14.07
N GLY A 22 -1.06 -0.40 -13.26
CA GLY A 22 -1.60 0.97 -13.44
C GLY A 22 -1.21 1.96 -12.34
N ASN A 23 -1.94 3.08 -12.26
CA ASN A 23 -1.72 4.16 -11.28
C ASN A 23 -2.81 4.11 -10.19
N TYR A 24 -2.41 4.26 -8.92
CA TYR A 24 -3.25 4.09 -7.74
C TYR A 24 -2.90 5.10 -6.63
N ILE A 25 -3.76 5.15 -5.62
CA ILE A 25 -3.55 5.85 -4.35
C ILE A 25 -3.77 4.86 -3.20
N ILE A 26 -3.03 5.05 -2.11
CA ILE A 26 -2.99 4.15 -0.96
C ILE A 26 -3.12 5.00 0.31
N TYR A 27 -4.02 4.60 1.21
CA TYR A 27 -4.25 5.28 2.48
C TYR A 27 -4.58 4.29 3.60
N ASN A 28 -4.21 4.64 4.84
CA ASN A 28 -4.43 3.78 6.00
C ASN A 28 -5.90 3.87 6.46
N ARG A 29 -6.46 2.73 6.90
CA ARG A 29 -7.88 2.59 7.26
C ARG A 29 -8.33 3.50 8.42
N VAL A 30 -7.39 3.96 9.26
CA VAL A 30 -7.64 4.90 10.36
C VAL A 30 -8.10 6.30 9.92
N LEU A 31 -7.95 6.67 8.64
CA LEU A 31 -8.19 8.03 8.11
C LEU A 31 -7.39 9.10 8.92
N SER A 32 -7.83 10.35 8.93
CA SER A 32 -7.19 11.44 9.69
C SER A 32 -8.22 12.30 10.44
N PRO A 33 -7.91 12.78 11.67
CA PRO A 33 -8.71 13.79 12.39
C PRO A 33 -9.03 15.07 11.60
N ARG A 34 -8.32 15.33 10.49
CA ARG A 34 -8.65 16.39 9.50
C ARG A 34 -10.01 16.19 8.81
N GLY A 35 -10.63 15.01 8.94
CA GLY A 35 -11.92 14.65 8.34
C GLY A 35 -11.80 14.02 6.94
N GLU A 36 -10.58 13.57 6.58
CA GLU A 36 -10.23 13.07 5.24
C GLU A 36 -9.31 11.84 5.32
N LYS A 37 -9.09 11.18 4.18
CA LYS A 37 -8.19 10.02 4.02
C LYS A 37 -6.73 10.40 4.33
N LEU A 38 -5.97 9.46 4.89
CA LEU A 38 -4.56 9.63 5.30
C LEU A 38 -3.65 8.84 4.34
N ALA A 39 -3.30 9.48 3.22
CA ALA A 39 -2.62 8.86 2.08
C ALA A 39 -1.10 8.85 2.22
N LEU A 40 -0.45 7.89 1.56
CA LEU A 40 1.00 7.83 1.42
C LEU A 40 1.53 9.02 0.60
N THR A 41 2.65 9.56 1.07
CA THR A 41 3.29 10.76 0.50
C THR A 41 4.79 10.53 0.32
N TYR A 42 5.29 10.86 -0.86
CA TYR A 42 6.71 10.82 -1.22
C TYR A 42 7.51 11.77 -0.31
N PRO A 43 8.59 11.32 0.36
CA PRO A 43 9.35 12.14 1.30
C PRO A 43 10.19 13.26 0.66
N GLY A 44 10.26 13.33 -0.67
CA GLY A 44 10.96 14.37 -1.43
C GLY A 44 12.37 13.97 -1.92
N ARG A 45 12.89 12.83 -1.46
CA ARG A 45 14.23 12.31 -1.82
C ARG A 45 14.36 10.78 -1.61
N GLN A 46 15.55 10.25 -1.89
CA GLN A 46 15.90 8.83 -1.78
C GLN A 46 16.50 8.47 -0.41
N ARG A 47 16.60 7.17 -0.10
CA ARG A 47 17.14 6.63 1.17
C ARG A 47 16.46 7.20 2.42
N THR A 48 15.16 7.50 2.30
CA THR A 48 14.32 8.21 3.28
C THR A 48 12.98 7.48 3.42
N PRO A 49 12.42 7.31 4.64
CA PRO A 49 11.19 6.54 4.86
C PRO A 49 9.94 7.24 4.32
N VAL A 50 8.91 6.44 3.99
CA VAL A 50 7.62 6.94 3.49
C VAL A 50 6.87 7.72 4.58
N THR A 51 6.18 8.80 4.19
CA THR A 51 5.42 9.71 5.08
C THR A 51 3.92 9.66 4.73
N VAL A 52 3.04 10.24 5.55
CA VAL A 52 1.59 10.35 5.24
C VAL A 52 1.03 11.77 5.45
N SER A 53 -0.01 12.10 4.68
CA SER A 53 -0.65 13.43 4.60
C SER A 53 -2.16 13.30 4.31
N PRO A 54 -2.99 14.34 4.53
CA PRO A 54 -4.37 14.34 4.08
C PRO A 54 -4.43 14.28 2.54
N LEU A 55 -5.34 13.45 2.00
CA LEU A 55 -5.46 13.25 0.55
C LEU A 55 -5.83 14.56 -0.19
N ASP A 56 -5.02 14.88 -1.19
CA ASP A 56 -5.18 15.98 -2.15
C ASP A 56 -4.93 15.51 -3.60
N GLY A 57 -4.23 14.38 -3.79
CA GLY A 57 -4.04 13.74 -5.10
C GLY A 57 -2.92 14.36 -5.94
N SER A 58 -1.96 15.04 -5.31
CA SER A 58 -0.80 15.66 -5.96
C SER A 58 0.17 14.62 -6.56
N SER A 59 1.14 15.11 -7.33
CA SER A 59 2.27 14.33 -7.86
C SER A 59 3.13 13.66 -6.78
N GLU A 60 3.06 14.11 -5.53
CA GLU A 60 3.76 13.53 -4.37
C GLU A 60 2.88 12.55 -3.57
N GLN A 61 1.60 12.38 -3.93
CA GLN A 61 0.65 11.46 -3.28
C GLN A 61 0.08 10.37 -4.21
N ALA A 62 0.23 10.51 -5.53
CA ALA A 62 -0.11 9.47 -6.49
C ALA A 62 1.05 8.45 -6.63
N TRP A 63 0.70 7.17 -6.82
CA TRP A 63 1.64 6.05 -6.93
C TRP A 63 1.26 5.15 -8.12
N ILE A 64 2.06 4.14 -8.41
CA ILE A 64 1.79 3.08 -9.39
C ILE A 64 1.95 1.71 -8.75
N LEU A 65 1.27 0.72 -9.32
CA LEU A 65 1.34 -0.69 -8.96
C LEU A 65 1.60 -1.48 -10.24
N ARG A 66 2.63 -2.33 -10.23
CA ARG A 66 3.04 -3.13 -11.40
C ARG A 66 3.37 -4.56 -11.00
N SER A 67 2.81 -5.48 -11.77
CA SER A 67 2.77 -6.91 -11.52
C SER A 67 4.18 -7.51 -11.42
N TYR A 68 4.38 -8.44 -10.49
CA TYR A 68 5.65 -9.17 -10.34
C TYR A 68 5.45 -10.68 -10.17
N ASP A 69 4.42 -11.12 -9.43
CA ASP A 69 4.07 -12.54 -9.27
C ASP A 69 2.55 -12.76 -9.12
N SER A 70 2.07 -13.95 -9.49
CA SER A 70 0.65 -14.33 -9.52
C SER A 70 0.27 -15.51 -8.61
N ASN A 71 1.25 -16.21 -8.00
CA ASN A 71 1.06 -17.27 -7.02
C ASN A 71 1.38 -16.83 -5.57
N SER A 72 2.05 -15.68 -5.42
CA SER A 72 2.42 -15.05 -4.14
C SER A 72 1.79 -13.66 -3.95
N ASN A 73 0.99 -13.18 -4.91
CA ASN A 73 0.30 -11.88 -4.89
C ASN A 73 1.22 -10.68 -4.58
N THR A 74 2.46 -10.74 -5.07
CA THR A 74 3.48 -9.69 -4.89
C THR A 74 3.62 -8.78 -6.11
N TRP A 75 3.87 -7.50 -5.83
CA TRP A 75 3.89 -6.40 -6.79
C TRP A 75 5.02 -5.41 -6.44
N THR A 76 5.37 -4.54 -7.37
CA THR A 76 6.27 -3.38 -7.13
C THR A 76 5.44 -2.09 -7.01
N ILE A 77 5.97 -1.10 -6.27
CA ILE A 77 5.28 0.17 -5.96
C ILE A 77 6.26 1.34 -6.12
N SER A 78 5.86 2.37 -6.86
CA SER A 78 6.68 3.56 -7.14
C SER A 78 5.83 4.85 -7.12
N PRO A 79 6.38 6.03 -6.76
CA PRO A 79 5.65 7.29 -6.80
C PRO A 79 5.53 7.83 -8.23
N VAL A 80 4.42 8.50 -8.55
CA VAL A 80 4.21 9.15 -9.88
C VAL A 80 5.17 10.34 -10.10
N GLY A 81 5.64 10.98 -9.02
CA GLY A 81 6.61 12.08 -9.08
C GLY A 81 8.06 11.65 -9.35
N SER A 82 8.42 10.38 -9.11
CA SER A 82 9.77 9.82 -9.36
C SER A 82 9.74 8.29 -9.63
N PRO A 83 9.06 7.83 -10.71
CA PRO A 83 8.89 6.40 -11.01
C PRO A 83 10.19 5.69 -11.40
N ASN A 84 11.29 6.43 -11.52
CA ASN A 84 12.66 5.93 -11.66
C ASN A 84 13.17 5.16 -10.42
N SER A 85 12.45 5.20 -9.29
CA SER A 85 12.78 4.55 -8.01
C SER A 85 11.51 3.94 -7.38
N GLN A 86 11.67 3.05 -6.39
CA GLN A 86 10.58 2.23 -5.84
C GLN A 86 10.66 2.06 -4.32
N ILE A 87 9.57 1.61 -3.68
CA ILE A 87 9.55 1.34 -2.24
C ILE A 87 10.19 -0.02 -1.93
N GLY A 88 11.08 -0.06 -0.95
CA GLY A 88 11.71 -1.25 -0.38
C GLY A 88 11.90 -1.14 1.13
N TRP A 89 12.46 -2.16 1.77
CA TRP A 89 12.78 -2.11 3.21
C TRP A 89 14.03 -1.23 3.45
N GLY A 90 14.33 -0.91 4.70
CA GLY A 90 15.55 -0.18 5.10
C GLY A 90 16.27 -0.75 6.32
N ALA A 91 16.04 -2.04 6.64
CA ALA A 91 16.54 -2.79 7.80
C ALA A 91 16.25 -2.22 9.21
N GLY A 92 15.56 -1.07 9.28
CA GLY A 92 15.12 -0.39 10.51
C GLY A 92 13.60 -0.50 10.75
N ASN A 93 12.98 -1.56 10.22
CA ASN A 93 11.53 -1.85 10.29
C ASN A 93 10.63 -0.68 9.82
N VAL A 94 11.02 -0.04 8.71
CA VAL A 94 10.25 0.99 7.99
C VAL A 94 10.40 0.80 6.46
N PRO A 95 9.39 1.16 5.63
CA PRO A 95 9.56 1.22 4.18
C PRO A 95 10.26 2.51 3.77
N VAL A 96 11.10 2.43 2.74
CA VAL A 96 12.07 3.44 2.30
C VAL A 96 12.07 3.51 0.76
N VAL A 97 12.11 4.70 0.18
CA VAL A 97 12.22 4.84 -1.29
C VAL A 97 13.69 4.69 -1.71
N LEU A 98 13.94 3.79 -2.66
CA LEU A 98 15.28 3.34 -3.06
C LEU A 98 15.41 3.18 -4.59
N PRO A 99 16.65 3.22 -5.15
CA PRO A 99 16.93 2.90 -6.56
C PRO A 99 16.30 1.58 -7.06
N PRO A 100 16.06 1.44 -8.38
CA PRO A 100 15.31 0.32 -8.93
C PRO A 100 16.10 -1.00 -8.85
N ASN A 101 15.43 -2.04 -8.37
CA ASN A 101 15.98 -3.39 -8.17
C ASN A 101 14.84 -4.42 -8.31
N ASN A 102 14.40 -5.03 -7.21
CA ASN A 102 13.40 -6.09 -7.16
C ASN A 102 12.59 -6.05 -5.84
N TYR A 103 12.56 -4.92 -5.15
CA TYR A 103 11.83 -4.77 -3.89
C TYR A 103 10.32 -4.89 -4.12
N VAL A 104 9.66 -5.83 -3.44
CA VAL A 104 8.23 -6.16 -3.65
C VAL A 104 7.46 -6.21 -2.34
N TRP A 105 6.13 -6.09 -2.45
CA TRP A 105 5.19 -6.16 -1.34
C TRP A 105 3.94 -6.95 -1.77
N THR A 106 3.32 -7.66 -0.85
CA THR A 106 2.04 -8.34 -1.05
C THR A 106 0.89 -7.35 -0.81
N LEU A 107 -0.11 -7.35 -1.70
CA LEU A 107 -1.32 -6.54 -1.57
C LEU A 107 -2.54 -7.46 -1.32
N THR A 108 -2.67 -7.93 -0.07
CA THR A 108 -3.72 -8.89 0.33
C THR A 108 -5.09 -8.20 0.39
N LEU A 109 -6.12 -8.82 -0.20
CA LEU A 109 -7.50 -8.31 -0.24
C LEU A 109 -8.38 -8.95 0.87
N THR A 110 -9.36 -8.19 1.38
CA THR A 110 -10.43 -8.68 2.27
C THR A 110 -11.81 -8.22 1.78
N SER A 111 -12.88 -8.67 2.45
CA SER A 111 -14.29 -8.36 2.11
C SER A 111 -14.67 -6.87 2.13
N GLY A 112 -13.80 -5.98 2.62
CA GLY A 112 -14.04 -4.54 2.69
C GLY A 112 -12.79 -3.65 2.82
N GLY A 113 -11.62 -4.13 2.40
CA GLY A 113 -10.34 -3.41 2.52
C GLY A 113 -9.13 -4.16 1.94
N TYR A 114 -7.95 -3.56 2.09
CA TYR A 114 -6.66 -4.11 1.68
C TYR A 114 -5.65 -4.18 2.84
N ASN A 115 -4.57 -4.93 2.63
CA ASN A 115 -3.41 -5.02 3.52
C ASN A 115 -2.12 -4.99 2.71
N ILE A 116 -1.04 -4.58 3.37
CA ILE A 116 0.27 -4.34 2.74
C ILE A 116 1.35 -5.02 3.59
N GLN A 117 1.98 -6.04 3.03
CA GLN A 117 2.88 -6.96 3.74
C GLN A 117 4.15 -7.23 2.93
N ASP A 118 5.19 -7.74 3.59
CA ASP A 118 6.42 -8.21 2.93
C ASP A 118 6.17 -9.46 2.04
N GLY A 119 7.15 -9.81 1.20
CA GLY A 119 7.11 -10.98 0.31
C GLY A 119 6.94 -12.38 0.96
N LYS A 120 6.97 -12.48 2.30
CA LYS A 120 6.84 -13.74 3.07
C LYS A 120 5.67 -13.69 4.08
N ARG A 121 4.92 -12.58 4.16
CA ARG A 121 3.84 -12.32 5.14
C ARG A 121 4.28 -12.50 6.60
N THR A 122 5.55 -12.28 6.91
CA THR A 122 6.08 -12.27 8.29
C THR A 122 5.78 -10.96 9.02
N VAL A 123 5.51 -9.85 8.29
CA VAL A 123 5.20 -8.51 8.81
C VAL A 123 4.20 -7.74 7.93
N SER A 124 3.68 -6.63 8.45
CA SER A 124 2.67 -5.76 7.84
C SER A 124 3.00 -4.27 8.10
N TRP A 125 2.66 -3.39 7.16
CA TRP A 125 2.83 -1.94 7.31
C TRP A 125 1.82 -1.35 8.29
N SER A 126 2.23 -0.34 9.07
CA SER A 126 1.43 0.31 10.10
C SER A 126 1.77 1.80 10.34
N LEU A 127 1.00 2.45 11.21
CA LEU A 127 1.22 3.82 11.72
C LEU A 127 1.13 3.84 13.27
N ASN A 128 1.51 4.95 13.92
CA ASN A 128 1.57 5.04 15.39
C ASN A 128 0.64 6.12 15.99
N ASN A 129 0.42 7.24 15.30
CA ASN A 129 -0.37 8.39 15.79
C ASN A 129 -1.64 8.67 14.94
N ALA A 130 -1.81 7.96 13.81
CA ALA A 130 -2.94 8.10 12.89
C ALA A 130 -3.23 9.55 12.42
N THR A 131 -2.17 10.33 12.15
CA THR A 131 -2.22 11.76 11.78
C THR A 131 -1.23 12.11 10.67
N ALA A 132 -1.41 13.27 10.04
CA ALA A 132 -0.48 13.83 9.04
C ALA A 132 0.93 14.07 9.61
N GLY A 133 1.95 13.97 8.76
CA GLY A 133 3.36 14.13 9.13
C GLY A 133 4.00 12.89 9.78
N GLU A 134 3.20 11.87 10.09
CA GLU A 134 3.65 10.55 10.55
C GLU A 134 4.48 9.82 9.47
N GLU A 135 5.36 8.92 9.90
CA GLU A 135 6.20 8.08 9.03
C GLU A 135 5.76 6.61 9.15
N VAL A 136 5.64 5.91 8.01
CA VAL A 136 5.16 4.53 7.95
C VAL A 136 6.13 3.59 8.68
N SER A 137 5.59 2.57 9.35
CA SER A 137 6.32 1.59 10.16
C SER A 137 5.94 0.16 9.75
N ILE A 138 6.67 -0.84 10.28
CA ILE A 138 6.48 -2.27 9.98
C ILE A 138 6.59 -3.08 11.29
N GLY A 139 5.70 -4.07 11.45
CA GLY A 139 5.70 -5.03 12.56
C GLY A 139 4.86 -6.27 12.24
N ALA A 140 4.82 -7.25 13.13
CA ALA A 140 4.11 -8.52 12.89
C ALA A 140 2.59 -8.30 12.60
N ASP A 141 1.97 -7.39 13.35
CA ASP A 141 0.58 -6.91 13.20
C ASP A 141 0.38 -5.61 14.01
N ALA A 142 -0.77 -4.96 13.90
CA ALA A 142 -1.19 -3.84 14.75
C ALA A 142 -2.70 -3.87 15.03
N THR A 143 -3.13 -3.29 16.16
CA THR A 143 -4.51 -3.33 16.69
C THR A 143 -5.58 -2.83 15.71
N PHE A 144 -5.28 -1.76 14.96
CA PHE A 144 -6.12 -1.21 13.88
C PHE A 144 -5.33 -0.35 12.87
N SER A 145 -4.20 0.24 13.28
CA SER A 145 -3.33 1.08 12.44
C SER A 145 -2.52 0.33 11.37
N GLY A 146 -2.68 -1.00 11.27
CA GLY A 146 -1.99 -1.86 10.30
C GLY A 146 -2.94 -2.41 9.22
N ARG A 147 -3.93 -1.61 8.80
CA ARG A 147 -4.96 -1.94 7.80
C ARG A 147 -5.03 -0.80 6.78
N TRP A 148 -5.35 -1.11 5.52
CA TRP A 148 -5.22 -0.16 4.42
C TRP A 148 -6.40 -0.20 3.44
N VAL A 149 -6.46 0.78 2.54
CA VAL A 149 -7.41 0.86 1.42
C VAL A 149 -6.69 1.45 0.21
N ILE A 150 -7.04 0.96 -0.98
CA ILE A 150 -6.37 1.30 -2.25
C ILE A 150 -7.43 1.55 -3.32
N GLU A 151 -7.19 2.56 -4.16
CA GLU A 151 -8.09 3.00 -5.23
C GLU A 151 -7.32 3.41 -6.49
N LYS A 152 -7.91 3.20 -7.66
CA LYS A 152 -7.30 3.45 -8.98
C LYS A 152 -7.50 4.91 -9.40
N VAL A 153 -6.52 5.49 -10.11
CA VAL A 153 -6.52 6.90 -10.60
C VAL A 153 -6.15 7.05 -12.08
N MET A 1 -34.43 6.94 -10.10
CA MET A 1 -33.34 6.29 -9.32
C MET A 1 -33.82 5.98 -7.90
N GLY A 2 -33.40 4.85 -7.34
CA GLY A 2 -33.80 4.41 -5.99
C GLY A 2 -33.54 2.93 -5.66
N HIS A 3 -33.16 2.11 -6.64
CA HIS A 3 -32.87 0.68 -6.49
C HIS A 3 -31.72 0.22 -7.41
N HIS A 4 -31.26 -1.02 -7.23
CA HIS A 4 -30.20 -1.66 -8.04
C HIS A 4 -30.40 -3.17 -8.14
N HIS A 5 -29.63 -3.83 -9.02
CA HIS A 5 -29.65 -5.27 -9.26
C HIS A 5 -28.28 -5.81 -9.71
N HIS A 6 -28.15 -7.13 -9.80
CA HIS A 6 -26.94 -7.83 -10.27
C HIS A 6 -27.27 -9.18 -10.92
N HIS A 7 -26.29 -9.77 -11.62
CA HIS A 7 -26.40 -11.09 -12.27
C HIS A 7 -25.08 -11.89 -12.30
N HIS A 8 -23.93 -11.24 -12.10
CA HIS A 8 -22.58 -11.84 -12.19
C HIS A 8 -21.60 -11.32 -11.11
N HIS A 9 -22.08 -10.51 -10.17
CA HIS A 9 -21.26 -9.82 -9.14
C HIS A 9 -22.05 -9.59 -7.84
N HIS A 10 -21.35 -9.19 -6.78
CA HIS A 10 -21.93 -8.81 -5.48
C HIS A 10 -21.01 -7.81 -4.75
N SER A 11 -21.48 -7.29 -3.62
CA SER A 11 -20.78 -6.33 -2.74
C SER A 11 -20.90 -6.67 -1.25
N GLY A 12 -21.48 -7.83 -0.91
CA GLY A 12 -21.76 -8.28 0.46
C GLY A 12 -21.66 -9.80 0.70
N ASP A 13 -20.99 -10.52 -0.20
CA ASP A 13 -20.76 -11.98 -0.10
C ASP A 13 -19.46 -12.45 -0.81
N SER A 14 -18.99 -11.71 -1.81
CA SER A 14 -17.79 -12.02 -2.62
C SER A 14 -16.99 -10.74 -2.97
N PRO A 15 -15.72 -10.87 -3.38
CA PRO A 15 -14.88 -9.75 -3.86
C PRO A 15 -15.51 -8.87 -4.94
N ALA A 16 -14.98 -7.63 -5.04
CA ALA A 16 -15.47 -6.58 -5.94
C ALA A 16 -14.37 -5.78 -6.65
N VAL A 17 -13.10 -5.87 -6.21
CA VAL A 17 -11.93 -5.21 -6.82
C VAL A 17 -10.70 -6.11 -6.80
N THR A 18 -9.71 -5.77 -7.62
CA THR A 18 -8.36 -6.36 -7.62
C THR A 18 -7.36 -5.35 -8.22
N LEU A 19 -6.08 -5.48 -7.88
CA LEU A 19 -5.02 -4.65 -8.44
C LEU A 19 -4.74 -5.00 -9.92
N SER A 20 -4.12 -4.06 -10.63
CA SER A 20 -3.64 -4.23 -12.00
C SER A 20 -2.42 -3.32 -12.26
N ALA A 21 -1.75 -3.52 -13.40
CA ALA A 21 -0.69 -2.63 -13.86
C ALA A 21 -1.26 -1.24 -14.22
N GLY A 22 -1.00 -0.23 -13.40
CA GLY A 22 -1.64 1.10 -13.50
C GLY A 22 -1.26 2.08 -12.39
N ASN A 23 -1.91 3.25 -12.39
CA ASN A 23 -1.74 4.30 -11.38
C ASN A 23 -2.82 4.18 -10.29
N TYR A 24 -2.41 4.31 -9.03
CA TYR A 24 -3.23 4.09 -7.84
C TYR A 24 -2.87 5.08 -6.72
N ILE A 25 -3.71 5.12 -5.69
CA ILE A 25 -3.49 5.79 -4.40
C ILE A 25 -3.69 4.77 -3.27
N ILE A 26 -2.97 4.96 -2.16
CA ILE A 26 -2.96 4.04 -1.01
C ILE A 26 -3.11 4.88 0.26
N TYR A 27 -4.13 4.55 1.07
CA TYR A 27 -4.47 5.30 2.28
C TYR A 27 -4.94 4.40 3.43
N ASN A 28 -4.79 4.89 4.67
CA ASN A 28 -5.17 4.17 5.89
C ASN A 28 -6.70 3.95 5.92
N ARG A 29 -7.15 2.75 6.29
CA ARG A 29 -8.59 2.41 6.40
C ARG A 29 -9.33 3.20 7.49
N VAL A 30 -8.60 3.72 8.48
CA VAL A 30 -9.13 4.60 9.53
C VAL A 30 -8.69 6.04 9.26
N LEU A 31 -9.69 6.92 9.08
CA LEU A 31 -9.49 8.37 8.89
C LEU A 31 -8.69 9.01 10.04
N SER A 32 -7.92 10.05 9.73
CA SER A 32 -7.14 10.77 10.74
C SER A 32 -8.01 11.59 11.72
N PRO A 33 -7.49 12.01 12.88
CA PRO A 33 -8.14 12.98 13.76
C PRO A 33 -8.55 14.32 13.10
N ARG A 34 -8.00 14.65 11.92
CA ARG A 34 -8.44 15.81 11.11
C ARG A 34 -9.83 15.60 10.48
N GLY A 35 -10.31 14.36 10.40
CA GLY A 35 -11.60 13.97 9.82
C GLY A 35 -11.53 13.58 8.34
N GLU A 36 -10.34 13.18 7.84
CA GLU A 36 -10.07 12.96 6.42
C GLU A 36 -9.16 11.73 6.18
N LYS A 37 -9.16 11.21 4.95
CA LYS A 37 -8.27 10.13 4.49
C LYS A 37 -6.79 10.56 4.59
N LEU A 38 -5.92 9.60 4.91
CA LEU A 38 -4.50 9.79 5.18
C LEU A 38 -3.68 8.84 4.29
N ALA A 39 -2.97 9.41 3.30
CA ALA A 39 -2.35 8.68 2.21
C ALA A 39 -0.81 8.68 2.25
N LEU A 40 -0.20 7.63 1.69
CA LEU A 40 1.26 7.53 1.52
C LEU A 40 1.78 8.64 0.60
N THR A 41 2.89 9.26 0.99
CA THR A 41 3.45 10.45 0.37
C THR A 41 4.99 10.36 0.27
N TYR A 42 5.53 10.84 -0.85
CA TYR A 42 6.96 10.93 -1.12
C TYR A 42 7.66 11.91 -0.15
N PRO A 43 8.75 11.50 0.54
CA PRO A 43 9.42 12.32 1.56
C PRO A 43 10.28 13.46 1.00
N GLY A 44 10.41 13.58 -0.33
CA GLY A 44 11.08 14.69 -1.03
C GLY A 44 12.46 14.36 -1.60
N ARG A 45 13.04 13.19 -1.26
CA ARG A 45 14.31 12.69 -1.82
C ARG A 45 14.38 11.15 -1.82
N GLN A 46 15.49 10.63 -2.32
CA GLN A 46 15.86 9.21 -2.28
C GLN A 46 16.47 8.83 -0.91
N ARG A 47 16.52 7.52 -0.60
CA ARG A 47 17.15 6.94 0.60
C ARG A 47 16.63 7.53 1.92
N THR A 48 15.32 7.74 1.99
CA THR A 48 14.56 8.31 3.13
C THR A 48 13.27 7.52 3.38
N PRO A 49 12.77 7.46 4.63
CA PRO A 49 11.54 6.76 4.97
C PRO A 49 10.29 7.47 4.41
N VAL A 50 9.32 6.68 3.97
CA VAL A 50 8.04 7.17 3.40
C VAL A 50 7.19 7.87 4.48
N THR A 51 6.45 8.91 4.10
CA THR A 51 5.61 9.73 5.00
C THR A 51 4.12 9.66 4.64
N VAL A 52 3.28 10.36 5.40
CA VAL A 52 1.84 10.49 5.11
C VAL A 52 1.31 11.92 5.21
N SER A 53 0.26 12.21 4.43
CA SER A 53 -0.43 13.50 4.31
C SER A 53 -1.91 13.29 3.93
N PRO A 54 -2.80 14.29 4.12
CA PRO A 54 -4.21 14.14 3.77
C PRO A 54 -4.42 13.98 2.25
N LEU A 55 -5.50 13.29 1.85
CA LEU A 55 -5.81 13.07 0.43
C LEU A 55 -6.06 14.40 -0.31
N ASP A 56 -5.33 14.59 -1.41
CA ASP A 56 -5.38 15.74 -2.32
C ASP A 56 -5.15 15.34 -3.80
N GLY A 57 -4.48 14.21 -4.05
CA GLY A 57 -4.32 13.61 -5.39
C GLY A 57 -3.11 14.12 -6.20
N SER A 58 -2.23 14.93 -5.60
CA SER A 58 -1.01 15.43 -6.23
C SER A 58 0.03 14.33 -6.49
N SER A 59 0.97 14.61 -7.40
CA SER A 59 2.05 13.70 -7.82
C SER A 59 2.96 13.21 -6.68
N GLU A 60 3.01 13.93 -5.56
CA GLU A 60 3.75 13.54 -4.36
C GLU A 60 3.08 12.40 -3.58
N GLN A 61 1.78 12.17 -3.76
CA GLN A 61 1.01 11.13 -3.05
C GLN A 61 0.25 10.16 -3.99
N ALA A 62 0.38 10.35 -5.30
CA ALA A 62 -0.05 9.38 -6.31
C ALA A 62 1.09 8.37 -6.57
N TRP A 63 0.72 7.12 -6.87
CA TRP A 63 1.65 6.00 -7.03
C TRP A 63 1.28 5.16 -8.27
N ILE A 64 2.11 4.17 -8.59
CA ILE A 64 1.83 3.12 -9.57
C ILE A 64 2.01 1.76 -8.92
N LEU A 65 1.28 0.77 -9.45
CA LEU A 65 1.38 -0.64 -9.09
C LEU A 65 1.72 -1.41 -10.36
N ARG A 66 2.67 -2.35 -10.27
CA ARG A 66 3.14 -3.18 -11.38
C ARG A 66 3.33 -4.62 -10.89
N SER A 67 2.81 -5.59 -11.63
CA SER A 67 2.87 -7.01 -11.28
C SER A 67 4.31 -7.53 -11.27
N TYR A 68 4.61 -8.46 -10.35
CA TYR A 68 5.86 -9.22 -10.35
C TYR A 68 5.64 -10.74 -10.31
N ASP A 69 4.58 -11.20 -9.63
CA ASP A 69 4.17 -12.61 -9.63
C ASP A 69 2.63 -12.76 -9.50
N SER A 70 2.11 -13.93 -9.88
CA SER A 70 0.68 -14.26 -9.96
C SER A 70 0.27 -15.47 -9.09
N ASN A 71 1.22 -16.35 -8.76
CA ASN A 71 1.05 -17.45 -7.80
C ASN A 71 1.49 -17.07 -6.37
N SER A 72 2.29 -16.00 -6.23
CA SER A 72 2.79 -15.47 -4.94
C SER A 72 2.19 -14.11 -4.56
N ASN A 73 1.33 -13.50 -5.40
CA ASN A 73 0.61 -12.25 -5.12
C ASN A 73 1.51 -11.06 -4.72
N THR A 74 2.68 -10.99 -5.38
CA THR A 74 3.71 -9.95 -5.19
C THR A 74 3.80 -8.98 -6.38
N TRP A 75 4.13 -7.73 -6.03
CA TRP A 75 4.08 -6.55 -6.88
C TRP A 75 5.23 -5.60 -6.53
N THR A 76 5.42 -4.57 -7.35
CA THR A 76 6.31 -3.42 -7.07
C THR A 76 5.52 -2.11 -7.12
N ILE A 77 5.95 -1.12 -6.33
CA ILE A 77 5.22 0.13 -6.08
C ILE A 77 6.18 1.32 -6.15
N SER A 78 5.80 2.37 -6.89
CA SER A 78 6.65 3.54 -7.15
C SER A 78 5.84 4.85 -7.14
N PRO A 79 6.40 6.00 -6.73
CA PRO A 79 5.68 7.28 -6.69
C PRO A 79 5.59 7.89 -8.11
N VAL A 80 4.47 8.55 -8.42
CA VAL A 80 4.29 9.26 -9.71
C VAL A 80 5.25 10.46 -9.86
N GLY A 81 5.70 11.05 -8.76
CA GLY A 81 6.70 12.12 -8.75
C GLY A 81 8.13 11.64 -9.13
N SER A 82 8.47 10.37 -8.82
CA SER A 82 9.82 9.79 -9.02
C SER A 82 9.76 8.29 -9.39
N PRO A 83 9.13 7.91 -10.52
CA PRO A 83 9.00 6.50 -10.95
C PRO A 83 10.33 5.87 -11.40
N ASN A 84 11.43 6.65 -11.43
CA ASN A 84 12.81 6.19 -11.60
C ASN A 84 13.34 5.36 -10.40
N SER A 85 12.53 5.16 -9.35
CA SER A 85 12.83 4.41 -8.13
C SER A 85 11.55 3.77 -7.55
N GLN A 86 11.67 2.95 -6.49
CA GLN A 86 10.56 2.19 -5.91
C GLN A 86 10.56 2.21 -4.37
N ILE A 87 9.46 1.76 -3.76
CA ILE A 87 9.42 1.50 -2.32
C ILE A 87 10.28 0.25 -2.03
N GLY A 88 11.17 0.37 -1.06
CA GLY A 88 12.07 -0.68 -0.59
C GLY A 88 12.25 -0.63 0.92
N TRP A 89 13.22 -1.37 1.45
CA TRP A 89 13.40 -1.57 2.90
C TRP A 89 14.88 -1.40 3.27
N GLY A 90 15.17 -1.36 4.57
CA GLY A 90 16.53 -1.28 5.11
C GLY A 90 16.74 -2.16 6.35
N ALA A 91 15.91 -3.21 6.50
CA ALA A 91 15.82 -4.11 7.66
C ALA A 91 15.53 -3.46 9.04
N GLY A 92 15.37 -2.14 9.07
CA GLY A 92 15.09 -1.31 10.25
C GLY A 92 13.60 -1.03 10.49
N ASN A 93 12.72 -1.93 10.03
CA ASN A 93 11.26 -1.93 10.25
C ASN A 93 10.51 -0.66 9.79
N VAL A 94 11.04 0.05 8.78
CA VAL A 94 10.35 1.15 8.08
C VAL A 94 10.62 1.08 6.57
N PRO A 95 9.63 1.35 5.69
CA PRO A 95 9.84 1.37 4.25
C PRO A 95 10.49 2.69 3.81
N VAL A 96 11.35 2.62 2.79
CA VAL A 96 12.16 3.74 2.27
C VAL A 96 12.09 3.85 0.75
N VAL A 97 12.34 5.04 0.21
CA VAL A 97 12.53 5.24 -1.24
C VAL A 97 13.91 4.68 -1.64
N LEU A 98 13.95 3.76 -2.60
CA LEU A 98 15.16 2.98 -2.92
C LEU A 98 15.30 2.75 -4.46
N PRO A 99 16.51 2.72 -5.03
CA PRO A 99 16.75 2.48 -6.47
C PRO A 99 16.03 1.25 -7.05
N PRO A 100 15.73 1.24 -8.37
CA PRO A 100 14.94 0.19 -9.00
C PRO A 100 15.73 -1.13 -9.09
N ASN A 101 15.16 -2.20 -8.56
CA ASN A 101 15.76 -3.54 -8.51
C ASN A 101 14.64 -4.61 -8.45
N ASN A 102 14.35 -5.15 -7.27
CA ASN A 102 13.43 -6.27 -7.03
C ASN A 102 12.83 -6.22 -5.61
N TYR A 103 12.77 -5.03 -4.98
CA TYR A 103 12.21 -4.85 -3.63
C TYR A 103 10.68 -4.94 -3.63
N VAL A 104 10.17 -6.16 -3.85
CA VAL A 104 8.74 -6.49 -3.97
C VAL A 104 7.99 -6.42 -2.63
N TRP A 105 6.67 -6.30 -2.72
CA TRP A 105 5.74 -6.31 -1.61
C TRP A 105 4.47 -7.10 -1.99
N THR A 106 3.69 -7.47 -0.98
CA THR A 106 2.50 -8.34 -1.09
C THR A 106 1.23 -7.54 -0.81
N LEU A 107 0.17 -7.76 -1.60
CA LEU A 107 -1.12 -7.07 -1.40
C LEU A 107 -2.23 -8.08 -1.10
N THR A 108 -3.06 -7.82 -0.07
CA THR A 108 -4.06 -8.80 0.40
C THR A 108 -5.43 -8.17 0.62
N LEU A 109 -6.41 -8.59 -0.18
CA LEU A 109 -7.81 -8.17 -0.08
C LEU A 109 -8.55 -8.87 1.10
N THR A 110 -9.57 -8.20 1.65
CA THR A 110 -10.54 -8.75 2.61
C THR A 110 -11.99 -8.39 2.20
N SER A 111 -12.98 -8.81 2.99
CA SER A 111 -14.41 -8.50 2.78
C SER A 111 -14.80 -7.01 2.80
N GLY A 112 -13.89 -6.11 3.21
CA GLY A 112 -14.17 -4.66 3.28
C GLY A 112 -12.93 -3.76 3.37
N GLY A 113 -11.78 -4.18 2.81
CA GLY A 113 -10.53 -3.41 2.84
C GLY A 113 -9.32 -4.19 2.32
N TYR A 114 -8.14 -3.56 2.33
CA TYR A 114 -6.86 -4.15 1.93
C TYR A 114 -5.86 -4.20 3.08
N ASN A 115 -4.79 -4.98 2.87
CA ASN A 115 -3.59 -5.04 3.70
C ASN A 115 -2.35 -5.13 2.82
N ILE A 116 -1.20 -4.77 3.40
CA ILE A 116 0.07 -4.63 2.71
C ILE A 116 1.19 -5.26 3.56
N GLN A 117 1.94 -6.19 2.98
CA GLN A 117 2.94 -7.00 3.69
C GLN A 117 4.24 -7.15 2.88
N ASP A 118 5.30 -7.67 3.49
CA ASP A 118 6.54 -8.09 2.82
C ASP A 118 6.42 -9.51 2.24
N GLY A 119 7.48 -10.00 1.57
CA GLY A 119 7.55 -11.36 1.04
C GLY A 119 7.56 -12.48 2.10
N LYS A 120 7.81 -12.16 3.39
CA LYS A 120 7.83 -13.12 4.50
C LYS A 120 6.43 -13.30 5.13
N ARG A 121 5.55 -12.29 4.99
CA ARG A 121 4.23 -12.14 5.62
C ARG A 121 4.22 -12.33 7.16
N THR A 122 5.38 -12.16 7.79
CA THR A 122 5.55 -12.11 9.25
C THR A 122 5.16 -10.74 9.84
N VAL A 123 4.99 -9.73 8.97
CA VAL A 123 4.74 -8.33 9.29
C VAL A 123 3.74 -7.68 8.31
N SER A 124 3.30 -6.46 8.64
CA SER A 124 2.35 -5.62 7.90
C SER A 124 2.78 -4.16 8.00
N TRP A 125 2.49 -3.35 6.97
CA TRP A 125 2.67 -1.89 7.02
C TRP A 125 1.66 -1.26 7.97
N SER A 126 2.08 -0.25 8.74
CA SER A 126 1.21 0.43 9.74
C SER A 126 1.62 1.86 10.09
N LEU A 127 0.74 2.59 10.80
CA LEU A 127 0.99 3.92 11.39
C LEU A 127 0.95 3.85 12.93
N ASN A 128 1.47 4.90 13.60
CA ASN A 128 1.57 4.95 15.07
C ASN A 128 0.71 6.04 15.73
N ASN A 129 0.45 7.17 15.05
CA ASN A 129 -0.39 8.28 15.55
C ASN A 129 -1.52 8.68 14.59
N ALA A 130 -1.54 8.08 13.39
CA ALA A 130 -2.56 8.28 12.34
C ALA A 130 -2.85 9.77 12.01
N THR A 131 -1.81 10.59 11.90
CA THR A 131 -1.89 12.04 11.60
C THR A 131 -0.94 12.45 10.47
N ALA A 132 -1.20 13.60 9.84
CA ALA A 132 -0.38 14.14 8.75
C ALA A 132 1.03 14.57 9.24
N GLY A 133 2.06 14.19 8.49
CA GLY A 133 3.48 14.51 8.77
C GLY A 133 4.24 13.35 9.40
N GLU A 134 3.51 12.31 9.82
CA GLU A 134 4.03 11.04 10.33
C GLU A 134 4.78 10.21 9.26
N GLU A 135 5.45 9.16 9.73
CA GLU A 135 6.21 8.19 8.93
C GLU A 135 5.55 6.81 9.03
N VAL A 136 5.27 6.16 7.90
CA VAL A 136 4.77 4.78 7.88
C VAL A 136 5.85 3.81 8.43
N SER A 137 5.41 2.70 9.02
CA SER A 137 6.22 1.73 9.75
C SER A 137 5.83 0.30 9.40
N ILE A 138 6.54 -0.69 9.95
CA ILE A 138 6.34 -2.13 9.72
C ILE A 138 6.44 -2.87 11.05
N GLY A 139 5.52 -3.80 11.31
CA GLY A 139 5.48 -4.62 12.52
C GLY A 139 4.54 -5.82 12.36
N ALA A 140 4.51 -6.72 13.34
CA ALA A 140 3.75 -7.98 13.24
C ALA A 140 2.26 -7.79 12.91
N ASP A 141 1.62 -6.81 13.55
CA ASP A 141 0.24 -6.34 13.33
C ASP A 141 0.02 -5.00 14.06
N ALA A 142 -1.16 -4.39 13.89
CA ALA A 142 -1.63 -3.22 14.66
C ALA A 142 -3.14 -3.30 14.93
N THR A 143 -3.61 -2.66 16.01
CA THR A 143 -5.01 -2.71 16.49
C THR A 143 -6.05 -2.32 15.43
N PHE A 144 -5.74 -1.31 14.61
CA PHE A 144 -6.47 -0.91 13.41
C PHE A 144 -5.60 -0.17 12.38
N SER A 145 -4.56 0.53 12.85
CA SER A 145 -3.62 1.35 12.05
C SER A 145 -2.75 0.59 11.03
N GLY A 146 -2.98 -0.71 10.84
CA GLY A 146 -2.33 -1.57 9.84
C GLY A 146 -3.25 -2.06 8.72
N ARG A 147 -4.52 -1.63 8.69
CA ARG A 147 -5.44 -1.84 7.56
C ARG A 147 -5.37 -0.65 6.59
N TRP A 148 -5.61 -0.94 5.31
CA TRP A 148 -5.42 0.00 4.20
C TRP A 148 -6.60 -0.06 3.22
N VAL A 149 -6.66 0.91 2.31
CA VAL A 149 -7.56 0.95 1.17
C VAL A 149 -6.76 1.47 -0.03
N ILE A 150 -7.08 0.98 -1.22
CA ILE A 150 -6.37 1.26 -2.47
C ILE A 150 -7.41 1.54 -3.55
N GLU A 151 -7.10 2.51 -4.42
CA GLU A 151 -8.03 2.97 -5.46
C GLU A 151 -7.30 3.49 -6.69
N LYS A 152 -7.88 3.26 -7.87
CA LYS A 152 -7.28 3.55 -9.18
C LYS A 152 -7.47 5.03 -9.56
N VAL A 153 -6.48 5.62 -10.22
CA VAL A 153 -6.46 7.04 -10.66
C VAL A 153 -6.08 7.25 -12.13
N MET A 1 -3.72 -39.16 -16.88
CA MET A 1 -3.77 -37.94 -16.01
C MET A 1 -2.37 -37.58 -15.50
N GLY A 2 -2.20 -36.33 -15.04
CA GLY A 2 -0.94 -35.82 -14.47
C GLY A 2 -1.02 -34.35 -14.04
N HIS A 3 0.07 -33.85 -13.43
CA HIS A 3 0.17 -32.50 -12.86
C HIS A 3 1.54 -31.83 -13.08
N HIS A 4 2.44 -32.49 -13.82
CA HIS A 4 3.81 -32.04 -14.13
C HIS A 4 3.87 -30.80 -15.05
N HIS A 5 2.74 -30.44 -15.66
CA HIS A 5 2.55 -29.27 -16.53
C HIS A 5 1.10 -28.73 -16.40
N HIS A 6 0.87 -27.51 -16.90
CA HIS A 6 -0.47 -26.88 -16.95
C HIS A 6 -0.54 -25.81 -18.07
N HIS A 7 -1.73 -25.26 -18.30
CA HIS A 7 -2.03 -24.25 -19.33
C HIS A 7 -2.99 -23.12 -18.86
N HIS A 8 -3.52 -23.23 -17.64
CA HIS A 8 -4.46 -22.28 -17.01
C HIS A 8 -4.16 -22.05 -15.51
N HIS A 9 -2.94 -22.39 -15.07
CA HIS A 9 -2.47 -22.30 -13.68
C HIS A 9 -0.97 -21.94 -13.63
N HIS A 10 -0.44 -21.67 -12.43
CA HIS A 10 0.90 -21.11 -12.17
C HIS A 10 1.24 -19.79 -12.91
N SER A 11 0.21 -19.06 -13.30
CA SER A 11 0.29 -17.68 -13.83
C SER A 11 -0.78 -16.80 -13.17
N GLY A 12 -1.10 -17.12 -11.91
CA GLY A 12 -2.20 -16.49 -11.16
C GLY A 12 -2.66 -17.26 -9.92
N ASP A 13 -1.78 -18.06 -9.30
CA ASP A 13 -2.11 -18.89 -8.13
C ASP A 13 -2.49 -18.08 -6.85
N SER A 14 -2.34 -16.75 -6.84
CA SER A 14 -2.74 -15.88 -5.73
C SER A 14 -3.45 -14.60 -6.22
N PRO A 15 -4.74 -14.68 -6.59
CA PRO A 15 -5.60 -13.52 -6.86
C PRO A 15 -5.77 -12.57 -5.65
N ALA A 16 -6.50 -11.47 -5.88
CA ALA A 16 -6.94 -10.53 -4.84
C ALA A 16 -8.36 -10.01 -5.10
N VAL A 17 -8.55 -9.28 -6.21
CA VAL A 17 -9.86 -8.80 -6.73
C VAL A 17 -9.86 -8.82 -8.26
N THR A 18 -8.98 -8.00 -8.84
CA THR A 18 -8.91 -7.70 -10.29
C THR A 18 -7.62 -6.91 -10.63
N LEU A 19 -6.65 -6.88 -9.70
CA LEU A 19 -5.45 -6.05 -9.78
C LEU A 19 -4.66 -6.31 -11.09
N SER A 20 -4.15 -5.23 -11.66
CA SER A 20 -3.46 -5.20 -12.95
C SER A 20 -2.49 -4.01 -13.02
N ALA A 21 -1.51 -4.08 -13.92
CA ALA A 21 -0.49 -3.05 -14.10
C ALA A 21 -1.11 -1.69 -14.45
N GLY A 22 -0.83 -0.67 -13.63
CA GLY A 22 -1.45 0.65 -13.75
C GLY A 22 -1.06 1.65 -12.66
N ASN A 23 -1.67 2.83 -12.69
CA ASN A 23 -1.51 3.88 -11.69
C ASN A 23 -2.57 3.75 -10.59
N TYR A 24 -2.17 3.93 -9.33
CA TYR A 24 -3.03 3.80 -8.15
C TYR A 24 -2.74 4.88 -7.10
N ILE A 25 -3.61 4.95 -6.10
CA ILE A 25 -3.46 5.75 -4.87
C ILE A 25 -3.68 4.84 -3.65
N ILE A 26 -3.04 5.18 -2.52
CA ILE A 26 -3.04 4.39 -1.29
C ILE A 26 -3.35 5.30 -0.10
N TYR A 27 -4.35 4.93 0.70
CA TYR A 27 -4.78 5.69 1.88
C TYR A 27 -5.17 4.78 3.04
N ASN A 28 -5.08 5.30 4.27
CA ASN A 28 -5.32 4.51 5.48
C ASN A 28 -6.82 4.19 5.66
N ARG A 29 -7.16 2.99 6.15
CA ARG A 29 -8.55 2.53 6.31
C ARG A 29 -9.33 3.20 7.45
N VAL A 30 -8.64 3.93 8.35
CA VAL A 30 -9.19 4.50 9.60
C VAL A 30 -8.97 6.03 9.67
N LEU A 31 -8.38 6.63 8.63
CA LEU A 31 -8.17 8.08 8.49
C LEU A 31 -7.39 8.67 9.68
N SER A 32 -7.79 9.83 10.22
CA SER A 32 -7.19 10.45 11.41
C SER A 32 -8.25 10.98 12.40
N PRO A 33 -7.93 11.09 13.71
CA PRO A 33 -8.83 11.67 14.71
C PRO A 33 -9.00 13.20 14.58
N ARG A 34 -8.19 13.87 13.74
CA ARG A 34 -8.31 15.30 13.40
C ARG A 34 -9.58 15.62 12.61
N GLY A 35 -10.17 14.63 11.95
CA GLY A 35 -11.38 14.74 11.13
C GLY A 35 -11.11 14.73 9.62
N GLU A 36 -9.91 14.31 9.19
CA GLU A 36 -9.46 14.33 7.80
C GLU A 36 -8.78 13.01 7.39
N LYS A 37 -8.70 12.77 6.08
CA LYS A 37 -8.07 11.58 5.46
C LYS A 37 -6.54 11.58 5.63
N LEU A 38 -5.90 10.43 5.40
CA LEU A 38 -4.43 10.28 5.31
C LEU A 38 -4.06 9.36 4.14
N ALA A 39 -3.06 9.77 3.35
CA ALA A 39 -2.61 9.09 2.14
C ALA A 39 -1.08 8.96 2.08
N LEU A 40 -0.61 7.90 1.42
CA LEU A 40 0.81 7.61 1.21
C LEU A 40 1.43 8.71 0.32
N THR A 41 2.45 9.40 0.84
CA THR A 41 3.02 10.59 0.22
C THR A 41 4.54 10.47 0.10
N TYR A 42 5.06 10.71 -1.11
CA TYR A 42 6.47 10.62 -1.44
C TYR A 42 7.29 11.66 -0.63
N PRO A 43 8.42 11.28 0.01
CA PRO A 43 9.21 12.18 0.85
C PRO A 43 10.02 13.23 0.06
N GLY A 44 10.00 13.17 -1.29
CA GLY A 44 10.63 14.14 -2.19
C GLY A 44 12.00 13.70 -2.73
N ARG A 45 12.57 12.61 -2.20
CA ARG A 45 13.89 12.07 -2.56
C ARG A 45 14.07 10.59 -2.18
N GLN A 46 15.25 10.06 -2.46
CA GLN A 46 15.63 8.64 -2.26
C GLN A 46 16.53 8.45 -1.03
N ARG A 47 16.75 7.18 -0.63
CA ARG A 47 17.48 6.77 0.59
C ARG A 47 16.89 7.41 1.86
N THR A 48 15.56 7.53 1.90
CA THR A 48 14.76 8.30 2.86
C THR A 48 13.45 7.55 3.18
N PRO A 49 12.96 7.56 4.44
CA PRO A 49 11.69 6.92 4.79
C PRO A 49 10.48 7.62 4.15
N VAL A 50 9.43 6.85 3.85
CA VAL A 50 8.16 7.34 3.29
C VAL A 50 7.40 8.20 4.33
N THR A 51 6.41 8.99 3.91
CA THR A 51 5.61 9.86 4.80
C THR A 51 4.11 9.73 4.49
N VAL A 52 3.24 10.21 5.38
CA VAL A 52 1.79 10.35 5.12
C VAL A 52 1.31 11.77 5.38
N SER A 53 0.36 12.22 4.55
CA SER A 53 -0.25 13.57 4.56
C SER A 53 -1.73 13.47 4.16
N PRO A 54 -2.57 14.51 4.39
CA PRO A 54 -3.96 14.51 3.93
C PRO A 54 -4.12 14.18 2.45
N LEU A 55 -5.14 13.39 2.10
CA LEU A 55 -5.40 13.01 0.71
C LEU A 55 -5.78 14.24 -0.14
N ASP A 56 -5.03 14.46 -1.21
CA ASP A 56 -5.25 15.52 -2.22
C ASP A 56 -5.09 14.99 -3.66
N GLY A 57 -4.34 13.88 -3.85
CA GLY A 57 -4.20 13.22 -5.15
C GLY A 57 -3.18 13.87 -6.09
N SER A 58 -2.27 14.69 -5.55
CA SER A 58 -1.12 15.26 -6.25
C SER A 58 -0.17 14.18 -6.79
N SER A 59 0.76 14.57 -7.66
CA SER A 59 1.84 13.71 -8.17
C SER A 59 2.75 13.14 -7.07
N GLU A 60 2.79 13.78 -5.89
CA GLU A 60 3.47 13.28 -4.68
C GLU A 60 2.67 12.17 -3.95
N GLN A 61 1.42 11.91 -4.35
CA GLN A 61 0.51 10.92 -3.74
C GLN A 61 -0.05 9.91 -4.76
N ALA A 62 0.25 10.08 -6.05
CA ALA A 62 -0.04 9.11 -7.10
C ALA A 62 1.14 8.14 -7.25
N TRP A 63 0.82 6.85 -7.41
CA TRP A 63 1.77 5.74 -7.47
C TRP A 63 1.46 4.83 -8.67
N ILE A 64 2.31 3.84 -8.93
CA ILE A 64 2.08 2.76 -9.90
C ILE A 64 2.31 1.41 -9.23
N LEU A 65 1.63 0.39 -9.76
CA LEU A 65 1.78 -1.02 -9.38
C LEU A 65 2.13 -1.83 -10.64
N ARG A 66 3.16 -2.66 -10.56
CA ARG A 66 3.66 -3.50 -11.66
C ARG A 66 3.97 -4.91 -11.13
N SER A 67 3.45 -5.93 -11.80
CA SER A 67 3.52 -7.32 -11.31
C SER A 67 4.96 -7.84 -11.25
N TYR A 68 5.24 -8.69 -10.26
CA TYR A 68 6.49 -9.46 -10.16
C TYR A 68 6.20 -10.97 -10.02
N ASP A 69 5.23 -11.36 -9.19
CA ASP A 69 4.75 -12.75 -9.12
C ASP A 69 3.27 -12.84 -8.70
N SER A 70 2.39 -13.08 -9.68
CA SER A 70 0.96 -13.28 -9.52
C SER A 70 0.58 -14.56 -8.76
N ASN A 71 1.51 -15.53 -8.68
CA ASN A 71 1.39 -16.70 -7.82
C ASN A 71 1.67 -16.40 -6.33
N SER A 72 2.14 -15.19 -6.02
CA SER A 72 2.38 -14.70 -4.64
C SER A 72 1.72 -13.35 -4.35
N ASN A 73 0.91 -12.82 -5.28
CA ASN A 73 0.27 -11.50 -5.23
C ASN A 73 1.24 -10.34 -4.93
N THR A 74 2.49 -10.46 -5.40
CA THR A 74 3.56 -9.49 -5.16
C THR A 74 3.87 -8.62 -6.37
N TRP A 75 4.06 -7.33 -6.10
CA TRP A 75 4.19 -6.24 -7.07
C TRP A 75 5.29 -5.27 -6.62
N THR A 76 5.89 -4.53 -7.55
CA THR A 76 6.76 -3.39 -7.22
C THR A 76 5.92 -2.11 -7.18
N ILE A 77 6.37 -1.10 -6.43
CA ILE A 77 5.63 0.16 -6.19
C ILE A 77 6.55 1.35 -6.38
N SER A 78 6.14 2.31 -7.19
CA SER A 78 6.90 3.54 -7.50
C SER A 78 5.98 4.77 -7.57
N PRO A 79 6.47 5.99 -7.28
CA PRO A 79 5.68 7.21 -7.41
C PRO A 79 5.58 7.64 -8.88
N VAL A 80 4.47 8.29 -9.26
CA VAL A 80 4.28 8.84 -10.62
C VAL A 80 5.27 9.98 -10.94
N GLY A 81 5.71 10.73 -9.92
CA GLY A 81 6.67 11.84 -10.07
C GLY A 81 8.14 11.41 -10.15
N SER A 82 8.49 10.21 -9.69
CA SER A 82 9.87 9.67 -9.66
C SER A 82 9.95 8.16 -9.91
N PRO A 83 9.44 7.64 -11.06
CA PRO A 83 9.41 6.20 -11.36
C PRO A 83 10.80 5.56 -11.58
N ASN A 84 11.86 6.37 -11.62
CA ASN A 84 13.26 5.93 -11.59
C ASN A 84 13.69 5.31 -10.22
N SER A 85 12.81 5.27 -9.22
CA SER A 85 13.02 4.69 -7.89
C SER A 85 11.76 3.96 -7.39
N GLN A 86 11.86 3.18 -6.31
CA GLN A 86 10.75 2.34 -5.80
C GLN A 86 10.75 2.19 -4.27
N ILE A 87 9.64 1.70 -3.71
CA ILE A 87 9.52 1.44 -2.27
C ILE A 87 10.22 0.13 -1.88
N GLY A 88 11.04 0.18 -0.84
CA GLY A 88 11.70 -0.97 -0.20
C GLY A 88 11.63 -0.88 1.33
N TRP A 89 12.24 -1.83 2.03
CA TRP A 89 12.10 -2.03 3.48
C TRP A 89 13.41 -1.69 4.19
N GLY A 90 13.43 -0.57 4.90
CA GLY A 90 14.60 -0.12 5.65
C GLY A 90 14.86 -1.00 6.88
N ALA A 91 16.14 -1.15 7.21
CA ALA A 91 16.64 -1.98 8.31
C ALA A 91 16.24 -1.51 9.73
N GLY A 92 15.52 -0.38 9.82
CA GLY A 92 14.89 0.18 11.03
C GLY A 92 13.39 -0.12 11.14
N ASN A 93 12.89 -1.14 10.43
CA ASN A 93 11.47 -1.58 10.39
C ASN A 93 10.49 -0.47 9.93
N VAL A 94 10.85 0.23 8.84
CA VAL A 94 10.03 1.28 8.19
C VAL A 94 10.15 1.17 6.66
N PRO A 95 9.13 1.60 5.88
CA PRO A 95 9.26 1.67 4.42
C PRO A 95 10.15 2.85 4.01
N VAL A 96 10.92 2.68 2.94
CA VAL A 96 11.87 3.67 2.41
C VAL A 96 11.82 3.73 0.88
N VAL A 97 12.26 4.85 0.31
CA VAL A 97 12.47 5.00 -1.15
C VAL A 97 13.91 4.60 -1.47
N LEU A 98 14.11 3.72 -2.46
CA LEU A 98 15.43 3.14 -2.78
C LEU A 98 15.55 2.83 -4.29
N PRO A 99 16.74 3.01 -4.93
CA PRO A 99 16.99 2.67 -6.33
C PRO A 99 16.53 1.25 -6.74
N PRO A 100 16.16 1.04 -8.01
CA PRO A 100 15.50 -0.19 -8.44
C PRO A 100 16.40 -1.44 -8.41
N ASN A 101 15.80 -2.55 -7.97
CA ASN A 101 16.39 -3.89 -7.96
C ASN A 101 15.25 -4.92 -8.10
N ASN A 102 14.64 -5.34 -6.99
CA ASN A 102 13.55 -6.32 -6.91
C ASN A 102 12.69 -6.17 -5.62
N TYR A 103 12.70 -5.01 -4.97
CA TYR A 103 11.91 -4.78 -3.74
C TYR A 103 10.40 -4.82 -4.05
N VAL A 104 9.66 -5.71 -3.40
CA VAL A 104 8.24 -5.98 -3.69
C VAL A 104 7.38 -5.92 -2.43
N TRP A 105 6.07 -5.83 -2.63
CA TRP A 105 5.05 -5.86 -1.58
C TRP A 105 3.82 -6.65 -2.05
N THR A 106 3.11 -7.26 -1.11
CA THR A 106 1.86 -8.00 -1.35
C THR A 106 0.66 -7.06 -1.14
N LEU A 107 -0.31 -7.08 -2.05
CA LEU A 107 -1.50 -6.22 -2.03
C LEU A 107 -2.81 -7.04 -1.92
N THR A 108 -3.22 -7.39 -0.70
CA THR A 108 -4.30 -8.36 -0.45
C THR A 108 -5.51 -7.74 0.25
N LEU A 109 -6.71 -7.91 -0.32
CA LEU A 109 -7.98 -7.53 0.32
C LEU A 109 -8.44 -8.60 1.34
N THR A 110 -8.95 -8.16 2.48
CA THR A 110 -9.63 -8.97 3.50
C THR A 110 -10.98 -8.34 3.90
N SER A 111 -11.75 -9.01 4.76
CA SER A 111 -13.10 -8.60 5.21
C SER A 111 -13.20 -7.23 5.91
N GLY A 112 -12.07 -6.53 6.13
CA GLY A 112 -12.00 -5.19 6.72
C GLY A 112 -11.21 -4.14 5.92
N GLY A 113 -10.51 -4.51 4.84
CA GLY A 113 -9.75 -3.59 3.99
C GLY A 113 -8.59 -4.23 3.24
N TYR A 114 -7.86 -3.45 2.43
CA TYR A 114 -6.60 -3.87 1.82
C TYR A 114 -5.48 -3.98 2.86
N ASN A 115 -4.45 -4.73 2.49
CA ASN A 115 -3.26 -4.99 3.30
C ASN A 115 -2.02 -4.80 2.42
N ILE A 116 -0.92 -4.42 3.08
CA ILE A 116 0.36 -4.09 2.45
C ILE A 116 1.46 -4.78 3.28
N GLN A 117 2.00 -5.87 2.74
CA GLN A 117 2.88 -6.79 3.48
C GLN A 117 4.14 -7.17 2.70
N ASP A 118 5.15 -7.66 3.40
CA ASP A 118 6.34 -8.26 2.81
C ASP A 118 6.02 -9.52 1.98
N GLY A 119 6.92 -9.89 1.08
CA GLY A 119 6.83 -11.09 0.23
C GLY A 119 6.78 -12.45 0.96
N LYS A 120 7.01 -12.48 2.28
CA LYS A 120 6.85 -13.67 3.14
C LYS A 120 5.67 -13.54 4.13
N ARG A 121 4.89 -12.45 4.07
CA ARG A 121 3.76 -12.09 4.95
C ARG A 121 4.08 -12.10 6.46
N THR A 122 5.36 -11.98 6.83
CA THR A 122 5.84 -11.94 8.22
C THR A 122 5.39 -10.69 8.99
N VAL A 123 5.08 -9.59 8.29
CA VAL A 123 4.72 -8.27 8.83
C VAL A 123 3.68 -7.57 7.95
N SER A 124 3.24 -6.37 8.34
CA SER A 124 2.34 -5.48 7.60
C SER A 124 2.67 -4.01 7.89
N TRP A 125 2.35 -3.10 6.95
CA TRP A 125 2.48 -1.65 7.14
C TRP A 125 1.46 -1.13 8.15
N SER A 126 1.92 -0.28 9.06
CA SER A 126 1.15 0.25 10.19
C SER A 126 1.51 1.71 10.53
N LEU A 127 0.78 2.30 11.48
CA LEU A 127 0.97 3.65 12.01
C LEU A 127 1.00 3.63 13.55
N ASN A 128 1.57 4.68 14.17
CA ASN A 128 1.80 4.80 15.61
C ASN A 128 1.20 6.08 16.23
N ASN A 129 0.98 7.12 15.42
CA ASN A 129 0.36 8.39 15.83
C ASN A 129 -1.01 8.61 15.16
N ALA A 130 -1.30 7.84 14.09
CA ALA A 130 -2.52 7.94 13.26
C ALA A 130 -2.81 9.36 12.72
N THR A 131 -1.75 10.14 12.43
CA THR A 131 -1.83 11.55 12.00
C THR A 131 -0.80 11.88 10.91
N ALA A 132 -0.99 13.01 10.22
CA ALA A 132 -0.09 13.48 9.17
C ALA A 132 1.33 13.79 9.70
N GLY A 133 2.33 13.61 8.84
CA GLY A 133 3.75 13.82 9.14
C GLY A 133 4.46 12.57 9.68
N GLU A 134 3.74 11.47 9.96
CA GLU A 134 4.37 10.21 10.39
C GLU A 134 5.22 9.58 9.27
N GLU A 135 6.37 9.01 9.64
CA GLU A 135 7.32 8.33 8.74
C GLU A 135 6.90 6.89 8.35
N VAL A 136 5.65 6.50 8.67
CA VAL A 136 5.06 5.15 8.55
C VAL A 136 5.85 4.11 9.41
N SER A 137 5.31 2.90 9.56
CA SER A 137 5.91 1.81 10.33
C SER A 137 5.58 0.44 9.76
N ILE A 138 6.28 -0.60 10.22
CA ILE A 138 6.09 -2.00 9.83
C ILE A 138 6.19 -2.88 11.09
N GLY A 139 5.28 -3.84 11.23
CA GLY A 139 5.22 -4.76 12.37
C GLY A 139 4.13 -5.84 12.19
N ALA A 140 3.75 -6.51 13.28
CA ALA A 140 2.61 -7.43 13.29
C ALA A 140 1.29 -6.74 12.89
N ASP A 141 0.29 -7.53 12.48
CA ASP A 141 -1.05 -7.05 12.12
C ASP A 141 -1.77 -6.31 13.28
N ALA A 142 -2.70 -5.43 12.91
CA ALA A 142 -3.47 -4.60 13.82
C ALA A 142 -4.92 -4.40 13.34
N THR A 143 -5.83 -4.03 14.25
CA THR A 143 -7.29 -3.93 13.98
C THR A 143 -7.77 -2.55 13.50
N PHE A 144 -7.04 -1.49 13.86
CA PHE A 144 -7.39 -0.09 13.51
C PHE A 144 -6.20 0.78 13.05
N SER A 145 -4.98 0.23 13.03
CA SER A 145 -3.73 0.97 12.76
C SER A 145 -2.80 0.27 11.75
N GLY A 146 -3.26 -0.81 11.09
CA GLY A 146 -2.47 -1.63 10.16
C GLY A 146 -3.27 -2.15 8.96
N ARG A 147 -4.26 -1.36 8.50
CA ARG A 147 -5.17 -1.68 7.39
C ARG A 147 -5.28 -0.47 6.45
N TRP A 148 -5.43 -0.73 5.16
CA TRP A 148 -5.33 0.27 4.08
C TRP A 148 -6.48 0.15 3.08
N VAL A 149 -6.55 1.08 2.14
CA VAL A 149 -7.47 1.09 0.99
C VAL A 149 -6.69 1.61 -0.23
N ILE A 150 -6.97 1.04 -1.40
CA ILE A 150 -6.24 1.27 -2.65
C ILE A 150 -7.24 1.43 -3.79
N GLU A 151 -6.95 2.33 -4.72
CA GLU A 151 -7.84 2.64 -5.83
C GLU A 151 -7.08 3.09 -7.09
N LYS A 152 -7.62 2.75 -8.26
CA LYS A 152 -7.00 2.98 -9.57
C LYS A 152 -7.27 4.40 -10.07
N VAL A 153 -6.27 5.02 -10.73
CA VAL A 153 -6.31 6.41 -11.25
C VAL A 153 -5.84 6.57 -12.69
N MET A 1 -16.22 -31.45 -17.97
CA MET A 1 -17.57 -31.77 -18.52
C MET A 1 -18.59 -30.76 -18.01
N GLY A 2 -19.30 -30.08 -18.91
CA GLY A 2 -20.34 -29.09 -18.58
C GLY A 2 -20.89 -28.32 -19.80
N HIS A 3 -21.90 -27.48 -19.57
CA HIS A 3 -22.59 -26.68 -20.60
C HIS A 3 -22.95 -25.24 -20.15
N HIS A 4 -22.63 -24.87 -18.90
CA HIS A 4 -22.91 -23.55 -18.30
C HIS A 4 -21.86 -23.18 -17.25
N HIS A 5 -21.85 -21.92 -16.83
CA HIS A 5 -21.02 -21.41 -15.73
C HIS A 5 -21.38 -22.06 -14.37
N HIS A 6 -20.45 -21.99 -13.42
CA HIS A 6 -20.60 -22.51 -12.05
C HIS A 6 -19.81 -21.65 -11.04
N HIS A 7 -20.04 -21.86 -9.74
CA HIS A 7 -19.25 -21.24 -8.67
C HIS A 7 -17.75 -21.61 -8.79
N HIS A 8 -16.88 -20.67 -8.45
CA HIS A 8 -15.42 -20.82 -8.47
C HIS A 8 -14.76 -19.93 -7.41
N HIS A 9 -13.50 -20.24 -7.06
CA HIS A 9 -12.68 -19.56 -6.05
C HIS A 9 -13.34 -19.52 -4.64
N HIS A 10 -12.76 -18.76 -3.70
CA HIS A 10 -13.24 -18.64 -2.31
C HIS A 10 -12.95 -17.23 -1.74
N SER A 11 -13.44 -16.97 -0.52
CA SER A 11 -13.28 -15.70 0.21
C SER A 11 -12.98 -15.90 1.71
N GLY A 12 -12.67 -17.13 2.13
CA GLY A 12 -12.42 -17.52 3.53
C GLY A 12 -11.12 -18.30 3.79
N ASP A 13 -10.31 -18.55 2.75
CA ASP A 13 -9.00 -19.24 2.85
C ASP A 13 -7.94 -18.69 1.86
N SER A 14 -8.31 -17.75 0.99
CA SER A 14 -7.51 -17.21 -0.11
C SER A 14 -7.79 -15.71 -0.37
N PRO A 15 -6.87 -14.98 -1.03
CA PRO A 15 -7.07 -13.58 -1.44
C PRO A 15 -8.33 -13.31 -2.28
N ALA A 16 -8.72 -12.05 -2.32
CA ALA A 16 -9.91 -11.55 -3.04
C ALA A 16 -9.61 -10.32 -3.95
N VAL A 17 -8.33 -9.99 -4.15
CA VAL A 17 -7.86 -8.75 -4.81
C VAL A 17 -8.31 -8.60 -6.27
N THR A 18 -8.30 -7.35 -6.77
CA THR A 18 -8.59 -7.01 -8.19
C THR A 18 -7.56 -6.05 -8.80
N LEU A 19 -6.46 -5.77 -8.07
CA LEU A 19 -5.37 -4.89 -8.50
C LEU A 19 -4.79 -5.30 -9.86
N SER A 20 -4.27 -4.32 -10.59
CA SER A 20 -3.81 -4.44 -11.97
C SER A 20 -2.65 -3.47 -12.26
N ALA A 21 -2.05 -3.58 -13.45
CA ALA A 21 -0.97 -2.71 -13.90
C ALA A 21 -1.50 -1.29 -14.25
N GLY A 22 -1.15 -0.27 -13.47
CA GLY A 22 -1.68 1.10 -13.64
C GLY A 22 -1.28 2.07 -12.54
N ASN A 23 -1.89 3.27 -12.54
CA ASN A 23 -1.72 4.29 -11.51
C ASN A 23 -2.79 4.13 -10.42
N TYR A 24 -2.39 4.25 -9.16
CA TYR A 24 -3.24 4.06 -7.97
C TYR A 24 -2.88 5.04 -6.84
N ILE A 25 -3.71 5.09 -5.82
CA ILE A 25 -3.47 5.77 -4.54
C ILE A 25 -3.68 4.77 -3.39
N ILE A 26 -2.94 4.97 -2.30
CA ILE A 26 -2.90 4.05 -1.15
C ILE A 26 -3.00 4.88 0.14
N TYR A 27 -3.99 4.58 0.96
CA TYR A 27 -4.25 5.27 2.22
C TYR A 27 -4.68 4.32 3.35
N ASN A 28 -4.44 4.73 4.60
CA ASN A 28 -4.71 3.88 5.76
C ASN A 28 -6.16 4.05 6.26
N ARG A 29 -6.82 2.95 6.63
CA ARG A 29 -8.23 2.93 7.08
C ARG A 29 -8.46 3.65 8.43
N VAL A 30 -7.41 3.98 9.17
CA VAL A 30 -7.50 4.72 10.44
C VAL A 30 -8.10 6.13 10.29
N LEU A 31 -8.04 6.75 9.09
CA LEU A 31 -8.46 8.14 8.84
C LEU A 31 -7.82 9.13 9.85
N SER A 32 -8.43 10.28 10.13
CA SER A 32 -7.95 11.25 11.12
C SER A 32 -9.10 12.00 11.81
N PRO A 33 -8.90 12.48 13.06
CA PRO A 33 -9.97 13.11 13.85
C PRO A 33 -10.43 14.47 13.31
N ARG A 34 -9.69 15.09 12.37
CA ARG A 34 -10.12 16.30 11.65
C ARG A 34 -11.25 16.07 10.62
N GLY A 35 -11.60 14.81 10.34
CA GLY A 35 -12.63 14.44 9.36
C GLY A 35 -12.08 14.15 7.96
N GLU A 36 -10.81 13.75 7.85
CA GLU A 36 -10.07 13.55 6.60
C GLU A 36 -9.28 12.22 6.63
N LYS A 37 -8.54 11.92 5.56
CA LYS A 37 -7.66 10.74 5.43
C LYS A 37 -6.21 11.14 5.12
N LEU A 38 -5.28 10.21 5.32
CA LEU A 38 -3.86 10.38 5.03
C LEU A 38 -3.34 9.21 4.19
N ALA A 39 -2.50 9.53 3.21
CA ALA A 39 -2.04 8.64 2.14
C ALA A 39 -0.50 8.60 2.08
N LEU A 40 0.04 7.53 1.49
CA LEU A 40 1.48 7.40 1.24
C LEU A 40 1.99 8.60 0.42
N THR A 41 3.10 9.19 0.89
CA THR A 41 3.66 10.42 0.33
C THR A 41 5.17 10.30 0.18
N TYR A 42 5.67 10.62 -1.01
CA TYR A 42 7.09 10.65 -1.35
C TYR A 42 7.83 11.74 -0.53
N PRO A 43 8.91 11.40 0.21
CA PRO A 43 9.69 12.38 0.99
C PRO A 43 10.38 13.50 0.20
N GLY A 44 10.41 13.42 -1.14
CA GLY A 44 11.08 14.39 -2.02
C GLY A 44 12.49 13.99 -2.45
N ARG A 45 13.05 12.92 -1.87
CA ARG A 45 14.39 12.37 -2.15
C ARG A 45 14.42 10.84 -1.97
N GLN A 46 15.56 10.24 -2.32
CA GLN A 46 15.83 8.80 -2.18
C GLN A 46 16.56 8.48 -0.86
N ARG A 47 16.62 7.18 -0.52
CA ARG A 47 17.26 6.64 0.70
C ARG A 47 16.70 7.25 1.99
N THR A 48 15.37 7.35 2.06
CA THR A 48 14.57 7.97 3.13
C THR A 48 13.32 7.14 3.46
N PRO A 49 12.88 7.05 4.73
CA PRO A 49 11.61 6.45 5.12
C PRO A 49 10.40 7.12 4.44
N VAL A 50 9.41 6.33 4.02
CA VAL A 50 8.14 6.84 3.46
C VAL A 50 7.32 7.58 4.55
N THR A 51 6.59 8.63 4.16
CA THR A 51 5.80 9.48 5.08
C THR A 51 4.31 9.41 4.70
N VAL A 52 3.40 9.90 5.54
CA VAL A 52 1.97 10.06 5.18
C VAL A 52 1.46 11.48 5.46
N SER A 53 0.62 11.96 4.55
CA SER A 53 0.08 13.33 4.51
C SER A 53 -1.35 13.34 3.91
N PRO A 54 -2.13 14.42 4.07
CA PRO A 54 -3.39 14.62 3.36
C PRO A 54 -3.28 14.42 1.84
N LEU A 55 -4.42 14.12 1.20
CA LEU A 55 -4.49 13.74 -0.22
C LEU A 55 -5.37 14.70 -1.03
N ASP A 56 -4.85 15.12 -2.19
CA ASP A 56 -5.50 16.01 -3.16
C ASP A 56 -5.29 15.55 -4.63
N GLY A 57 -4.57 14.44 -4.84
CA GLY A 57 -4.23 13.89 -6.16
C GLY A 57 -2.87 14.34 -6.72
N SER A 58 -2.05 15.09 -5.95
CA SER A 58 -0.71 15.51 -6.38
C SER A 58 0.23 14.33 -6.62
N SER A 59 1.20 14.55 -7.51
CA SER A 59 2.22 13.58 -7.94
C SER A 59 3.11 13.05 -6.79
N GLU A 60 3.17 13.75 -5.64
CA GLU A 60 3.90 13.28 -4.46
C GLU A 60 3.08 12.30 -3.60
N GLN A 61 1.77 12.19 -3.84
CA GLN A 61 0.86 11.24 -3.16
C GLN A 61 0.22 10.21 -4.12
N ALA A 62 0.34 10.40 -5.44
CA ALA A 62 -0.04 9.42 -6.45
C ALA A 62 1.10 8.40 -6.71
N TRP A 63 0.74 7.14 -6.98
CA TRP A 63 1.66 6.01 -7.17
C TRP A 63 1.27 5.17 -8.39
N ILE A 64 2.09 4.17 -8.71
CA ILE A 64 1.79 3.12 -9.70
C ILE A 64 1.96 1.74 -9.04
N LEU A 65 1.25 0.74 -9.58
CA LEU A 65 1.34 -0.67 -9.23
C LEU A 65 1.67 -1.45 -10.49
N ARG A 66 2.66 -2.34 -10.41
CA ARG A 66 3.13 -3.19 -11.53
C ARG A 66 3.43 -4.59 -11.02
N SER A 67 2.89 -5.60 -11.71
CA SER A 67 3.04 -7.01 -11.31
C SER A 67 4.50 -7.47 -11.36
N TYR A 68 4.86 -8.42 -10.49
CA TYR A 68 6.16 -9.10 -10.49
C TYR A 68 6.01 -10.62 -10.44
N ASP A 69 5.09 -11.15 -9.63
CA ASP A 69 4.75 -12.58 -9.57
C ASP A 69 3.31 -12.84 -9.06
N SER A 70 2.72 -13.96 -9.48
CA SER A 70 1.35 -14.38 -9.17
C SER A 70 1.27 -15.53 -8.15
N ASN A 71 2.30 -16.37 -8.06
CA ASN A 71 2.42 -17.46 -7.07
C ASN A 71 2.47 -16.96 -5.61
N SER A 72 2.91 -15.72 -5.39
CA SER A 72 3.01 -15.06 -4.07
C SER A 72 2.24 -13.73 -3.98
N ASN A 73 1.45 -13.35 -4.99
CA ASN A 73 0.65 -12.11 -5.05
C ASN A 73 1.48 -10.83 -4.76
N THR A 74 2.70 -10.81 -5.29
CA THR A 74 3.73 -9.79 -5.08
C THR A 74 3.90 -8.85 -6.28
N TRP A 75 4.09 -7.57 -5.95
CA TRP A 75 4.08 -6.43 -6.87
C TRP A 75 5.24 -5.49 -6.58
N THR A 76 5.46 -4.54 -7.47
CA THR A 76 6.38 -3.39 -7.28
C THR A 76 5.58 -2.08 -7.33
N ILE A 77 6.06 -1.06 -6.62
CA ILE A 77 5.34 0.19 -6.35
C ILE A 77 6.31 1.37 -6.51
N SER A 78 5.88 2.43 -7.22
CA SER A 78 6.71 3.62 -7.49
C SER A 78 5.87 4.91 -7.42
N PRO A 79 6.43 6.06 -6.98
CA PRO A 79 5.71 7.33 -6.94
C PRO A 79 5.60 7.96 -8.34
N VAL A 80 4.47 8.59 -8.65
CA VAL A 80 4.26 9.30 -9.93
C VAL A 80 5.20 10.50 -10.10
N GLY A 81 5.66 11.10 -8.99
CA GLY A 81 6.67 12.16 -8.98
C GLY A 81 8.09 11.69 -9.36
N SER A 82 8.42 10.42 -9.11
CA SER A 82 9.75 9.82 -9.39
C SER A 82 9.66 8.35 -9.86
N PRO A 83 9.05 8.04 -11.03
CA PRO A 83 8.96 6.67 -11.56
C PRO A 83 10.32 5.97 -11.81
N ASN A 84 11.41 6.75 -11.82
CA ASN A 84 12.80 6.30 -11.88
C ASN A 84 13.29 5.54 -10.63
N SER A 85 12.46 5.34 -9.61
CA SER A 85 12.77 4.69 -8.32
C SER A 85 11.52 3.98 -7.74
N GLN A 86 11.68 3.10 -6.74
CA GLN A 86 10.60 2.25 -6.21
C GLN A 86 10.64 2.13 -4.67
N ILE A 87 9.52 1.75 -4.05
CA ILE A 87 9.44 1.47 -2.61
C ILE A 87 10.30 0.24 -2.27
N GLY A 88 11.21 0.38 -1.31
CA GLY A 88 12.04 -0.69 -0.76
C GLY A 88 12.06 -0.69 0.77
N TRP A 89 12.93 -1.49 1.36
CA TRP A 89 13.03 -1.65 2.83
C TRP A 89 14.48 -1.35 3.27
N GLY A 90 14.75 -1.40 4.57
CA GLY A 90 16.09 -1.17 5.14
C GLY A 90 16.42 -2.06 6.33
N ALA A 91 15.68 -3.17 6.48
CA ALA A 91 15.72 -4.12 7.61
C ALA A 91 15.44 -3.51 9.02
N GLY A 92 15.14 -2.21 9.08
CA GLY A 92 14.87 -1.42 10.30
C GLY A 92 13.38 -1.19 10.55
N ASN A 93 12.51 -2.10 10.08
CA ASN A 93 11.06 -2.12 10.31
C ASN A 93 10.30 -0.85 9.87
N VAL A 94 10.81 -0.14 8.86
CA VAL A 94 10.14 0.99 8.17
C VAL A 94 10.42 0.93 6.66
N PRO A 95 9.43 1.15 5.77
CA PRO A 95 9.67 1.17 4.34
C PRO A 95 10.34 2.48 3.91
N VAL A 96 11.09 2.43 2.82
CA VAL A 96 11.90 3.52 2.24
C VAL A 96 11.67 3.62 0.72
N VAL A 97 12.35 4.54 0.03
CA VAL A 97 12.34 4.62 -1.45
C VAL A 97 13.78 4.55 -1.97
N LEU A 98 14.02 3.69 -2.96
CA LEU A 98 15.35 3.30 -3.45
C LEU A 98 15.40 3.18 -5.00
N PRO A 99 16.60 3.25 -5.62
CA PRO A 99 16.82 3.01 -7.05
C PRO A 99 16.27 1.66 -7.61
N PRO A 100 16.08 1.52 -8.94
CA PRO A 100 15.53 0.34 -9.59
C PRO A 100 16.25 -0.97 -9.23
N ASN A 101 15.46 -1.95 -8.78
CA ASN A 101 15.87 -3.26 -8.30
C ASN A 101 14.63 -4.19 -8.29
N ASN A 102 14.61 -5.19 -7.41
CA ASN A 102 13.54 -6.18 -7.23
C ASN A 102 12.93 -6.11 -5.81
N TYR A 103 12.97 -4.95 -5.15
CA TYR A 103 12.23 -4.73 -3.90
C TYR A 103 10.72 -4.87 -4.18
N VAL A 104 10.05 -5.80 -3.51
CA VAL A 104 8.64 -6.19 -3.76
C VAL A 104 7.80 -6.16 -2.49
N TRP A 105 6.47 -6.07 -2.67
CA TRP A 105 5.48 -6.05 -1.59
C TRP A 105 4.24 -6.87 -2.00
N THR A 106 3.62 -7.52 -1.03
CA THR A 106 2.40 -8.32 -1.20
C THR A 106 1.17 -7.47 -0.88
N LEU A 107 0.12 -7.57 -1.70
CA LEU A 107 -1.14 -6.84 -1.51
C LEU A 107 -2.30 -7.84 -1.37
N THR A 108 -3.10 -7.73 -0.31
CA THR A 108 -4.18 -8.69 -0.01
C THR A 108 -5.47 -7.98 0.41
N LEU A 109 -6.63 -8.48 -0.03
CA LEU A 109 -7.96 -7.93 0.31
C LEU A 109 -8.73 -8.92 1.20
N THR A 110 -9.38 -8.39 2.25
CA THR A 110 -10.22 -9.14 3.20
C THR A 110 -11.60 -8.48 3.36
N SER A 111 -12.46 -9.04 4.22
CA SER A 111 -13.82 -8.56 4.52
C SER A 111 -13.91 -7.14 5.12
N GLY A 112 -12.79 -6.50 5.49
CA GLY A 112 -12.74 -5.14 6.06
C GLY A 112 -11.89 -4.13 5.28
N GLY A 113 -10.94 -4.57 4.45
CA GLY A 113 -10.09 -3.68 3.65
C GLY A 113 -8.88 -4.38 3.00
N TYR A 114 -8.06 -3.60 2.28
CA TYR A 114 -6.77 -4.05 1.78
C TYR A 114 -5.73 -4.14 2.92
N ASN A 115 -4.63 -4.84 2.64
CA ASN A 115 -3.48 -5.05 3.50
C ASN A 115 -2.20 -5.01 2.66
N ILE A 116 -1.10 -4.66 3.32
CA ILE A 116 0.20 -4.40 2.69
C ILE A 116 1.28 -5.09 3.54
N GLN A 117 2.02 -6.02 2.94
CA GLN A 117 3.01 -6.86 3.62
C GLN A 117 4.29 -7.00 2.77
N ASP A 118 5.39 -7.43 3.39
CA ASP A 118 6.61 -7.82 2.67
C ASP A 118 6.48 -9.17 1.95
N GLY A 119 7.48 -9.54 1.14
CA GLY A 119 7.49 -10.76 0.33
C GLY A 119 7.54 -12.08 1.12
N LYS A 120 7.83 -12.01 2.44
CA LYS A 120 7.92 -13.15 3.37
C LYS A 120 6.72 -13.28 4.32
N ARG A 121 5.79 -12.31 4.30
CA ARG A 121 4.54 -12.22 5.09
C ARG A 121 4.68 -12.32 6.62
N THR A 122 5.89 -12.17 7.17
CA THR A 122 6.12 -12.26 8.63
C THR A 122 5.59 -11.04 9.40
N VAL A 123 5.29 -9.95 8.69
CA VAL A 123 4.89 -8.63 9.21
C VAL A 123 3.88 -7.94 8.27
N SER A 124 3.33 -6.81 8.70
CA SER A 124 2.37 -5.97 7.96
C SER A 124 2.63 -4.48 8.21
N TRP A 125 2.24 -3.62 7.26
CA TRP A 125 2.38 -2.16 7.38
C TRP A 125 1.36 -1.57 8.35
N SER A 126 1.79 -0.60 9.14
CA SER A 126 0.98 0.03 10.20
C SER A 126 1.32 1.51 10.46
N LEU A 127 0.48 2.18 11.25
CA LEU A 127 0.64 3.55 11.76
C LEU A 127 0.56 3.57 13.30
N ASN A 128 0.94 4.70 13.92
CA ASN A 128 1.15 4.84 15.38
C ASN A 128 0.54 6.12 15.99
N ASN A 129 0.42 7.19 15.20
CA ASN A 129 -0.08 8.51 15.61
C ASN A 129 -1.36 8.90 14.85
N ALA A 130 -1.52 8.39 13.62
CA ALA A 130 -2.69 8.62 12.74
C ALA A 130 -3.02 10.12 12.48
N THR A 131 -1.98 10.96 12.34
CA THR A 131 -2.06 12.44 12.18
C THR A 131 -1.01 12.96 11.19
N ALA A 132 -1.08 14.25 10.83
CA ALA A 132 -0.09 14.89 9.95
C ALA A 132 1.35 14.81 10.50
N GLY A 133 2.34 14.63 9.62
CA GLY A 133 3.76 14.45 9.97
C GLY A 133 4.16 13.01 10.34
N GLU A 134 3.21 12.07 10.32
CA GLU A 134 3.39 10.64 10.59
C GLU A 134 4.28 9.93 9.56
N GLU A 135 4.96 8.87 10.00
CA GLU A 135 5.81 8.01 9.17
C GLU A 135 5.32 6.55 9.25
N VAL A 136 5.08 5.93 8.10
CA VAL A 136 4.59 4.54 8.03
C VAL A 136 5.64 3.55 8.58
N SER A 137 5.14 2.49 9.23
CA SER A 137 5.93 1.51 9.99
C SER A 137 5.54 0.08 9.60
N ILE A 138 6.31 -0.90 10.07
CA ILE A 138 6.14 -2.34 9.79
C ILE A 138 6.30 -3.13 11.09
N GLY A 139 5.45 -4.14 11.30
CA GLY A 139 5.49 -4.99 12.50
C GLY A 139 4.40 -6.06 12.50
N ALA A 140 4.08 -6.59 13.69
CA ALA A 140 2.91 -7.47 13.87
C ALA A 140 1.59 -6.78 13.45
N ASP A 141 0.55 -7.58 13.21
CA ASP A 141 -0.78 -7.09 12.84
C ASP A 141 -1.41 -6.19 13.93
N ALA A 142 -2.35 -5.34 13.50
CA ALA A 142 -3.06 -4.36 14.31
C ALA A 142 -4.57 -4.36 14.01
N THR A 143 -5.38 -3.69 14.84
CA THR A 143 -6.86 -3.74 14.77
C THR A 143 -7.53 -2.47 14.24
N PHE A 144 -6.84 -1.32 14.31
CA PHE A 144 -7.34 -0.01 13.87
C PHE A 144 -6.38 0.77 12.94
N SER A 145 -5.10 0.40 12.86
CA SER A 145 -4.05 1.15 12.15
C SER A 145 -3.22 0.33 11.15
N GLY A 146 -3.53 -0.96 10.98
CA GLY A 146 -2.88 -1.88 10.02
C GLY A 146 -3.75 -2.27 8.83
N ARG A 147 -4.99 -1.76 8.76
CA ARG A 147 -5.88 -1.88 7.59
C ARG A 147 -5.61 -0.74 6.61
N TRP A 148 -5.70 -1.02 5.32
CA TRP A 148 -5.42 -0.08 4.22
C TRP A 148 -6.55 -0.11 3.18
N VAL A 149 -6.55 0.85 2.27
CA VAL A 149 -7.48 0.95 1.14
C VAL A 149 -6.72 1.49 -0.07
N ILE A 150 -7.08 0.99 -1.26
CA ILE A 150 -6.44 1.30 -2.54
C ILE A 150 -7.51 1.63 -3.58
N GLU A 151 -7.23 2.61 -4.42
CA GLU A 151 -8.12 3.07 -5.50
C GLU A 151 -7.33 3.44 -6.76
N LYS A 152 -7.91 3.22 -7.94
CA LYS A 152 -7.29 3.48 -9.25
C LYS A 152 -7.48 4.95 -9.66
N VAL A 153 -6.48 5.53 -10.34
CA VAL A 153 -6.46 6.94 -10.79
C VAL A 153 -6.03 7.14 -12.24
N MET A 1 -20.56 -22.59 21.79
CA MET A 1 -20.39 -22.49 20.31
C MET A 1 -18.96 -22.87 19.93
N GLY A 2 -18.80 -23.81 19.00
CA GLY A 2 -17.48 -24.27 18.53
C GLY A 2 -17.45 -25.63 17.80
N HIS A 3 -18.58 -26.36 17.77
CA HIS A 3 -18.72 -27.68 17.14
C HIS A 3 -18.44 -27.69 15.62
N HIS A 4 -18.54 -26.54 14.96
CA HIS A 4 -18.28 -26.32 13.53
C HIS A 4 -17.81 -24.88 13.27
N HIS A 5 -17.35 -24.61 12.04
CA HIS A 5 -16.94 -23.27 11.58
C HIS A 5 -17.18 -23.10 10.07
N HIS A 6 -17.11 -21.86 9.58
CA HIS A 6 -17.43 -21.47 8.19
C HIS A 6 -16.49 -20.41 7.59
N HIS A 7 -15.41 -20.05 8.29
CA HIS A 7 -14.42 -19.05 7.87
C HIS A 7 -12.99 -19.51 8.25
N HIS A 8 -11.96 -18.73 7.87
CA HIS A 8 -10.51 -18.96 8.12
C HIS A 8 -9.91 -20.24 7.51
N HIS A 9 -10.73 -21.14 6.97
CA HIS A 9 -10.35 -22.41 6.32
C HIS A 9 -11.04 -22.65 4.97
N HIS A 10 -11.90 -21.73 4.53
CA HIS A 10 -12.67 -21.81 3.27
C HIS A 10 -12.92 -20.44 2.60
N SER A 11 -12.99 -19.36 3.38
CA SER A 11 -13.21 -17.97 2.91
C SER A 11 -12.17 -16.98 3.46
N GLY A 12 -11.07 -17.47 4.06
CA GLY A 12 -10.03 -16.67 4.70
C GLY A 12 -8.65 -17.35 4.71
N ASP A 13 -8.35 -18.19 3.72
CA ASP A 13 -7.13 -19.01 3.63
C ASP A 13 -6.47 -18.96 2.23
N SER A 14 -6.94 -18.05 1.36
CA SER A 14 -6.45 -17.87 -0.02
C SER A 14 -6.73 -16.42 -0.49
N PRO A 15 -5.85 -15.79 -1.31
CA PRO A 15 -6.07 -14.45 -1.86
C PRO A 15 -7.40 -14.25 -2.61
N ALA A 16 -7.78 -12.98 -2.74
CA ALA A 16 -9.02 -12.52 -3.37
C ALA A 16 -8.88 -11.23 -4.20
N VAL A 17 -7.68 -10.66 -4.31
CA VAL A 17 -7.40 -9.40 -5.02
C VAL A 17 -7.84 -9.40 -6.50
N THR A 18 -8.05 -8.19 -7.04
CA THR A 18 -8.32 -7.94 -8.47
C THR A 18 -7.41 -6.85 -9.06
N LEU A 19 -6.37 -6.46 -8.32
CA LEU A 19 -5.39 -5.43 -8.71
C LEU A 19 -4.75 -5.75 -10.08
N SER A 20 -4.30 -4.69 -10.74
CA SER A 20 -3.82 -4.73 -12.13
C SER A 20 -2.73 -3.67 -12.36
N ALA A 21 -2.03 -3.76 -13.50
CA ALA A 21 -0.99 -2.80 -13.87
C ALA A 21 -1.60 -1.43 -14.21
N GLY A 22 -1.27 -0.39 -13.42
CA GLY A 22 -1.85 0.95 -13.56
C GLY A 22 -1.46 1.93 -12.46
N ASN A 23 -2.06 3.13 -12.48
CA ASN A 23 -1.88 4.17 -11.47
C ASN A 23 -2.94 4.04 -10.36
N TYR A 24 -2.51 4.18 -9.11
CA TYR A 24 -3.34 4.04 -7.92
C TYR A 24 -2.95 5.05 -6.83
N ILE A 25 -3.77 5.11 -5.78
CA ILE A 25 -3.51 5.83 -4.53
C ILE A 25 -3.77 4.88 -3.35
N ILE A 26 -3.06 5.10 -2.24
CA ILE A 26 -3.05 4.24 -1.06
C ILE A 26 -3.24 5.13 0.17
N TYR A 27 -4.21 4.79 1.02
CA TYR A 27 -4.49 5.49 2.27
C TYR A 27 -4.93 4.54 3.38
N ASN A 28 -4.76 4.93 4.64
CA ASN A 28 -5.14 4.07 5.76
C ASN A 28 -6.67 3.93 5.90
N ARG A 29 -7.13 2.84 6.52
CA ARG A 29 -8.56 2.53 6.73
C ARG A 29 -9.20 3.36 7.87
N VAL A 30 -8.42 4.14 8.60
CA VAL A 30 -8.85 4.91 9.78
C VAL A 30 -8.50 6.39 9.56
N LEU A 31 -9.56 7.19 9.34
CA LEU A 31 -9.49 8.63 9.04
C LEU A 31 -8.76 9.42 10.14
N SER A 32 -8.29 10.62 9.77
CA SER A 32 -7.60 11.56 10.68
C SER A 32 -8.44 11.96 11.91
N PRO A 33 -7.83 12.54 12.97
CA PRO A 33 -8.52 13.15 14.11
C PRO A 33 -9.59 14.22 13.79
N ARG A 34 -9.70 14.65 12.53
CA ARG A 34 -10.67 15.65 12.02
C ARG A 34 -11.61 15.12 10.92
N GLY A 35 -11.45 13.86 10.49
CA GLY A 35 -12.38 13.17 9.61
C GLY A 35 -12.00 13.15 8.13
N GLU A 36 -10.71 13.12 7.80
CA GLU A 36 -10.19 13.16 6.42
C GLU A 36 -9.19 12.03 6.13
N LYS A 37 -9.02 11.65 4.86
CA LYS A 37 -8.10 10.57 4.44
C LYS A 37 -6.64 10.97 4.69
N LEU A 38 -5.82 9.98 5.06
CA LEU A 38 -4.37 10.10 5.24
C LEU A 38 -3.68 9.11 4.29
N ALA A 39 -3.00 9.65 3.28
CA ALA A 39 -2.47 8.91 2.14
C ALA A 39 -0.94 8.85 2.10
N LEU A 40 -0.44 7.77 1.51
CA LEU A 40 0.97 7.51 1.28
C LEU A 40 1.60 8.64 0.45
N THR A 41 2.64 9.28 0.97
CA THR A 41 3.24 10.50 0.39
C THR A 41 4.76 10.38 0.32
N TYR A 42 5.31 10.67 -0.86
CA TYR A 42 6.74 10.65 -1.17
C TYR A 42 7.52 11.66 -0.32
N PRO A 43 8.64 11.28 0.33
CA PRO A 43 9.39 12.15 1.24
C PRO A 43 10.22 13.26 0.54
N GLY A 44 10.27 13.27 -0.79
CA GLY A 44 10.90 14.32 -1.61
C GLY A 44 12.27 13.96 -2.18
N ARG A 45 12.87 12.84 -1.76
CA ARG A 45 14.15 12.31 -2.28
C ARG A 45 14.26 10.79 -2.14
N GLN A 46 15.38 10.24 -2.63
CA GLN A 46 15.79 8.84 -2.41
C GLN A 46 16.43 8.63 -1.01
N ARG A 47 16.58 7.36 -0.60
CA ARG A 47 17.28 6.94 0.64
C ARG A 47 16.69 7.52 1.93
N THR A 48 15.38 7.78 1.93
CA THR A 48 14.59 8.35 3.04
C THR A 48 13.34 7.51 3.32
N PRO A 49 12.81 7.51 4.56
CA PRO A 49 11.59 6.76 4.90
C PRO A 49 10.34 7.38 4.27
N VAL A 50 9.38 6.54 3.88
CA VAL A 50 8.08 6.99 3.34
C VAL A 50 7.26 7.71 4.45
N THR A 51 6.37 8.62 4.06
CA THR A 51 5.58 9.47 4.98
C THR A 51 4.07 9.35 4.68
N VAL A 52 3.21 9.79 5.59
CA VAL A 52 1.75 9.86 5.37
C VAL A 52 1.21 11.26 5.68
N SER A 53 0.30 11.77 4.83
CA SER A 53 -0.24 13.14 4.89
C SER A 53 -1.67 13.21 4.34
N PRO A 54 -2.47 14.25 4.64
CA PRO A 54 -3.81 14.43 4.07
C PRO A 54 -3.86 14.28 2.55
N LEU A 55 -4.81 13.50 2.03
CA LEU A 55 -4.94 13.29 0.59
C LEU A 55 -5.38 14.58 -0.13
N ASP A 56 -4.61 14.95 -1.15
CA ASP A 56 -4.91 16.03 -2.10
C ASP A 56 -4.68 15.61 -3.57
N GLY A 57 -3.96 14.50 -3.81
CA GLY A 57 -3.83 13.88 -5.14
C GLY A 57 -2.68 14.40 -6.00
N SER A 58 -1.72 15.12 -5.40
CA SER A 58 -0.49 15.59 -6.04
C SER A 58 0.37 14.43 -6.57
N SER A 59 1.35 14.75 -7.42
CA SER A 59 2.31 13.78 -7.98
C SER A 59 3.13 13.04 -6.90
N GLU A 60 3.31 13.65 -5.72
CA GLU A 60 3.94 13.06 -4.54
C GLU A 60 3.02 12.06 -3.79
N GLN A 61 1.73 11.99 -4.14
CA GLN A 61 0.71 11.14 -3.51
C GLN A 61 0.06 10.14 -4.49
N ALA A 62 0.23 10.34 -5.79
CA ALA A 62 -0.12 9.36 -6.82
C ALA A 62 1.01 8.34 -6.97
N TRP A 63 0.64 7.07 -7.17
CA TRP A 63 1.57 5.93 -7.29
C TRP A 63 1.18 5.05 -8.48
N ILE A 64 1.99 4.03 -8.76
CA ILE A 64 1.67 2.95 -9.71
C ILE A 64 1.85 1.59 -9.03
N LEU A 65 1.15 0.58 -9.55
CA LEU A 65 1.26 -0.82 -9.16
C LEU A 65 1.63 -1.62 -10.41
N ARG A 66 2.62 -2.51 -10.28
CA ARG A 66 3.14 -3.37 -11.36
C ARG A 66 3.37 -4.78 -10.83
N SER A 67 2.89 -5.79 -11.57
CA SER A 67 3.00 -7.20 -11.18
C SER A 67 4.46 -7.67 -11.15
N TYR A 68 4.79 -8.55 -10.20
CA TYR A 68 6.12 -9.15 -10.07
C TYR A 68 6.07 -10.67 -9.94
N ASP A 69 5.04 -11.24 -9.28
CA ASP A 69 4.83 -12.68 -9.19
C ASP A 69 3.34 -13.05 -9.05
N SER A 70 2.95 -14.27 -9.48
CA SER A 70 1.57 -14.75 -9.55
C SER A 70 1.24 -15.92 -8.61
N ASN A 71 2.24 -16.53 -7.97
CA ASN A 71 2.09 -17.59 -6.95
C ASN A 71 2.33 -17.10 -5.51
N SER A 72 2.87 -15.89 -5.33
CA SER A 72 3.14 -15.23 -4.04
C SER A 72 2.39 -13.89 -3.88
N ASN A 73 1.58 -13.47 -4.87
CA ASN A 73 0.79 -12.23 -4.88
C ASN A 73 1.61 -10.96 -4.52
N THR A 74 2.85 -10.93 -5.02
CA THR A 74 3.81 -9.83 -4.83
C THR A 74 3.93 -8.93 -6.05
N TRP A 75 4.13 -7.65 -5.78
CA TRP A 75 4.10 -6.53 -6.71
C TRP A 75 5.23 -5.55 -6.38
N THR A 76 5.43 -4.57 -7.26
CA THR A 76 6.30 -3.41 -7.01
C THR A 76 5.50 -2.11 -7.13
N ILE A 77 5.92 -1.08 -6.39
CA ILE A 77 5.17 0.17 -6.18
C ILE A 77 6.11 1.36 -6.34
N SER A 78 5.70 2.38 -7.11
CA SER A 78 6.55 3.54 -7.43
C SER A 78 5.75 4.85 -7.42
N PRO A 79 6.34 5.99 -6.99
CA PRO A 79 5.65 7.29 -7.00
C PRO A 79 5.60 7.88 -8.40
N VAL A 80 4.48 8.51 -8.77
CA VAL A 80 4.33 9.21 -10.07
C VAL A 80 5.26 10.42 -10.18
N GLY A 81 5.65 11.03 -9.05
CA GLY A 81 6.65 12.10 -9.00
C GLY A 81 8.09 11.67 -9.28
N SER A 82 8.44 10.39 -9.05
CA SER A 82 9.79 9.82 -9.27
C SER A 82 9.76 8.37 -9.79
N PRO A 83 9.22 8.10 -11.00
CA PRO A 83 9.17 6.75 -11.59
C PRO A 83 10.54 6.06 -11.78
N ASN A 84 11.64 6.81 -11.66
CA ASN A 84 13.03 6.32 -11.59
C ASN A 84 13.37 5.52 -10.31
N SER A 85 12.39 5.33 -9.41
CA SER A 85 12.54 4.66 -8.11
C SER A 85 11.29 3.90 -7.68
N GLN A 86 11.41 3.06 -6.66
CA GLN A 86 10.33 2.23 -6.09
C GLN A 86 10.45 2.10 -4.57
N ILE A 87 9.35 1.73 -3.89
CA ILE A 87 9.33 1.50 -2.44
C ILE A 87 10.18 0.27 -2.08
N GLY A 88 11.07 0.45 -1.13
CA GLY A 88 11.99 -0.57 -0.61
C GLY A 88 12.06 -0.54 0.92
N TRP A 89 13.03 -1.25 1.49
CA TRP A 89 13.19 -1.41 2.94
C TRP A 89 14.66 -1.17 3.33
N GLY A 90 14.96 -1.11 4.63
CA GLY A 90 16.31 -0.89 5.16
C GLY A 90 16.60 -1.70 6.44
N ALA A 91 15.84 -2.79 6.66
CA ALA A 91 15.90 -3.69 7.82
C ALA A 91 15.64 -3.04 9.20
N GLY A 92 15.31 -1.75 9.22
CA GLY A 92 15.04 -0.91 10.40
C GLY A 92 13.55 -0.68 10.66
N ASN A 93 12.69 -1.64 10.27
CA ASN A 93 11.24 -1.65 10.51
C ASN A 93 10.46 -0.42 9.94
N VAL A 94 11.00 0.26 8.93
CA VAL A 94 10.34 1.37 8.20
C VAL A 94 10.63 1.27 6.70
N PRO A 95 9.64 1.43 5.80
CA PRO A 95 9.88 1.41 4.36
C PRO A 95 10.54 2.72 3.91
N VAL A 96 11.27 2.66 2.80
CA VAL A 96 12.05 3.75 2.19
C VAL A 96 11.78 3.81 0.68
N VAL A 97 12.41 4.74 -0.04
CA VAL A 97 12.34 4.79 -1.52
C VAL A 97 13.75 4.72 -2.11
N LEU A 98 13.94 3.83 -3.09
CA LEU A 98 15.25 3.44 -3.65
C LEU A 98 15.15 3.20 -5.17
N PRO A 99 16.27 3.23 -5.93
CA PRO A 99 16.27 2.85 -7.34
C PRO A 99 15.86 1.39 -7.56
N PRO A 100 15.32 1.03 -8.74
CA PRO A 100 14.78 -0.31 -9.01
C PRO A 100 15.85 -1.40 -8.98
N ASN A 101 15.54 -2.51 -8.30
CA ASN A 101 16.37 -3.71 -8.22
C ASN A 101 15.48 -4.96 -8.10
N ASN A 102 15.09 -5.34 -6.87
CA ASN A 102 14.25 -6.52 -6.61
C ASN A 102 13.31 -6.35 -5.39
N TYR A 103 13.16 -5.14 -4.83
CA TYR A 103 12.31 -4.92 -3.64
C TYR A 103 10.84 -5.14 -3.98
N VAL A 104 10.11 -5.94 -3.19
CA VAL A 104 8.70 -6.30 -3.46
C VAL A 104 7.83 -6.24 -2.21
N TRP A 105 6.52 -6.15 -2.41
CA TRP A 105 5.50 -6.10 -1.37
C TRP A 105 4.27 -6.92 -1.79
N THR A 106 3.61 -7.57 -0.82
CA THR A 106 2.37 -8.33 -1.03
C THR A 106 1.16 -7.43 -0.80
N LEU A 107 0.11 -7.60 -1.62
CA LEU A 107 -1.18 -6.90 -1.44
C LEU A 107 -2.29 -7.93 -1.21
N THR A 108 -3.18 -7.71 -0.23
CA THR A 108 -4.25 -8.68 0.11
C THR A 108 -5.58 -7.98 0.37
N LEU A 109 -6.66 -8.50 -0.24
CA LEU A 109 -8.03 -7.96 -0.09
C LEU A 109 -8.76 -8.57 1.13
N THR A 110 -9.67 -7.80 1.73
CA THR A 110 -10.64 -8.26 2.76
C THR A 110 -12.09 -7.88 2.38
N SER A 111 -13.05 -8.27 3.21
CA SER A 111 -14.49 -7.98 3.02
C SER A 111 -14.86 -6.49 2.97
N GLY A 112 -13.93 -5.57 3.27
CA GLY A 112 -14.17 -4.12 3.21
C GLY A 112 -12.90 -3.25 3.25
N GLY A 113 -11.76 -3.75 2.75
CA GLY A 113 -10.48 -3.05 2.77
C GLY A 113 -9.32 -3.85 2.15
N TYR A 114 -8.10 -3.33 2.29
CA TYR A 114 -6.86 -3.93 1.83
C TYR A 114 -5.80 -4.03 2.95
N ASN A 115 -4.80 -4.87 2.72
CA ASN A 115 -3.58 -5.01 3.52
C ASN A 115 -2.34 -4.96 2.63
N ILE A 116 -1.23 -4.57 3.26
CA ILE A 116 0.08 -4.39 2.61
C ILE A 116 1.14 -5.01 3.52
N GLN A 117 1.91 -5.97 2.99
CA GLN A 117 2.88 -6.76 3.76
C GLN A 117 4.20 -6.95 3.00
N ASP A 118 5.24 -7.36 3.72
CA ASP A 118 6.51 -7.83 3.15
C ASP A 118 6.32 -9.08 2.27
N GLY A 119 7.32 -9.43 1.47
CA GLY A 119 7.28 -10.59 0.54
C GLY A 119 7.27 -11.98 1.20
N LYS A 120 7.33 -12.07 2.54
CA LYS A 120 7.35 -13.30 3.34
C LYS A 120 6.19 -13.35 4.36
N ARG A 121 5.38 -12.28 4.44
CA ARG A 121 4.21 -12.07 5.33
C ARG A 121 4.54 -12.20 6.83
N THR A 122 5.79 -12.04 7.24
CA THR A 122 6.18 -12.06 8.66
C THR A 122 5.74 -10.80 9.43
N VAL A 123 5.44 -9.71 8.72
CA VAL A 123 5.05 -8.39 9.25
C VAL A 123 4.01 -7.70 8.34
N SER A 124 3.53 -6.52 8.73
CA SER A 124 2.55 -5.72 7.99
C SER A 124 2.85 -4.23 8.11
N TRP A 125 2.48 -3.43 7.10
CA TRP A 125 2.63 -1.97 7.12
C TRP A 125 1.69 -1.33 8.13
N SER A 126 2.22 -0.41 8.92
CA SER A 126 1.54 0.25 10.03
C SER A 126 1.97 1.71 10.21
N LEU A 127 1.38 2.41 11.20
CA LEU A 127 1.69 3.79 11.54
C LEU A 127 1.82 3.95 13.07
N ASN A 128 2.80 4.74 13.53
CA ASN A 128 3.14 4.87 14.95
C ASN A 128 2.04 5.52 15.80
N ASN A 129 1.27 6.44 15.21
CA ASN A 129 0.14 7.18 15.81
C ASN A 129 -1.10 7.30 14.88
N ALA A 130 -0.99 6.82 13.64
CA ALA A 130 -1.98 7.00 12.57
C ALA A 130 -2.44 8.46 12.32
N THR A 131 -1.51 9.43 12.40
CA THR A 131 -1.79 10.86 12.09
C THR A 131 -0.81 11.45 11.04
N ALA A 132 -1.14 12.63 10.52
CA ALA A 132 -0.38 13.32 9.47
C ALA A 132 1.07 13.65 9.88
N GLY A 133 1.98 13.62 8.90
CA GLY A 133 3.41 13.93 9.05
C GLY A 133 4.25 12.80 9.62
N GLU A 134 3.63 11.70 10.05
CA GLU A 134 4.31 10.53 10.60
C GLU A 134 5.05 9.71 9.52
N GLU A 135 6.20 9.14 9.86
CA GLU A 135 6.91 8.17 9.01
C GLU A 135 6.18 6.82 9.01
N VAL A 136 6.02 6.20 7.83
CA VAL A 136 5.43 4.87 7.70
C VAL A 136 6.27 3.83 8.44
N SER A 137 5.64 2.77 8.95
CA SER A 137 6.26 1.75 9.81
C SER A 137 5.87 0.33 9.38
N ILE A 138 6.57 -0.67 9.91
CA ILE A 138 6.39 -2.11 9.63
C ILE A 138 6.57 -2.90 10.93
N GLY A 139 5.59 -3.75 11.24
CA GLY A 139 5.58 -4.55 12.48
C GLY A 139 4.48 -5.61 12.50
N ALA A 140 4.15 -6.10 13.70
CA ALA A 140 3.02 -7.01 13.91
C ALA A 140 1.66 -6.38 13.48
N ASP A 141 0.67 -7.24 13.25
CA ASP A 141 -0.68 -6.85 12.80
C ASP A 141 -1.42 -5.96 13.82
N ALA A 142 -2.29 -5.08 13.32
CA ALA A 142 -3.05 -4.12 14.12
C ALA A 142 -4.45 -3.83 13.52
N THR A 143 -5.42 -3.53 14.41
CA THR A 143 -6.85 -3.39 14.06
C THR A 143 -7.27 -2.00 13.56
N PHE A 144 -6.55 -0.94 13.97
CA PHE A 144 -6.85 0.46 13.61
C PHE A 144 -5.64 1.26 13.11
N SER A 145 -4.43 0.67 13.13
CA SER A 145 -3.16 1.32 12.73
C SER A 145 -2.35 0.46 11.74
N GLY A 146 -2.92 -0.63 11.22
CA GLY A 146 -2.31 -1.58 10.27
C GLY A 146 -3.30 -2.10 9.22
N ARG A 147 -4.18 -1.22 8.74
CA ARG A 147 -5.24 -1.50 7.75
C ARG A 147 -5.27 -0.38 6.72
N TRP A 148 -5.52 -0.73 5.45
CA TRP A 148 -5.37 0.17 4.30
C TRP A 148 -6.56 0.07 3.34
N VAL A 149 -6.62 1.00 2.38
CA VAL A 149 -7.57 1.05 1.27
C VAL A 149 -6.83 1.58 0.05
N ILE A 150 -7.21 1.11 -1.13
CA ILE A 150 -6.57 1.42 -2.42
C ILE A 150 -7.66 1.80 -3.44
N GLU A 151 -7.35 2.78 -4.28
CA GLU A 151 -8.24 3.27 -5.34
C GLU A 151 -7.44 3.57 -6.62
N LYS A 152 -8.07 3.37 -7.78
CA LYS A 152 -7.45 3.54 -9.10
C LYS A 152 -7.61 4.98 -9.60
N VAL A 153 -6.59 5.52 -10.28
CA VAL A 153 -6.54 6.91 -10.78
C VAL A 153 -6.11 7.05 -12.24
N MET A 1 -24.13 -23.86 -19.58
CA MET A 1 -23.06 -22.91 -19.17
C MET A 1 -22.98 -21.75 -20.16
N GLY A 2 -22.76 -20.53 -19.67
CA GLY A 2 -22.70 -19.31 -20.51
C GLY A 2 -22.78 -17.98 -19.73
N HIS A 3 -23.17 -18.01 -18.45
CA HIS A 3 -23.25 -16.86 -17.55
C HIS A 3 -22.92 -17.27 -16.09
N HIS A 4 -22.82 -16.29 -15.20
CA HIS A 4 -22.60 -16.49 -13.75
C HIS A 4 -23.31 -15.41 -12.92
N HIS A 5 -23.64 -15.73 -11.66
CA HIS A 5 -24.34 -14.85 -10.72
C HIS A 5 -24.04 -15.21 -9.26
N HIS A 6 -24.49 -14.38 -8.32
CA HIS A 6 -24.38 -14.60 -6.86
C HIS A 6 -25.60 -14.03 -6.11
N HIS A 7 -25.78 -14.44 -4.86
CA HIS A 7 -26.93 -14.08 -4.01
C HIS A 7 -26.53 -13.69 -2.57
N HIS A 8 -25.24 -13.71 -2.23
CA HIS A 8 -24.72 -13.43 -0.88
C HIS A 8 -23.59 -12.38 -0.88
N HIS A 9 -23.41 -11.65 -1.98
CA HIS A 9 -22.46 -10.52 -2.06
C HIS A 9 -22.84 -9.36 -1.12
N HIS A 10 -21.86 -8.53 -0.75
CA HIS A 10 -22.01 -7.41 0.18
C HIS A 10 -21.00 -6.27 -0.09
N SER A 11 -21.11 -5.16 0.65
CA SER A 11 -20.35 -3.93 0.43
C SER A 11 -19.63 -3.39 1.69
N GLY A 12 -19.71 -4.13 2.80
CA GLY A 12 -19.07 -3.82 4.08
C GLY A 12 -18.62 -5.04 4.90
N ASP A 13 -18.79 -6.25 4.35
CA ASP A 13 -18.41 -7.54 4.96
C ASP A 13 -17.77 -8.52 3.95
N SER A 14 -17.57 -8.09 2.70
CA SER A 14 -17.00 -8.87 1.59
C SER A 14 -16.36 -7.93 0.55
N PRO A 15 -15.27 -8.34 -0.14
CA PRO A 15 -14.67 -7.57 -1.23
C PRO A 15 -15.62 -7.14 -2.36
N ALA A 16 -15.20 -6.11 -3.09
CA ALA A 16 -15.93 -5.54 -4.23
C ALA A 16 -15.02 -5.01 -5.37
N VAL A 17 -13.70 -5.25 -5.28
CA VAL A 17 -12.66 -4.73 -6.19
C VAL A 17 -11.56 -5.77 -6.43
N THR A 18 -10.62 -5.42 -7.33
CA THR A 18 -9.37 -6.14 -7.58
C THR A 18 -8.27 -5.12 -7.95
N LEU A 19 -7.06 -5.62 -8.23
CA LEU A 19 -5.87 -4.86 -8.65
C LEU A 19 -5.28 -5.41 -9.96
N SER A 20 -4.62 -4.54 -10.71
CA SER A 20 -3.97 -4.80 -12.00
C SER A 20 -2.83 -3.80 -12.26
N ALA A 21 -2.10 -3.96 -13.36
CA ALA A 21 -1.05 -3.04 -13.77
C ALA A 21 -1.62 -1.65 -14.14
N GLY A 22 -1.22 -0.60 -13.42
CA GLY A 22 -1.73 0.77 -13.62
C GLY A 22 -1.33 1.78 -12.54
N ASN A 23 -1.92 2.98 -12.57
CA ASN A 23 -1.75 4.03 -11.55
C ASN A 23 -2.82 3.87 -10.44
N TYR A 24 -2.42 4.03 -9.19
CA TYR A 24 -3.25 3.87 -8.00
C TYR A 24 -2.92 4.92 -6.92
N ILE A 25 -3.80 5.02 -5.92
CA ILE A 25 -3.63 5.79 -4.69
C ILE A 25 -3.88 4.88 -3.48
N ILE A 26 -3.23 5.18 -2.35
CA ILE A 26 -3.22 4.35 -1.14
C ILE A 26 -3.50 5.25 0.06
N TYR A 27 -4.46 4.87 0.89
CA TYR A 27 -4.87 5.60 2.10
C TYR A 27 -5.21 4.67 3.27
N ASN A 28 -5.16 5.20 4.51
CA ASN A 28 -5.34 4.39 5.72
C ASN A 28 -6.82 3.98 5.92
N ARG A 29 -7.06 2.78 6.47
CA ARG A 29 -8.42 2.27 6.78
C ARG A 29 -9.13 2.99 7.95
N VAL A 30 -8.45 3.95 8.59
CA VAL A 30 -8.89 4.68 9.80
C VAL A 30 -9.03 6.20 9.60
N LEU A 31 -8.61 6.73 8.45
CA LEU A 31 -8.51 8.17 8.16
C LEU A 31 -7.76 8.93 9.27
N SER A 32 -8.32 10.00 9.85
CA SER A 32 -7.76 10.68 11.04
C SER A 32 -8.85 11.32 11.92
N PRO A 33 -8.56 11.59 13.22
CA PRO A 33 -9.48 12.31 14.11
C PRO A 33 -9.61 13.81 13.77
N ARG A 34 -8.81 14.33 12.81
CA ARG A 34 -8.88 15.70 12.30
C ARG A 34 -10.11 15.95 11.39
N GLY A 35 -10.85 14.90 11.03
CA GLY A 35 -12.04 14.97 10.18
C GLY A 35 -11.73 14.90 8.68
N GLU A 36 -10.53 14.44 8.31
CA GLU A 36 -10.06 14.36 6.92
C GLU A 36 -9.22 13.08 6.69
N LYS A 37 -9.14 12.63 5.43
CA LYS A 37 -8.38 11.43 5.01
C LYS A 37 -6.87 11.64 5.13
N LEU A 38 -6.11 10.53 5.20
CA LEU A 38 -4.64 10.49 5.14
C LEU A 38 -4.18 9.45 4.12
N ALA A 39 -3.15 9.79 3.34
CA ALA A 39 -2.68 9.02 2.19
C ALA A 39 -1.15 8.86 2.16
N LEU A 40 -0.70 7.79 1.52
CA LEU A 40 0.71 7.46 1.32
C LEU A 40 1.39 8.54 0.47
N THR A 41 2.42 9.18 1.01
CA THR A 41 3.05 10.38 0.43
C THR A 41 4.57 10.22 0.33
N TYR A 42 5.10 10.48 -0.86
CA TYR A 42 6.54 10.46 -1.16
C TYR A 42 7.28 11.47 -0.25
N PRO A 43 8.37 11.09 0.43
CA PRO A 43 9.07 11.97 1.38
C PRO A 43 9.89 13.11 0.72
N GLY A 44 9.91 13.17 -0.62
CA GLY A 44 10.58 14.23 -1.39
C GLY A 44 11.99 13.87 -1.86
N ARG A 45 12.53 12.73 -1.40
CA ARG A 45 13.91 12.26 -1.68
C ARG A 45 14.05 10.74 -1.53
N GLN A 46 15.20 10.24 -1.95
CA GLN A 46 15.61 8.82 -1.87
C GLN A 46 16.31 8.50 -0.52
N ARG A 47 16.56 7.20 -0.26
CA ARG A 47 17.24 6.68 0.95
C ARG A 47 16.63 7.19 2.28
N THR A 48 15.32 7.42 2.24
CA THR A 48 14.52 8.10 3.28
C THR A 48 13.19 7.36 3.48
N PRO A 49 12.67 7.23 4.71
CA PRO A 49 11.42 6.51 4.97
C PRO A 49 10.19 7.22 4.41
N VAL A 50 9.17 6.43 4.02
CA VAL A 50 7.89 6.93 3.50
C VAL A 50 7.07 7.62 4.61
N THR A 51 6.17 8.55 4.25
CA THR A 51 5.40 9.40 5.18
C THR A 51 3.91 9.41 4.78
N VAL A 52 3.02 9.91 5.65
CA VAL A 52 1.59 10.14 5.32
C VAL A 52 1.16 11.57 5.57
N SER A 53 0.24 12.07 4.73
CA SER A 53 -0.26 13.45 4.72
C SER A 53 -1.72 13.47 4.26
N PRO A 54 -2.49 14.57 4.48
CA PRO A 54 -3.85 14.72 3.96
C PRO A 54 -3.97 14.40 2.47
N LEU A 55 -5.01 13.65 2.07
CA LEU A 55 -5.22 13.29 0.67
C LEU A 55 -5.54 14.53 -0.19
N ASP A 56 -4.76 14.69 -1.25
CA ASP A 56 -4.93 15.68 -2.32
C ASP A 56 -4.73 15.04 -3.72
N GLY A 57 -4.03 13.91 -3.81
CA GLY A 57 -3.83 13.16 -5.06
C GLY A 57 -2.81 13.78 -6.01
N SER A 58 -1.85 14.54 -5.47
CA SER A 58 -0.73 15.15 -6.20
C SER A 58 0.22 14.10 -6.81
N SER A 59 1.19 14.57 -7.59
CA SER A 59 2.31 13.75 -8.10
C SER A 59 3.13 13.07 -7.00
N GLU A 60 3.06 13.54 -5.75
CA GLU A 60 3.73 12.96 -4.58
C GLU A 60 2.82 12.01 -3.77
N GLN A 61 1.56 11.82 -4.19
CA GLN A 61 0.58 10.91 -3.56
C GLN A 61 -0.03 9.88 -4.52
N ALA A 62 0.15 10.07 -5.84
CA ALA A 62 -0.17 9.07 -6.84
C ALA A 62 1.02 8.10 -7.01
N TRP A 63 0.72 6.83 -7.27
CA TRP A 63 1.68 5.73 -7.34
C TRP A 63 1.33 4.81 -8.53
N ILE A 64 2.19 3.86 -8.86
CA ILE A 64 1.88 2.79 -9.82
C ILE A 64 2.05 1.42 -9.16
N LEU A 65 1.32 0.43 -9.68
CA LEU A 65 1.41 -0.98 -9.33
C LEU A 65 1.69 -1.76 -10.61
N ARG A 66 2.65 -2.69 -10.56
CA ARG A 66 3.03 -3.56 -11.69
C ARG A 66 3.28 -4.97 -11.18
N SER A 67 2.78 -5.97 -11.92
CA SER A 67 2.89 -7.38 -11.53
C SER A 67 4.35 -7.86 -11.53
N TYR A 68 4.69 -8.74 -10.60
CA TYR A 68 6.00 -9.40 -10.53
C TYR A 68 5.87 -10.93 -10.36
N ASP A 69 4.92 -11.40 -9.54
CA ASP A 69 4.60 -12.83 -9.38
C ASP A 69 3.13 -13.05 -8.95
N SER A 70 2.61 -14.25 -9.19
CA SER A 70 1.26 -14.69 -8.86
C SER A 70 1.23 -15.83 -7.83
N ASN A 71 2.30 -16.61 -7.73
CA ASN A 71 2.50 -17.65 -6.71
C ASN A 71 2.63 -17.07 -5.28
N SER A 72 2.97 -15.78 -5.16
CA SER A 72 3.15 -15.04 -3.90
C SER A 72 2.35 -13.72 -3.84
N ASN A 73 1.53 -13.42 -4.84
CA ASN A 73 0.70 -12.19 -4.96
C ASN A 73 1.49 -10.88 -4.70
N THR A 74 2.75 -10.87 -5.16
CA THR A 74 3.68 -9.74 -5.02
C THR A 74 3.75 -8.87 -6.29
N TRP A 75 3.93 -7.58 -6.03
CA TRP A 75 3.93 -6.51 -7.02
C TRP A 75 5.06 -5.52 -6.70
N THR A 76 5.46 -4.71 -7.68
CA THR A 76 6.37 -3.57 -7.47
C THR A 76 5.54 -2.27 -7.37
N ILE A 77 6.06 -1.27 -6.65
CA ILE A 77 5.36 -0.01 -6.34
C ILE A 77 6.33 1.16 -6.49
N SER A 78 5.92 2.20 -7.24
CA SER A 78 6.76 3.40 -7.50
C SER A 78 5.92 4.68 -7.47
N PRO A 79 6.47 5.83 -7.01
CA PRO A 79 5.76 7.11 -6.99
C PRO A 79 5.70 7.75 -8.38
N VAL A 80 4.60 8.45 -8.69
CA VAL A 80 4.46 9.23 -9.95
C VAL A 80 5.50 10.37 -10.03
N GLY A 81 5.95 10.89 -8.89
CA GLY A 81 6.97 11.95 -8.80
C GLY A 81 8.43 11.48 -8.89
N SER A 82 8.68 10.16 -8.84
CA SER A 82 10.02 9.57 -9.05
C SER A 82 9.97 8.14 -9.62
N PRO A 83 9.39 7.91 -10.83
CA PRO A 83 9.30 6.59 -11.48
C PRO A 83 10.66 5.89 -11.71
N ASN A 84 11.76 6.66 -11.68
CA ASN A 84 13.15 6.17 -11.70
C ASN A 84 13.56 5.36 -10.45
N SER A 85 12.67 5.21 -9.46
CA SER A 85 12.90 4.53 -8.18
C SER A 85 11.61 3.86 -7.68
N GLN A 86 11.68 3.05 -6.62
CA GLN A 86 10.59 2.22 -6.11
C GLN A 86 10.61 2.11 -4.57
N ILE A 87 9.50 1.68 -3.96
CA ILE A 87 9.42 1.44 -2.51
C ILE A 87 10.20 0.16 -2.15
N GLY A 88 11.05 0.25 -1.13
CA GLY A 88 11.84 -0.84 -0.55
C GLY A 88 11.82 -0.84 0.98
N TRP A 89 12.54 -1.76 1.62
CA TRP A 89 12.44 -2.01 3.06
C TRP A 89 13.79 -1.79 3.76
N GLY A 90 13.91 -0.66 4.46
CA GLY A 90 15.15 -0.28 5.13
C GLY A 90 15.47 -1.19 6.32
N ALA A 91 16.76 -1.30 6.62
CA ALA A 91 17.30 -2.12 7.72
C ALA A 91 16.93 -1.62 9.13
N GLY A 92 16.21 -0.51 9.22
CA GLY A 92 15.62 0.07 10.44
C GLY A 92 14.14 -0.29 10.64
N ASN A 93 13.66 -1.39 10.03
CA ASN A 93 12.29 -1.89 10.11
C ASN A 93 11.20 -0.87 9.70
N VAL A 94 11.45 -0.14 8.60
CA VAL A 94 10.54 0.87 8.01
C VAL A 94 10.61 0.81 6.47
N PRO A 95 9.53 1.19 5.74
CA PRO A 95 9.58 1.29 4.29
C PRO A 95 10.30 2.59 3.88
N VAL A 96 11.02 2.54 2.76
CA VAL A 96 11.87 3.61 2.20
C VAL A 96 11.67 3.69 0.69
N VAL A 97 12.27 4.68 0.01
CA VAL A 97 12.29 4.74 -1.46
C VAL A 97 13.74 4.69 -1.96
N LEU A 98 14.00 3.79 -2.92
CA LEU A 98 15.34 3.41 -3.39
C LEU A 98 15.37 3.17 -4.92
N PRO A 99 16.56 3.24 -5.57
CA PRO A 99 16.78 2.82 -6.96
C PRO A 99 16.23 1.41 -7.30
N PRO A 100 15.97 1.11 -8.60
CA PRO A 100 15.36 -0.14 -9.03
C PRO A 100 16.26 -1.36 -8.76
N ASN A 101 15.75 -2.28 -7.93
CA ASN A 101 16.45 -3.48 -7.46
C ASN A 101 15.45 -4.62 -7.15
N ASN A 102 14.29 -4.67 -7.83
CA ASN A 102 13.24 -5.68 -7.67
C ASN A 102 12.70 -5.81 -6.24
N TYR A 103 12.67 -4.72 -5.46
CA TYR A 103 11.94 -4.72 -4.18
C TYR A 103 10.44 -4.97 -4.46
N VAL A 104 9.77 -5.78 -3.64
CA VAL A 104 8.35 -6.14 -3.86
C VAL A 104 7.55 -6.09 -2.56
N TRP A 105 6.23 -6.02 -2.72
CA TRP A 105 5.26 -6.01 -1.63
C TRP A 105 4.03 -6.84 -2.03
N THR A 106 3.46 -7.55 -1.07
CA THR A 106 2.20 -8.30 -1.25
C THR A 106 1.01 -7.37 -1.04
N LEU A 107 -0.01 -7.49 -1.89
CA LEU A 107 -1.29 -6.79 -1.70
C LEU A 107 -2.42 -7.79 -1.48
N THR A 108 -3.11 -7.71 -0.34
CA THR A 108 -4.10 -8.72 0.08
C THR A 108 -5.40 -8.07 0.54
N LEU A 109 -6.53 -8.52 0.00
CA LEU A 109 -7.87 -8.03 0.33
C LEU A 109 -8.34 -8.37 1.76
N THR A 110 -9.31 -7.59 2.23
CA THR A 110 -10.11 -7.82 3.47
C THR A 110 -11.61 -7.65 3.21
N SER A 111 -12.43 -7.84 4.25
CA SER A 111 -13.89 -7.62 4.24
C SER A 111 -14.34 -6.20 3.87
N GLY A 112 -13.44 -5.20 3.81
CA GLY A 112 -13.76 -3.82 3.44
C GLY A 112 -12.55 -2.93 3.13
N GLY A 113 -11.44 -3.52 2.70
CA GLY A 113 -10.16 -2.81 2.50
C GLY A 113 -9.03 -3.73 1.99
N TYR A 114 -7.80 -3.28 2.19
CA TYR A 114 -6.56 -3.94 1.75
C TYR A 114 -5.49 -3.98 2.87
N ASN A 115 -4.51 -4.86 2.68
CA ASN A 115 -3.28 -4.95 3.46
C ASN A 115 -2.05 -4.82 2.54
N ILE A 116 -0.94 -4.43 3.15
CA ILE A 116 0.36 -4.21 2.49
C ILE A 116 1.44 -4.85 3.35
N GLN A 117 2.07 -5.92 2.83
CA GLN A 117 2.98 -6.77 3.58
C GLN A 117 4.25 -7.11 2.79
N ASP A 118 5.31 -7.49 3.48
CA ASP A 118 6.53 -8.01 2.87
C ASP A 118 6.26 -9.30 2.06
N GLY A 119 7.18 -9.68 1.17
CA GLY A 119 7.09 -10.89 0.34
C GLY A 119 7.02 -12.26 1.06
N LYS A 120 7.02 -12.30 2.40
CA LYS A 120 6.87 -13.51 3.25
C LYS A 120 5.71 -13.40 4.26
N ARG A 121 5.01 -12.26 4.30
CA ARG A 121 3.89 -11.92 5.23
C ARG A 121 4.26 -12.06 6.72
N THR A 122 5.54 -12.02 7.08
CA THR A 122 5.97 -12.04 8.50
C THR A 122 5.64 -10.74 9.24
N VAL A 123 5.42 -9.64 8.51
CA VAL A 123 5.09 -8.31 9.03
C VAL A 123 4.09 -7.57 8.12
N SER A 124 3.64 -6.38 8.52
CA SER A 124 2.70 -5.52 7.79
C SER A 124 3.04 -4.03 8.00
N TRP A 125 2.65 -3.17 7.06
CA TRP A 125 2.81 -1.70 7.17
C TRP A 125 1.84 -1.12 8.21
N SER A 126 2.37 -0.41 9.21
CA SER A 126 1.61 0.15 10.33
C SER A 126 2.11 1.54 10.77
N LEU A 127 1.36 2.15 11.68
CA LEU A 127 1.56 3.49 12.27
C LEU A 127 1.40 3.42 13.80
N ASN A 128 1.77 4.49 14.52
CA ASN A 128 1.76 4.55 15.99
C ASN A 128 1.02 5.76 16.57
N ASN A 129 0.80 6.81 15.79
CA ASN A 129 0.11 8.05 16.19
C ASN A 129 -1.18 8.29 15.37
N ALA A 130 -1.33 7.57 14.25
CA ALA A 130 -2.47 7.61 13.33
C ALA A 130 -2.83 9.04 12.81
N THR A 131 -1.81 9.87 12.55
CA THR A 131 -1.94 11.29 12.16
C THR A 131 -0.96 11.71 11.05
N ALA A 132 -1.22 12.86 10.41
CA ALA A 132 -0.35 13.43 9.39
C ALA A 132 1.09 13.72 9.87
N GLY A 133 2.05 13.66 8.95
CA GLY A 133 3.48 13.90 9.20
C GLY A 133 4.22 12.71 9.83
N GLU A 134 3.50 11.66 10.26
CA GLU A 134 4.08 10.43 10.77
C GLU A 134 4.79 9.63 9.65
N GLU A 135 6.01 9.17 9.93
CA GLU A 135 6.74 8.24 9.06
C GLU A 135 6.11 6.83 9.16
N VAL A 136 5.84 6.20 8.02
CA VAL A 136 5.30 4.82 7.94
C VAL A 136 6.27 3.84 8.61
N SER A 137 5.75 2.77 9.21
CA SER A 137 6.52 1.77 9.94
C SER A 137 6.10 0.34 9.56
N ILE A 138 6.82 -0.66 10.07
CA ILE A 138 6.57 -2.09 9.82
C ILE A 138 6.65 -2.87 11.14
N GLY A 139 5.76 -3.85 11.29
CA GLY A 139 5.69 -4.71 12.49
C GLY A 139 4.59 -5.76 12.37
N ALA A 140 4.17 -6.34 13.49
CA ALA A 140 2.98 -7.20 13.55
C ALA A 140 1.71 -6.47 13.05
N ASP A 141 0.72 -7.25 12.61
CA ASP A 141 -0.58 -6.73 12.15
C ASP A 141 -1.36 -5.99 13.24
N ALA A 142 -2.30 -5.16 12.79
CA ALA A 142 -3.22 -4.36 13.61
C ALA A 142 -4.60 -4.25 12.93
N THR A 143 -5.57 -3.60 13.58
CA THR A 143 -6.97 -3.48 13.10
C THR A 143 -7.39 -2.06 12.73
N PHE A 144 -6.80 -1.05 13.37
CA PHE A 144 -7.08 0.38 13.17
C PHE A 144 -5.83 1.22 12.87
N SER A 145 -4.64 0.62 12.87
CA SER A 145 -3.35 1.31 12.69
C SER A 145 -2.37 0.57 11.76
N GLY A 146 -2.81 -0.52 11.12
CA GLY A 146 -1.97 -1.40 10.27
C GLY A 146 -2.74 -2.02 9.10
N ARG A 147 -3.73 -1.28 8.57
CA ARG A 147 -4.58 -1.66 7.43
C ARG A 147 -4.83 -0.45 6.54
N TRP A 148 -5.11 -0.69 5.27
CA TRP A 148 -5.14 0.32 4.21
C TRP A 148 -6.36 0.12 3.28
N VAL A 149 -6.50 1.01 2.31
CA VAL A 149 -7.47 0.96 1.21
C VAL A 149 -6.76 1.51 -0.04
N ILE A 150 -7.10 0.97 -1.20
CA ILE A 150 -6.44 1.28 -2.48
C ILE A 150 -7.51 1.55 -3.54
N GLU A 151 -7.25 2.54 -4.40
CA GLU A 151 -8.13 2.96 -5.49
C GLU A 151 -7.35 3.31 -6.75
N LYS A 152 -8.02 3.16 -7.90
CA LYS A 152 -7.42 3.26 -9.24
C LYS A 152 -7.62 4.67 -9.83
N VAL A 153 -6.61 5.18 -10.53
CA VAL A 153 -6.56 6.54 -11.13
C VAL A 153 -6.01 6.58 -12.57
N MET A 1 -24.08 -33.14 -13.59
CA MET A 1 -24.28 -31.69 -13.83
C MET A 1 -24.05 -30.90 -12.53
N GLY A 2 -23.41 -29.73 -12.62
CA GLY A 2 -23.14 -28.85 -11.47
C GLY A 2 -22.19 -27.69 -11.76
N HIS A 3 -21.33 -27.81 -12.78
CA HIS A 3 -20.40 -26.78 -13.25
C HIS A 3 -20.19 -26.87 -14.78
N HIS A 4 -20.07 -25.72 -15.43
CA HIS A 4 -19.79 -25.59 -16.88
C HIS A 4 -18.97 -24.33 -17.25
N HIS A 5 -18.66 -23.48 -16.25
CA HIS A 5 -18.03 -22.17 -16.41
C HIS A 5 -16.56 -22.25 -16.84
N HIS A 6 -16.02 -21.13 -17.32
CA HIS A 6 -14.61 -20.96 -17.73
C HIS A 6 -13.94 -19.69 -17.14
N HIS A 7 -14.70 -18.93 -16.32
CA HIS A 7 -14.30 -17.64 -15.74
C HIS A 7 -14.65 -17.54 -14.24
N HIS A 8 -15.03 -18.66 -13.62
CA HIS A 8 -15.28 -18.79 -12.18
C HIS A 8 -13.99 -18.60 -11.34
N HIS A 9 -14.17 -18.39 -10.03
CA HIS A 9 -13.07 -18.16 -9.07
C HIS A 9 -13.43 -18.66 -7.66
N HIS A 10 -12.52 -18.52 -6.69
CA HIS A 10 -12.68 -18.98 -5.30
C HIS A 10 -12.12 -17.98 -4.28
N SER A 11 -12.27 -18.28 -2.99
CA SER A 11 -11.97 -17.37 -1.86
C SER A 11 -11.32 -18.05 -0.64
N GLY A 12 -10.94 -19.32 -0.76
CA GLY A 12 -10.34 -20.13 0.32
C GLY A 12 -9.17 -21.04 -0.11
N ASP A 13 -8.74 -20.96 -1.38
CA ASP A 13 -7.63 -21.73 -1.97
C ASP A 13 -6.71 -20.88 -2.88
N SER A 14 -7.08 -19.63 -3.16
CA SER A 14 -6.37 -18.68 -4.04
C SER A 14 -6.60 -17.22 -3.61
N PRO A 15 -5.76 -16.26 -4.08
CA PRO A 15 -5.94 -14.82 -3.88
C PRO A 15 -7.32 -14.26 -4.26
N ALA A 16 -7.64 -13.08 -3.73
CA ALA A 16 -8.90 -12.37 -3.95
C ALA A 16 -8.76 -10.90 -4.41
N VAL A 17 -7.52 -10.44 -4.62
CA VAL A 17 -7.20 -9.10 -5.15
C VAL A 17 -7.75 -8.87 -6.57
N THR A 18 -7.89 -7.61 -6.95
CA THR A 18 -8.23 -7.18 -8.33
C THR A 18 -7.27 -6.12 -8.88
N LEU A 19 -6.19 -5.84 -8.15
CA LEU A 19 -5.11 -4.94 -8.58
C LEU A 19 -4.55 -5.35 -9.95
N SER A 20 -4.02 -4.36 -10.66
CA SER A 20 -3.62 -4.49 -12.06
C SER A 20 -2.46 -3.54 -12.38
N ALA A 21 -1.86 -3.68 -13.55
CA ALA A 21 -0.80 -2.78 -14.02
C ALA A 21 -1.37 -1.38 -14.33
N GLY A 22 -1.06 -0.38 -13.50
CA GLY A 22 -1.69 0.94 -13.59
C GLY A 22 -1.32 1.91 -12.45
N ASN A 23 -1.93 3.09 -12.44
CA ASN A 23 -1.72 4.13 -11.44
C ASN A 23 -2.80 4.04 -10.33
N TYR A 24 -2.38 4.22 -9.08
CA TYR A 24 -3.20 4.07 -7.89
C TYR A 24 -2.83 5.09 -6.79
N ILE A 25 -3.63 5.12 -5.74
CA ILE A 25 -3.39 5.82 -4.47
C ILE A 25 -3.62 4.83 -3.31
N ILE A 26 -2.88 5.02 -2.22
CA ILE A 26 -2.88 4.13 -1.05
C ILE A 26 -3.03 4.97 0.21
N TYR A 27 -4.04 4.66 1.01
CA TYR A 27 -4.34 5.36 2.26
C TYR A 27 -4.81 4.41 3.37
N ASN A 28 -4.61 4.81 4.62
CA ASN A 28 -4.97 3.97 5.77
C ASN A 28 -6.50 3.87 5.91
N ARG A 29 -7.01 2.70 6.33
CA ARG A 29 -8.46 2.45 6.48
C ARG A 29 -9.13 3.28 7.59
N VAL A 30 -8.35 3.88 8.48
CA VAL A 30 -8.82 4.72 9.59
C VAL A 30 -8.35 6.16 9.40
N LEU A 31 -9.32 7.06 9.22
CA LEU A 31 -9.12 8.51 9.07
C LEU A 31 -8.47 9.15 10.33
N SER A 32 -7.94 10.36 10.17
CA SER A 32 -7.37 11.16 11.25
C SER A 32 -8.38 11.48 12.37
N PRO A 33 -7.92 11.86 13.59
CA PRO A 33 -8.79 12.39 14.64
C PRO A 33 -9.42 13.76 14.30
N ARG A 34 -9.10 14.35 13.14
CA ARG A 34 -9.67 15.59 12.60
C ARG A 34 -10.74 15.35 11.52
N GLY A 35 -10.86 14.13 11.00
CA GLY A 35 -11.93 13.71 10.09
C GLY A 35 -11.53 13.60 8.62
N GLU A 36 -10.25 13.34 8.30
CA GLU A 36 -9.73 13.29 6.92
C GLU A 36 -8.85 12.05 6.67
N LYS A 37 -8.80 11.58 5.43
CA LYS A 37 -7.96 10.43 5.02
C LYS A 37 -6.47 10.78 5.08
N LEU A 38 -5.63 9.78 5.34
CA LEU A 38 -4.17 9.89 5.45
C LEU A 38 -3.50 8.90 4.48
N ALA A 39 -2.67 9.41 3.58
CA ALA A 39 -2.14 8.69 2.42
C ALA A 39 -0.61 8.70 2.35
N LEU A 40 -0.05 7.67 1.70
CA LEU A 40 1.39 7.58 1.44
C LEU A 40 1.87 8.72 0.55
N THR A 41 2.89 9.43 1.03
CA THR A 41 3.38 10.70 0.46
C THR A 41 4.91 10.64 0.33
N TYR A 42 5.42 11.09 -0.82
CA TYR A 42 6.85 11.14 -1.12
C TYR A 42 7.58 12.10 -0.14
N PRO A 43 8.71 11.68 0.47
CA PRO A 43 9.40 12.45 1.53
C PRO A 43 10.15 13.69 1.04
N GLY A 44 10.31 13.85 -0.29
CA GLY A 44 10.93 15.02 -0.93
C GLY A 44 12.32 14.76 -1.55
N ARG A 45 12.93 13.60 -1.28
CA ARG A 45 14.18 13.13 -1.92
C ARG A 45 14.27 11.61 -1.97
N GLN A 46 15.32 11.11 -2.63
CA GLN A 46 15.69 9.69 -2.67
C GLN A 46 16.32 9.22 -1.34
N ARG A 47 16.40 7.90 -1.12
CA ARG A 47 17.09 7.25 0.02
C ARG A 47 16.62 7.73 1.41
N THR A 48 15.31 7.98 1.55
CA THR A 48 14.66 8.41 2.81
C THR A 48 13.38 7.60 3.10
N PRO A 49 12.99 7.42 4.37
CA PRO A 49 11.72 6.77 4.75
C PRO A 49 10.49 7.44 4.13
N VAL A 50 9.48 6.65 3.76
CA VAL A 50 8.20 7.15 3.23
C VAL A 50 7.42 7.92 4.32
N THR A 51 6.69 8.97 3.94
CA THR A 51 5.91 9.84 4.86
C THR A 51 4.41 9.65 4.62
N VAL A 52 3.59 10.17 5.53
CA VAL A 52 2.11 10.15 5.46
C VAL A 52 1.57 11.55 5.76
N SER A 53 0.55 11.96 5.00
CA SER A 53 -0.09 13.28 5.08
C SER A 53 -1.56 13.21 4.64
N PRO A 54 -2.39 14.23 4.91
CA PRO A 54 -3.77 14.32 4.41
C PRO A 54 -3.87 14.03 2.91
N LEU A 55 -4.86 13.24 2.51
CA LEU A 55 -5.10 12.89 1.10
C LEU A 55 -5.50 14.13 0.29
N ASP A 56 -4.74 14.38 -0.78
CA ASP A 56 -4.99 15.41 -1.81
C ASP A 56 -4.81 14.84 -3.24
N GLY A 57 -4.03 13.75 -3.39
CA GLY A 57 -3.84 13.05 -4.67
C GLY A 57 -2.90 13.77 -5.64
N SER A 58 -1.97 14.56 -5.11
CA SER A 58 -0.94 15.28 -5.86
C SER A 58 0.06 14.33 -6.55
N SER A 59 0.96 14.89 -7.35
CA SER A 59 2.11 14.20 -7.95
C SER A 59 3.04 13.53 -6.92
N GLU A 60 2.98 13.95 -5.65
CA GLU A 60 3.75 13.38 -4.53
C GLU A 60 2.94 12.35 -3.70
N GLN A 61 1.68 12.08 -4.07
CA GLN A 61 0.80 11.08 -3.44
C GLN A 61 0.22 10.05 -4.41
N ALA A 62 0.41 10.23 -5.72
CA ALA A 62 0.08 9.24 -6.73
C ALA A 62 1.22 8.21 -6.88
N TRP A 63 0.85 6.94 -7.06
CA TRP A 63 1.76 5.80 -7.18
C TRP A 63 1.35 4.91 -8.38
N ILE A 64 2.13 3.88 -8.68
CA ILE A 64 1.78 2.82 -9.65
C ILE A 64 1.99 1.44 -9.03
N LEU A 65 1.22 0.47 -9.53
CA LEU A 65 1.33 -0.97 -9.25
C LEU A 65 1.78 -1.66 -10.53
N ARG A 66 2.74 -2.58 -10.39
CA ARG A 66 3.26 -3.43 -11.48
C ARG A 66 3.44 -4.86 -10.95
N SER A 67 2.92 -5.84 -11.69
CA SER A 67 2.98 -7.26 -11.31
C SER A 67 4.41 -7.78 -11.31
N TYR A 68 4.71 -8.70 -10.39
CA TYR A 68 5.99 -9.44 -10.36
C TYR A 68 5.80 -10.96 -10.29
N ASP A 69 4.75 -11.45 -9.61
CA ASP A 69 4.43 -12.89 -9.54
C ASP A 69 2.92 -13.15 -9.38
N SER A 70 2.47 -14.35 -9.79
CA SER A 70 1.05 -14.74 -9.83
C SER A 70 0.69 -15.94 -8.93
N ASN A 71 1.68 -16.61 -8.34
CA ASN A 71 1.50 -17.71 -7.37
C ASN A 71 1.85 -17.31 -5.92
N SER A 72 2.50 -16.16 -5.72
CA SER A 72 2.86 -15.58 -4.42
C SER A 72 2.22 -14.19 -4.17
N ASN A 73 1.40 -13.69 -5.12
CA ASN A 73 0.67 -12.41 -5.04
C ASN A 73 1.56 -11.21 -4.65
N THR A 74 2.76 -11.17 -5.25
CA THR A 74 3.77 -10.11 -5.07
C THR A 74 3.86 -9.16 -6.27
N TRP A 75 4.13 -7.91 -5.94
CA TRP A 75 4.08 -6.74 -6.83
C TRP A 75 5.21 -5.77 -6.48
N THR A 76 5.43 -4.77 -7.34
CA THR A 76 6.31 -3.62 -7.07
C THR A 76 5.51 -2.31 -7.14
N ILE A 77 6.00 -1.30 -6.41
CA ILE A 77 5.30 -0.03 -6.18
C ILE A 77 6.30 1.13 -6.33
N SER A 78 5.93 2.17 -7.07
CA SER A 78 6.76 3.38 -7.25
C SER A 78 5.92 4.67 -7.37
N PRO A 79 6.46 5.84 -7.00
CA PRO A 79 5.72 7.11 -7.04
C PRO A 79 5.68 7.66 -8.47
N VAL A 80 4.55 8.27 -8.86
CA VAL A 80 4.39 8.92 -10.18
C VAL A 80 5.36 10.11 -10.35
N GLY A 81 5.77 10.75 -9.24
CA GLY A 81 6.77 11.83 -9.23
C GLY A 81 8.23 11.37 -9.36
N SER A 82 8.55 10.08 -9.14
CA SER A 82 9.89 9.49 -9.34
C SER A 82 9.84 8.00 -9.77
N PRO A 83 9.33 7.67 -10.99
CA PRO A 83 9.33 6.30 -11.53
C PRO A 83 10.72 5.65 -11.65
N ASN A 84 11.78 6.43 -11.55
CA ASN A 84 13.19 6.00 -11.48
C ASN A 84 13.57 5.26 -10.18
N SER A 85 12.64 5.11 -9.24
CA SER A 85 12.82 4.46 -7.92
C SER A 85 11.58 3.64 -7.53
N GLN A 86 11.64 2.95 -6.39
CA GLN A 86 10.70 1.92 -5.95
C GLN A 86 10.68 1.85 -4.40
N ILE A 87 9.56 1.45 -3.80
CA ILE A 87 9.49 1.23 -2.34
C ILE A 87 10.21 -0.08 -1.97
N GLY A 88 11.10 -0.02 -0.98
CA GLY A 88 11.80 -1.17 -0.40
C GLY A 88 12.00 -1.02 1.11
N TRP A 89 12.55 -2.05 1.76
CA TRP A 89 12.90 -1.96 3.20
C TRP A 89 14.11 -1.03 3.40
N GLY A 90 14.40 -0.65 4.65
CA GLY A 90 15.55 0.18 5.02
C GLY A 90 16.36 -0.36 6.22
N ALA A 91 16.21 -1.65 6.54
CA ALA A 91 16.80 -2.36 7.70
C ALA A 91 16.50 -1.79 9.11
N GLY A 92 15.72 -0.72 9.19
CA GLY A 92 15.23 -0.07 10.42
C GLY A 92 13.72 -0.27 10.65
N ASN A 93 13.16 -1.35 10.09
CA ASN A 93 11.73 -1.70 10.10
C ASN A 93 10.79 -0.57 9.61
N VAL A 94 11.21 0.15 8.58
CA VAL A 94 10.42 1.17 7.86
C VAL A 94 10.61 1.03 6.34
N PRO A 95 9.63 1.42 5.50
CA PRO A 95 9.81 1.48 4.05
C PRO A 95 10.58 2.74 3.65
N VAL A 96 11.43 2.62 2.63
CA VAL A 96 12.37 3.63 2.11
C VAL A 96 12.31 3.62 0.57
N VAL A 97 12.33 4.80 -0.05
CA VAL A 97 12.38 4.90 -1.53
C VAL A 97 13.82 4.71 -2.03
N LEU A 98 14.03 3.74 -2.93
CA LEU A 98 15.34 3.28 -3.41
C LEU A 98 15.33 2.97 -4.92
N PRO A 99 16.48 2.90 -5.61
CA PRO A 99 16.56 2.43 -7.00
C PRO A 99 15.89 1.06 -7.25
N PRO A 100 15.41 0.77 -8.47
CA PRO A 100 14.67 -0.46 -8.78
C PRO A 100 15.57 -1.70 -8.68
N ASN A 101 15.22 -2.61 -7.77
CA ASN A 101 15.95 -3.84 -7.46
C ASN A 101 14.99 -4.96 -7.02
N ASN A 102 13.78 -5.01 -7.60
CA ASN A 102 12.64 -5.86 -7.24
C ASN A 102 12.46 -6.05 -5.72
N TYR A 103 12.39 -4.94 -4.98
CA TYR A 103 12.00 -4.88 -3.57
C TYR A 103 10.50 -5.17 -3.39
N VAL A 104 10.04 -6.35 -3.80
CA VAL A 104 8.62 -6.72 -3.87
C VAL A 104 7.89 -6.69 -2.52
N TRP A 105 6.58 -6.48 -2.60
CA TRP A 105 5.65 -6.54 -1.47
C TRP A 105 4.40 -7.36 -1.85
N THR A 106 3.73 -7.93 -0.86
CA THR A 106 2.53 -8.75 -1.00
C THR A 106 1.30 -7.89 -0.70
N LEU A 107 0.24 -8.02 -1.50
CA LEU A 107 -1.02 -7.29 -1.31
C LEU A 107 -2.17 -8.28 -1.06
N THR A 108 -3.10 -7.96 -0.15
CA THR A 108 -4.22 -8.88 0.16
C THR A 108 -5.54 -8.12 0.31
N LEU A 109 -6.59 -8.63 -0.35
CA LEU A 109 -7.94 -8.08 -0.33
C LEU A 109 -8.81 -8.77 0.75
N THR A 110 -9.72 -8.00 1.34
CA THR A 110 -10.70 -8.44 2.35
C THR A 110 -12.11 -7.91 2.04
N SER A 111 -13.13 -8.37 2.79
CA SER A 111 -14.55 -8.03 2.60
C SER A 111 -14.91 -6.53 2.71
N GLY A 112 -13.96 -5.65 3.04
CA GLY A 112 -14.14 -4.20 3.08
C GLY A 112 -12.84 -3.38 3.11
N GLY A 113 -11.73 -3.87 2.56
CA GLY A 113 -10.44 -3.17 2.57
C GLY A 113 -9.27 -3.98 2.00
N TYR A 114 -8.06 -3.40 2.05
CA TYR A 114 -6.80 -4.02 1.62
C TYR A 114 -5.77 -4.13 2.75
N ASN A 115 -4.74 -4.94 2.54
CA ASN A 115 -3.57 -5.09 3.40
C ASN A 115 -2.28 -5.10 2.57
N ILE A 116 -1.17 -4.74 3.22
CA ILE A 116 0.16 -4.59 2.60
C ILE A 116 1.20 -5.23 3.52
N GLN A 117 1.95 -6.21 2.99
CA GLN A 117 2.85 -7.07 3.77
C GLN A 117 4.17 -7.35 3.03
N ASP A 118 5.16 -7.82 3.78
CA ASP A 118 6.44 -8.31 3.25
C ASP A 118 6.27 -9.55 2.34
N GLY A 119 7.24 -9.76 1.45
CA GLY A 119 7.29 -10.91 0.53
C GLY A 119 7.34 -12.31 1.16
N LYS A 120 7.37 -12.42 2.50
CA LYS A 120 7.41 -13.69 3.26
C LYS A 120 6.22 -13.85 4.21
N ARG A 121 5.28 -12.88 4.27
CA ARG A 121 4.12 -12.84 5.16
C ARG A 121 4.51 -13.08 6.64
N THR A 122 5.24 -12.11 7.19
CA THR A 122 5.70 -12.09 8.60
C THR A 122 5.39 -10.78 9.34
N VAL A 123 5.14 -9.68 8.61
CA VAL A 123 4.84 -8.33 9.12
C VAL A 123 3.85 -7.60 8.20
N SER A 124 3.41 -6.39 8.58
CA SER A 124 2.55 -5.51 7.78
C SER A 124 2.92 -4.04 7.98
N TRP A 125 2.64 -3.19 6.98
CA TRP A 125 2.83 -1.74 7.09
C TRP A 125 1.82 -1.12 8.07
N SER A 126 2.28 -0.21 8.92
CA SER A 126 1.50 0.35 10.03
C SER A 126 1.82 1.82 10.36
N LEU A 127 1.00 2.43 11.21
CA LEU A 127 1.08 3.82 11.69
C LEU A 127 1.22 3.86 13.23
N ASN A 128 1.52 5.04 13.79
CA ASN A 128 1.86 5.24 15.21
C ASN A 128 1.25 6.49 15.85
N ASN A 129 0.93 7.51 15.06
CA ASN A 129 0.38 8.80 15.46
C ASN A 129 -0.97 9.09 14.79
N ALA A 130 -1.22 8.48 13.62
CA ALA A 130 -2.46 8.59 12.84
C ALA A 130 -2.91 10.05 12.57
N THR A 131 -1.95 10.92 12.23
CA THR A 131 -2.13 12.37 11.99
C THR A 131 -1.31 12.87 10.79
N ALA A 132 -1.39 14.16 10.43
CA ALA A 132 -0.52 14.77 9.42
C ALA A 132 0.96 14.79 9.86
N GLY A 133 1.89 14.67 8.91
CA GLY A 133 3.34 14.63 9.17
C GLY A 133 3.85 13.30 9.74
N GLU A 134 2.99 12.27 9.75
CA GLU A 134 3.27 10.89 10.17
C GLU A 134 4.33 10.20 9.29
N GLU A 135 4.94 9.15 9.81
CA GLU A 135 5.90 8.30 9.08
C GLU A 135 5.48 6.83 9.19
N VAL A 136 5.11 6.23 8.05
CA VAL A 136 4.73 4.81 7.97
C VAL A 136 5.87 3.89 8.44
N SER A 137 5.51 2.78 9.06
CA SER A 137 6.40 1.82 9.73
C SER A 137 6.00 0.38 9.37
N ILE A 138 6.73 -0.62 9.88
CA ILE A 138 6.50 -2.04 9.62
C ILE A 138 6.64 -2.84 10.92
N GLY A 139 5.71 -3.75 11.17
CA GLY A 139 5.68 -4.58 12.38
C GLY A 139 4.56 -5.61 12.36
N ALA A 140 4.21 -6.16 13.54
CA ALA A 140 3.05 -7.03 13.70
C ALA A 140 1.72 -6.36 13.28
N ASP A 141 0.69 -7.16 13.01
CA ASP A 141 -0.65 -6.71 12.62
C ASP A 141 -1.33 -5.84 13.69
N ALA A 142 -2.27 -5.00 13.25
CA ALA A 142 -3.05 -4.08 14.09
C ALA A 142 -4.49 -3.89 13.57
N THR A 143 -5.41 -3.55 14.50
CA THR A 143 -6.86 -3.48 14.23
C THR A 143 -7.37 -2.13 13.70
N PHE A 144 -6.63 -1.04 13.95
CA PHE A 144 -6.98 0.33 13.54
C PHE A 144 -5.80 1.17 12.99
N SER A 145 -4.59 0.62 13.00
CA SER A 145 -3.34 1.29 12.56
C SER A 145 -2.50 0.46 11.58
N GLY A 146 -3.03 -0.66 11.07
CA GLY A 146 -2.29 -1.63 10.23
C GLY A 146 -3.15 -2.30 9.16
N ARG A 147 -4.11 -1.53 8.59
CA ARG A 147 -5.00 -1.93 7.50
C ARG A 147 -5.20 -0.74 6.56
N TRP A 148 -5.38 -1.01 5.27
CA TRP A 148 -5.31 0.00 4.21
C TRP A 148 -6.49 -0.06 3.24
N VAL A 149 -6.54 0.90 2.32
CA VAL A 149 -7.47 0.96 1.18
C VAL A 149 -6.68 1.47 -0.03
N ILE A 150 -7.02 0.94 -1.20
CA ILE A 150 -6.36 1.25 -2.48
C ILE A 150 -7.43 1.61 -3.51
N GLU A 151 -7.15 2.63 -4.30
CA GLU A 151 -8.04 3.12 -5.37
C GLU A 151 -7.24 3.51 -6.61
N LYS A 152 -7.91 3.42 -7.77
CA LYS A 152 -7.30 3.56 -9.10
C LYS A 152 -7.45 5.00 -9.61
N VAL A 153 -6.42 5.52 -10.28
CA VAL A 153 -6.34 6.92 -10.79
C VAL A 153 -5.87 7.05 -12.25
N MET A 1 -11.73 -19.05 -36.85
CA MET A 1 -10.92 -20.29 -36.94
C MET A 1 -9.99 -20.43 -35.72
N GLY A 2 -9.95 -21.61 -35.11
CA GLY A 2 -9.09 -21.92 -33.95
C GLY A 2 -9.27 -23.35 -33.43
N HIS A 3 -8.48 -23.72 -32.43
CA HIS A 3 -8.46 -25.06 -31.81
C HIS A 3 -8.00 -25.01 -30.35
N HIS A 4 -8.10 -26.15 -29.65
CA HIS A 4 -7.61 -26.36 -28.27
C HIS A 4 -7.07 -27.78 -28.11
N HIS A 5 -5.95 -27.91 -27.39
CA HIS A 5 -5.34 -29.19 -27.01
C HIS A 5 -4.50 -29.10 -25.72
N HIS A 6 -3.86 -27.96 -25.47
CA HIS A 6 -2.97 -27.73 -24.31
C HIS A 6 -3.07 -26.30 -23.72
N HIS A 7 -3.90 -25.44 -24.30
CA HIS A 7 -4.06 -24.02 -23.96
C HIS A 7 -4.65 -23.81 -22.55
N HIS A 8 -4.47 -22.60 -22.00
CA HIS A 8 -4.89 -22.23 -20.65
C HIS A 8 -5.25 -20.74 -20.53
N HIS A 9 -5.87 -20.36 -19.40
CA HIS A 9 -6.28 -18.98 -19.07
C HIS A 9 -6.09 -18.65 -17.57
N HIS A 10 -5.35 -19.49 -16.83
CA HIS A 10 -5.15 -19.38 -15.39
C HIS A 10 -3.80 -20.00 -14.94
N SER A 11 -3.44 -19.82 -13.67
CA SER A 11 -2.13 -20.16 -13.10
C SER A 11 -2.21 -20.90 -11.75
N GLY A 12 -3.39 -21.32 -11.33
CA GLY A 12 -3.65 -21.97 -10.04
C GLY A 12 -3.83 -20.99 -8.87
N ASP A 13 -3.68 -19.69 -9.11
CA ASP A 13 -3.85 -18.58 -8.17
C ASP A 13 -4.23 -17.28 -8.90
N SER A 14 -4.63 -16.24 -8.14
CA SER A 14 -5.15 -14.97 -8.66
C SER A 14 -4.81 -13.81 -7.70
N PRO A 15 -4.68 -12.54 -8.18
CA PRO A 15 -4.59 -11.35 -7.33
C PRO A 15 -5.69 -11.22 -6.25
N ALA A 16 -5.48 -10.28 -5.33
CA ALA A 16 -6.33 -10.04 -4.16
C ALA A 16 -7.83 -9.90 -4.46
N VAL A 17 -8.16 -9.27 -5.60
CA VAL A 17 -9.51 -9.20 -6.20
C VAL A 17 -9.40 -9.28 -7.73
N THR A 18 -8.66 -8.33 -8.30
CA THR A 18 -8.58 -8.09 -9.76
C THR A 18 -7.45 -7.09 -10.10
N LEU A 19 -6.49 -6.90 -9.18
CA LEU A 19 -5.38 -5.95 -9.32
C LEU A 19 -4.62 -6.14 -10.63
N SER A 20 -4.16 -5.03 -11.20
CA SER A 20 -3.53 -4.95 -12.52
C SER A 20 -2.53 -3.80 -12.59
N ALA A 21 -1.67 -3.79 -13.61
CA ALA A 21 -0.68 -2.73 -13.83
C ALA A 21 -1.38 -1.39 -14.15
N GLY A 22 -1.10 -0.35 -13.35
CA GLY A 22 -1.75 0.96 -13.48
C GLY A 22 -1.39 1.96 -12.38
N ASN A 23 -2.03 3.13 -12.39
CA ASN A 23 -1.87 4.18 -11.39
C ASN A 23 -2.93 4.02 -10.29
N TYR A 24 -2.51 4.16 -9.03
CA TYR A 24 -3.34 3.99 -7.83
C TYR A 24 -2.99 5.01 -6.75
N ILE A 25 -3.83 5.08 -5.72
CA ILE A 25 -3.62 5.81 -4.47
C ILE A 25 -3.85 4.86 -3.30
N ILE A 26 -3.15 5.09 -2.19
CA ILE A 26 -3.11 4.21 -1.02
C ILE A 26 -3.28 5.08 0.23
N TYR A 27 -4.24 4.72 1.08
CA TYR A 27 -4.56 5.45 2.31
C TYR A 27 -4.94 4.52 3.46
N ASN A 28 -4.66 4.94 4.69
CA ASN A 28 -4.78 4.08 5.87
C ASN A 28 -6.26 3.93 6.31
N ARG A 29 -6.62 2.77 6.87
CA ARG A 29 -7.98 2.37 7.26
C ARG A 29 -8.63 3.21 8.40
N VAL A 30 -7.95 4.25 8.88
CA VAL A 30 -8.33 5.08 10.03
C VAL A 30 -8.61 6.56 9.67
N LEU A 31 -8.41 6.97 8.41
CA LEU A 31 -8.48 8.38 7.96
C LEU A 31 -7.56 9.29 8.79
N SER A 32 -7.89 10.59 8.93
CA SER A 32 -7.17 11.54 9.79
C SER A 32 -8.16 12.36 10.66
N PRO A 33 -7.72 12.91 11.80
CA PRO A 33 -8.56 13.76 12.65
C PRO A 33 -8.91 15.12 12.01
N ARG A 34 -8.28 15.49 10.89
CA ARG A 34 -8.65 16.63 10.05
C ARG A 34 -10.06 16.49 9.42
N GLY A 35 -10.50 15.24 9.21
CA GLY A 35 -11.80 14.91 8.60
C GLY A 35 -11.69 14.39 7.16
N GLU A 36 -10.51 13.93 6.75
CA GLU A 36 -10.18 13.49 5.38
C GLU A 36 -9.32 12.21 5.40
N LYS A 37 -9.27 11.48 4.27
CA LYS A 37 -8.38 10.32 4.07
C LYS A 37 -6.90 10.68 4.32
N LEU A 38 -6.12 9.70 4.78
CA LEU A 38 -4.71 9.86 5.17
C LEU A 38 -3.85 8.98 4.26
N ALA A 39 -3.21 9.59 3.26
CA ALA A 39 -2.56 8.88 2.16
C ALA A 39 -1.03 8.87 2.21
N LEU A 40 -0.44 7.86 1.58
CA LEU A 40 1.01 7.78 1.35
C LEU A 40 1.50 8.97 0.52
N THR A 41 2.58 9.58 0.98
CA THR A 41 3.18 10.78 0.40
C THR A 41 4.70 10.59 0.27
N TYR A 42 5.22 10.85 -0.93
CA TYR A 42 6.65 10.70 -1.27
C TYR A 42 7.52 11.68 -0.45
N PRO A 43 8.62 11.21 0.17
CA PRO A 43 9.47 12.06 1.03
C PRO A 43 10.35 13.07 0.28
N GLY A 44 10.45 12.98 -1.05
CA GLY A 44 11.20 13.93 -1.89
C GLY A 44 12.64 13.51 -2.21
N ARG A 45 13.16 12.43 -1.58
CA ARG A 45 14.56 11.99 -1.67
C ARG A 45 14.75 10.49 -1.42
N GLN A 46 15.95 9.99 -1.73
CA GLN A 46 16.42 8.61 -1.51
C GLN A 46 16.70 8.31 -0.03
N ARG A 47 16.83 7.02 0.31
CA ARG A 47 17.30 6.51 1.63
C ARG A 47 16.54 7.09 2.83
N THR A 48 15.27 7.42 2.62
CA THR A 48 14.39 8.18 3.52
C THR A 48 13.02 7.50 3.56
N PRO A 49 12.38 7.38 4.74
CA PRO A 49 11.13 6.64 4.89
C PRO A 49 9.93 7.33 4.23
N VAL A 50 8.94 6.54 3.79
CA VAL A 50 7.65 7.04 3.31
C VAL A 50 6.90 7.75 4.44
N THR A 51 6.10 8.76 4.12
CA THR A 51 5.39 9.62 5.11
C THR A 51 3.90 9.68 4.76
N VAL A 52 3.03 10.12 5.68
CA VAL A 52 1.58 10.29 5.41
C VAL A 52 1.08 11.72 5.65
N SER A 53 0.11 12.12 4.82
CA SER A 53 -0.49 13.46 4.78
C SER A 53 -1.94 13.37 4.27
N PRO A 54 -2.86 14.30 4.64
CA PRO A 54 -4.24 14.29 4.15
C PRO A 54 -4.31 14.25 2.61
N LEU A 55 -5.18 13.40 2.07
CA LEU A 55 -5.32 13.19 0.63
C LEU A 55 -5.84 14.45 -0.08
N ASP A 56 -5.10 14.89 -1.10
CA ASP A 56 -5.46 15.95 -2.04
C ASP A 56 -5.23 15.54 -3.51
N GLY A 57 -4.46 14.46 -3.76
CA GLY A 57 -4.29 13.87 -5.09
C GLY A 57 -3.10 14.45 -5.88
N SER A 58 -2.17 15.14 -5.21
CA SER A 58 -0.94 15.68 -5.78
C SER A 58 -0.04 14.60 -6.39
N SER A 59 0.89 15.01 -7.25
CA SER A 59 1.89 14.11 -7.88
C SER A 59 2.79 13.37 -6.87
N GLU A 60 2.93 13.91 -5.65
CA GLU A 60 3.63 13.29 -4.52
C GLU A 60 2.77 12.26 -3.75
N GLN A 61 1.47 12.19 -4.02
CA GLN A 61 0.49 11.29 -3.37
C GLN A 61 -0.10 10.25 -4.35
N ALA A 62 0.07 10.43 -5.66
CA ALA A 62 -0.26 9.44 -6.67
C ALA A 62 0.89 8.42 -6.84
N TRP A 63 0.55 7.15 -7.03
CA TRP A 63 1.49 6.03 -7.14
C TRP A 63 1.13 5.14 -8.34
N ILE A 64 1.97 4.15 -8.63
CA ILE A 64 1.71 3.08 -9.60
C ILE A 64 1.95 1.71 -8.96
N LEU A 65 1.29 0.69 -9.48
CA LEU A 65 1.43 -0.71 -9.11
C LEU A 65 1.85 -1.48 -10.37
N ARG A 66 2.86 -2.33 -10.24
CA ARG A 66 3.42 -3.15 -11.33
C ARG A 66 3.64 -4.59 -10.85
N SER A 67 3.16 -5.55 -11.63
CA SER A 67 3.21 -6.98 -11.28
C SER A 67 4.65 -7.50 -11.24
N TYR A 68 4.94 -8.40 -10.28
CA TYR A 68 6.18 -9.16 -10.22
C TYR A 68 5.93 -10.68 -10.20
N ASP A 69 4.84 -11.14 -9.58
CA ASP A 69 4.44 -12.55 -9.56
C ASP A 69 2.91 -12.72 -9.53
N SER A 70 2.43 -13.94 -9.80
CA SER A 70 1.03 -14.32 -9.96
C SER A 70 0.58 -15.50 -9.09
N ASN A 71 1.53 -16.30 -8.60
CA ASN A 71 1.34 -17.37 -7.61
C ASN A 71 1.74 -16.96 -6.17
N SER A 72 2.34 -15.78 -6.00
CA SER A 72 2.70 -15.17 -4.70
C SER A 72 2.05 -13.81 -4.45
N ASN A 73 1.22 -13.30 -5.38
CA ASN A 73 0.50 -12.01 -5.29
C ASN A 73 1.40 -10.82 -4.88
N THR A 74 2.63 -10.81 -5.41
CA THR A 74 3.67 -9.79 -5.17
C THR A 74 3.84 -8.83 -6.33
N TRP A 75 4.13 -7.59 -5.97
CA TRP A 75 4.15 -6.40 -6.82
C TRP A 75 5.28 -5.45 -6.41
N THR A 76 5.54 -4.44 -7.22
CA THR A 76 6.42 -3.30 -6.89
C THR A 76 5.65 -1.98 -6.99
N ILE A 77 6.11 -0.95 -6.28
CA ILE A 77 5.38 0.31 -6.06
C ILE A 77 6.32 1.52 -6.24
N SER A 78 5.87 2.50 -7.01
CA SER A 78 6.61 3.75 -7.30
C SER A 78 5.67 4.97 -7.28
N PRO A 79 6.17 6.18 -6.97
CA PRO A 79 5.38 7.41 -7.07
C PRO A 79 5.25 7.87 -8.53
N VAL A 80 4.17 8.56 -8.88
CA VAL A 80 3.97 9.15 -10.22
C VAL A 80 4.95 10.31 -10.49
N GLY A 81 5.38 11.03 -9.45
CA GLY A 81 6.35 12.13 -9.57
C GLY A 81 7.81 11.68 -9.77
N SER A 82 8.17 10.46 -9.34
CA SER A 82 9.55 9.92 -9.37
C SER A 82 9.58 8.40 -9.68
N PRO A 83 9.05 7.95 -10.83
CA PRO A 83 8.98 6.53 -11.19
C PRO A 83 10.35 5.88 -11.50
N ASN A 84 11.43 6.66 -11.50
CA ASN A 84 12.82 6.19 -11.55
C ASN A 84 13.27 5.41 -10.29
N SER A 85 12.46 5.42 -9.21
CA SER A 85 12.73 4.80 -7.91
C SER A 85 11.50 4.06 -7.37
N GLN A 86 11.68 3.22 -6.35
CA GLN A 86 10.61 2.37 -5.79
C GLN A 86 10.79 2.09 -4.29
N ILE A 87 9.70 1.71 -3.63
CA ILE A 87 9.68 1.46 -2.18
C ILE A 87 10.35 0.10 -1.86
N GLY A 88 11.22 0.09 -0.84
CA GLY A 88 11.88 -1.11 -0.31
C GLY A 88 12.12 -1.03 1.20
N TRP A 89 12.62 -2.11 1.81
CA TRP A 89 12.95 -2.10 3.25
C TRP A 89 14.24 -1.33 3.51
N GLY A 90 14.45 -0.82 4.73
CA GLY A 90 15.67 -0.11 5.14
C GLY A 90 16.38 -0.72 6.35
N ALA A 91 16.12 -2.00 6.66
CA ALA A 91 16.58 -2.76 7.82
C ALA A 91 16.26 -2.18 9.23
N GLY A 92 15.58 -1.05 9.28
CA GLY A 92 15.11 -0.35 10.49
C GLY A 92 13.59 -0.48 10.72
N ASN A 93 12.97 -1.53 10.17
CA ASN A 93 11.53 -1.82 10.23
C ASN A 93 10.63 -0.65 9.73
N VAL A 94 11.07 0.03 8.66
CA VAL A 94 10.31 1.08 7.95
C VAL A 94 10.48 0.92 6.42
N PRO A 95 9.49 1.28 5.59
CA PRO A 95 9.64 1.33 4.13
C PRO A 95 10.33 2.65 3.72
N VAL A 96 11.26 2.57 2.78
CA VAL A 96 12.12 3.67 2.31
C VAL A 96 12.18 3.72 0.77
N VAL A 97 12.46 4.90 0.22
CA VAL A 97 12.68 5.09 -1.23
C VAL A 97 14.09 4.63 -1.60
N LEU A 98 14.21 3.77 -2.62
CA LEU A 98 15.49 3.23 -3.10
C LEU A 98 15.55 3.11 -4.64
N PRO A 99 16.76 2.97 -5.23
CA PRO A 99 16.97 2.63 -6.64
C PRO A 99 16.20 1.37 -7.10
N PRO A 100 15.98 1.19 -8.42
CA PRO A 100 15.19 0.09 -8.96
C PRO A 100 15.87 -1.29 -8.80
N ASN A 101 15.39 -2.06 -7.82
CA ASN A 101 15.70 -3.46 -7.55
C ASN A 101 14.43 -4.09 -6.94
N ASN A 102 14.35 -5.41 -6.99
CA ASN A 102 13.19 -6.28 -6.69
C ASN A 102 12.71 -6.28 -5.22
N TYR A 103 12.69 -5.14 -4.53
CA TYR A 103 12.15 -4.94 -3.17
C TYR A 103 10.62 -5.09 -3.11
N VAL A 104 10.09 -6.24 -3.56
CA VAL A 104 8.65 -6.52 -3.72
C VAL A 104 7.86 -6.46 -2.41
N TRP A 105 6.55 -6.26 -2.54
CA TRP A 105 5.56 -6.29 -1.47
C TRP A 105 4.33 -7.08 -1.92
N THR A 106 3.64 -7.72 -0.98
CA THR A 106 2.37 -8.42 -1.23
C THR A 106 1.19 -7.48 -0.96
N LEU A 107 0.16 -7.51 -1.82
CA LEU A 107 -1.12 -6.84 -1.55
C LEU A 107 -2.19 -7.89 -1.24
N THR A 108 -3.05 -7.64 -0.26
CA THR A 108 -4.06 -8.63 0.17
C THR A 108 -5.39 -7.94 0.49
N LEU A 109 -6.52 -8.57 0.17
CA LEU A 109 -7.86 -8.07 0.48
C LEU A 109 -8.60 -9.05 1.42
N THR A 110 -9.40 -8.49 2.34
CA THR A 110 -10.16 -9.21 3.38
C THR A 110 -11.59 -8.68 3.50
N SER A 111 -12.40 -9.30 4.36
CA SER A 111 -13.80 -8.91 4.64
C SER A 111 -13.98 -7.50 5.22
N GLY A 112 -12.90 -6.77 5.55
CA GLY A 112 -12.94 -5.42 6.10
C GLY A 112 -12.01 -4.38 5.46
N GLY A 113 -11.09 -4.75 4.56
CA GLY A 113 -10.18 -3.82 3.88
C GLY A 113 -8.96 -4.48 3.23
N TYR A 114 -8.10 -3.67 2.61
CA TYR A 114 -6.80 -4.10 2.07
C TYR A 114 -5.72 -4.17 3.18
N ASN A 115 -4.66 -4.90 2.87
CA ASN A 115 -3.41 -5.00 3.63
C ASN A 115 -2.20 -4.92 2.69
N ILE A 116 -1.07 -4.55 3.26
CA ILE A 116 0.20 -4.34 2.55
C ILE A 116 1.31 -5.00 3.37
N GLN A 117 1.89 -6.07 2.83
CA GLN A 117 2.79 -6.96 3.55
C GLN A 117 4.13 -7.15 2.82
N ASP A 118 5.12 -7.65 3.54
CA ASP A 118 6.38 -8.12 2.98
C ASP A 118 6.17 -9.30 2.00
N GLY A 119 7.13 -9.51 1.09
CA GLY A 119 7.12 -10.55 0.06
C GLY A 119 7.22 -12.00 0.57
N LYS A 120 7.20 -12.21 1.89
CA LYS A 120 7.22 -13.51 2.59
C LYS A 120 6.12 -13.65 3.66
N ARG A 121 5.20 -12.68 3.77
CA ARG A 121 4.04 -12.67 4.70
C ARG A 121 4.41 -12.96 6.17
N THR A 122 5.24 -12.08 6.76
CA THR A 122 5.58 -12.09 8.19
C THR A 122 5.24 -10.77 8.92
N VAL A 123 5.03 -9.67 8.20
CA VAL A 123 4.71 -8.33 8.74
C VAL A 123 3.79 -7.53 7.81
N SER A 124 3.23 -6.42 8.31
CA SER A 124 2.34 -5.49 7.61
C SER A 124 2.77 -4.04 7.87
N TRP A 125 2.50 -3.14 6.92
CA TRP A 125 2.75 -1.70 7.08
C TRP A 125 1.78 -1.07 8.10
N SER A 126 2.31 -0.22 8.98
CA SER A 126 1.61 0.35 10.15
C SER A 126 2.07 1.78 10.49
N LEU A 127 1.41 2.39 11.47
CA LEU A 127 1.71 3.71 12.05
C LEU A 127 1.91 3.60 13.58
N ASN A 128 2.39 4.68 14.22
CA ASN A 128 2.71 4.72 15.66
C ASN A 128 1.80 5.67 16.46
N ASN A 129 1.29 6.72 15.82
CA ASN A 129 0.28 7.66 16.32
C ASN A 129 -0.90 7.81 15.34
N ALA A 130 -0.80 7.26 14.13
CA ALA A 130 -1.85 7.20 13.11
C ALA A 130 -2.38 8.58 12.67
N THR A 131 -1.48 9.54 12.46
CA THR A 131 -1.79 10.95 12.09
C THR A 131 -0.84 11.49 11.03
N ALA A 132 -1.23 12.59 10.37
CA ALA A 132 -0.39 13.30 9.40
C ALA A 132 0.94 13.78 10.00
N GLY A 133 1.98 13.85 9.15
CA GLY A 133 3.33 14.23 9.57
C GLY A 133 4.14 13.11 10.23
N GLU A 134 3.64 11.88 10.22
CA GLU A 134 4.32 10.67 10.72
C GLU A 134 4.88 9.81 9.58
N GLU A 135 6.04 9.21 9.79
CA GLU A 135 6.66 8.24 8.88
C GLU A 135 6.02 6.85 9.02
N VAL A 136 5.82 6.16 7.88
CA VAL A 136 5.29 4.79 7.84
C VAL A 136 6.24 3.81 8.54
N SER A 137 5.68 2.77 9.14
CA SER A 137 6.38 1.74 9.93
C SER A 137 5.95 0.33 9.49
N ILE A 138 6.59 -0.71 10.03
CA ILE A 138 6.34 -2.12 9.72
C ILE A 138 6.35 -2.94 11.02
N GLY A 139 5.39 -3.86 11.16
CA GLY A 139 5.25 -4.74 12.33
C GLY A 139 4.14 -5.78 12.16
N ALA A 140 3.70 -6.39 13.25
CA ALA A 140 2.51 -7.26 13.26
C ALA A 140 1.22 -6.51 12.81
N ASP A 141 0.19 -7.26 12.41
CA ASP A 141 -1.16 -6.75 12.13
C ASP A 141 -1.76 -6.00 13.34
N ALA A 142 -2.61 -5.02 13.06
CA ALA A 142 -3.26 -4.14 14.02
C ALA A 142 -4.70 -3.81 13.60
N THR A 143 -5.58 -3.52 14.57
CA THR A 143 -7.05 -3.35 14.38
C THR A 143 -7.46 -2.40 13.25
N PHE A 144 -6.73 -1.28 13.10
CA PHE A 144 -6.86 -0.34 11.98
C PHE A 144 -5.55 0.38 11.63
N SER A 145 -4.68 0.64 12.62
CA SER A 145 -3.38 1.31 12.48
C SER A 145 -2.32 0.52 11.70
N GLY A 146 -2.66 -0.67 11.19
CA GLY A 146 -1.81 -1.56 10.38
C GLY A 146 -2.54 -2.14 9.17
N ARG A 147 -3.60 -1.46 8.69
CA ARG A 147 -4.47 -1.86 7.57
C ARG A 147 -4.74 -0.68 6.65
N TRP A 148 -5.12 -0.94 5.39
CA TRP A 148 -5.16 0.07 4.33
C TRP A 148 -6.37 -0.06 3.40
N VAL A 149 -6.50 0.90 2.48
CA VAL A 149 -7.48 0.94 1.40
C VAL A 149 -6.77 1.49 0.15
N ILE A 150 -7.15 0.99 -1.03
CA ILE A 150 -6.50 1.28 -2.32
C ILE A 150 -7.57 1.60 -3.35
N GLU A 151 -7.29 2.58 -4.21
CA GLU A 151 -8.18 3.03 -5.29
C GLU A 151 -7.40 3.39 -6.55
N LYS A 152 -8.06 3.26 -7.71
CA LYS A 152 -7.47 3.41 -9.04
C LYS A 152 -7.66 4.83 -9.57
N VAL A 153 -6.65 5.38 -10.25
CA VAL A 153 -6.62 6.78 -10.78
C VAL A 153 -6.17 6.90 -12.23
N MET A 1 -24.33 -35.33 5.19
CA MET A 1 -24.29 -35.94 3.84
C MET A 1 -22.84 -36.39 3.54
N GLY A 2 -22.09 -35.66 2.70
CA GLY A 2 -20.67 -35.92 2.41
C GLY A 2 -19.86 -34.69 1.98
N HIS A 3 -20.44 -33.49 2.11
CA HIS A 3 -19.91 -32.20 1.63
C HIS A 3 -20.27 -31.02 2.55
N HIS A 4 -20.96 -31.29 3.67
CA HIS A 4 -21.39 -30.33 4.70
C HIS A 4 -20.23 -29.79 5.57
N HIS A 5 -19.03 -30.36 5.42
CA HIS A 5 -17.79 -29.97 6.11
C HIS A 5 -16.57 -30.18 5.20
N HIS A 6 -15.42 -29.62 5.57
CA HIS A 6 -14.15 -29.70 4.84
C HIS A 6 -12.94 -29.59 5.78
N HIS A 7 -11.75 -30.03 5.35
CA HIS A 7 -10.53 -30.01 6.17
C HIS A 7 -9.98 -28.61 6.47
N HIS A 8 -10.46 -27.57 5.77
CA HIS A 8 -10.08 -26.17 5.97
C HIS A 8 -11.25 -25.22 5.64
N HIS A 9 -11.29 -24.06 6.30
CA HIS A 9 -12.29 -23.00 6.12
C HIS A 9 -11.67 -21.61 6.32
N HIS A 10 -12.33 -20.58 5.76
CA HIS A 10 -11.91 -19.17 5.91
C HIS A 10 -13.09 -18.17 5.87
N SER A 11 -14.17 -18.48 5.14
CA SER A 11 -15.41 -17.69 5.03
C SER A 11 -15.25 -16.26 4.48
N GLY A 12 -14.10 -15.93 3.88
CA GLY A 12 -13.81 -14.63 3.27
C GLY A 12 -12.68 -14.64 2.22
N ASP A 13 -12.35 -15.81 1.66
CA ASP A 13 -11.27 -15.98 0.68
C ASP A 13 -11.61 -15.37 -0.70
N SER A 14 -12.89 -15.33 -1.06
CA SER A 14 -13.41 -14.71 -2.29
C SER A 14 -13.15 -13.20 -2.32
N PRO A 15 -12.45 -12.66 -3.34
CA PRO A 15 -12.23 -11.22 -3.51
C PRO A 15 -13.49 -10.33 -3.53
N ALA A 16 -13.26 -9.03 -3.34
CA ALA A 16 -14.28 -7.98 -3.39
C ALA A 16 -13.83 -6.72 -4.17
N VAL A 17 -12.55 -6.67 -4.57
CA VAL A 17 -11.86 -5.56 -5.26
C VAL A 17 -10.73 -6.12 -6.15
N THR A 18 -10.12 -5.26 -6.98
CA THR A 18 -9.03 -5.63 -7.88
C THR A 18 -7.90 -4.60 -7.90
N LEU A 19 -6.70 -5.10 -8.22
CA LEU A 19 -5.49 -4.35 -8.55
C LEU A 19 -4.89 -4.93 -9.84
N SER A 20 -4.30 -4.06 -10.65
CA SER A 20 -3.75 -4.36 -11.98
C SER A 20 -2.68 -3.33 -12.34
N ALA A 21 -1.97 -3.52 -13.45
CA ALA A 21 -0.91 -2.60 -13.90
C ALA A 21 -1.48 -1.21 -14.27
N GLY A 22 -1.14 -0.17 -13.50
CA GLY A 22 -1.70 1.18 -13.66
C GLY A 22 -1.34 2.15 -12.52
N ASN A 23 -1.99 3.32 -12.47
CA ASN A 23 -1.80 4.37 -11.47
C ASN A 23 -2.87 4.27 -10.36
N TYR A 24 -2.45 4.47 -9.11
CA TYR A 24 -3.27 4.28 -7.90
C TYR A 24 -2.93 5.30 -6.81
N ILE A 25 -3.74 5.29 -5.75
CA ILE A 25 -3.52 5.96 -4.47
C ILE A 25 -3.68 4.94 -3.34
N ILE A 26 -2.98 5.15 -2.23
CA ILE A 26 -2.97 4.25 -1.06
C ILE A 26 -3.24 5.07 0.19
N TYR A 27 -4.24 4.67 0.98
CA TYR A 27 -4.66 5.40 2.17
C TYR A 27 -5.11 4.47 3.31
N ASN A 28 -5.04 4.97 4.53
CA ASN A 28 -5.42 4.24 5.74
C ASN A 28 -6.93 3.94 5.72
N ARG A 29 -7.33 2.72 6.08
CA ARG A 29 -8.75 2.31 6.20
C ARG A 29 -9.51 3.07 7.29
N VAL A 30 -8.80 3.72 8.20
CA VAL A 30 -9.32 4.57 9.28
C VAL A 30 -8.85 6.01 9.04
N LEU A 31 -9.83 6.91 8.84
CA LEU A 31 -9.60 8.36 8.69
C LEU A 31 -8.86 8.95 9.91
N SER A 32 -8.14 10.06 9.72
CA SER A 32 -7.37 10.70 10.80
C SER A 32 -8.29 11.28 11.89
N PRO A 33 -7.78 11.51 13.13
CA PRO A 33 -8.49 12.27 14.17
C PRO A 33 -8.96 13.68 13.76
N ARG A 34 -8.36 14.27 12.72
CA ARG A 34 -8.80 15.53 12.10
C ARG A 34 -10.17 15.42 11.41
N GLY A 35 -10.55 14.21 10.98
CA GLY A 35 -11.80 13.91 10.27
C GLY A 35 -11.62 13.82 8.74
N GLU A 36 -10.42 13.47 8.27
CA GLU A 36 -10.05 13.53 6.84
C GLU A 36 -9.28 12.27 6.38
N LYS A 37 -9.29 12.01 5.06
CA LYS A 37 -8.52 10.94 4.44
C LYS A 37 -7.02 11.16 4.62
N LEU A 38 -6.27 10.08 4.83
CA LEU A 38 -4.85 10.09 5.20
C LEU A 38 -4.09 9.07 4.32
N ALA A 39 -3.18 9.56 3.48
CA ALA A 39 -2.58 8.79 2.38
C ALA A 39 -1.05 8.73 2.37
N LEU A 40 -0.52 7.70 1.71
CA LEU A 40 0.91 7.44 1.50
C LEU A 40 1.54 8.54 0.63
N THR A 41 2.69 9.07 1.07
CA THR A 41 3.34 10.26 0.48
C THR A 41 4.84 10.05 0.26
N TYR A 42 5.33 10.42 -0.91
CA TYR A 42 6.75 10.44 -1.25
C TYR A 42 7.52 11.44 -0.36
N PRO A 43 8.62 11.04 0.31
CA PRO A 43 9.37 11.91 1.22
C PRO A 43 10.20 13.01 0.54
N GLY A 44 10.21 13.06 -0.81
CA GLY A 44 10.82 14.12 -1.61
C GLY A 44 12.21 13.78 -2.18
N ARG A 45 12.82 12.66 -1.75
CA ARG A 45 14.09 12.14 -2.27
C ARG A 45 14.20 10.61 -2.08
N GLN A 46 15.29 10.05 -2.60
CA GLN A 46 15.69 8.65 -2.35
C GLN A 46 16.41 8.48 -1.01
N ARG A 47 16.60 7.23 -0.57
CA ARG A 47 17.32 6.85 0.67
C ARG A 47 16.73 7.49 1.94
N THR A 48 15.39 7.64 1.98
CA THR A 48 14.60 8.18 3.10
C THR A 48 13.35 7.33 3.37
N PRO A 49 12.81 7.33 4.60
CA PRO A 49 11.60 6.57 4.95
C PRO A 49 10.33 7.18 4.35
N VAL A 50 9.39 6.32 3.94
CA VAL A 50 8.11 6.76 3.34
C VAL A 50 7.21 7.42 4.39
N THR A 51 6.59 8.55 4.02
CA THR A 51 5.77 9.38 4.92
C THR A 51 4.31 9.43 4.52
N VAL A 52 3.50 10.15 5.30
CA VAL A 52 2.03 10.13 5.21
C VAL A 52 1.45 11.53 5.46
N SER A 53 0.43 11.92 4.69
CA SER A 53 -0.20 13.24 4.75
C SER A 53 -1.70 13.22 4.37
N PRO A 54 -2.49 14.25 4.74
CA PRO A 54 -3.90 14.36 4.34
C PRO A 54 -4.08 14.30 2.81
N LEU A 55 -4.94 13.40 2.33
CA LEU A 55 -5.14 13.15 0.90
C LEU A 55 -5.71 14.39 0.18
N ASP A 56 -5.05 14.77 -0.92
CA ASP A 56 -5.49 15.83 -1.85
C ASP A 56 -5.30 15.44 -3.33
N GLY A 57 -4.52 14.37 -3.61
CA GLY A 57 -4.35 13.80 -4.95
C GLY A 57 -3.09 14.31 -5.70
N SER A 58 -2.16 14.94 -5.00
CA SER A 58 -0.91 15.48 -5.56
C SER A 58 -0.02 14.40 -6.19
N SER A 59 0.91 14.83 -7.04
CA SER A 59 1.95 13.97 -7.64
C SER A 59 2.90 13.31 -6.63
N GLU A 60 2.98 13.84 -5.40
CA GLU A 60 3.70 13.24 -4.28
C GLU A 60 2.85 12.23 -3.48
N GLN A 61 1.55 12.09 -3.77
CA GLN A 61 0.60 11.19 -3.10
C GLN A 61 0.04 10.10 -4.03
N ALA A 62 0.23 10.24 -5.35
CA ALA A 62 -0.15 9.24 -6.35
C ALA A 62 1.05 8.33 -6.70
N TRP A 63 0.73 7.08 -7.03
CA TRP A 63 1.68 5.98 -7.22
C TRP A 63 1.29 5.12 -8.43
N ILE A 64 2.11 4.11 -8.76
CA ILE A 64 1.80 3.05 -9.74
C ILE A 64 1.97 1.67 -9.10
N LEU A 65 1.22 0.70 -9.62
CA LEU A 65 1.33 -0.73 -9.31
C LEU A 65 1.82 -1.45 -10.56
N ARG A 66 2.80 -2.34 -10.40
CA ARG A 66 3.35 -3.22 -11.44
C ARG A 66 3.56 -4.62 -10.87
N SER A 67 3.05 -5.65 -11.53
CA SER A 67 3.10 -7.03 -11.04
C SER A 67 4.54 -7.56 -10.98
N TYR A 68 4.81 -8.46 -10.02
CA TYR A 68 6.07 -9.23 -9.96
C TYR A 68 5.80 -10.74 -9.98
N ASP A 69 4.90 -11.24 -9.12
CA ASP A 69 4.47 -12.64 -9.13
C ASP A 69 3.05 -12.82 -8.55
N SER A 70 2.08 -13.05 -9.42
CA SER A 70 0.68 -13.32 -9.07
C SER A 70 0.49 -14.61 -8.25
N ASN A 71 1.38 -15.59 -8.43
CA ASN A 71 1.44 -16.82 -7.63
C ASN A 71 1.84 -16.56 -6.16
N SER A 72 2.36 -15.36 -5.86
CA SER A 72 2.76 -14.90 -4.52
C SER A 72 2.04 -13.61 -4.10
N ASN A 73 1.11 -13.10 -4.92
CA ASN A 73 0.43 -11.80 -4.77
C ASN A 73 1.40 -10.62 -4.52
N THR A 74 2.61 -10.70 -5.07
CA THR A 74 3.65 -9.66 -4.91
C THR A 74 3.78 -8.78 -6.16
N TRP A 75 4.08 -7.51 -5.88
CA TRP A 75 4.11 -6.39 -6.82
C TRP A 75 5.26 -5.45 -6.45
N THR A 76 5.50 -4.45 -7.30
CA THR A 76 6.40 -3.32 -7.02
C THR A 76 5.60 -2.00 -7.15
N ILE A 77 6.04 -0.97 -6.42
CA ILE A 77 5.29 0.29 -6.23
C ILE A 77 6.25 1.47 -6.40
N SER A 78 5.85 2.48 -7.17
CA SER A 78 6.67 3.68 -7.44
C SER A 78 5.83 4.97 -7.44
N PRO A 79 6.37 6.13 -7.03
CA PRO A 79 5.63 7.39 -7.06
C PRO A 79 5.53 7.93 -8.49
N VAL A 80 4.42 8.58 -8.85
CA VAL A 80 4.23 9.12 -10.23
C VAL A 80 5.21 10.24 -10.60
N GLY A 81 5.79 10.93 -9.61
CA GLY A 81 6.79 11.99 -9.80
C GLY A 81 8.23 11.50 -9.94
N SER A 82 8.53 10.28 -9.48
CA SER A 82 9.87 9.66 -9.52
C SER A 82 9.81 8.15 -9.85
N PRO A 83 9.23 7.73 -10.98
CA PRO A 83 9.11 6.32 -11.38
C PRO A 83 10.46 5.67 -11.74
N ASN A 84 11.55 6.45 -11.78
CA ASN A 84 12.93 5.97 -11.89
C ASN A 84 13.41 5.16 -10.66
N SER A 85 12.61 5.11 -9.58
CA SER A 85 12.88 4.43 -8.31
C SER A 85 11.58 3.88 -7.70
N GLN A 86 11.67 3.01 -6.69
CA GLN A 86 10.54 2.24 -6.13
C GLN A 86 10.63 2.07 -4.60
N ILE A 87 9.50 1.73 -3.95
CA ILE A 87 9.46 1.46 -2.51
C ILE A 87 10.25 0.18 -2.19
N GLY A 88 11.13 0.28 -1.19
CA GLY A 88 11.98 -0.81 -0.69
C GLY A 88 12.09 -0.76 0.85
N TRP A 89 12.97 -1.58 1.42
CA TRP A 89 13.15 -1.68 2.87
C TRP A 89 14.62 -1.35 3.24
N GLY A 90 14.94 -1.30 4.53
CA GLY A 90 16.28 -0.96 5.03
C GLY A 90 16.68 -1.75 6.27
N ALA A 91 16.02 -2.90 6.50
CA ALA A 91 16.18 -3.80 7.64
C ALA A 91 15.95 -3.20 9.05
N GLY A 92 15.58 -1.91 9.12
CA GLY A 92 15.30 -1.13 10.33
C GLY A 92 13.80 -0.94 10.60
N ASN A 93 12.97 -1.90 10.17
CA ASN A 93 11.51 -1.97 10.41
C ASN A 93 10.70 -0.74 9.95
N VAL A 94 11.17 -0.02 8.91
CA VAL A 94 10.44 1.07 8.23
C VAL A 94 10.68 1.01 6.71
N PRO A 95 9.67 1.22 5.85
CA PRO A 95 9.86 1.23 4.40
C PRO A 95 10.54 2.54 3.95
N VAL A 96 11.26 2.48 2.84
CA VAL A 96 12.06 3.56 2.23
C VAL A 96 11.81 3.62 0.72
N VAL A 97 12.46 4.54 0.00
CA VAL A 97 12.45 4.56 -1.48
C VAL A 97 13.89 4.44 -2.00
N LEU A 98 14.10 3.54 -2.97
CA LEU A 98 15.41 3.15 -3.51
C LEU A 98 15.37 2.93 -5.03
N PRO A 99 16.51 3.01 -5.74
CA PRO A 99 16.64 2.60 -7.14
C PRO A 99 16.12 1.17 -7.43
N PRO A 100 15.69 0.87 -8.66
CA PRO A 100 15.08 -0.40 -9.01
C PRO A 100 16.09 -1.55 -9.00
N ASN A 101 15.69 -2.68 -8.41
CA ASN A 101 16.43 -3.93 -8.37
C ASN A 101 15.44 -5.10 -8.35
N ASN A 102 14.95 -5.52 -7.17
CA ASN A 102 14.01 -6.62 -6.98
C ASN A 102 13.14 -6.47 -5.71
N TYR A 103 13.13 -5.30 -5.06
CA TYR A 103 12.34 -5.08 -3.83
C TYR A 103 10.83 -5.19 -4.11
N VAL A 104 10.10 -6.00 -3.36
CA VAL A 104 8.66 -6.29 -3.59
C VAL A 104 7.82 -6.13 -2.33
N TRP A 105 6.51 -6.01 -2.51
CA TRP A 105 5.50 -5.95 -1.45
C TRP A 105 4.26 -6.75 -1.87
N THR A 106 3.60 -7.38 -0.89
CA THR A 106 2.35 -8.12 -1.08
C THR A 106 1.16 -7.20 -0.80
N LEU A 107 0.15 -7.22 -1.68
CA LEU A 107 -1.10 -6.48 -1.51
C LEU A 107 -2.22 -7.44 -1.09
N THR A 108 -2.19 -7.86 0.17
CA THR A 108 -3.06 -8.91 0.71
C THR A 108 -4.51 -8.42 0.86
N LEU A 109 -5.46 -9.09 0.20
CA LEU A 109 -6.90 -8.81 0.32
C LEU A 109 -7.43 -9.23 1.71
N THR A 110 -8.44 -8.51 2.21
CA THR A 110 -9.23 -8.85 3.40
C THR A 110 -10.72 -8.53 3.19
N SER A 111 -11.60 -8.99 4.09
CA SER A 111 -13.07 -9.01 3.98
C SER A 111 -13.79 -7.66 3.77
N GLY A 112 -13.05 -6.54 3.77
CA GLY A 112 -13.57 -5.20 3.48
C GLY A 112 -12.49 -4.15 3.21
N GLY A 113 -11.35 -4.53 2.63
CA GLY A 113 -10.21 -3.64 2.39
C GLY A 113 -8.95 -4.38 1.91
N TYR A 114 -7.81 -3.68 1.95
CA TYR A 114 -6.48 -4.23 1.65
C TYR A 114 -5.54 -4.17 2.87
N ASN A 115 -4.44 -4.91 2.73
CA ASN A 115 -3.28 -4.89 3.63
C ASN A 115 -2.01 -4.85 2.78
N ILE A 116 -0.91 -4.41 3.40
CA ILE A 116 0.38 -4.20 2.71
C ILE A 116 1.47 -4.84 3.57
N GLN A 117 2.14 -5.84 3.01
CA GLN A 117 3.07 -6.71 3.72
C GLN A 117 4.35 -6.91 2.91
N ASP A 118 5.43 -7.34 3.56
CA ASP A 118 6.65 -7.77 2.88
C ASP A 118 6.43 -9.04 2.03
N GLY A 119 7.47 -9.50 1.32
CA GLY A 119 7.42 -10.72 0.49
C GLY A 119 7.35 -12.04 1.27
N LYS A 120 7.14 -12.02 2.60
CA LYS A 120 7.12 -13.20 3.49
C LYS A 120 5.85 -13.29 4.35
N ARG A 121 5.07 -12.21 4.45
CA ARG A 121 3.82 -12.04 5.24
C ARG A 121 4.00 -12.26 6.76
N THR A 122 5.24 -12.21 7.27
CA THR A 122 5.55 -12.29 8.70
C THR A 122 5.24 -10.98 9.46
N VAL A 123 5.06 -9.87 8.73
CA VAL A 123 4.81 -8.50 9.21
C VAL A 123 3.84 -7.75 8.29
N SER A 124 3.41 -6.56 8.69
CA SER A 124 2.51 -5.67 7.94
C SER A 124 2.87 -4.19 8.16
N TRP A 125 2.51 -3.32 7.22
CA TRP A 125 2.66 -1.87 7.33
C TRP A 125 1.64 -1.28 8.32
N SER A 126 2.13 -0.45 9.25
CA SER A 126 1.34 0.18 10.31
C SER A 126 1.77 1.63 10.60
N LEU A 127 0.94 2.34 11.36
CA LEU A 127 1.09 3.75 11.76
C LEU A 127 1.27 3.86 13.30
N ASN A 128 1.52 5.08 13.81
CA ASN A 128 1.85 5.35 15.21
C ASN A 128 1.01 6.46 15.86
N ASN A 129 0.60 7.46 15.07
CA ASN A 129 -0.19 8.63 15.47
C ASN A 129 -1.42 8.86 14.56
N ALA A 130 -1.41 8.31 13.34
CA ALA A 130 -2.48 8.43 12.33
C ALA A 130 -2.90 9.89 12.03
N THR A 131 -1.93 10.80 11.88
CA THR A 131 -2.09 12.24 11.64
C THR A 131 -1.11 12.77 10.58
N ALA A 132 -1.26 14.02 10.13
CA ALA A 132 -0.34 14.68 9.21
C ALA A 132 1.12 14.69 9.73
N GLY A 133 2.08 14.29 8.89
CA GLY A 133 3.51 14.26 9.23
C GLY A 133 4.01 12.90 9.73
N GLU A 134 3.13 11.90 9.78
CA GLU A 134 3.45 10.50 10.07
C GLU A 134 4.46 9.88 9.10
N GLU A 135 5.10 8.80 9.55
CA GLU A 135 5.94 7.91 8.74
C GLU A 135 5.56 6.45 8.98
N VAL A 136 5.59 5.64 7.92
CA VAL A 136 5.13 4.24 7.97
C VAL A 136 6.12 3.38 8.77
N SER A 137 5.61 2.35 9.44
CA SER A 137 6.36 1.39 10.24
C SER A 137 5.98 -0.05 9.87
N ILE A 138 6.78 -1.03 10.28
CA ILE A 138 6.62 -2.45 9.92
C ILE A 138 6.79 -3.33 11.16
N GLY A 139 5.84 -4.25 11.35
CA GLY A 139 5.79 -5.16 12.51
C GLY A 139 4.48 -5.96 12.50
N ALA A 140 4.03 -6.41 13.67
CA ALA A 140 2.69 -6.98 13.81
C ALA A 140 1.60 -5.96 13.36
N ASP A 141 0.53 -6.46 12.74
CA ASP A 141 -0.59 -5.65 12.29
C ASP A 141 -1.43 -5.08 13.46
N ALA A 142 -2.32 -4.14 13.15
CA ALA A 142 -3.17 -3.44 14.13
C ALA A 142 -4.57 -3.13 13.57
N THR A 143 -5.60 -3.29 14.43
CA THR A 143 -7.03 -3.26 14.06
C THR A 143 -7.51 -1.95 13.43
N PHE A 144 -6.92 -0.81 13.82
CA PHE A 144 -7.32 0.54 13.36
C PHE A 144 -6.15 1.39 12.82
N SER A 145 -4.91 0.89 12.93
CA SER A 145 -3.68 1.59 12.51
C SER A 145 -2.74 0.72 11.64
N GLY A 146 -3.22 -0.44 11.19
CA GLY A 146 -2.50 -1.39 10.32
C GLY A 146 -3.44 -2.04 9.30
N ARG A 147 -4.29 -1.22 8.66
CA ARG A 147 -5.29 -1.57 7.65
C ARG A 147 -5.32 -0.49 6.56
N TRP A 148 -5.53 -0.89 5.30
CA TRP A 148 -5.37 0.01 4.14
C TRP A 148 -6.50 -0.12 3.11
N VAL A 149 -6.57 0.83 2.20
CA VAL A 149 -7.44 0.87 1.02
C VAL A 149 -6.61 1.43 -0.14
N ILE A 150 -6.89 0.96 -1.37
CA ILE A 150 -6.12 1.27 -2.57
C ILE A 150 -7.12 1.43 -3.69
N GLU A 151 -6.91 2.46 -4.52
CA GLU A 151 -7.91 2.89 -5.48
C GLU A 151 -7.27 3.53 -6.72
N LYS A 152 -7.89 3.31 -7.89
CA LYS A 152 -7.31 3.62 -9.20
C LYS A 152 -7.55 5.09 -9.57
N VAL A 153 -6.56 5.70 -10.25
CA VAL A 153 -6.57 7.12 -10.69
C VAL A 153 -6.20 7.32 -12.17
N MET A 1 -24.61 -24.48 6.92
CA MET A 1 -25.53 -25.44 6.25
C MET A 1 -26.78 -24.73 5.74
N GLY A 2 -27.38 -25.24 4.67
CA GLY A 2 -28.62 -24.70 4.07
C GLY A 2 -29.13 -25.51 2.88
N HIS A 3 -30.29 -25.13 2.35
CA HIS A 3 -30.98 -25.81 1.23
C HIS A 3 -31.58 -24.85 0.18
N HIS A 4 -31.48 -23.53 0.41
CA HIS A 4 -32.08 -22.47 -0.41
C HIS A 4 -31.14 -21.26 -0.63
N HIS A 5 -29.94 -21.27 -0.03
CA HIS A 5 -28.92 -20.22 -0.11
C HIS A 5 -27.52 -20.80 0.10
N HIS A 6 -26.48 -20.01 -0.18
CA HIS A 6 -25.05 -20.39 -0.12
C HIS A 6 -24.22 -19.45 0.77
N HIS A 7 -24.89 -18.57 1.52
CA HIS A 7 -24.32 -17.57 2.43
C HIS A 7 -25.27 -17.34 3.63
N HIS A 8 -25.01 -16.31 4.45
CA HIS A 8 -25.79 -15.94 5.65
C HIS A 8 -26.32 -14.50 5.61
N HIS A 9 -26.01 -13.76 4.55
CA HIS A 9 -26.40 -12.36 4.28
C HIS A 9 -26.67 -12.18 2.78
N HIS A 10 -26.64 -10.93 2.28
CA HIS A 10 -26.83 -10.53 0.87
C HIS A 10 -25.68 -10.96 -0.07
N SER A 11 -24.70 -11.75 0.41
CA SER A 11 -23.44 -12.09 -0.30
C SER A 11 -22.62 -10.87 -0.77
N GLY A 12 -22.77 -9.72 -0.08
CA GLY A 12 -22.17 -8.43 -0.45
C GLY A 12 -21.87 -7.51 0.74
N ASP A 13 -21.76 -8.08 1.94
CA ASP A 13 -21.39 -7.39 3.18
C ASP A 13 -19.90 -6.95 3.24
N SER A 14 -19.09 -7.45 2.30
CA SER A 14 -17.63 -7.27 2.22
C SER A 14 -17.16 -6.93 0.80
N PRO A 15 -15.95 -6.34 0.63
CA PRO A 15 -15.34 -6.08 -0.67
C PRO A 15 -15.22 -7.28 -1.63
N ALA A 16 -15.09 -6.95 -2.92
CA ALA A 16 -14.96 -7.89 -4.03
C ALA A 16 -14.03 -7.39 -5.16
N VAL A 17 -13.27 -6.32 -4.89
CA VAL A 17 -12.33 -5.67 -5.82
C VAL A 17 -11.10 -6.53 -6.16
N THR A 18 -10.39 -6.10 -7.20
CA THR A 18 -9.08 -6.62 -7.62
C THR A 18 -8.18 -5.48 -8.12
N LEU A 19 -6.91 -5.79 -8.37
CA LEU A 19 -5.85 -4.89 -8.84
C LEU A 19 -5.28 -5.35 -10.20
N SER A 20 -4.67 -4.41 -10.92
CA SER A 20 -4.01 -4.61 -12.22
C SER A 20 -2.88 -3.59 -12.42
N ALA A 21 -2.06 -3.77 -13.45
CA ALA A 21 -0.97 -2.85 -13.79
C ALA A 21 -1.51 -1.45 -14.16
N GLY A 22 -1.20 -0.42 -13.36
CA GLY A 22 -1.73 0.94 -13.54
C GLY A 22 -1.37 1.91 -12.42
N ASN A 23 -2.00 3.10 -12.42
CA ASN A 23 -1.81 4.16 -11.43
C ASN A 23 -2.89 4.05 -10.33
N TYR A 24 -2.48 4.20 -9.06
CA TYR A 24 -3.32 4.06 -7.87
C TYR A 24 -2.96 5.08 -6.78
N ILE A 25 -3.79 5.13 -5.74
CA ILE A 25 -3.55 5.83 -4.48
C ILE A 25 -3.81 4.88 -3.31
N ILE A 26 -3.08 5.08 -2.20
CA ILE A 26 -3.06 4.18 -1.05
C ILE A 26 -3.22 5.02 0.22
N TYR A 27 -4.14 4.65 1.10
CA TYR A 27 -4.39 5.33 2.38
C TYR A 27 -4.80 4.38 3.50
N ASN A 28 -4.50 4.75 4.75
CA ASN A 28 -4.77 3.91 5.93
C ASN A 28 -6.28 3.92 6.24
N ARG A 29 -6.84 2.76 6.60
CA ARG A 29 -8.29 2.53 6.72
C ARG A 29 -9.00 3.46 7.71
N VAL A 30 -8.31 3.91 8.76
CA VAL A 30 -8.88 4.75 9.82
C VAL A 30 -8.92 6.25 9.50
N LEU A 31 -8.51 6.66 8.29
CA LEU A 31 -8.46 8.06 7.86
C LEU A 31 -7.58 8.91 8.82
N SER A 32 -7.80 10.23 8.87
CA SER A 32 -7.08 11.15 9.77
C SER A 32 -8.05 12.04 10.57
N PRO A 33 -7.76 12.37 11.84
CA PRO A 33 -8.49 13.38 12.63
C PRO A 33 -8.65 14.76 11.96
N ARG A 34 -7.86 15.06 10.91
CA ARG A 34 -8.03 16.24 10.03
C ARG A 34 -9.38 16.25 9.28
N GLY A 35 -10.10 15.13 9.23
CA GLY A 35 -11.41 14.98 8.57
C GLY A 35 -11.33 14.43 7.15
N GLU A 36 -10.17 13.89 6.74
CA GLU A 36 -9.87 13.42 5.38
C GLU A 36 -9.06 12.10 5.42
N LYS A 37 -8.89 11.44 4.26
CA LYS A 37 -8.05 10.24 4.10
C LYS A 37 -6.60 10.48 4.51
N LEU A 38 -5.93 9.43 4.99
CA LEU A 38 -4.53 9.45 5.44
C LEU A 38 -3.64 8.70 4.44
N ALA A 39 -3.24 9.40 3.39
CA ALA A 39 -2.60 8.85 2.20
C ALA A 39 -1.06 8.78 2.28
N LEU A 40 -0.50 7.74 1.66
CA LEU A 40 0.93 7.56 1.48
C LEU A 40 1.51 8.70 0.62
N THR A 41 2.54 9.37 1.13
CA THR A 41 3.11 10.59 0.56
C THR A 41 4.64 10.47 0.49
N TYR A 42 5.18 10.73 -0.70
CA TYR A 42 6.60 10.70 -1.02
C TYR A 42 7.37 11.76 -0.19
N PRO A 43 8.54 11.43 0.40
CA PRO A 43 9.28 12.35 1.27
C PRO A 43 10.02 13.48 0.52
N GLY A 44 10.05 13.45 -0.82
CA GLY A 44 10.66 14.48 -1.66
C GLY A 44 12.08 14.15 -2.15
N ARG A 45 12.67 13.05 -1.67
CA ARG A 45 14.05 12.62 -1.98
C ARG A 45 14.26 11.11 -1.89
N GLN A 46 15.42 10.67 -2.40
CA GLN A 46 15.90 9.28 -2.37
C GLN A 46 16.38 8.86 -0.96
N ARG A 47 16.60 7.54 -0.77
CA ARG A 47 17.22 6.92 0.43
C ARG A 47 16.64 7.40 1.78
N THR A 48 15.34 7.65 1.81
CA THR A 48 14.63 8.33 2.90
C THR A 48 13.30 7.63 3.24
N PRO A 49 12.92 7.48 4.52
CA PRO A 49 11.63 6.90 4.94
C PRO A 49 10.40 7.57 4.33
N VAL A 50 9.35 6.78 4.07
CA VAL A 50 8.06 7.25 3.53
C VAL A 50 7.16 7.81 4.66
N THR A 51 6.17 8.65 4.32
CA THR A 51 5.33 9.42 5.26
C THR A 51 3.85 9.32 4.90
N VAL A 52 2.93 9.70 5.79
CA VAL A 52 1.49 9.80 5.50
C VAL A 52 0.91 11.17 5.85
N SER A 53 -0.01 11.67 5.01
CA SER A 53 -0.59 13.03 5.08
C SER A 53 -2.02 13.06 4.51
N PRO A 54 -2.82 14.14 4.72
CA PRO A 54 -4.13 14.30 4.09
C PRO A 54 -4.07 14.15 2.56
N LEU A 55 -5.04 13.46 1.95
CA LEU A 55 -5.08 13.30 0.50
C LEU A 55 -5.42 14.62 -0.22
N ASP A 56 -4.56 14.99 -1.15
CA ASP A 56 -4.72 16.06 -2.15
C ASP A 56 -4.47 15.54 -3.58
N GLY A 57 -3.84 14.36 -3.74
CA GLY A 57 -3.68 13.68 -5.02
C GLY A 57 -2.60 14.26 -5.94
N SER A 58 -1.59 14.92 -5.36
CA SER A 58 -0.43 15.47 -6.07
C SER A 58 0.46 14.38 -6.70
N SER A 59 1.46 14.79 -7.47
CA SER A 59 2.54 13.91 -7.98
C SER A 59 3.33 13.20 -6.87
N GLU A 60 3.28 13.70 -5.63
CA GLU A 60 3.90 13.09 -4.45
C GLU A 60 2.95 12.15 -3.68
N GLN A 61 1.69 12.03 -4.12
CA GLN A 61 0.66 11.18 -3.49
C GLN A 61 0.01 10.18 -4.46
N ALA A 62 0.15 10.37 -5.77
CA ALA A 62 -0.21 9.38 -6.78
C ALA A 62 0.95 8.36 -6.93
N TRP A 63 0.61 7.09 -7.10
CA TRP A 63 1.55 5.98 -7.20
C TRP A 63 1.19 5.08 -8.40
N ILE A 64 2.02 4.08 -8.67
CA ILE A 64 1.76 2.99 -9.63
C ILE A 64 1.91 1.64 -8.93
N LEU A 65 1.22 0.64 -9.46
CA LEU A 65 1.31 -0.77 -9.09
C LEU A 65 1.63 -1.58 -10.35
N ARG A 66 2.67 -2.41 -10.28
CA ARG A 66 3.11 -3.29 -11.38
C ARG A 66 3.40 -4.69 -10.86
N SER A 67 2.85 -5.71 -11.52
CA SER A 67 2.91 -7.10 -11.05
C SER A 67 4.35 -7.64 -11.02
N TYR A 68 4.62 -8.53 -10.05
CA TYR A 68 5.85 -9.32 -9.99
C TYR A 68 5.57 -10.83 -9.92
N ASP A 69 4.54 -11.27 -9.20
CA ASP A 69 4.17 -12.69 -9.08
C ASP A 69 2.66 -12.92 -8.87
N SER A 70 2.13 -14.02 -9.42
CA SER A 70 0.69 -14.35 -9.43
C SER A 70 0.26 -15.46 -8.47
N ASN A 71 1.20 -16.19 -7.85
CA ASN A 71 0.94 -17.20 -6.82
C ASN A 71 1.23 -16.69 -5.38
N SER A 72 2.00 -15.60 -5.25
CA SER A 72 2.36 -14.95 -3.98
C SER A 72 1.79 -13.53 -3.86
N ASN A 73 1.00 -13.06 -4.84
CA ASN A 73 0.33 -11.75 -4.86
C ASN A 73 1.27 -10.55 -4.57
N THR A 74 2.50 -10.64 -5.07
CA THR A 74 3.53 -9.59 -4.91
C THR A 74 3.68 -8.72 -6.16
N TRP A 75 3.97 -7.45 -5.88
CA TRP A 75 4.01 -6.34 -6.84
C TRP A 75 5.16 -5.39 -6.47
N THR A 76 5.46 -4.44 -7.36
CA THR A 76 6.35 -3.30 -7.10
C THR A 76 5.54 -1.99 -7.12
N ILE A 77 6.00 -0.98 -6.37
CA ILE A 77 5.25 0.25 -6.08
C ILE A 77 6.18 1.46 -6.22
N SER A 78 5.78 2.47 -7.00
CA SER A 78 6.59 3.68 -7.25
C SER A 78 5.72 4.94 -7.28
N PRO A 79 6.24 6.13 -6.92
CA PRO A 79 5.49 7.39 -6.99
C PRO A 79 5.43 7.91 -8.43
N VAL A 80 4.30 8.50 -8.84
CA VAL A 80 4.13 9.09 -10.19
C VAL A 80 5.06 10.29 -10.42
N GLY A 81 5.45 11.01 -9.36
CA GLY A 81 6.41 12.11 -9.42
C GLY A 81 7.89 11.69 -9.46
N SER A 82 8.22 10.42 -9.19
CA SER A 82 9.61 9.91 -9.21
C SER A 82 9.70 8.40 -9.54
N PRO A 83 9.16 7.93 -10.68
CA PRO A 83 9.13 6.49 -11.03
C PRO A 83 10.51 5.90 -11.39
N ASN A 84 11.56 6.73 -11.39
CA ASN A 84 12.98 6.33 -11.45
C ASN A 84 13.45 5.54 -10.21
N SER A 85 12.60 5.46 -9.17
CA SER A 85 12.83 4.83 -7.88
C SER A 85 11.54 4.19 -7.36
N GLN A 86 11.61 3.31 -6.36
CA GLN A 86 10.48 2.52 -5.86
C GLN A 86 10.49 2.39 -4.34
N ILE A 87 9.40 1.89 -3.75
CA ILE A 87 9.35 1.60 -2.31
C ILE A 87 10.14 0.32 -2.03
N GLY A 88 11.09 0.44 -1.11
CA GLY A 88 11.95 -0.63 -0.61
C GLY A 88 12.05 -0.60 0.91
N TRP A 89 12.93 -1.40 1.49
CA TRP A 89 13.11 -1.55 2.93
C TRP A 89 14.57 -1.25 3.30
N GLY A 90 14.89 -1.20 4.59
CA GLY A 90 16.23 -0.90 5.10
C GLY A 90 16.59 -1.66 6.37
N ALA A 91 15.90 -2.79 6.62
CA ALA A 91 16.04 -3.67 7.79
C ALA A 91 15.81 -3.02 9.17
N GLY A 92 15.42 -1.74 9.20
CA GLY A 92 15.12 -0.93 10.39
C GLY A 92 13.62 -0.71 10.63
N ASN A 93 12.79 -1.66 10.20
CA ASN A 93 11.32 -1.71 10.39
C ASN A 93 10.56 -0.46 9.91
N VAL A 94 11.07 0.22 8.87
CA VAL A 94 10.39 1.31 8.13
C VAL A 94 10.67 1.19 6.62
N PRO A 95 9.70 1.43 5.73
CA PRO A 95 9.94 1.44 4.29
C PRO A 95 10.61 2.76 3.87
N VAL A 96 11.40 2.71 2.80
CA VAL A 96 12.21 3.82 2.29
C VAL A 96 12.12 3.92 0.77
N VAL A 97 12.33 5.12 0.22
CA VAL A 97 12.52 5.33 -1.22
C VAL A 97 13.88 4.76 -1.63
N LEU A 98 13.92 3.85 -2.61
CA LEU A 98 15.16 3.16 -3.02
C LEU A 98 15.14 2.81 -4.52
N PRO A 99 16.24 3.04 -5.29
CA PRO A 99 16.34 2.72 -6.72
C PRO A 99 15.93 1.27 -7.08
N PRO A 100 15.46 1.03 -8.33
CA PRO A 100 14.90 -0.26 -8.72
C PRO A 100 15.95 -1.37 -8.77
N ASN A 101 15.58 -2.53 -8.19
CA ASN A 101 16.33 -3.78 -8.24
C ASN A 101 15.31 -4.94 -8.26
N ASN A 102 14.81 -5.37 -7.09
CA ASN A 102 13.86 -6.49 -6.97
C ASN A 102 12.99 -6.39 -5.69
N TYR A 103 12.95 -5.24 -5.01
CA TYR A 103 12.17 -5.04 -3.78
C TYR A 103 10.66 -5.12 -4.08
N VAL A 104 9.91 -5.94 -3.33
CA VAL A 104 8.48 -6.21 -3.58
C VAL A 104 7.64 -6.12 -2.32
N TRP A 105 6.32 -5.98 -2.50
CA TRP A 105 5.32 -5.93 -1.44
C TRP A 105 4.07 -6.71 -1.86
N THR A 106 3.36 -7.31 -0.90
CA THR A 106 2.10 -8.03 -1.11
C THR A 106 0.93 -7.08 -0.90
N LEU A 107 -0.09 -7.15 -1.77
CA LEU A 107 -1.33 -6.35 -1.68
C LEU A 107 -2.54 -7.26 -1.44
N THR A 108 -2.68 -7.76 -0.21
CA THR A 108 -3.71 -8.74 0.18
C THR A 108 -5.06 -8.06 0.46
N LEU A 109 -6.14 -8.60 -0.11
CA LEU A 109 -7.52 -8.14 0.14
C LEU A 109 -8.23 -9.08 1.12
N THR A 110 -9.04 -8.51 2.00
CA THR A 110 -9.82 -9.22 3.04
C THR A 110 -11.23 -8.64 3.19
N SER A 111 -12.05 -9.25 4.05
CA SER A 111 -13.48 -8.91 4.25
C SER A 111 -13.76 -7.49 4.78
N GLY A 112 -12.74 -6.71 5.13
CA GLY A 112 -12.86 -5.34 5.64
C GLY A 112 -11.86 -4.32 5.09
N GLY A 113 -11.04 -4.67 4.10
CA GLY A 113 -10.11 -3.73 3.45
C GLY A 113 -8.90 -4.40 2.78
N TYR A 114 -7.98 -3.58 2.27
CA TYR A 114 -6.67 -4.02 1.80
C TYR A 114 -5.67 -4.10 2.96
N ASN A 115 -4.61 -4.86 2.75
CA ASN A 115 -3.49 -5.04 3.67
C ASN A 115 -2.20 -5.02 2.84
N ILE A 116 -1.12 -4.59 3.47
CA ILE A 116 0.17 -4.36 2.81
C ILE A 116 1.26 -4.98 3.65
N GLN A 117 2.02 -5.89 3.04
CA GLN A 117 2.97 -6.76 3.73
C GLN A 117 4.24 -6.96 2.91
N ASP A 118 5.31 -7.39 3.57
CA ASP A 118 6.54 -7.86 2.93
C ASP A 118 6.28 -9.07 2.01
N GLY A 119 7.24 -9.42 1.15
CA GLY A 119 7.14 -10.51 0.19
C GLY A 119 7.13 -11.93 0.78
N LYS A 120 7.12 -12.07 2.12
CA LYS A 120 7.09 -13.34 2.88
C LYS A 120 5.99 -13.34 3.95
N ARG A 121 5.17 -12.26 4.04
CA ARG A 121 4.08 -12.03 5.01
C ARG A 121 4.48 -12.14 6.50
N THR A 122 5.76 -11.97 6.85
CA THR A 122 6.20 -12.00 8.26
C THR A 122 5.76 -10.76 9.07
N VAL A 123 5.47 -9.65 8.40
CA VAL A 123 5.12 -8.33 8.98
C VAL A 123 4.10 -7.58 8.07
N SER A 124 3.66 -6.39 8.49
CA SER A 124 2.72 -5.53 7.76
C SER A 124 3.01 -4.04 8.00
N TRP A 125 2.64 -3.18 7.04
CA TRP A 125 2.75 -1.72 7.16
C TRP A 125 1.76 -1.17 8.19
N SER A 126 2.24 -0.30 9.08
CA SER A 126 1.51 0.22 10.23
C SER A 126 1.92 1.65 10.64
N LEU A 127 1.20 2.21 11.62
CA LEU A 127 1.42 3.53 12.21
C LEU A 127 1.51 3.43 13.75
N ASN A 128 1.95 4.51 14.41
CA ASN A 128 2.27 4.54 15.85
C ASN A 128 1.41 5.53 16.65
N ASN A 129 0.93 6.60 15.99
CA ASN A 129 -0.04 7.57 16.49
C ASN A 129 -1.26 7.71 15.55
N ALA A 130 -1.21 7.06 14.37
CA ALA A 130 -2.28 7.01 13.37
C ALA A 130 -2.76 8.41 12.90
N THR A 131 -1.80 9.32 12.65
CA THR A 131 -2.05 10.74 12.29
C THR A 131 -1.13 11.24 11.17
N ALA A 132 -1.52 12.35 10.54
CA ALA A 132 -0.73 13.05 9.52
C ALA A 132 0.68 13.47 10.02
N GLY A 133 1.65 13.49 9.10
CA GLY A 133 3.05 13.85 9.36
C GLY A 133 3.92 12.73 9.92
N GLU A 134 3.32 11.61 10.33
CA GLU A 134 4.03 10.44 10.84
C GLU A 134 4.75 9.66 9.72
N GLU A 135 6.00 9.27 9.96
CA GLU A 135 6.73 8.33 9.11
C GLU A 135 6.12 6.93 9.24
N VAL A 136 5.68 6.32 8.14
CA VAL A 136 5.05 4.98 8.16
C VAL A 136 6.07 3.92 8.62
N SER A 137 5.56 2.86 9.27
CA SER A 137 6.34 1.83 9.98
C SER A 137 5.95 0.42 9.53
N ILE A 138 6.69 -0.59 10.01
CA ILE A 138 6.47 -2.01 9.72
C ILE A 138 6.56 -2.81 11.02
N GLY A 139 5.63 -3.75 11.22
CA GLY A 139 5.54 -4.58 12.43
C GLY A 139 4.47 -5.66 12.32
N ALA A 140 4.05 -6.23 13.45
CA ALA A 140 2.90 -7.13 13.52
C ALA A 140 1.59 -6.50 12.99
N ASP A 141 0.64 -7.35 12.58
CA ASP A 141 -0.68 -6.95 12.07
C ASP A 141 -1.51 -6.16 13.09
N ALA A 142 -2.40 -5.30 12.58
CA ALA A 142 -3.32 -4.47 13.37
C ALA A 142 -4.63 -4.17 12.61
N THR A 143 -5.68 -3.81 13.35
CA THR A 143 -7.05 -3.63 12.83
C THR A 143 -7.47 -2.17 12.60
N PHE A 144 -6.82 -1.23 13.30
CA PHE A 144 -7.15 0.21 13.30
C PHE A 144 -5.91 1.12 13.12
N SER A 145 -4.74 0.56 12.86
CA SER A 145 -3.51 1.32 12.59
C SER A 145 -2.60 0.69 11.51
N GLY A 146 -2.94 -0.51 11.02
CA GLY A 146 -2.14 -1.33 10.10
C GLY A 146 -2.99 -2.08 9.08
N ARG A 147 -4.06 -1.43 8.60
CA ARG A 147 -4.93 -1.88 7.51
C ARG A 147 -5.14 -0.69 6.56
N TRP A 148 -5.35 -0.96 5.27
CA TRP A 148 -5.29 0.05 4.22
C TRP A 148 -6.46 -0.05 3.23
N VAL A 149 -6.56 0.93 2.34
CA VAL A 149 -7.55 1.01 1.26
C VAL A 149 -6.83 1.58 0.03
N ILE A 150 -7.21 1.09 -1.15
CA ILE A 150 -6.55 1.39 -2.42
C ILE A 150 -7.63 1.71 -3.47
N GLU A 151 -7.34 2.72 -4.31
CA GLU A 151 -8.23 3.18 -5.38
C GLU A 151 -7.42 3.53 -6.64
N LYS A 152 -8.02 3.32 -7.82
CA LYS A 152 -7.38 3.50 -9.14
C LYS A 152 -7.57 4.94 -9.63
N VAL A 153 -6.55 5.50 -10.30
CA VAL A 153 -6.52 6.89 -10.80
C VAL A 153 -6.09 7.04 -12.27
N MET A 1 -30.43 -23.97 -10.90
CA MET A 1 -30.76 -22.53 -10.82
C MET A 1 -29.92 -21.72 -11.81
N GLY A 2 -30.38 -20.51 -12.17
CA GLY A 2 -29.66 -19.63 -13.11
C GLY A 2 -30.12 -18.16 -13.11
N HIS A 3 -31.39 -17.89 -12.79
CA HIS A 3 -31.98 -16.53 -12.73
C HIS A 3 -32.72 -16.26 -11.40
N HIS A 4 -32.61 -17.20 -10.46
CA HIS A 4 -33.23 -17.23 -9.13
C HIS A 4 -32.53 -16.29 -8.13
N HIS A 5 -33.03 -16.24 -6.89
CA HIS A 5 -32.51 -15.38 -5.80
C HIS A 5 -32.33 -16.16 -4.48
N HIS A 6 -32.25 -17.50 -4.55
CA HIS A 6 -32.28 -18.42 -3.39
C HIS A 6 -31.13 -19.45 -3.39
N HIS A 7 -30.12 -19.25 -4.24
CA HIS A 7 -28.97 -20.15 -4.45
C HIS A 7 -27.60 -19.45 -4.34
N HIS A 8 -27.59 -18.16 -3.97
CA HIS A 8 -26.41 -17.33 -3.75
C HIS A 8 -26.63 -16.31 -2.61
N HIS A 9 -25.56 -15.66 -2.16
CA HIS A 9 -25.59 -14.65 -1.08
C HIS A 9 -24.50 -13.58 -1.27
N HIS A 10 -24.62 -12.48 -0.52
CA HIS A 10 -23.79 -11.28 -0.62
C HIS A 10 -23.38 -10.69 0.75
N SER A 11 -23.91 -11.21 1.85
CA SER A 11 -23.77 -10.68 3.22
C SER A 11 -24.08 -9.18 3.37
N GLY A 12 -24.94 -8.63 2.50
CA GLY A 12 -25.35 -7.22 2.48
C GLY A 12 -24.30 -6.25 1.89
N ASP A 13 -23.01 -6.58 1.96
CA ASP A 13 -21.89 -5.79 1.44
C ASP A 13 -20.67 -6.68 1.12
N SER A 14 -20.07 -6.46 -0.05
CA SER A 14 -18.91 -7.21 -0.58
C SER A 14 -18.00 -6.32 -1.45
N PRO A 15 -16.73 -6.71 -1.67
CA PRO A 15 -15.81 -6.03 -2.59
C PRO A 15 -16.33 -5.81 -4.02
N ALA A 16 -15.73 -4.82 -4.68
CA ALA A 16 -16.12 -4.37 -6.02
C ALA A 16 -14.93 -4.04 -6.96
N VAL A 17 -13.68 -4.29 -6.52
CA VAL A 17 -12.44 -4.02 -7.26
C VAL A 17 -11.40 -5.13 -7.06
N THR A 18 -10.38 -5.13 -7.92
CA THR A 18 -9.17 -5.94 -7.79
C THR A 18 -7.98 -5.19 -8.39
N LEU A 19 -6.77 -5.48 -7.92
CA LEU A 19 -5.54 -4.83 -8.39
C LEU A 19 -5.15 -5.29 -9.80
N SER A 20 -4.50 -4.39 -10.54
CA SER A 20 -3.97 -4.61 -11.90
C SER A 20 -2.83 -3.64 -12.18
N ALA A 21 -2.11 -3.81 -13.29
CA ALA A 21 -1.05 -2.93 -13.73
C ALA A 21 -1.59 -1.53 -14.09
N GLY A 22 -1.29 -0.49 -13.29
CA GLY A 22 -1.86 0.85 -13.46
C GLY A 22 -1.48 1.84 -12.35
N ASN A 23 -2.14 3.00 -12.33
CA ASN A 23 -1.94 4.07 -11.35
C ASN A 23 -2.97 3.96 -10.21
N TYR A 24 -2.52 4.11 -8.96
CA TYR A 24 -3.32 3.94 -7.75
C TYR A 24 -2.93 4.97 -6.67
N ILE A 25 -3.74 5.02 -5.62
CA ILE A 25 -3.49 5.74 -4.36
C ILE A 25 -3.73 4.79 -3.19
N ILE A 26 -3.01 5.03 -2.08
CA ILE A 26 -3.00 4.16 -0.90
C ILE A 26 -3.20 5.02 0.34
N TYR A 27 -4.14 4.63 1.20
CA TYR A 27 -4.43 5.32 2.46
C TYR A 27 -4.79 4.32 3.57
N ASN A 28 -4.53 4.69 4.82
CA ASN A 28 -4.88 3.83 5.96
C ASN A 28 -6.40 3.79 6.20
N ARG A 29 -6.90 2.69 6.77
CA ARG A 29 -8.33 2.55 7.10
C ARG A 29 -8.76 3.40 8.31
N VAL A 30 -7.81 3.89 9.11
CA VAL A 30 -8.04 4.66 10.35
C VAL A 30 -8.56 6.08 10.08
N LEU A 31 -8.25 6.67 8.90
CA LEU A 31 -8.50 8.08 8.55
C LEU A 31 -7.84 9.05 9.55
N SER A 32 -8.26 10.33 9.59
CA SER A 32 -7.69 11.31 10.53
C SER A 32 -8.71 12.38 10.99
N PRO A 33 -8.50 13.01 12.16
CA PRO A 33 -9.35 14.09 12.68
C PRO A 33 -9.18 15.43 11.92
N ARG A 34 -8.28 15.48 10.90
CA ARG A 34 -8.17 16.62 9.96
C ARG A 34 -9.46 16.84 9.14
N GLY A 35 -10.32 15.82 9.03
CA GLY A 35 -11.57 15.85 8.25
C GLY A 35 -11.41 15.34 6.82
N GLU A 36 -10.29 14.68 6.53
CA GLU A 36 -9.92 14.13 5.22
C GLU A 36 -9.14 12.81 5.39
N LYS A 37 -9.10 11.99 4.32
CA LYS A 37 -8.27 10.76 4.26
C LYS A 37 -6.80 11.08 4.50
N LEU A 38 -6.03 10.11 5.00
CA LEU A 38 -4.60 10.23 5.31
C LEU A 38 -3.84 9.20 4.46
N ALA A 39 -3.06 9.68 3.49
CA ALA A 39 -2.53 8.87 2.40
C ALA A 39 -0.99 8.83 2.30
N LEU A 40 -0.50 7.78 1.65
CA LEU A 40 0.90 7.51 1.33
C LEU A 40 1.48 8.65 0.48
N THR A 41 2.53 9.30 0.98
CA THR A 41 3.10 10.53 0.40
C THR A 41 4.63 10.44 0.31
N TYR A 42 5.18 10.81 -0.84
CA TYR A 42 6.60 10.78 -1.15
C TYR A 42 7.40 11.73 -0.22
N PRO A 43 8.53 11.29 0.38
CA PRO A 43 9.31 12.08 1.34
C PRO A 43 10.15 13.21 0.69
N GLY A 44 10.17 13.31 -0.64
CA GLY A 44 10.81 14.38 -1.40
C GLY A 44 12.19 14.02 -1.98
N ARG A 45 12.77 12.87 -1.59
CA ARG A 45 14.08 12.38 -2.06
C ARG A 45 14.21 10.85 -1.97
N GLN A 46 15.38 10.35 -2.36
CA GLN A 46 15.83 8.96 -2.17
C GLN A 46 16.44 8.74 -0.77
N ARG A 47 16.58 7.47 -0.35
CA ARG A 47 17.23 7.04 0.90
C ARG A 47 16.57 7.64 2.17
N THR A 48 15.24 7.77 2.12
CA THR A 48 14.39 8.33 3.19
C THR A 48 13.15 7.44 3.43
N PRO A 49 12.63 7.36 4.66
CA PRO A 49 11.44 6.56 4.97
C PRO A 49 10.18 7.15 4.32
N VAL A 50 9.24 6.29 3.93
CA VAL A 50 7.95 6.72 3.35
C VAL A 50 7.09 7.43 4.40
N THR A 51 6.35 8.47 4.00
CA THR A 51 5.62 9.38 4.91
C THR A 51 4.12 9.38 4.58
N VAL A 52 3.28 10.00 5.42
CA VAL A 52 1.83 10.20 5.13
C VAL A 52 1.39 11.65 5.33
N SER A 53 0.39 12.07 4.56
CA SER A 53 -0.15 13.45 4.54
C SER A 53 -1.63 13.41 4.12
N PRO A 54 -2.49 14.39 4.51
CA PRO A 54 -3.88 14.44 4.09
C PRO A 54 -4.02 14.34 2.56
N LEU A 55 -4.96 13.54 2.07
CA LEU A 55 -5.09 13.27 0.64
C LEU A 55 -5.58 14.50 -0.13
N ASP A 56 -4.81 14.85 -1.16
CA ASP A 56 -5.07 15.87 -2.18
C ASP A 56 -4.82 15.31 -3.60
N GLY A 57 -4.27 14.10 -3.71
CA GLY A 57 -4.04 13.40 -4.98
C GLY A 57 -2.97 14.04 -5.87
N SER A 58 -1.99 14.73 -5.27
CA SER A 58 -0.89 15.39 -5.97
C SER A 58 0.07 14.39 -6.64
N SER A 59 1.00 14.91 -7.44
CA SER A 59 2.12 14.15 -8.03
C SER A 59 2.99 13.42 -7.00
N GLU A 60 3.01 13.88 -5.75
CA GLU A 60 3.73 13.26 -4.62
C GLU A 60 2.84 12.30 -3.79
N GLN A 61 1.58 12.12 -4.17
CA GLN A 61 0.61 11.21 -3.52
C GLN A 61 -0.01 10.18 -4.48
N ALA A 62 0.11 10.37 -5.80
CA ALA A 62 -0.22 9.38 -6.80
C ALA A 62 0.93 8.37 -6.96
N TRP A 63 0.60 7.09 -7.09
CA TRP A 63 1.54 5.97 -7.22
C TRP A 63 1.16 5.07 -8.40
N ILE A 64 1.99 4.09 -8.72
CA ILE A 64 1.69 3.01 -9.66
C ILE A 64 1.93 1.66 -8.98
N LEU A 65 1.20 0.65 -9.45
CA LEU A 65 1.32 -0.76 -9.08
C LEU A 65 1.61 -1.57 -10.34
N ARG A 66 2.64 -2.42 -10.28
CA ARG A 66 3.07 -3.29 -11.40
C ARG A 66 3.42 -4.67 -10.85
N SER A 67 2.86 -5.72 -11.45
CA SER A 67 3.01 -7.10 -10.99
C SER A 67 4.48 -7.58 -11.07
N TYR A 68 4.87 -8.49 -10.17
CA TYR A 68 6.16 -9.20 -10.22
C TYR A 68 5.98 -10.72 -10.19
N ASP A 69 4.96 -11.25 -9.51
CA ASP A 69 4.68 -12.69 -9.43
C ASP A 69 3.18 -13.00 -9.22
N SER A 70 2.71 -14.14 -9.74
CA SER A 70 1.29 -14.55 -9.74
C SER A 70 0.96 -15.73 -8.81
N ASN A 71 1.96 -16.43 -8.24
CA ASN A 71 1.80 -17.46 -7.23
C ASN A 71 2.13 -16.97 -5.79
N SER A 72 2.76 -15.80 -5.65
CA SER A 72 3.14 -15.15 -4.39
C SER A 72 2.38 -13.83 -4.14
N ASN A 73 1.53 -13.39 -5.08
CA ASN A 73 0.72 -12.15 -4.99
C ASN A 73 1.55 -10.90 -4.63
N THR A 74 2.77 -10.83 -5.18
CA THR A 74 3.75 -9.76 -4.97
C THR A 74 3.85 -8.81 -6.17
N TRP A 75 4.01 -7.53 -5.84
CA TRP A 75 3.97 -6.39 -6.75
C TRP A 75 5.10 -5.40 -6.40
N THR A 76 5.34 -4.44 -7.29
CA THR A 76 6.26 -3.32 -7.08
C THR A 76 5.46 -2.00 -7.04
N ILE A 77 5.99 -0.99 -6.32
CA ILE A 77 5.29 0.27 -6.03
C ILE A 77 6.26 1.44 -6.22
N SER A 78 5.85 2.46 -6.96
CA SER A 78 6.63 3.70 -7.16
C SER A 78 5.73 4.94 -7.34
N PRO A 79 6.19 6.15 -7.01
CA PRO A 79 5.38 7.37 -7.13
C PRO A 79 5.30 7.84 -8.59
N VAL A 80 4.18 8.45 -8.99
CA VAL A 80 4.00 9.01 -10.35
C VAL A 80 4.96 10.18 -10.62
N GLY A 81 5.36 10.92 -9.59
CA GLY A 81 6.36 12.00 -9.69
C GLY A 81 7.81 11.53 -9.86
N SER A 82 8.15 10.32 -9.40
CA SER A 82 9.52 9.76 -9.41
C SER A 82 9.56 8.24 -9.69
N PRO A 83 9.04 7.76 -10.84
CA PRO A 83 9.05 6.34 -11.21
C PRO A 83 10.45 5.78 -11.51
N ASN A 84 11.48 6.64 -11.50
CA ASN A 84 12.90 6.31 -11.53
C ASN A 84 13.42 5.69 -10.21
N SER A 85 12.53 5.40 -9.25
CA SER A 85 12.80 4.76 -7.96
C SER A 85 11.60 3.92 -7.52
N GLN A 86 11.71 3.20 -6.39
CA GLN A 86 10.63 2.36 -5.87
C GLN A 86 10.64 2.30 -4.34
N ILE A 87 9.53 1.84 -3.73
CA ILE A 87 9.49 1.51 -2.29
C ILE A 87 10.19 0.16 -2.09
N GLY A 88 11.13 0.13 -1.15
CA GLY A 88 11.80 -1.08 -0.66
C GLY A 88 11.82 -1.10 0.87
N TRP A 89 12.20 -2.23 1.48
CA TRP A 89 12.34 -2.32 2.94
C TRP A 89 13.69 -1.70 3.37
N GLY A 90 14.01 -1.78 4.66
CA GLY A 90 15.24 -1.25 5.21
C GLY A 90 15.55 -1.84 6.58
N ALA A 91 16.84 -1.85 6.91
CA ALA A 91 17.41 -2.50 8.08
C ALA A 91 17.04 -1.88 9.45
N GLY A 92 16.24 -0.80 9.43
CA GLY A 92 15.60 -0.17 10.59
C GLY A 92 14.12 -0.56 10.77
N ASN A 93 13.65 -1.63 10.09
CA ASN A 93 12.28 -2.15 10.11
C ASN A 93 11.21 -1.13 9.65
N VAL A 94 11.51 -0.38 8.59
CA VAL A 94 10.62 0.62 7.95
C VAL A 94 10.75 0.60 6.42
N PRO A 95 9.73 1.01 5.65
CA PRO A 95 9.84 1.15 4.20
C PRO A 95 10.58 2.43 3.83
N VAL A 96 11.43 2.36 2.80
CA VAL A 96 12.37 3.41 2.35
C VAL A 96 12.30 3.54 0.83
N VAL A 97 12.33 4.76 0.30
CA VAL A 97 12.44 5.00 -1.15
C VAL A 97 13.87 4.71 -1.61
N LEU A 98 14.04 3.81 -2.58
CA LEU A 98 15.33 3.32 -3.05
C LEU A 98 15.41 3.23 -4.59
N PRO A 99 16.62 3.26 -5.18
CA PRO A 99 16.84 2.96 -6.60
C PRO A 99 16.20 1.64 -7.06
N PRO A 100 15.86 1.50 -8.36
CA PRO A 100 15.19 0.31 -8.88
C PRO A 100 16.09 -0.92 -8.83
N ASN A 101 15.55 -2.03 -8.33
CA ASN A 101 16.24 -3.33 -8.20
C ASN A 101 15.28 -4.48 -8.55
N ASN A 102 14.13 -4.52 -7.87
CA ASN A 102 13.00 -5.48 -7.84
C ASN A 102 12.52 -5.79 -6.40
N TYR A 103 12.70 -4.86 -5.45
CA TYR A 103 12.08 -4.96 -4.12
C TYR A 103 10.55 -5.12 -4.29
N VAL A 104 9.88 -5.92 -3.45
CA VAL A 104 8.44 -6.23 -3.61
C VAL A 104 7.65 -6.07 -2.32
N TRP A 105 6.32 -6.00 -2.48
CA TRP A 105 5.33 -6.03 -1.41
C TRP A 105 4.17 -6.93 -1.82
N THR A 106 3.63 -7.69 -0.86
CA THR A 106 2.39 -8.48 -1.05
C THR A 106 1.20 -7.59 -0.74
N LEU A 107 0.14 -7.70 -1.53
CA LEU A 107 -1.13 -7.01 -1.27
C LEU A 107 -2.25 -8.03 -1.01
N THR A 108 -3.14 -7.75 -0.06
CA THR A 108 -4.17 -8.72 0.36
C THR A 108 -5.53 -8.05 0.56
N LEU A 109 -6.43 -8.26 -0.40
CA LEU A 109 -7.84 -7.84 -0.33
C LEU A 109 -8.60 -8.59 0.80
N THR A 110 -9.58 -7.92 1.39
CA THR A 110 -10.55 -8.49 2.36
C THR A 110 -11.98 -7.99 2.08
N SER A 111 -12.97 -8.47 2.82
CA SER A 111 -14.40 -8.16 2.60
C SER A 111 -14.78 -6.67 2.74
N GLY A 112 -13.89 -5.80 3.25
CA GLY A 112 -14.14 -4.37 3.42
C GLY A 112 -12.88 -3.48 3.48
N GLY A 113 -11.78 -3.91 2.87
CA GLY A 113 -10.50 -3.17 2.85
C GLY A 113 -9.34 -3.95 2.25
N TYR A 114 -8.14 -3.38 2.33
CA TYR A 114 -6.88 -3.97 1.86
C TYR A 114 -5.84 -4.11 2.99
N ASN A 115 -4.81 -4.90 2.72
CA ASN A 115 -3.61 -5.02 3.56
C ASN A 115 -2.35 -4.99 2.69
N ILE A 116 -1.24 -4.64 3.33
CA ILE A 116 0.07 -4.44 2.71
C ILE A 116 1.12 -5.12 3.59
N GLN A 117 1.84 -6.10 3.04
CA GLN A 117 2.76 -6.96 3.77
C GLN A 117 4.10 -7.12 3.04
N ASP A 118 5.15 -7.42 3.79
CA ASP A 118 6.43 -7.82 3.20
C ASP A 118 6.31 -9.13 2.41
N GLY A 119 7.21 -9.38 1.45
CA GLY A 119 7.28 -10.61 0.68
C GLY A 119 7.38 -11.92 1.51
N LYS A 120 7.77 -11.86 2.80
CA LYS A 120 7.78 -13.02 3.70
C LYS A 120 6.43 -13.33 4.38
N ARG A 121 5.45 -12.40 4.34
CA ARG A 121 4.17 -12.43 5.11
C ARG A 121 4.33 -12.63 6.63
N THR A 122 5.51 -12.35 7.18
CA THR A 122 5.79 -12.34 8.63
C THR A 122 5.36 -11.02 9.31
N VAL A 123 5.15 -9.96 8.53
CA VAL A 123 4.90 -8.59 8.98
C VAL A 123 3.98 -7.82 8.03
N SER A 124 3.37 -6.75 8.53
CA SER A 124 2.43 -5.84 7.85
C SER A 124 2.88 -4.39 8.01
N TRP A 125 2.50 -3.51 7.06
CA TRP A 125 2.70 -2.07 7.20
C TRP A 125 1.79 -1.49 8.28
N SER A 126 2.31 -0.58 9.09
CA SER A 126 1.67 0.02 10.27
C SER A 126 2.04 1.49 10.47
N LEU A 127 1.41 2.13 11.48
CA LEU A 127 1.54 3.54 11.83
C LEU A 127 1.72 3.70 13.36
N ASN A 128 2.00 4.92 13.84
CA ASN A 128 2.43 5.20 15.22
C ASN A 128 1.60 6.27 15.94
N ASN A 129 1.08 7.25 15.20
CA ASN A 129 0.26 8.37 15.70
C ASN A 129 -1.14 8.38 15.05
N ALA A 130 -1.29 7.69 13.91
CA ALA A 130 -2.48 7.68 13.06
C ALA A 130 -2.96 9.09 12.65
N THR A 131 -2.03 10.03 12.44
CA THR A 131 -2.31 11.44 12.11
C THR A 131 -1.22 12.03 11.20
N ALA A 132 -1.55 13.11 10.49
CA ALA A 132 -0.60 13.84 9.66
C ALA A 132 0.63 14.31 10.47
N GLY A 133 1.82 14.09 9.92
CA GLY A 133 3.10 14.36 10.60
C GLY A 133 3.87 13.10 11.03
N GLU A 134 3.44 11.90 10.61
CA GLU A 134 4.12 10.63 10.91
C GLU A 134 4.74 9.94 9.68
N GLU A 135 5.61 8.95 9.91
CA GLU A 135 6.18 8.08 8.89
C GLU A 135 5.63 6.64 8.98
N VAL A 136 5.60 5.93 7.85
CA VAL A 136 5.15 4.54 7.77
C VAL A 136 6.14 3.61 8.49
N SER A 137 5.63 2.53 9.08
CA SER A 137 6.38 1.53 9.85
C SER A 137 5.99 0.10 9.44
N ILE A 138 6.72 -0.89 9.94
CA ILE A 138 6.47 -2.33 9.68
C ILE A 138 6.59 -3.12 11.00
N GLY A 139 5.70 -4.09 11.20
CA GLY A 139 5.68 -4.96 12.38
C GLY A 139 4.62 -6.05 12.30
N ALA A 140 4.32 -6.69 13.43
CA ALA A 140 3.19 -7.62 13.55
C ALA A 140 1.83 -6.96 13.22
N ASP A 141 0.81 -7.78 12.96
CA ASP A 141 -0.58 -7.35 12.74
C ASP A 141 -1.15 -6.50 13.90
N ALA A 142 -2.12 -5.67 13.55
CA ALA A 142 -2.77 -4.72 14.47
C ALA A 142 -4.29 -4.62 14.21
N THR A 143 -5.03 -4.18 15.24
CA THR A 143 -6.50 -4.06 15.24
C THR A 143 -7.05 -3.12 14.15
N PHE A 144 -6.37 -1.99 13.91
CA PHE A 144 -6.67 -1.05 12.82
C PHE A 144 -5.46 -0.24 12.33
N SER A 145 -4.46 0.02 13.18
CA SER A 145 -3.26 0.82 12.87
C SER A 145 -2.29 0.23 11.84
N GLY A 146 -2.63 -0.92 11.24
CA GLY A 146 -1.94 -1.51 10.08
C GLY A 146 -2.89 -2.06 9.01
N ARG A 147 -4.14 -1.57 8.95
CA ARG A 147 -5.13 -1.89 7.91
C ARG A 147 -5.23 -0.72 6.93
N TRP A 148 -5.45 -1.02 5.65
CA TRP A 148 -5.32 -0.07 4.54
C TRP A 148 -6.50 -0.13 3.56
N VAL A 149 -6.50 0.80 2.61
CA VAL A 149 -7.45 0.90 1.48
C VAL A 149 -6.67 1.39 0.26
N ILE A 150 -7.02 0.89 -0.92
CA ILE A 150 -6.38 1.20 -2.20
C ILE A 150 -7.46 1.53 -3.22
N GLU A 151 -7.19 2.53 -4.06
CA GLU A 151 -8.10 3.03 -5.09
C GLU A 151 -7.35 3.40 -6.37
N LYS A 152 -8.05 3.31 -7.51
CA LYS A 152 -7.48 3.45 -8.86
C LYS A 152 -7.66 4.89 -9.37
N VAL A 153 -6.67 5.41 -10.08
CA VAL A 153 -6.61 6.82 -10.60
C VAL A 153 -6.19 6.94 -12.07
N MET A 1 -7.07 -32.11 -28.06
CA MET A 1 -6.17 -32.74 -27.05
C MET A 1 -5.07 -33.54 -27.74
N GLY A 2 -3.80 -33.23 -27.45
CA GLY A 2 -2.64 -33.96 -28.01
C GLY A 2 -1.29 -33.61 -27.37
N HIS A 3 -1.29 -33.02 -26.18
CA HIS A 3 -0.10 -32.48 -25.47
C HIS A 3 -0.32 -32.42 -23.95
N HIS A 4 0.73 -32.11 -23.20
CA HIS A 4 0.71 -31.96 -21.73
C HIS A 4 1.53 -30.76 -21.22
N HIS A 5 2.14 -29.99 -22.13
CA HIS A 5 3.00 -28.83 -21.87
C HIS A 5 2.27 -27.57 -21.36
N HIS A 6 0.94 -27.60 -21.29
CA HIS A 6 0.09 -26.56 -20.69
C HIS A 6 0.45 -26.29 -19.22
N HIS A 7 0.23 -25.05 -18.75
CA HIS A 7 0.55 -24.62 -17.38
C HIS A 7 -0.49 -23.62 -16.85
N HIS A 8 -0.68 -23.60 -15.53
CA HIS A 8 -1.63 -22.75 -14.81
C HIS A 8 -1.18 -22.53 -13.34
N HIS A 9 -1.77 -21.56 -12.65
CA HIS A 9 -1.38 -21.10 -11.30
C HIS A 9 -2.58 -20.82 -10.40
N HIS A 10 -2.33 -20.58 -9.11
CA HIS A 10 -3.35 -20.30 -8.08
C HIS A 10 -2.91 -19.15 -7.15
N SER A 11 -3.81 -18.71 -6.26
CA SER A 11 -3.67 -17.55 -5.36
C SER A 11 -3.48 -16.20 -6.07
N GLY A 12 -3.63 -16.16 -7.40
CA GLY A 12 -3.55 -14.96 -8.24
C GLY A 12 -4.08 -15.17 -9.67
N ASP A 13 -5.02 -16.11 -9.86
CA ASP A 13 -5.71 -16.33 -11.15
C ASP A 13 -6.59 -15.13 -11.57
N SER A 14 -7.04 -14.34 -10.59
CA SER A 14 -7.79 -13.08 -10.76
C SER A 14 -7.48 -12.13 -9.57
N PRO A 15 -7.45 -10.79 -9.78
CA PRO A 15 -7.27 -9.81 -8.71
C PRO A 15 -8.24 -9.94 -7.52
N ALA A 16 -7.86 -9.35 -6.39
CA ALA A 16 -8.67 -9.28 -5.17
C ALA A 16 -10.02 -8.54 -5.37
N VAL A 17 -10.02 -7.52 -6.23
CA VAL A 17 -11.20 -6.79 -6.75
C VAL A 17 -11.00 -6.46 -8.23
N THR A 18 -9.92 -5.72 -8.53
CA THR A 18 -9.66 -5.10 -9.84
C THR A 18 -8.21 -4.59 -10.00
N LEU A 19 -7.34 -4.78 -8.99
CA LEU A 19 -5.94 -4.33 -9.03
C LEU A 19 -5.23 -4.83 -10.29
N SER A 20 -4.50 -3.94 -10.93
CA SER A 20 -3.93 -4.12 -12.27
C SER A 20 -2.68 -3.28 -12.44
N ALA A 21 -1.95 -3.47 -13.55
CA ALA A 21 -0.79 -2.66 -13.90
C ALA A 21 -1.22 -1.22 -14.27
N GLY A 22 -0.97 -0.24 -13.39
CA GLY A 22 -1.48 1.13 -13.56
C GLY A 22 -1.15 2.08 -12.40
N ASN A 23 -1.78 3.26 -12.40
CA ASN A 23 -1.60 4.30 -11.39
C ASN A 23 -2.69 4.19 -10.31
N TYR A 24 -2.30 4.30 -9.04
CA TYR A 24 -3.16 4.11 -7.86
C TYR A 24 -2.78 5.09 -6.74
N ILE A 25 -3.64 5.17 -5.72
CA ILE A 25 -3.40 5.85 -4.44
C ILE A 25 -3.63 4.87 -3.30
N ILE A 26 -2.89 5.06 -2.20
CA ILE A 26 -2.88 4.18 -1.03
C ILE A 26 -3.03 5.03 0.22
N TYR A 27 -4.00 4.69 1.07
CA TYR A 27 -4.28 5.40 2.33
C TYR A 27 -4.67 4.45 3.46
N ASN A 28 -4.39 4.85 4.70
CA ASN A 28 -4.68 4.02 5.87
C ASN A 28 -6.19 3.93 6.12
N ARG A 29 -6.68 2.72 6.41
CA ARG A 29 -8.12 2.41 6.53
C ARG A 29 -8.82 3.14 7.68
N VAL A 30 -8.08 3.61 8.68
CA VAL A 30 -8.62 4.39 9.81
C VAL A 30 -8.96 5.85 9.45
N LEU A 31 -8.65 6.31 8.23
CA LEU A 31 -8.74 7.72 7.80
C LEU A 31 -7.96 8.63 8.76
N SER A 32 -8.41 9.85 9.05
CA SER A 32 -7.75 10.75 10.02
C SER A 32 -8.73 11.67 10.77
N PRO A 33 -8.33 12.23 11.94
CA PRO A 33 -9.08 13.26 12.66
C PRO A 33 -9.47 14.52 11.85
N ARG A 34 -8.80 14.77 10.72
CA ARG A 34 -9.15 15.82 9.74
C ARG A 34 -10.53 15.62 9.11
N GLY A 35 -11.06 14.39 9.14
CA GLY A 35 -12.30 13.98 8.46
C GLY A 35 -12.07 13.53 7.01
N GLU A 36 -10.82 13.24 6.63
CA GLU A 36 -10.39 12.94 5.26
C GLU A 36 -9.42 11.73 5.20
N LYS A 37 -9.23 11.18 4.00
CA LYS A 37 -8.32 10.06 3.71
C LYS A 37 -6.86 10.40 4.07
N LEU A 38 -6.14 9.42 4.62
CA LEU A 38 -4.78 9.56 5.16
C LEU A 38 -3.78 8.81 4.27
N ALA A 39 -3.33 9.48 3.20
CA ALA A 39 -2.58 8.90 2.09
C ALA A 39 -1.05 8.90 2.28
N LEU A 40 -0.38 7.99 1.58
CA LEU A 40 1.08 7.91 1.51
C LEU A 40 1.67 8.97 0.58
N THR A 41 2.77 9.56 1.02
CA THR A 41 3.42 10.72 0.40
C THR A 41 4.93 10.51 0.27
N TYR A 42 5.46 10.81 -0.90
CA TYR A 42 6.89 10.73 -1.23
C TYR A 42 7.72 11.74 -0.39
N PRO A 43 8.82 11.32 0.27
CA PRO A 43 9.66 12.18 1.11
C PRO A 43 10.56 13.16 0.33
N GLY A 44 10.62 13.04 -1.01
CA GLY A 44 11.32 13.99 -1.89
C GLY A 44 12.72 13.57 -2.36
N ARG A 45 13.30 12.49 -1.79
CA ARG A 45 14.65 12.00 -2.11
C ARG A 45 14.82 10.49 -1.86
N GLN A 46 15.99 9.96 -2.20
CA GLN A 46 16.41 8.59 -1.86
C GLN A 46 16.72 8.46 -0.35
N ARG A 47 16.87 7.21 0.15
CA ARG A 47 17.36 6.89 1.51
C ARG A 47 16.58 7.57 2.64
N THR A 48 15.27 7.73 2.46
CA THR A 48 14.33 8.34 3.42
C THR A 48 13.04 7.49 3.51
N PRO A 49 12.36 7.46 4.67
CA PRO A 49 11.14 6.68 4.85
C PRO A 49 9.92 7.30 4.16
N VAL A 50 8.95 6.46 3.77
CA VAL A 50 7.66 6.91 3.23
C VAL A 50 6.91 7.74 4.28
N THR A 51 6.35 8.90 3.88
CA THR A 51 5.64 9.84 4.78
C THR A 51 4.13 9.74 4.57
N VAL A 52 3.32 10.39 5.41
CA VAL A 52 1.86 10.31 5.42
C VAL A 52 1.23 11.71 5.53
N SER A 53 0.14 11.96 4.79
CA SER A 53 -0.51 13.29 4.66
C SER A 53 -2.03 13.15 4.38
N PRO A 54 -2.85 14.22 4.54
CA PRO A 54 -4.22 14.18 4.05
C PRO A 54 -4.23 14.14 2.52
N LEU A 55 -5.12 13.33 1.92
CA LEU A 55 -5.21 13.21 0.46
C LEU A 55 -5.63 14.55 -0.20
N ASP A 56 -4.87 14.94 -1.22
CA ASP A 56 -5.08 16.11 -2.09
C ASP A 56 -4.92 15.77 -3.58
N GLY A 57 -4.19 14.68 -3.92
CA GLY A 57 -4.06 14.16 -5.28
C GLY A 57 -2.81 14.64 -6.04
N SER A 58 -1.83 15.22 -5.33
CA SER A 58 -0.53 15.63 -5.87
C SER A 58 0.25 14.45 -6.48
N SER A 59 1.17 14.77 -7.39
CA SER A 59 2.18 13.83 -7.92
C SER A 59 3.09 13.25 -6.84
N GLU A 60 3.22 13.92 -5.69
CA GLU A 60 3.91 13.41 -4.50
C GLU A 60 3.06 12.39 -3.70
N GLN A 61 1.76 12.26 -3.99
CA GLN A 61 0.83 11.33 -3.32
C GLN A 61 0.28 10.23 -4.23
N ALA A 62 0.41 10.40 -5.56
CA ALA A 62 0.07 9.39 -6.55
C ALA A 62 1.22 8.37 -6.71
N TRP A 63 0.86 7.10 -6.89
CA TRP A 63 1.77 5.96 -7.01
C TRP A 63 1.38 5.09 -8.21
N ILE A 64 2.18 4.07 -8.52
CA ILE A 64 1.87 3.02 -9.50
C ILE A 64 2.01 1.64 -8.84
N LEU A 65 1.27 0.67 -9.39
CA LEU A 65 1.31 -0.74 -9.05
C LEU A 65 1.54 -1.52 -10.35
N ARG A 66 2.44 -2.51 -10.33
CA ARG A 66 2.74 -3.36 -11.49
C ARG A 66 2.81 -4.83 -11.08
N SER A 67 2.26 -5.66 -11.96
CA SER A 67 1.95 -7.08 -11.81
C SER A 67 3.19 -7.98 -11.83
N TYR A 68 4.15 -7.71 -10.94
CA TYR A 68 5.48 -8.33 -10.90
C TYR A 68 5.43 -9.87 -10.87
N ASP A 69 4.54 -10.44 -10.04
CA ASP A 69 4.20 -11.87 -10.04
C ASP A 69 2.72 -12.10 -9.66
N SER A 70 2.22 -13.31 -9.93
CA SER A 70 0.86 -13.76 -9.62
C SER A 70 0.83 -15.03 -8.75
N ASN A 71 1.89 -15.83 -8.76
CA ASN A 71 2.06 -17.03 -7.95
C ASN A 71 2.08 -16.74 -6.42
N SER A 72 2.50 -15.53 -6.02
CA SER A 72 2.57 -15.04 -4.63
C SER A 72 1.81 -13.73 -4.39
N ASN A 73 0.97 -13.27 -5.34
CA ASN A 73 0.18 -12.02 -5.24
C ASN A 73 1.03 -10.77 -4.90
N THR A 74 2.25 -10.73 -5.46
CA THR A 74 3.28 -9.70 -5.22
C THR A 74 3.43 -8.71 -6.37
N TRP A 75 3.67 -7.46 -5.99
CA TRP A 75 3.67 -6.28 -6.86
C TRP A 75 4.84 -5.36 -6.51
N THR A 76 5.20 -4.46 -7.43
CA THR A 76 6.16 -3.38 -7.17
C THR A 76 5.41 -2.04 -7.05
N ILE A 77 5.95 -1.12 -6.25
CA ILE A 77 5.31 0.17 -5.92
C ILE A 77 6.33 1.30 -6.12
N SER A 78 5.94 2.30 -6.92
CA SER A 78 6.79 3.46 -7.28
C SER A 78 5.97 4.76 -7.31
N PRO A 79 6.54 5.94 -6.98
CA PRO A 79 5.81 7.21 -6.98
C PRO A 79 5.68 7.78 -8.40
N VAL A 80 4.54 8.42 -8.71
CA VAL A 80 4.31 9.08 -10.01
C VAL A 80 5.23 10.32 -10.19
N GLY A 81 5.59 10.99 -9.10
CA GLY A 81 6.53 12.12 -9.11
C GLY A 81 7.99 11.74 -9.43
N SER A 82 8.40 10.48 -9.14
CA SER A 82 9.77 9.98 -9.35
C SER A 82 9.81 8.47 -9.74
N PRO A 83 9.28 8.07 -10.92
CA PRO A 83 9.24 6.67 -11.35
C PRO A 83 10.59 5.94 -11.42
N ASN A 84 11.70 6.69 -11.38
CA ASN A 84 13.07 6.22 -11.21
C ASN A 84 13.40 5.64 -9.80
N SER A 85 12.41 5.53 -8.91
CA SER A 85 12.54 5.05 -7.53
C SER A 85 11.44 4.02 -7.18
N GLN A 86 11.68 3.23 -6.13
CA GLN A 86 10.86 2.08 -5.72
C GLN A 86 10.88 1.95 -4.18
N ILE A 87 9.77 1.53 -3.58
CA ILE A 87 9.68 1.30 -2.12
C ILE A 87 10.33 -0.04 -1.77
N GLY A 88 11.24 -0.04 -0.80
CA GLY A 88 11.92 -1.23 -0.25
C GLY A 88 12.15 -1.12 1.26
N TRP A 89 12.65 -2.17 1.90
CA TRP A 89 12.99 -2.16 3.34
C TRP A 89 14.24 -1.29 3.59
N GLY A 90 14.36 -0.72 4.80
CA GLY A 90 15.54 0.07 5.21
C GLY A 90 16.31 -0.50 6.41
N ALA A 91 16.16 -1.80 6.69
CA ALA A 91 16.71 -2.56 7.83
C ALA A 91 16.39 -2.06 9.26
N GLY A 92 15.69 -0.93 9.37
CA GLY A 92 15.20 -0.31 10.61
C GLY A 92 13.70 -0.49 10.84
N ASN A 93 13.12 -1.56 10.27
CA ASN A 93 11.68 -1.88 10.28
C ASN A 93 10.77 -0.72 9.81
N VAL A 94 11.19 -0.05 8.73
CA VAL A 94 10.42 0.99 7.99
C VAL A 94 10.61 0.79 6.47
N PRO A 95 9.63 1.15 5.63
CA PRO A 95 9.80 1.20 4.18
C PRO A 95 10.46 2.55 3.78
N VAL A 96 11.37 2.50 2.81
CA VAL A 96 12.19 3.62 2.34
C VAL A 96 12.24 3.71 0.81
N VAL A 97 12.51 4.91 0.30
CA VAL A 97 12.74 5.17 -1.13
C VAL A 97 14.14 4.71 -1.54
N LEU A 98 14.23 3.85 -2.55
CA LEU A 98 15.48 3.32 -3.11
C LEU A 98 15.42 3.25 -4.65
N PRO A 99 16.55 3.11 -5.37
CA PRO A 99 16.54 2.81 -6.80
C PRO A 99 15.93 1.41 -7.07
N PRO A 100 15.41 1.15 -8.28
CA PRO A 100 14.76 -0.12 -8.62
C PRO A 100 15.72 -1.31 -8.52
N ASN A 101 15.43 -2.23 -7.60
CA ASN A 101 16.22 -3.44 -7.30
C ASN A 101 15.31 -4.53 -6.72
N ASN A 102 14.27 -4.88 -7.50
CA ASN A 102 13.38 -6.02 -7.25
C ASN A 102 12.63 -5.98 -5.89
N TYR A 103 12.51 -4.82 -5.24
CA TYR A 103 11.78 -4.70 -3.98
C TYR A 103 10.27 -4.83 -4.25
N VAL A 104 9.65 -5.84 -3.63
CA VAL A 104 8.24 -6.22 -3.86
C VAL A 104 7.46 -6.27 -2.55
N TRP A 105 6.15 -6.13 -2.65
CA TRP A 105 5.20 -6.17 -1.55
C TRP A 105 3.92 -6.92 -1.97
N THR A 106 3.19 -7.46 -0.99
CA THR A 106 2.03 -8.34 -1.21
C THR A 106 0.74 -7.59 -0.85
N LEU A 107 -0.27 -7.63 -1.72
CA LEU A 107 -1.53 -6.87 -1.54
C LEU A 107 -2.73 -7.82 -1.37
N THR A 108 -3.33 -7.85 -0.17
CA THR A 108 -4.40 -8.80 0.16
C THR A 108 -5.62 -8.11 0.78
N LEU A 109 -6.81 -8.41 0.26
CA LEU A 109 -8.08 -7.93 0.82
C LEU A 109 -8.60 -8.87 1.93
N THR A 110 -9.10 -8.31 3.03
CA THR A 110 -9.79 -9.02 4.12
C THR A 110 -11.10 -8.31 4.50
N SER A 111 -11.89 -8.89 5.41
CA SER A 111 -13.24 -8.46 5.82
C SER A 111 -13.36 -7.03 6.39
N GLY A 112 -12.25 -6.31 6.59
CA GLY A 112 -12.22 -4.92 7.05
C GLY A 112 -11.38 -3.94 6.21
N GLY A 113 -10.65 -4.40 5.18
CA GLY A 113 -9.83 -3.54 4.31
C GLY A 113 -8.71 -4.29 3.57
N TYR A 114 -7.94 -3.57 2.75
CA TYR A 114 -6.70 -4.09 2.16
C TYR A 114 -5.56 -4.18 3.20
N ASN A 115 -4.56 -4.98 2.87
CA ASN A 115 -3.37 -5.23 3.67
C ASN A 115 -2.13 -5.17 2.77
N ILE A 116 -1.01 -4.78 3.35
CA ILE A 116 0.25 -4.52 2.65
C ILE A 116 1.39 -5.16 3.44
N GLN A 117 1.98 -6.23 2.89
CA GLN A 117 2.91 -7.10 3.62
C GLN A 117 4.19 -7.42 2.82
N ASP A 118 5.22 -7.90 3.53
CA ASP A 118 6.47 -8.42 2.96
C ASP A 118 6.25 -9.72 2.17
N GLY A 119 7.26 -10.12 1.37
CA GLY A 119 7.21 -11.34 0.54
C GLY A 119 7.13 -12.69 1.28
N LYS A 120 7.25 -12.71 2.62
CA LYS A 120 7.15 -13.89 3.49
C LYS A 120 5.95 -13.82 4.44
N ARG A 121 5.16 -12.74 4.39
CA ARG A 121 4.00 -12.41 5.25
C ARG A 121 4.29 -12.43 6.76
N THR A 122 5.55 -12.29 7.19
CA THR A 122 5.91 -12.25 8.61
C THR A 122 5.54 -10.93 9.30
N VAL A 123 5.32 -9.86 8.52
CA VAL A 123 4.99 -8.50 9.00
C VAL A 123 4.00 -7.78 8.06
N SER A 124 3.57 -6.58 8.44
CA SER A 124 2.66 -5.70 7.71
C SER A 124 3.02 -4.23 7.90
N TRP A 125 2.69 -3.37 6.92
CA TRP A 125 2.84 -1.92 7.04
C TRP A 125 1.85 -1.34 8.06
N SER A 126 2.33 -0.41 8.89
CA SER A 126 1.61 0.15 10.03
C SER A 126 2.03 1.59 10.37
N LEU A 127 1.32 2.20 11.33
CA LEU A 127 1.52 3.54 11.91
C LEU A 127 1.40 3.48 13.45
N ASN A 128 1.66 4.58 14.14
CA ASN A 128 1.70 4.67 15.60
C ASN A 128 0.87 5.82 16.20
N ASN A 129 0.61 6.86 15.40
CA ASN A 129 -0.12 8.08 15.79
C ASN A 129 -1.41 8.26 14.97
N ALA A 130 -1.53 7.54 13.85
CA ALA A 130 -2.65 7.57 12.90
C ALA A 130 -3.01 9.00 12.40
N THR A 131 -1.99 9.82 12.12
CA THR A 131 -2.14 11.24 11.73
C THR A 131 -1.14 11.69 10.65
N ALA A 132 -1.39 12.85 10.04
CA ALA A 132 -0.51 13.47 9.04
C ALA A 132 0.86 13.91 9.62
N GLY A 133 1.87 13.97 8.76
CA GLY A 133 3.27 14.26 9.12
C GLY A 133 4.06 13.04 9.63
N GLU A 134 3.38 11.92 9.85
CA GLU A 134 3.95 10.64 10.30
C GLU A 134 4.75 9.93 9.18
N GLU A 135 5.59 8.97 9.57
CA GLU A 135 6.39 8.13 8.67
C GLU A 135 6.03 6.65 8.87
N VAL A 136 5.86 5.91 7.78
CA VAL A 136 5.37 4.52 7.78
C VAL A 136 6.32 3.59 8.55
N SER A 137 5.75 2.58 9.23
CA SER A 137 6.45 1.56 10.01
C SER A 137 6.09 0.15 9.54
N ILE A 138 6.84 -0.86 9.99
CA ILE A 138 6.61 -2.28 9.68
C ILE A 138 6.69 -3.10 10.98
N GLY A 139 5.74 -4.03 11.15
CA GLY A 139 5.63 -4.86 12.36
C GLY A 139 4.49 -5.88 12.27
N ALA A 140 4.07 -6.43 13.40
CA ALA A 140 2.87 -7.27 13.49
C ALA A 140 1.59 -6.53 13.00
N ASP A 141 0.55 -7.29 12.63
CA ASP A 141 -0.76 -6.78 12.22
C ASP A 141 -1.49 -6.01 13.33
N ALA A 142 -2.46 -5.19 12.93
CA ALA A 142 -3.26 -4.32 13.79
C ALA A 142 -4.69 -4.11 13.26
N THR A 143 -5.56 -3.49 14.07
CA THR A 143 -7.00 -3.31 13.77
C THR A 143 -7.39 -1.88 13.37
N PHE A 144 -6.64 -0.87 13.82
CA PHE A 144 -6.89 0.56 13.57
C PHE A 144 -5.64 1.33 13.10
N SER A 145 -4.50 0.67 12.95
CA SER A 145 -3.19 1.30 12.66
C SER A 145 -2.33 0.50 11.67
N GLY A 146 -2.83 -0.58 11.09
CA GLY A 146 -2.08 -1.50 10.21
C GLY A 146 -2.94 -2.13 9.11
N ARG A 147 -3.92 -1.38 8.61
CA ARG A 147 -4.84 -1.74 7.51
C ARG A 147 -4.95 -0.58 6.54
N TRP A 148 -5.25 -0.86 5.29
CA TRP A 148 -5.15 0.10 4.18
C TRP A 148 -6.34 0.02 3.22
N VAL A 149 -6.45 0.99 2.33
CA VAL A 149 -7.42 1.05 1.22
C VAL A 149 -6.69 1.61 -0.01
N ILE A 150 -7.08 1.11 -1.18
CA ILE A 150 -6.41 1.39 -2.45
C ILE A 150 -7.47 1.72 -3.52
N GLU A 151 -7.17 2.71 -4.35
CA GLU A 151 -8.05 3.20 -5.42
C GLU A 151 -7.24 3.60 -6.67
N LYS A 152 -7.84 3.43 -7.86
CA LYS A 152 -7.21 3.68 -9.16
C LYS A 152 -7.36 5.15 -9.57
N VAL A 153 -6.36 5.70 -10.25
CA VAL A 153 -6.30 7.12 -10.72
C VAL A 153 -5.92 7.29 -12.18
N MET A 1 -1.10 -10.94 -27.46
CA MET A 1 -1.85 -11.52 -28.60
C MET A 1 -3.27 -10.91 -28.68
N GLY A 2 -4.30 -11.55 -28.10
CA GLY A 2 -5.68 -11.05 -28.15
C GLY A 2 -6.70 -11.74 -27.21
N HIS A 3 -6.22 -12.52 -26.22
CA HIS A 3 -7.06 -13.29 -25.27
C HIS A 3 -6.51 -13.29 -23.83
N HIS A 4 -5.42 -12.56 -23.56
CA HIS A 4 -4.67 -12.60 -22.29
C HIS A 4 -4.14 -11.20 -21.86
N HIS A 5 -4.57 -10.13 -22.54
CA HIS A 5 -4.05 -8.75 -22.36
C HIS A 5 -5.16 -7.67 -22.37
N HIS A 6 -6.43 -8.08 -22.39
CA HIS A 6 -7.61 -7.19 -22.52
C HIS A 6 -8.76 -7.53 -21.54
N HIS A 7 -8.59 -8.58 -20.72
CA HIS A 7 -9.58 -9.11 -19.78
C HIS A 7 -8.88 -9.87 -18.62
N HIS A 8 -9.65 -10.31 -17.62
CA HIS A 8 -9.17 -11.14 -16.49
C HIS A 8 -8.52 -12.45 -16.95
N HIS A 9 -7.61 -13.00 -16.14
CA HIS A 9 -6.83 -14.21 -16.45
C HIS A 9 -6.48 -15.05 -15.21
N HIS A 10 -6.03 -16.28 -15.43
CA HIS A 10 -5.62 -17.25 -14.41
C HIS A 10 -4.56 -18.20 -14.97
N SER A 11 -3.64 -18.66 -14.12
CA SER A 11 -2.56 -19.59 -14.49
C SER A 11 -2.10 -20.54 -13.36
N GLY A 12 -2.96 -20.69 -12.35
CA GLY A 12 -2.69 -21.35 -11.07
C GLY A 12 -3.09 -20.44 -9.90
N ASP A 13 -3.03 -19.13 -10.14
CA ASP A 13 -3.57 -18.06 -9.28
C ASP A 13 -3.93 -16.82 -10.13
N SER A 14 -4.56 -15.82 -9.51
CA SER A 14 -5.04 -14.58 -10.14
C SER A 14 -4.93 -13.36 -9.19
N PRO A 15 -5.03 -12.11 -9.69
CA PRO A 15 -5.12 -10.89 -8.86
C PRO A 15 -6.19 -10.92 -7.77
N ALA A 16 -6.01 -10.04 -6.77
CA ALA A 16 -6.88 -9.93 -5.58
C ALA A 16 -8.39 -9.79 -5.90
N VAL A 17 -8.71 -9.03 -6.96
CA VAL A 17 -10.04 -8.93 -7.58
C VAL A 17 -9.87 -9.01 -9.10
N THR A 18 -9.13 -8.05 -9.65
CA THR A 18 -8.94 -7.82 -11.10
C THR A 18 -7.78 -6.81 -11.34
N LEU A 19 -6.96 -6.58 -10.31
CA LEU A 19 -5.90 -5.58 -10.31
C LEU A 19 -4.90 -5.81 -11.45
N SER A 20 -4.34 -4.69 -11.93
CA SER A 20 -3.54 -4.64 -13.16
C SER A 20 -2.52 -3.49 -13.07
N ALA A 21 -1.55 -3.48 -13.98
CA ALA A 21 -0.52 -2.44 -14.03
C ALA A 21 -1.14 -1.05 -14.29
N GLY A 22 -1.00 -0.13 -13.34
CA GLY A 22 -1.71 1.16 -13.34
C GLY A 22 -1.34 2.11 -12.21
N ASN A 23 -1.95 3.31 -12.20
CA ASN A 23 -1.79 4.33 -11.17
C ASN A 23 -2.86 4.13 -10.08
N TYR A 24 -2.46 4.28 -8.82
CA TYR A 24 -3.32 4.06 -7.64
C TYR A 24 -2.98 5.08 -6.52
N ILE A 25 -3.87 5.14 -5.54
CA ILE A 25 -3.68 5.83 -4.26
C ILE A 25 -3.93 4.83 -3.13
N ILE A 26 -3.20 4.99 -2.03
CA ILE A 26 -3.19 4.07 -0.88
C ILE A 26 -3.35 4.91 0.38
N TYR A 27 -4.31 4.55 1.24
CA TYR A 27 -4.59 5.28 2.48
C TYR A 27 -5.00 4.37 3.64
N ASN A 28 -4.78 4.85 4.87
CA ASN A 28 -5.15 4.16 6.11
C ASN A 28 -6.68 3.96 6.19
N ARG A 29 -7.12 2.74 6.51
CA ARG A 29 -8.55 2.34 6.61
C ARG A 29 -9.37 3.13 7.65
N VAL A 30 -8.71 3.81 8.59
CA VAL A 30 -9.31 4.50 9.76
C VAL A 30 -9.20 6.03 9.64
N LEU A 31 -8.84 6.56 8.46
CA LEU A 31 -8.75 8.00 8.17
C LEU A 31 -7.75 8.73 9.09
N SER A 32 -7.93 10.04 9.31
CA SER A 32 -7.07 10.88 10.17
C SER A 32 -7.89 11.85 11.05
N PRO A 33 -7.29 12.43 12.12
CA PRO A 33 -7.88 13.52 12.90
C PRO A 33 -8.36 14.75 12.11
N ARG A 34 -7.85 14.94 10.88
CA ARG A 34 -8.30 15.99 9.93
C ARG A 34 -9.74 15.80 9.45
N GLY A 35 -10.31 14.60 9.61
CA GLY A 35 -11.66 14.24 9.15
C GLY A 35 -11.70 13.71 7.70
N GLU A 36 -10.55 13.37 7.13
CA GLU A 36 -10.38 12.96 5.72
C GLU A 36 -9.42 11.76 5.59
N LYS A 37 -9.40 11.15 4.39
CA LYS A 37 -8.49 10.04 4.03
C LYS A 37 -7.02 10.39 4.32
N LEU A 38 -6.24 9.38 4.69
CA LEU A 38 -4.86 9.50 5.20
C LEU A 38 -3.92 8.73 4.27
N ALA A 39 -3.49 9.38 3.19
CA ALA A 39 -2.80 8.78 2.06
C ALA A 39 -1.27 8.79 2.16
N LEU A 40 -0.63 7.76 1.59
CA LEU A 40 0.82 7.66 1.48
C LEU A 40 1.40 8.82 0.66
N THR A 41 2.48 9.40 1.18
CA THR A 41 3.12 10.62 0.67
C THR A 41 4.63 10.39 0.56
N TYR A 42 5.25 11.02 -0.44
CA TYR A 42 6.65 10.84 -0.84
C TYR A 42 7.47 12.12 -0.53
N PRO A 43 8.53 12.04 0.31
CA PRO A 43 9.45 13.16 0.59
C PRO A 43 10.11 13.83 -0.63
N GLY A 44 10.11 13.19 -1.81
CA GLY A 44 10.58 13.80 -3.07
C GLY A 44 12.04 13.51 -3.43
N ARG A 45 12.73 12.64 -2.68
CA ARG A 45 14.15 12.31 -2.87
C ARG A 45 14.49 10.84 -2.54
N GLN A 46 15.77 10.50 -2.70
CA GLN A 46 16.31 9.15 -2.47
C GLN A 46 16.63 8.91 -0.99
N ARG A 47 16.64 7.63 -0.57
CA ARG A 47 17.04 7.17 0.78
C ARG A 47 16.28 7.90 1.91
N THR A 48 14.96 8.00 1.77
CA THR A 48 14.04 8.56 2.77
C THR A 48 12.87 7.61 3.04
N PRO A 49 12.34 7.55 4.27
CA PRO A 49 11.18 6.72 4.60
C PRO A 49 9.90 7.25 3.95
N VAL A 50 8.96 6.34 3.64
CA VAL A 50 7.61 6.74 3.19
C VAL A 50 6.87 7.42 4.35
N THR A 51 6.07 8.45 4.06
CA THR A 51 5.23 9.15 5.06
C THR A 51 3.74 9.01 4.73
N VAL A 52 2.89 9.51 5.61
CA VAL A 52 1.43 9.52 5.41
C VAL A 52 0.83 10.86 5.87
N SER A 53 -0.12 11.40 5.09
CA SER A 53 -0.74 12.72 5.30
C SER A 53 -2.16 12.78 4.73
N PRO A 54 -3.01 13.74 5.17
CA PRO A 54 -4.33 13.98 4.57
C PRO A 54 -4.30 14.00 3.03
N LEU A 55 -5.25 13.31 2.40
CA LEU A 55 -5.34 13.18 0.95
C LEU A 55 -5.66 14.53 0.27
N ASP A 56 -4.82 14.88 -0.70
CA ASP A 56 -4.99 15.98 -1.66
C ASP A 56 -4.80 15.48 -3.11
N GLY A 57 -4.19 14.31 -3.31
CA GLY A 57 -4.05 13.67 -4.63
C GLY A 57 -2.97 14.30 -5.51
N SER A 58 -1.99 14.98 -4.91
CA SER A 58 -0.84 15.61 -5.56
C SER A 58 0.12 14.60 -6.19
N SER A 59 1.08 15.10 -6.97
CA SER A 59 2.14 14.28 -7.62
C SER A 59 3.04 13.52 -6.63
N GLU A 60 3.07 13.96 -5.36
CA GLU A 60 3.79 13.30 -4.26
C GLU A 60 2.88 12.39 -3.40
N GLN A 61 1.61 12.21 -3.79
CA GLN A 61 0.66 11.28 -3.17
C GLN A 61 0.06 10.23 -4.14
N ALA A 62 0.26 10.42 -5.45
CA ALA A 62 -0.07 9.41 -6.45
C ALA A 62 1.07 8.37 -6.59
N TRP A 63 0.71 7.10 -6.77
CA TRP A 63 1.63 5.97 -6.87
C TRP A 63 1.26 5.09 -8.09
N ILE A 64 2.08 4.10 -8.41
CA ILE A 64 1.77 3.05 -9.39
C ILE A 64 1.99 1.66 -8.78
N LEU A 65 1.24 0.69 -9.31
CA LEU A 65 1.38 -0.76 -9.09
C LEU A 65 1.79 -1.36 -10.43
N ARG A 66 2.83 -2.21 -10.42
CA ARG A 66 3.25 -3.02 -11.57
C ARG A 66 3.56 -4.44 -11.08
N SER A 67 2.99 -5.45 -11.76
CA SER A 67 3.08 -6.84 -11.30
C SER A 67 4.53 -7.35 -11.35
N TYR A 68 4.86 -8.27 -10.44
CA TYR A 68 6.14 -8.98 -10.42
C TYR A 68 5.95 -10.50 -10.38
N ASP A 69 5.04 -11.00 -9.53
CA ASP A 69 4.63 -12.41 -9.57
C ASP A 69 3.17 -12.61 -9.13
N SER A 70 2.27 -12.72 -10.12
CA SER A 70 0.83 -12.97 -9.94
C SER A 70 0.52 -14.35 -9.33
N ASN A 71 1.47 -15.30 -9.38
CA ASN A 71 1.39 -16.58 -8.68
C ASN A 71 1.58 -16.43 -7.16
N SER A 72 2.07 -15.25 -6.72
CA SER A 72 2.40 -14.94 -5.32
C SER A 72 1.74 -13.64 -4.82
N ASN A 73 0.89 -12.99 -5.64
CA ASN A 73 0.25 -11.70 -5.36
C ASN A 73 1.24 -10.58 -4.97
N THR A 74 2.46 -10.63 -5.55
CA THR A 74 3.53 -9.64 -5.31
C THR A 74 3.75 -8.70 -6.48
N TRP A 75 3.98 -7.43 -6.13
CA TRP A 75 4.02 -6.27 -7.03
C TRP A 75 5.12 -5.30 -6.59
N THR A 76 5.57 -4.43 -7.49
CA THR A 76 6.45 -3.30 -7.17
C THR A 76 5.62 -2.02 -7.06
N ILE A 77 6.05 -1.09 -6.20
CA ILE A 77 5.33 0.16 -5.90
C ILE A 77 6.30 1.34 -6.00
N SER A 78 5.90 2.40 -6.71
CA SER A 78 6.70 3.64 -6.83
C SER A 78 5.83 4.90 -6.93
N PRO A 79 6.34 6.08 -6.55
CA PRO A 79 5.60 7.34 -6.63
C PRO A 79 5.58 7.87 -8.07
N VAL A 80 4.49 8.51 -8.47
CA VAL A 80 4.37 9.15 -9.82
C VAL A 80 5.41 10.27 -10.02
N GLY A 81 5.91 10.87 -8.94
CA GLY A 81 7.02 11.83 -8.97
C GLY A 81 8.39 11.22 -9.32
N SER A 82 8.62 9.94 -9.02
CA SER A 82 9.90 9.23 -9.30
C SER A 82 9.72 7.73 -9.63
N PRO A 83 9.09 7.36 -10.77
CA PRO A 83 9.00 5.97 -11.26
C PRO A 83 10.36 5.28 -11.46
N ASN A 84 11.45 6.05 -11.55
CA ASN A 84 12.85 5.62 -11.60
C ASN A 84 13.38 5.01 -10.27
N SER A 85 12.53 4.90 -9.25
CA SER A 85 12.81 4.36 -7.91
C SER A 85 11.60 3.57 -7.39
N GLN A 86 11.70 2.91 -6.24
CA GLN A 86 10.63 2.06 -5.68
C GLN A 86 10.74 1.89 -4.17
N ILE A 87 9.65 1.48 -3.51
CA ILE A 87 9.64 1.24 -2.06
C ILE A 87 10.31 -0.12 -1.75
N GLY A 88 11.20 -0.12 -0.77
CA GLY A 88 11.87 -1.31 -0.20
C GLY A 88 12.06 -1.19 1.31
N TRP A 89 12.59 -2.22 1.97
CA TRP A 89 12.95 -2.14 3.40
C TRP A 89 14.17 -1.21 3.60
N GLY A 90 14.40 -0.76 4.84
CA GLY A 90 15.57 0.05 5.23
C GLY A 90 16.34 -0.48 6.44
N ALA A 91 16.22 -1.78 6.73
CA ALA A 91 16.79 -2.51 7.88
C ALA A 91 16.48 -1.99 9.31
N GLY A 92 15.73 -0.89 9.41
CA GLY A 92 15.23 -0.28 10.66
C GLY A 92 13.73 -0.49 10.86
N ASN A 93 13.17 -1.56 10.29
CA ASN A 93 11.74 -1.92 10.29
C ASN A 93 10.80 -0.78 9.80
N VAL A 94 11.22 -0.07 8.75
CA VAL A 94 10.44 0.96 8.04
C VAL A 94 10.61 0.81 6.51
N PRO A 95 9.63 1.19 5.69
CA PRO A 95 9.76 1.26 4.24
C PRO A 95 10.48 2.54 3.81
N VAL A 96 11.35 2.44 2.80
CA VAL A 96 12.26 3.49 2.30
C VAL A 96 12.26 3.49 0.78
N VAL A 97 12.27 4.67 0.15
CA VAL A 97 12.36 4.79 -1.32
C VAL A 97 13.82 4.66 -1.77
N LEU A 98 14.09 3.71 -2.66
CA LEU A 98 15.41 3.27 -3.09
C LEU A 98 15.48 3.03 -4.63
N PRO A 99 16.68 2.96 -5.24
CA PRO A 99 16.88 2.51 -6.62
C PRO A 99 16.24 1.14 -6.94
N PRO A 100 15.95 0.84 -8.23
CA PRO A 100 15.30 -0.41 -8.64
C PRO A 100 16.19 -1.63 -8.40
N ASN A 101 15.71 -2.53 -7.53
CA ASN A 101 16.39 -3.76 -7.11
C ASN A 101 15.35 -4.84 -6.74
N ASN A 102 14.30 -4.97 -7.55
CA ASN A 102 13.15 -5.87 -7.36
C ASN A 102 12.55 -5.89 -5.93
N TYR A 103 12.52 -4.75 -5.23
CA TYR A 103 11.82 -4.65 -3.96
C TYR A 103 10.30 -4.79 -4.18
N VAL A 104 9.67 -5.75 -3.51
CA VAL A 104 8.27 -6.13 -3.76
C VAL A 104 7.47 -6.23 -2.46
N TRP A 105 6.15 -6.09 -2.60
CA TRP A 105 5.17 -6.14 -1.52
C TRP A 105 3.92 -6.89 -1.97
N THR A 106 3.15 -7.42 -1.02
CA THR A 106 1.96 -8.24 -1.25
C THR A 106 0.71 -7.42 -0.98
N LEU A 107 -0.26 -7.47 -1.89
CA LEU A 107 -1.50 -6.68 -1.81
C LEU A 107 -2.69 -7.57 -1.46
N THR A 108 -2.80 -7.93 -0.18
CA THR A 108 -3.81 -8.88 0.32
C THR A 108 -5.17 -8.21 0.55
N LEU A 109 -6.27 -8.89 0.18
CA LEU A 109 -7.64 -8.40 0.33
C LEU A 109 -8.33 -8.97 1.59
N THR A 110 -9.27 -8.23 2.17
CA THR A 110 -10.20 -8.68 3.23
C THR A 110 -11.66 -8.43 2.84
N SER A 111 -12.60 -8.82 3.69
CA SER A 111 -14.05 -8.61 3.50
C SER A 111 -14.49 -7.14 3.39
N GLY A 112 -13.61 -6.16 3.65
CA GLY A 112 -13.91 -4.73 3.55
C GLY A 112 -12.68 -3.81 3.56
N GLY A 113 -11.54 -4.25 3.02
CA GLY A 113 -10.30 -3.47 3.02
C GLY A 113 -9.11 -4.23 2.38
N TYR A 114 -7.93 -3.61 2.45
CA TYR A 114 -6.66 -4.16 1.97
C TYR A 114 -5.58 -4.20 3.06
N ASN A 115 -4.55 -4.99 2.81
CA ASN A 115 -3.31 -5.03 3.60
C ASN A 115 -2.09 -4.98 2.67
N ILE A 116 -0.96 -4.55 3.24
CA ILE A 116 0.31 -4.38 2.53
C ILE A 116 1.44 -4.95 3.38
N GLN A 117 2.13 -5.96 2.85
CA GLN A 117 3.10 -6.76 3.61
C GLN A 117 4.28 -7.23 2.76
N ASP A 118 5.34 -7.69 3.41
CA ASP A 118 6.57 -8.16 2.78
C ASP A 118 6.45 -9.61 2.25
N GLY A 119 7.46 -10.05 1.48
CA GLY A 119 7.51 -11.39 0.88
C GLY A 119 7.61 -12.56 1.88
N LYS A 120 7.94 -12.33 3.15
CA LYS A 120 7.95 -13.35 4.23
C LYS A 120 6.58 -13.44 4.94
N ARG A 121 5.72 -12.42 4.81
CA ARG A 121 4.40 -12.28 5.47
C ARG A 121 4.43 -12.44 7.00
N THR A 122 5.59 -12.21 7.64
CA THR A 122 5.75 -12.23 9.11
C THR A 122 5.29 -10.94 9.78
N VAL A 123 5.15 -9.85 9.02
CA VAL A 123 4.84 -8.48 9.45
C VAL A 123 3.96 -7.76 8.41
N SER A 124 3.47 -6.56 8.73
CA SER A 124 2.61 -5.72 7.88
C SER A 124 2.98 -4.23 8.02
N TRP A 125 2.64 -3.40 7.03
CA TRP A 125 2.80 -1.94 7.10
C TRP A 125 1.81 -1.34 8.10
N SER A 126 2.32 -0.48 8.99
CA SER A 126 1.57 0.13 10.10
C SER A 126 2.00 1.57 10.40
N LEU A 127 1.21 2.27 11.22
CA LEU A 127 1.42 3.65 11.70
C LEU A 127 1.55 3.65 13.25
N ASN A 128 1.80 4.81 13.85
CA ASN A 128 2.05 4.95 15.30
C ASN A 128 1.08 5.92 16.00
N ASN A 129 0.66 7.00 15.32
CA ASN A 129 -0.30 8.00 15.79
C ASN A 129 -1.38 8.33 14.73
N ALA A 130 -1.18 7.92 13.47
CA ALA A 130 -2.05 8.25 12.32
C ALA A 130 -2.26 9.77 12.11
N THR A 131 -1.25 10.56 12.46
CA THR A 131 -1.20 12.02 12.25
C THR A 131 -0.52 12.37 10.91
N ALA A 132 -0.70 13.62 10.45
CA ALA A 132 -0.06 14.13 9.24
C ALA A 132 1.49 14.15 9.33
N GLY A 133 2.17 13.83 8.22
CA GLY A 133 3.63 13.80 8.12
C GLY A 133 4.31 12.63 8.85
N GLU A 134 3.56 11.68 9.42
CA GLU A 134 4.12 10.53 10.14
C GLU A 134 4.81 9.54 9.19
N GLU A 135 5.99 9.06 9.57
CA GLU A 135 6.72 7.99 8.88
C GLU A 135 6.00 6.64 9.03
N VAL A 136 5.81 5.93 7.92
CA VAL A 136 5.27 4.55 7.91
C VAL A 136 6.25 3.59 8.61
N SER A 137 5.73 2.51 9.20
CA SER A 137 6.46 1.50 9.97
C SER A 137 6.07 0.09 9.54
N ILE A 138 6.79 -0.92 10.02
CA ILE A 138 6.58 -2.34 9.73
C ILE A 138 6.67 -3.15 11.03
N GLY A 139 5.66 -4.00 11.29
CA GLY A 139 5.57 -4.79 12.53
C GLY A 139 4.38 -5.74 12.54
N ALA A 140 4.02 -6.26 13.70
CA ALA A 140 2.82 -7.08 13.88
C ALA A 140 1.51 -6.33 13.49
N ASP A 141 0.45 -7.09 13.19
CA ASP A 141 -0.87 -6.56 12.85
C ASP A 141 -1.45 -5.67 13.97
N ALA A 142 -2.18 -4.63 13.57
CA ALA A 142 -2.81 -3.65 14.46
C ALA A 142 -4.25 -3.31 14.01
N THR A 143 -5.19 -3.37 14.97
CA THR A 143 -6.64 -3.30 14.73
C THR A 143 -7.12 -2.02 14.04
N PHE A 144 -6.44 -0.89 14.27
CA PHE A 144 -6.83 0.43 13.75
C PHE A 144 -5.70 1.23 13.08
N SER A 145 -4.47 0.70 13.08
CA SER A 145 -3.26 1.38 12.57
C SER A 145 -2.39 0.52 11.66
N GLY A 146 -2.85 -0.69 11.28
CA GLY A 146 -2.12 -1.64 10.43
C GLY A 146 -2.95 -2.19 9.26
N ARG A 147 -3.94 -1.40 8.79
CA ARG A 147 -4.91 -1.75 7.74
C ARG A 147 -5.08 -0.59 6.75
N TRP A 148 -5.34 -0.91 5.49
CA TRP A 148 -5.31 0.03 4.37
C TRP A 148 -6.52 -0.09 3.44
N VAL A 149 -6.66 0.85 2.51
CA VAL A 149 -7.61 0.86 1.39
C VAL A 149 -6.89 1.43 0.17
N ILE A 150 -7.24 0.94 -1.02
CA ILE A 150 -6.56 1.28 -2.28
C ILE A 150 -7.63 1.60 -3.33
N GLU A 151 -7.36 2.60 -4.17
CA GLU A 151 -8.26 3.03 -5.25
C GLU A 151 -7.46 3.38 -6.51
N LYS A 152 -8.06 3.13 -7.68
CA LYS A 152 -7.43 3.30 -8.99
C LYS A 152 -7.64 4.73 -9.49
N VAL A 153 -6.56 5.33 -10.01
CA VAL A 153 -6.46 6.74 -10.47
C VAL A 153 -7.06 6.92 -11.87
N MET A 1 -24.35 -8.91 -21.34
CA MET A 1 -23.30 -7.88 -21.52
C MET A 1 -22.91 -7.74 -22.99
N GLY A 2 -22.36 -6.60 -23.39
CA GLY A 2 -21.90 -6.33 -24.75
C GLY A 2 -21.21 -4.96 -24.92
N HIS A 3 -20.75 -4.67 -26.13
CA HIS A 3 -19.99 -3.46 -26.48
C HIS A 3 -20.41 -2.82 -27.83
N HIS A 4 -21.39 -3.41 -28.52
CA HIS A 4 -21.90 -2.95 -29.82
C HIS A 4 -22.66 -1.61 -29.74
N HIS A 5 -23.11 -1.22 -28.55
CA HIS A 5 -23.87 0.02 -28.27
C HIS A 5 -23.39 0.77 -27.02
N HIS A 6 -22.33 0.28 -26.34
CA HIS A 6 -21.85 0.75 -25.04
C HIS A 6 -20.33 0.61 -24.91
N HIS A 7 -19.72 1.28 -23.91
CA HIS A 7 -18.28 1.23 -23.63
C HIS A 7 -17.98 1.40 -22.13
N HIS A 8 -16.75 1.09 -21.73
CA HIS A 8 -16.22 1.25 -20.37
C HIS A 8 -14.71 1.52 -20.39
N HIS A 9 -14.23 2.24 -19.38
CA HIS A 9 -12.83 2.62 -19.14
C HIS A 9 -12.63 3.05 -17.67
N HIS A 10 -13.54 3.88 -17.16
CA HIS A 10 -13.60 4.36 -15.77
C HIS A 10 -15.03 4.70 -15.31
N SER A 11 -16.00 4.79 -16.23
CA SER A 11 -17.42 5.12 -15.99
C SER A 11 -18.21 4.12 -15.11
N GLY A 12 -17.56 3.03 -14.68
CA GLY A 12 -18.06 2.02 -13.74
C GLY A 12 -17.03 1.56 -12.70
N ASP A 13 -15.96 2.33 -12.48
CA ASP A 13 -14.95 2.08 -11.44
C ASP A 13 -15.52 2.21 -10.01
N SER A 14 -14.87 1.58 -9.02
CA SER A 14 -15.29 1.54 -7.62
C SER A 14 -14.09 1.36 -6.67
N PRO A 15 -14.12 1.86 -5.42
CA PRO A 15 -13.12 1.56 -4.39
C PRO A 15 -12.89 0.07 -4.14
N ALA A 16 -11.72 -0.24 -3.56
CA ALA A 16 -11.34 -1.55 -3.01
C ALA A 16 -11.38 -2.75 -4.01
N VAL A 17 -11.46 -2.49 -5.31
CA VAL A 17 -11.34 -3.48 -6.38
C VAL A 17 -9.98 -4.18 -6.40
N THR A 18 -9.94 -5.34 -7.07
CA THR A 18 -8.68 -6.00 -7.40
C THR A 18 -7.76 -5.07 -8.22
N LEU A 19 -6.47 -5.21 -8.02
CA LEU A 19 -5.41 -4.39 -8.63
C LEU A 19 -5.13 -4.81 -10.09
N SER A 20 -4.49 -3.91 -10.81
CA SER A 20 -3.99 -4.09 -12.17
C SER A 20 -2.74 -3.22 -12.40
N ALA A 21 -2.10 -3.38 -13.55
CA ALA A 21 -1.02 -2.49 -13.98
C ALA A 21 -1.58 -1.08 -14.29
N GLY A 22 -1.39 -0.12 -13.36
CA GLY A 22 -2.05 1.19 -13.41
C GLY A 22 -1.67 2.13 -12.26
N ASN A 23 -2.28 3.31 -12.23
CA ASN A 23 -2.08 4.34 -11.20
C ASN A 23 -3.13 4.22 -10.09
N TYR A 24 -2.68 4.37 -8.83
CA TYR A 24 -3.50 4.20 -7.62
C TYR A 24 -3.10 5.21 -6.53
N ILE A 25 -3.88 5.23 -5.45
CA ILE A 25 -3.60 5.90 -4.18
C ILE A 25 -3.80 4.89 -3.03
N ILE A 26 -3.02 5.04 -1.97
CA ILE A 26 -2.98 4.13 -0.82
C ILE A 26 -3.07 4.96 0.46
N TYR A 27 -3.97 4.58 1.36
CA TYR A 27 -4.16 5.22 2.67
C TYR A 27 -4.47 4.22 3.78
N ASN A 28 -4.10 4.54 5.02
CA ASN A 28 -4.28 3.65 6.17
C ASN A 28 -5.74 3.68 6.69
N ARG A 29 -6.21 2.55 7.22
CA ARG A 29 -7.58 2.36 7.73
C ARG A 29 -7.99 3.32 8.86
N VAL A 30 -7.06 4.01 9.51
CA VAL A 30 -7.35 5.05 10.51
C VAL A 30 -8.02 6.32 9.97
N LEU A 31 -7.94 6.61 8.65
CA LEU A 31 -8.32 7.91 8.05
C LEU A 31 -7.65 9.10 8.78
N SER A 32 -8.10 10.34 8.57
CA SER A 32 -7.55 11.53 9.23
C SER A 32 -8.62 12.32 10.01
N PRO A 33 -8.32 12.82 11.23
CA PRO A 33 -9.18 13.75 11.98
C PRO A 33 -9.61 15.02 11.23
N ARG A 34 -8.91 15.37 10.13
CA ARG A 34 -9.26 16.48 9.22
C ARG A 34 -10.58 16.27 8.47
N GLY A 35 -11.05 15.02 8.41
CA GLY A 35 -12.30 14.58 7.77
C GLY A 35 -12.09 13.93 6.40
N GLU A 36 -10.85 13.52 6.09
CA GLU A 36 -10.40 13.02 4.79
C GLU A 36 -9.49 11.78 4.95
N LYS A 37 -9.05 11.20 3.83
CA LYS A 37 -8.10 10.07 3.81
C LYS A 37 -6.72 10.50 4.33
N LEU A 38 -5.92 9.52 4.79
CA LEU A 38 -4.56 9.69 5.32
C LEU A 38 -3.58 8.88 4.46
N ALA A 39 -3.16 9.49 3.34
CA ALA A 39 -2.44 8.82 2.26
C ALA A 39 -0.92 8.75 2.43
N LEU A 40 -0.32 7.77 1.76
CA LEU A 40 1.12 7.58 1.61
C LEU A 40 1.73 8.69 0.72
N THR A 41 2.85 9.27 1.15
CA THR A 41 3.47 10.45 0.51
C THR A 41 4.97 10.25 0.31
N TYR A 42 5.44 10.49 -0.92
CA TYR A 42 6.86 10.48 -1.29
C TYR A 42 7.63 11.54 -0.46
N PRO A 43 8.75 11.21 0.20
CA PRO A 43 9.48 12.13 1.06
C PRO A 43 10.25 13.25 0.32
N GLY A 44 10.23 13.25 -1.02
CA GLY A 44 10.88 14.27 -1.87
C GLY A 44 12.28 13.88 -2.35
N ARG A 45 12.83 12.77 -1.84
CA ARG A 45 14.19 12.26 -2.15
C ARG A 45 14.31 10.74 -1.96
N GLN A 46 15.46 10.21 -2.37
CA GLN A 46 15.84 8.79 -2.23
C GLN A 46 16.56 8.52 -0.89
N ARG A 47 16.81 7.24 -0.58
CA ARG A 47 17.53 6.77 0.63
C ARG A 47 16.95 7.32 1.95
N THR A 48 15.64 7.56 1.96
CA THR A 48 14.89 8.28 3.00
C THR A 48 13.54 7.59 3.27
N PRO A 49 13.07 7.52 4.53
CA PRO A 49 11.83 6.83 4.89
C PRO A 49 10.56 7.49 4.33
N VAL A 50 9.54 6.68 4.03
CA VAL A 50 8.27 7.15 3.43
C VAL A 50 7.40 7.89 4.46
N THR A 51 6.74 8.98 4.05
CA THR A 51 5.92 9.85 4.90
C THR A 51 4.43 9.63 4.67
N VAL A 52 3.56 10.16 5.54
CA VAL A 52 2.11 10.03 5.50
C VAL A 52 1.45 11.38 5.85
N SER A 53 0.47 11.80 5.06
CA SER A 53 -0.23 13.09 5.19
C SER A 53 -1.69 13.01 4.68
N PRO A 54 -2.59 13.94 5.08
CA PRO A 54 -3.94 14.05 4.54
C PRO A 54 -3.96 14.05 3.00
N LEU A 55 -4.89 13.30 2.40
CA LEU A 55 -5.02 13.19 0.94
C LEU A 55 -5.40 14.55 0.30
N ASP A 56 -4.65 14.91 -0.73
CA ASP A 56 -4.86 16.05 -1.62
C ASP A 56 -4.76 15.63 -3.11
N GLY A 57 -4.10 14.50 -3.41
CA GLY A 57 -4.08 13.90 -4.75
C GLY A 57 -2.96 14.41 -5.66
N SER A 58 -1.91 15.04 -5.09
CA SER A 58 -0.71 15.47 -5.81
C SER A 58 0.10 14.29 -6.36
N SER A 59 1.05 14.60 -7.25
CA SER A 59 2.02 13.62 -7.76
C SER A 59 2.90 12.97 -6.68
N GLU A 60 3.07 13.65 -5.53
CA GLU A 60 3.76 13.11 -4.35
C GLU A 60 2.91 12.10 -3.56
N GLN A 61 1.60 12.00 -3.83
CA GLN A 61 0.67 11.08 -3.17
C GLN A 61 0.04 10.06 -4.12
N ALA A 62 0.15 10.26 -5.44
CA ALA A 62 -0.20 9.27 -6.44
C ALA A 62 0.95 8.27 -6.65
N TRP A 63 0.60 7.00 -6.88
CA TRP A 63 1.53 5.88 -7.04
C TRP A 63 1.11 5.02 -8.24
N ILE A 64 1.94 4.05 -8.62
CA ILE A 64 1.61 3.02 -9.61
C ILE A 64 1.81 1.62 -9.02
N LEU A 65 1.05 0.66 -9.53
CA LEU A 65 1.16 -0.78 -9.26
C LEU A 65 1.64 -1.45 -10.55
N ARG A 66 2.63 -2.33 -10.43
CA ARG A 66 3.18 -3.14 -11.52
C ARG A 66 3.42 -4.57 -11.02
N SER A 67 2.82 -5.55 -11.70
CA SER A 67 2.87 -6.97 -11.29
C SER A 67 4.30 -7.52 -11.28
N TYR A 68 4.57 -8.47 -10.38
CA TYR A 68 5.82 -9.23 -10.34
C TYR A 68 5.58 -10.75 -10.30
N ASP A 69 4.57 -11.21 -9.56
CA ASP A 69 4.10 -12.60 -9.57
C ASP A 69 2.59 -12.71 -9.27
N SER A 70 2.01 -13.87 -9.52
CA SER A 70 0.59 -14.22 -9.33
C SER A 70 0.41 -15.45 -8.42
N ASN A 71 1.43 -16.29 -8.29
CA ASN A 71 1.50 -17.43 -7.38
C ASN A 71 1.59 -17.00 -5.90
N SER A 72 2.05 -15.76 -5.65
CA SER A 72 2.31 -15.19 -4.31
C SER A 72 1.66 -13.82 -4.07
N ASN A 73 0.90 -13.27 -5.03
CA ASN A 73 0.27 -11.93 -4.97
C ASN A 73 1.26 -10.80 -4.59
N THR A 74 2.45 -10.85 -5.20
CA THR A 74 3.50 -9.82 -5.06
C THR A 74 3.61 -8.91 -6.28
N TRP A 75 3.85 -7.63 -5.99
CA TRP A 75 3.88 -6.52 -6.93
C TRP A 75 5.02 -5.57 -6.56
N THR A 76 5.27 -4.57 -7.41
CA THR A 76 6.16 -3.43 -7.10
C THR A 76 5.37 -2.12 -7.17
N ILE A 77 5.85 -1.12 -6.44
CA ILE A 77 5.15 0.15 -6.18
C ILE A 77 6.13 1.32 -6.36
N SER A 78 5.73 2.35 -7.09
CA SER A 78 6.57 3.52 -7.42
C SER A 78 5.76 4.83 -7.36
N PRO A 79 6.36 5.97 -6.95
CA PRO A 79 5.66 7.25 -6.88
C PRO A 79 5.52 7.89 -8.26
N VAL A 80 4.37 8.50 -8.56
CA VAL A 80 4.16 9.27 -9.81
C VAL A 80 5.07 10.51 -9.87
N GLY A 81 5.43 11.07 -8.71
CA GLY A 81 6.37 12.19 -8.59
C GLY A 81 7.85 11.83 -8.77
N SER A 82 8.22 10.53 -8.75
CA SER A 82 9.59 10.07 -9.01
C SER A 82 9.65 8.64 -9.61
N PRO A 83 9.12 8.42 -10.84
CA PRO A 83 9.05 7.09 -11.48
C PRO A 83 10.39 6.36 -11.68
N ASN A 84 11.51 7.07 -11.54
CA ASN A 84 12.88 6.52 -11.52
C ASN A 84 13.19 5.66 -10.26
N SER A 85 12.24 5.55 -9.32
CA SER A 85 12.42 4.88 -8.02
C SER A 85 11.22 4.01 -7.62
N GLN A 86 11.36 3.28 -6.52
CA GLN A 86 10.49 2.20 -6.05
C GLN A 86 10.48 2.16 -4.51
N ILE A 87 9.35 1.81 -3.88
CA ILE A 87 9.27 1.61 -2.42
C ILE A 87 10.11 0.40 -2.03
N GLY A 88 11.02 0.60 -1.08
CA GLY A 88 11.92 -0.41 -0.54
C GLY A 88 11.94 -0.42 0.99
N TRP A 89 12.91 -1.12 1.55
CA TRP A 89 13.09 -1.32 2.99
C TRP A 89 14.58 -1.15 3.33
N GLY A 90 14.94 -1.14 4.61
CA GLY A 90 16.32 -1.01 5.08
C GLY A 90 16.63 -1.89 6.29
N ALA A 91 15.85 -2.96 6.49
CA ALA A 91 15.89 -3.88 7.63
C ALA A 91 15.70 -3.24 9.04
N GLY A 92 15.43 -1.93 9.08
CA GLY A 92 15.26 -1.11 10.28
C GLY A 92 13.79 -0.78 10.59
N ASN A 93 12.87 -1.70 10.25
CA ASN A 93 11.43 -1.63 10.57
C ASN A 93 10.68 -0.38 10.04
N VAL A 94 11.19 0.29 9.00
CA VAL A 94 10.51 1.39 8.28
C VAL A 94 10.78 1.28 6.78
N PRO A 95 9.79 1.51 5.89
CA PRO A 95 10.01 1.51 4.45
C PRO A 95 10.71 2.81 4.02
N VAL A 96 11.37 2.75 2.87
CA VAL A 96 12.15 3.84 2.23
C VAL A 96 11.83 3.92 0.74
N VAL A 97 12.45 4.85 0.01
CA VAL A 97 12.36 4.90 -1.46
C VAL A 97 13.77 4.85 -2.07
N LEU A 98 13.95 3.94 -3.03
CA LEU A 98 15.24 3.57 -3.62
C LEU A 98 15.11 3.27 -5.13
N PRO A 99 16.20 3.23 -5.91
CA PRO A 99 16.18 2.73 -7.29
C PRO A 99 15.56 1.31 -7.39
N PRO A 100 14.95 0.94 -8.54
CA PRO A 100 14.26 -0.34 -8.72
C PRO A 100 15.24 -1.52 -8.60
N ASN A 101 14.94 -2.44 -7.68
CA ASN A 101 15.77 -3.60 -7.32
C ASN A 101 14.89 -4.78 -6.86
N ASN A 102 13.75 -4.99 -7.53
CA ASN A 102 12.71 -5.95 -7.16
C ASN A 102 12.31 -5.90 -5.67
N TYR A 103 12.20 -4.71 -5.07
CA TYR A 103 11.65 -4.51 -3.73
C TYR A 103 10.13 -4.76 -3.73
N VAL A 104 9.74 -6.03 -3.90
CA VAL A 104 8.34 -6.44 -3.98
C VAL A 104 7.63 -6.33 -2.62
N TRP A 105 6.31 -6.15 -2.69
CA TRP A 105 5.41 -6.12 -1.54
C TRP A 105 4.14 -6.92 -1.87
N THR A 106 3.49 -7.44 -0.84
CA THR A 106 2.24 -8.22 -0.95
C THR A 106 1.04 -7.29 -0.78
N LEU A 107 0.02 -7.43 -1.63
CA LEU A 107 -1.20 -6.61 -1.56
C LEU A 107 -2.43 -7.49 -1.32
N THR A 108 -2.60 -7.95 -0.07
CA THR A 108 -3.67 -8.89 0.30
C THR A 108 -5.02 -8.17 0.45
N LEU A 109 -5.86 -8.31 -0.58
CA LEU A 109 -7.26 -7.87 -0.59
C LEU A 109 -8.10 -8.65 0.43
N THR A 110 -9.13 -8.00 0.97
CA THR A 110 -10.17 -8.61 1.83
C THR A 110 -11.58 -8.22 1.37
N SER A 111 -12.61 -8.72 2.06
CA SER A 111 -14.03 -8.42 1.77
C SER A 111 -14.45 -6.94 1.92
N GLY A 112 -13.58 -6.07 2.44
CA GLY A 112 -13.86 -4.63 2.61
C GLY A 112 -12.63 -3.74 2.81
N GLY A 113 -11.44 -4.16 2.37
CA GLY A 113 -10.18 -3.42 2.56
C GLY A 113 -8.96 -4.12 1.96
N TYR A 114 -7.77 -3.60 2.27
CA TYR A 114 -6.47 -4.14 1.85
C TYR A 114 -5.50 -4.29 3.02
N ASN A 115 -4.44 -5.07 2.79
CA ASN A 115 -3.28 -5.18 3.67
C ASN A 115 -2.00 -5.14 2.84
N ILE A 116 -0.90 -4.73 3.49
CA ILE A 116 0.39 -4.50 2.84
C ILE A 116 1.51 -5.10 3.69
N GLN A 117 2.18 -6.13 3.14
CA GLN A 117 3.12 -6.98 3.88
C GLN A 117 4.37 -7.33 3.05
N ASP A 118 5.39 -7.83 3.74
CA ASP A 118 6.62 -8.35 3.13
C ASP A 118 6.38 -9.69 2.41
N GLY A 119 7.34 -10.12 1.60
CA GLY A 119 7.28 -11.38 0.83
C GLY A 119 7.16 -12.67 1.65
N LYS A 120 7.38 -12.62 2.97
CA LYS A 120 7.30 -13.74 3.94
C LYS A 120 6.14 -13.58 4.93
N ARG A 121 5.45 -12.43 4.90
CA ARG A 121 4.36 -11.99 5.81
C ARG A 121 4.68 -12.14 7.30
N THR A 122 5.97 -12.09 7.65
CA THR A 122 6.43 -12.03 9.05
C THR A 122 6.10 -10.70 9.73
N VAL A 123 5.80 -9.65 8.96
CA VAL A 123 5.43 -8.30 9.41
C VAL A 123 4.35 -7.68 8.50
N SER A 124 3.84 -6.51 8.88
CA SER A 124 2.86 -5.70 8.14
C SER A 124 3.16 -4.21 8.29
N TRP A 125 2.78 -3.39 7.30
CA TRP A 125 2.85 -1.93 7.39
C TRP A 125 1.81 -1.38 8.37
N SER A 126 2.23 -0.51 9.28
CA SER A 126 1.39 0.06 10.35
C SER A 126 1.72 1.53 10.67
N LEU A 127 0.83 2.18 11.43
CA LEU A 127 0.98 3.53 11.98
C LEU A 127 0.69 3.56 13.49
N ASN A 128 1.01 4.67 14.15
CA ASN A 128 0.96 4.81 15.62
C ASN A 128 0.33 6.11 16.13
N ASN A 129 0.31 7.17 15.31
CA ASN A 129 -0.16 8.51 15.68
C ASN A 129 -1.45 8.90 14.92
N ALA A 130 -1.68 8.24 13.77
CA ALA A 130 -2.82 8.46 12.87
C ALA A 130 -3.04 9.92 12.41
N THR A 131 -1.95 10.65 12.16
CA THR A 131 -1.96 12.10 11.86
C THR A 131 -0.94 12.53 10.80
N ALA A 132 -1.04 13.78 10.34
CA ALA A 132 -0.15 14.38 9.34
C ALA A 132 1.34 14.39 9.78
N GLY A 133 2.25 14.25 8.81
CA GLY A 133 3.71 14.29 9.04
C GLY A 133 4.30 13.01 9.66
N GLU A 134 3.48 11.98 9.87
CA GLU A 134 3.91 10.66 10.33
C GLU A 134 4.75 9.92 9.27
N GLU A 135 5.49 8.88 9.68
CA GLU A 135 6.26 8.00 8.79
C GLU A 135 5.83 6.55 9.02
N VAL A 136 5.72 5.76 7.95
CA VAL A 136 5.24 4.36 8.03
C VAL A 136 6.19 3.50 8.88
N SER A 137 5.63 2.52 9.59
CA SER A 137 6.35 1.55 10.40
C SER A 137 6.03 0.12 9.95
N ILE A 138 6.88 -0.83 10.31
CA ILE A 138 6.80 -2.25 9.91
C ILE A 138 7.05 -3.13 11.13
N GLY A 139 6.09 -3.99 11.46
CA GLY A 139 6.13 -4.85 12.64
C GLY A 139 5.00 -5.87 12.65
N ALA A 140 4.70 -6.47 13.81
CA ALA A 140 3.54 -7.35 13.98
C ALA A 140 2.21 -6.65 13.61
N ASP A 141 1.18 -7.46 13.30
CA ASP A 141 -0.16 -7.00 12.93
C ASP A 141 -0.87 -6.18 14.03
N ALA A 142 -1.88 -5.42 13.60
CA ALA A 142 -2.69 -4.54 14.46
C ALA A 142 -4.16 -4.48 14.00
N THR A 143 -5.06 -4.16 14.94
CA THR A 143 -6.52 -4.26 14.75
C THR A 143 -7.20 -3.04 14.12
N PHE A 144 -6.56 -1.86 14.20
CA PHE A 144 -7.11 -0.58 13.69
C PHE A 144 -6.15 0.26 12.83
N SER A 145 -4.83 0.02 12.90
CA SER A 145 -3.79 0.86 12.26
C SER A 145 -2.76 0.08 11.42
N GLY A 146 -2.91 -1.23 11.32
CA GLY A 146 -2.04 -2.14 10.54
C GLY A 146 -2.72 -2.68 9.28
N ARG A 147 -3.71 -1.94 8.77
CA ARG A 147 -4.52 -2.26 7.58
C ARG A 147 -4.71 -1.00 6.73
N TRP A 148 -5.03 -1.19 5.46
CA TRP A 148 -5.01 -0.13 4.44
C TRP A 148 -6.23 -0.21 3.50
N VAL A 149 -6.37 0.80 2.65
CA VAL A 149 -7.38 0.86 1.58
C VAL A 149 -6.71 1.47 0.34
N ILE A 150 -7.14 1.02 -0.84
CA ILE A 150 -6.56 1.38 -2.14
C ILE A 150 -7.68 1.75 -3.11
N GLU A 151 -7.42 2.77 -3.94
CA GLU A 151 -8.34 3.27 -4.97
C GLU A 151 -7.57 3.62 -6.25
N LYS A 152 -8.20 3.44 -7.41
CA LYS A 152 -7.60 3.64 -8.73
C LYS A 152 -7.80 5.10 -9.19
N VAL A 153 -6.79 5.66 -9.88
CA VAL A 153 -6.77 7.07 -10.37
C VAL A 153 -6.38 7.23 -11.84
N MET A 1 5.74 -41.67 -12.05
CA MET A 1 5.79 -40.55 -13.02
C MET A 1 4.47 -39.75 -12.95
N GLY A 2 4.57 -38.41 -12.92
CA GLY A 2 3.41 -37.51 -12.90
C GLY A 2 3.80 -36.03 -12.75
N HIS A 3 2.81 -35.14 -12.74
CA HIS A 3 2.98 -33.68 -12.71
C HIS A 3 2.11 -32.96 -11.65
N HIS A 4 1.26 -33.71 -10.93
CA HIS A 4 0.32 -33.21 -9.92
C HIS A 4 0.15 -34.23 -8.78
N HIS A 5 -0.19 -33.75 -7.57
CA HIS A 5 -0.37 -34.57 -6.36
C HIS A 5 -1.63 -34.19 -5.54
N HIS A 6 -2.39 -33.20 -6.00
CA HIS A 6 -3.60 -32.64 -5.36
C HIS A 6 -4.48 -31.92 -6.39
N HIS A 7 -5.70 -31.55 -5.99
CA HIS A 7 -6.72 -30.91 -6.85
C HIS A 7 -7.47 -29.78 -6.10
N HIS A 8 -6.84 -29.21 -5.06
CA HIS A 8 -7.47 -28.30 -4.09
C HIS A 8 -6.72 -26.98 -3.87
N HIS A 9 -5.58 -26.79 -4.55
CA HIS A 9 -4.75 -25.58 -4.56
C HIS A 9 -4.12 -25.41 -5.94
N HIS A 10 -3.68 -24.19 -6.30
CA HIS A 10 -3.06 -23.78 -7.58
C HIS A 10 -3.91 -23.95 -8.86
N SER A 11 -4.90 -24.85 -8.85
CA SER A 11 -5.87 -25.15 -9.90
C SER A 11 -7.32 -25.25 -9.34
N GLY A 12 -7.52 -24.85 -8.07
CA GLY A 12 -8.80 -24.88 -7.36
C GLY A 12 -8.94 -23.82 -6.25
N ASP A 13 -8.07 -22.81 -6.24
CA ASP A 13 -8.06 -21.67 -5.30
C ASP A 13 -7.43 -20.42 -5.97
N SER A 14 -7.81 -19.22 -5.54
CA SER A 14 -7.35 -17.94 -6.11
C SER A 14 -7.47 -16.77 -5.10
N PRO A 15 -6.58 -15.76 -5.12
CA PRO A 15 -6.69 -14.52 -4.35
C PRO A 15 -8.03 -13.76 -4.49
N ALA A 16 -8.28 -12.85 -3.56
CA ALA A 16 -9.50 -12.02 -3.50
C ALA A 16 -9.30 -10.56 -3.99
N VAL A 17 -8.05 -10.12 -4.24
CA VAL A 17 -7.72 -8.83 -4.86
C VAL A 17 -8.22 -8.71 -6.31
N THR A 18 -8.26 -7.48 -6.83
CA THR A 18 -8.57 -7.17 -8.24
C THR A 18 -7.57 -6.16 -8.86
N LEU A 19 -6.49 -5.83 -8.13
CA LEU A 19 -5.46 -4.88 -8.56
C LEU A 19 -4.81 -5.30 -9.88
N SER A 20 -4.29 -4.31 -10.59
CA SER A 20 -3.81 -4.43 -11.97
C SER A 20 -2.67 -3.44 -12.25
N ALA A 21 -2.06 -3.54 -13.44
CA ALA A 21 -1.05 -2.59 -13.90
C ALA A 21 -1.67 -1.21 -14.17
N GLY A 22 -1.31 -0.19 -13.39
CA GLY A 22 -1.96 1.13 -13.42
C GLY A 22 -1.44 2.12 -12.37
N ASN A 23 -2.16 3.23 -12.18
CA ASN A 23 -1.85 4.31 -11.26
C ASN A 23 -2.92 4.31 -10.17
N TYR A 24 -2.50 4.43 -8.91
CA TYR A 24 -3.31 4.24 -7.72
C TYR A 24 -2.94 5.25 -6.62
N ILE A 25 -3.79 5.31 -5.61
CA ILE A 25 -3.54 6.01 -4.34
C ILE A 25 -3.78 5.03 -3.19
N ILE A 26 -3.00 5.16 -2.11
CA ILE A 26 -3.00 4.27 -0.95
C ILE A 26 -3.13 5.11 0.32
N TYR A 27 -4.10 4.78 1.18
CA TYR A 27 -4.34 5.46 2.45
C TYR A 27 -4.73 4.49 3.57
N ASN A 28 -4.40 4.85 4.81
CA ASN A 28 -4.69 4.00 5.97
C ASN A 28 -6.20 4.00 6.29
N ARG A 29 -6.76 2.83 6.64
CA ARG A 29 -8.21 2.62 6.84
C ARG A 29 -8.80 3.48 7.96
N VAL A 30 -8.00 3.93 8.92
CA VAL A 30 -8.41 4.84 10.01
C VAL A 30 -8.79 6.25 9.52
N LEU A 31 -8.35 6.64 8.30
CA LEU A 31 -8.45 8.02 7.78
C LEU A 31 -7.75 9.03 8.73
N SER A 32 -8.07 10.32 8.66
CA SER A 32 -7.56 11.35 9.57
C SER A 32 -8.69 12.02 10.37
N PRO A 33 -8.50 12.31 11.69
CA PRO A 33 -9.41 13.13 12.51
C PRO A 33 -9.79 14.50 11.91
N ARG A 34 -9.02 15.02 10.94
CA ARG A 34 -9.34 16.22 10.15
C ARG A 34 -10.64 16.10 9.34
N GLY A 35 -11.06 14.87 9.05
CA GLY A 35 -12.29 14.53 8.31
C GLY A 35 -12.05 14.08 6.87
N GLU A 36 -10.82 13.72 6.52
CA GLU A 36 -10.37 13.37 5.16
C GLU A 36 -9.46 12.13 5.16
N LYS A 37 -9.20 11.57 3.97
CA LYS A 37 -8.28 10.43 3.75
C LYS A 37 -6.84 10.78 4.14
N LEU A 38 -6.06 9.77 4.53
CA LEU A 38 -4.71 9.90 5.09
C LEU A 38 -3.73 9.04 4.27
N ALA A 39 -3.21 9.63 3.19
CA ALA A 39 -2.48 8.94 2.13
C ALA A 39 -0.95 8.87 2.32
N LEU A 40 -0.37 7.82 1.74
CA LEU A 40 1.07 7.63 1.59
C LEU A 40 1.67 8.74 0.70
N THR A 41 2.70 9.42 1.19
CA THR A 41 3.29 10.62 0.58
C THR A 41 4.81 10.49 0.47
N TYR A 42 5.33 10.74 -0.72
CA TYR A 42 6.76 10.67 -1.06
C TYR A 42 7.59 11.64 -0.20
N PRO A 43 8.71 11.20 0.42
CA PRO A 43 9.50 12.03 1.33
C PRO A 43 10.39 13.08 0.63
N GLY A 44 10.51 13.02 -0.70
CA GLY A 44 11.24 14.01 -1.52
C GLY A 44 12.66 13.58 -1.92
N ARG A 45 13.18 12.47 -1.36
CA ARG A 45 14.57 12.01 -1.57
C ARG A 45 14.76 10.50 -1.39
N GLN A 46 15.96 10.03 -1.74
CA GLN A 46 16.43 8.63 -1.62
C GLN A 46 16.77 8.25 -0.17
N ARG A 47 16.87 6.92 0.10
CA ARG A 47 17.37 6.32 1.35
C ARG A 47 16.72 6.88 2.62
N THR A 48 15.45 7.25 2.53
CA THR A 48 14.69 8.02 3.52
C THR A 48 13.29 7.40 3.72
N PRO A 49 12.82 7.21 4.97
CA PRO A 49 11.48 6.66 5.26
C PRO A 49 10.34 7.41 4.56
N VAL A 50 9.34 6.67 4.07
CA VAL A 50 8.15 7.25 3.41
C VAL A 50 7.21 7.91 4.43
N THR A 51 6.59 9.03 4.06
CA THR A 51 5.76 9.87 4.94
C THR A 51 4.26 9.62 4.71
N VAL A 52 3.39 10.13 5.57
CA VAL A 52 1.93 9.99 5.51
C VAL A 52 1.27 11.34 5.87
N SER A 53 0.36 11.81 5.01
CA SER A 53 -0.28 13.13 5.09
C SER A 53 -1.70 13.11 4.51
N PRO A 54 -2.58 14.08 4.85
CA PRO A 54 -3.92 14.19 4.26
C PRO A 54 -3.90 14.17 2.73
N LEU A 55 -4.87 13.49 2.12
CA LEU A 55 -4.95 13.36 0.67
C LEU A 55 -5.26 14.72 -0.01
N ASP A 56 -4.42 15.05 -0.98
CA ASP A 56 -4.55 16.16 -1.94
C ASP A 56 -4.38 15.67 -3.40
N GLY A 57 -3.76 14.49 -3.60
CA GLY A 57 -3.68 13.84 -4.91
C GLY A 57 -2.58 14.39 -5.84
N SER A 58 -1.55 15.00 -5.28
CA SER A 58 -0.36 15.50 -6.00
C SER A 58 0.48 14.37 -6.61
N SER A 59 1.47 14.74 -7.42
CA SER A 59 2.50 13.82 -7.94
C SER A 59 3.34 13.14 -6.84
N GLU A 60 3.34 13.69 -5.61
CA GLU A 60 3.98 13.11 -4.43
C GLU A 60 3.05 12.17 -3.64
N GLN A 61 1.78 12.04 -4.03
CA GLN A 61 0.78 11.16 -3.39
C GLN A 61 0.14 10.14 -4.34
N ALA A 62 0.27 10.32 -5.65
CA ALA A 62 -0.08 9.33 -6.65
C ALA A 62 1.08 8.31 -6.81
N TRP A 63 0.74 7.05 -7.09
CA TRP A 63 1.68 5.93 -7.15
C TRP A 63 1.31 5.03 -8.34
N ILE A 64 2.17 4.08 -8.71
CA ILE A 64 1.87 3.05 -9.71
C ILE A 64 2.05 1.65 -9.12
N LEU A 65 1.24 0.72 -9.61
CA LEU A 65 1.32 -0.72 -9.33
C LEU A 65 1.71 -1.40 -10.64
N ARG A 66 2.69 -2.31 -10.57
CA ARG A 66 3.14 -3.15 -11.68
C ARG A 66 3.34 -4.58 -11.18
N SER A 67 2.87 -5.56 -11.95
CA SER A 67 2.95 -6.98 -11.58
C SER A 67 4.40 -7.48 -11.53
N TYR A 68 4.68 -8.40 -10.62
CA TYR A 68 5.94 -9.15 -10.57
C TYR A 68 5.68 -10.66 -10.56
N ASP A 69 4.69 -11.13 -9.79
CA ASP A 69 4.24 -12.53 -9.80
C ASP A 69 2.78 -12.68 -9.33
N SER A 70 2.08 -13.70 -9.84
CA SER A 70 0.68 -14.02 -9.54
C SER A 70 0.53 -15.25 -8.63
N ASN A 71 1.51 -16.15 -8.62
CA ASN A 71 1.56 -17.33 -7.75
C ASN A 71 1.73 -16.98 -6.25
N SER A 72 2.26 -15.78 -5.97
CA SER A 72 2.55 -15.25 -4.63
C SER A 72 1.94 -13.86 -4.36
N ASN A 73 1.11 -13.33 -5.27
CA ASN A 73 0.39 -12.04 -5.13
C ASN A 73 1.31 -10.85 -4.74
N THR A 74 2.47 -10.78 -5.39
CA THR A 74 3.49 -9.73 -5.21
C THR A 74 3.62 -8.78 -6.39
N TRP A 75 3.91 -7.52 -6.06
CA TRP A 75 3.88 -6.36 -6.95
C TRP A 75 5.04 -5.42 -6.61
N THR A 76 5.36 -4.52 -7.53
CA THR A 76 6.28 -3.39 -7.28
C THR A 76 5.48 -2.09 -7.20
N ILE A 77 6.01 -1.10 -6.45
CA ILE A 77 5.34 0.17 -6.16
C ILE A 77 6.34 1.31 -6.33
N SER A 78 5.95 2.35 -7.09
CA SER A 78 6.78 3.52 -7.39
C SER A 78 5.95 4.81 -7.36
N PRO A 79 6.49 5.96 -6.94
CA PRO A 79 5.78 7.24 -6.91
C PRO A 79 5.70 7.88 -8.31
N VAL A 80 4.63 8.64 -8.59
CA VAL A 80 4.45 9.33 -9.89
C VAL A 80 5.47 10.47 -10.10
N GLY A 81 5.94 11.10 -9.02
CA GLY A 81 6.95 12.16 -9.06
C GLY A 81 8.40 11.67 -9.27
N SER A 82 8.68 10.38 -8.98
CA SER A 82 10.00 9.75 -9.13
C SER A 82 9.92 8.25 -9.49
N PRO A 83 9.30 7.87 -10.63
CA PRO A 83 9.15 6.47 -11.04
C PRO A 83 10.48 5.80 -11.43
N ASN A 84 11.57 6.56 -11.47
CA ASN A 84 12.95 6.06 -11.58
C ASN A 84 13.41 5.24 -10.36
N SER A 85 12.63 5.25 -9.26
CA SER A 85 12.88 4.55 -7.99
C SER A 85 11.61 3.88 -7.46
N GLN A 86 11.74 3.02 -6.45
CA GLN A 86 10.68 2.17 -5.92
C GLN A 86 10.73 2.07 -4.38
N ILE A 87 9.66 1.58 -3.76
CA ILE A 87 9.61 1.34 -2.31
C ILE A 87 10.33 0.02 -1.97
N GLY A 88 11.21 0.05 -0.98
CA GLY A 88 11.93 -1.11 -0.44
C GLY A 88 12.16 -1.02 1.07
N TRP A 89 12.70 -2.07 1.70
CA TRP A 89 13.05 -2.03 3.13
C TRP A 89 14.30 -1.17 3.36
N GLY A 90 14.45 -0.60 4.57
CA GLY A 90 15.63 0.20 4.96
C GLY A 90 16.36 -0.33 6.20
N ALA A 91 16.19 -1.61 6.54
CA ALA A 91 16.72 -2.32 7.72
C ALA A 91 16.34 -1.76 9.11
N GLY A 92 15.56 -0.68 9.15
CA GLY A 92 15.03 0.00 10.35
C GLY A 92 13.53 -0.28 10.60
N ASN A 93 13.02 -1.39 10.06
CA ASN A 93 11.59 -1.79 10.10
C ASN A 93 10.60 -0.70 9.62
N VAL A 94 11.00 0.03 8.57
CA VAL A 94 10.17 1.02 7.84
C VAL A 94 10.45 0.92 6.33
N PRO A 95 9.49 1.27 5.46
CA PRO A 95 9.73 1.35 4.02
C PRO A 95 10.48 2.65 3.68
N VAL A 96 11.36 2.59 2.68
CA VAL A 96 12.17 3.72 2.20
C VAL A 96 12.15 3.80 0.67
N VAL A 97 12.44 4.99 0.13
CA VAL A 97 12.68 5.20 -1.31
C VAL A 97 14.05 4.64 -1.68
N LEU A 98 14.13 3.79 -2.70
CA LEU A 98 15.39 3.14 -3.10
C LEU A 98 15.41 2.82 -4.62
N PRO A 99 16.57 2.86 -5.31
CA PRO A 99 16.62 2.61 -6.76
C PRO A 99 16.32 1.12 -7.11
N PRO A 100 15.91 0.83 -8.37
CA PRO A 100 15.45 -0.49 -8.81
C PRO A 100 16.42 -1.64 -8.50
N ASN A 101 15.90 -2.61 -7.75
CA ASN A 101 16.56 -3.86 -7.35
C ASN A 101 15.50 -4.94 -7.02
N ASN A 102 14.42 -5.00 -7.81
CA ASN A 102 13.26 -5.89 -7.64
C ASN A 102 12.68 -5.92 -6.20
N TYR A 103 12.66 -4.79 -5.48
CA TYR A 103 11.97 -4.71 -4.19
C TYR A 103 10.45 -4.86 -4.42
N VAL A 104 9.83 -5.80 -3.72
CA VAL A 104 8.42 -6.19 -3.91
C VAL A 104 7.65 -6.18 -2.60
N TRP A 105 6.33 -6.05 -2.72
CA TRP A 105 5.38 -6.06 -1.62
C TRP A 105 4.15 -6.88 -2.01
N THR A 106 3.45 -7.41 -1.02
CA THR A 106 2.25 -8.24 -1.15
C THR A 106 1.02 -7.39 -0.86
N LEU A 107 -0.02 -7.53 -1.69
CA LEU A 107 -1.31 -6.83 -1.46
C LEU A 107 -2.42 -7.85 -1.24
N THR A 108 -3.31 -7.61 -0.27
CA THR A 108 -4.35 -8.58 0.12
C THR A 108 -5.67 -7.87 0.39
N LEU A 109 -6.80 -8.47 -0.01
CA LEU A 109 -8.15 -7.94 0.24
C LEU A 109 -8.92 -8.83 1.21
N THR A 110 -9.71 -8.22 2.09
CA THR A 110 -10.51 -8.87 3.15
C THR A 110 -11.89 -8.22 3.31
N SER A 111 -12.77 -8.81 4.13
CA SER A 111 -14.13 -8.34 4.43
C SER A 111 -14.24 -6.95 5.09
N GLY A 112 -13.11 -6.32 5.47
CA GLY A 112 -13.06 -4.99 6.10
C GLY A 112 -12.06 -4.00 5.48
N GLY A 113 -11.39 -4.36 4.37
CA GLY A 113 -10.47 -3.47 3.64
C GLY A 113 -9.29 -4.20 2.99
N TYR A 114 -8.38 -3.43 2.38
CA TYR A 114 -7.08 -3.93 1.92
C TYR A 114 -6.08 -4.06 3.08
N ASN A 115 -5.03 -4.83 2.84
CA ASN A 115 -3.84 -4.99 3.67
C ASN A 115 -2.60 -4.99 2.78
N ILE A 116 -1.46 -4.70 3.40
CA ILE A 116 -0.16 -4.55 2.74
C ILE A 116 0.88 -5.29 3.58
N GLN A 117 1.63 -6.19 2.93
CA GLN A 117 2.58 -7.12 3.54
C GLN A 117 3.86 -7.22 2.69
N ASP A 118 4.83 -8.01 3.15
CA ASP A 118 6.12 -8.23 2.48
C ASP A 118 6.20 -9.63 1.83
N GLY A 119 7.31 -9.95 1.16
CA GLY A 119 7.53 -11.27 0.57
C GLY A 119 7.51 -12.43 1.58
N LYS A 120 8.06 -12.26 2.78
CA LYS A 120 8.14 -13.30 3.84
C LYS A 120 6.78 -13.62 4.48
N ARG A 121 5.80 -12.71 4.35
CA ARG A 121 4.49 -12.70 5.04
C ARG A 121 4.56 -12.53 6.56
N THR A 122 5.75 -12.31 7.12
CA THR A 122 5.98 -12.20 8.57
C THR A 122 5.60 -10.84 9.15
N VAL A 123 5.39 -9.83 8.30
CA VAL A 123 5.08 -8.44 8.69
C VAL A 123 4.02 -7.79 7.79
N SER A 124 3.51 -6.63 8.23
CA SER A 124 2.50 -5.81 7.57
C SER A 124 2.78 -4.32 7.81
N TRP A 125 2.40 -3.46 6.86
CA TRP A 125 2.51 -2.00 7.02
C TRP A 125 1.46 -1.47 8.01
N SER A 126 1.83 -0.45 8.79
CA SER A 126 0.96 0.16 9.80
C SER A 126 1.26 1.65 10.05
N LEU A 127 0.38 2.30 10.83
CA LEU A 127 0.52 3.69 11.30
C LEU A 127 0.69 3.78 12.83
N ASN A 128 1.12 4.93 13.34
CA ASN A 128 1.47 5.11 14.77
C ASN A 128 0.43 5.92 15.57
N ASN A 129 -0.27 6.84 14.93
CA ASN A 129 -1.31 7.72 15.51
C ASN A 129 -2.49 8.03 14.57
N ALA A 130 -2.37 7.66 13.29
CA ALA A 130 -3.29 8.04 12.20
C ALA A 130 -3.58 9.55 12.12
N THR A 131 -2.53 10.39 12.15
CA THR A 131 -2.63 11.85 11.93
C THR A 131 -1.58 12.35 10.91
N ALA A 132 -1.71 13.62 10.49
CA ALA A 132 -0.84 14.25 9.50
C ALA A 132 0.64 14.35 9.92
N GLY A 133 1.57 14.31 8.95
CA GLY A 133 3.00 14.47 9.16
C GLY A 133 3.71 13.23 9.75
N GLU A 134 3.00 12.12 9.91
CA GLU A 134 3.52 10.84 10.41
C GLU A 134 4.32 10.08 9.35
N GLU A 135 4.97 8.97 9.72
CA GLU A 135 5.71 8.10 8.81
C GLU A 135 5.18 6.66 8.92
N VAL A 136 4.96 6.01 7.78
CA VAL A 136 4.51 4.61 7.73
C VAL A 136 5.55 3.69 8.37
N SER A 137 5.09 2.62 9.02
CA SER A 137 5.91 1.67 9.79
C SER A 137 5.60 0.23 9.40
N ILE A 138 6.42 -0.72 9.85
CA ILE A 138 6.29 -2.16 9.56
C ILE A 138 6.50 -2.95 10.85
N GLY A 139 5.63 -3.94 11.08
CA GLY A 139 5.69 -4.86 12.23
C GLY A 139 4.86 -6.11 11.98
N ALA A 140 4.91 -7.09 12.89
CA ALA A 140 4.25 -8.38 12.71
C ALA A 140 2.72 -8.29 12.50
N ASP A 141 2.08 -7.33 13.16
CA ASP A 141 0.63 -7.02 13.15
C ASP A 141 0.38 -5.67 13.84
N ALA A 142 -0.81 -5.08 13.72
CA ALA A 142 -1.24 -3.91 14.50
C ALA A 142 -2.75 -3.94 14.83
N THR A 143 -3.10 -3.54 16.05
CA THR A 143 -4.46 -3.70 16.63
C THR A 143 -5.48 -2.62 16.20
N PHE A 144 -5.00 -1.44 15.77
CA PHE A 144 -5.84 -0.30 15.37
C PHE A 144 -5.44 0.38 14.04
N SER A 145 -4.26 0.07 13.49
CA SER A 145 -3.64 0.81 12.37
C SER A 145 -3.05 -0.03 11.24
N GLY A 146 -3.24 -1.36 11.26
CA GLY A 146 -2.67 -2.32 10.30
C GLY A 146 -3.60 -2.67 9.13
N ARG A 147 -4.47 -1.74 8.73
CA ARG A 147 -5.43 -1.88 7.61
C ARG A 147 -5.38 -0.66 6.69
N TRP A 148 -5.66 -0.88 5.41
CA TRP A 148 -5.45 0.08 4.34
C TRP A 148 -6.63 0.08 3.35
N VAL A 149 -6.66 1.08 2.47
CA VAL A 149 -7.60 1.22 1.36
C VAL A 149 -6.83 1.75 0.15
N ILE A 150 -7.20 1.26 -1.04
CA ILE A 150 -6.54 1.56 -2.31
C ILE A 150 -7.60 1.89 -3.34
N GLU A 151 -7.31 2.87 -4.20
CA GLU A 151 -8.22 3.33 -5.25
C GLU A 151 -7.44 3.66 -6.53
N LYS A 152 -8.08 3.41 -7.69
CA LYS A 152 -7.47 3.55 -9.02
C LYS A 152 -7.72 4.96 -9.57
N VAL A 153 -6.69 5.53 -10.19
CA VAL A 153 -6.62 6.92 -10.70
C VAL A 153 -7.16 7.04 -12.12
N MET A 1 -36.88 -6.64 -5.40
CA MET A 1 -36.50 -5.75 -6.52
C MET A 1 -36.03 -4.39 -6.00
N GLY A 2 -35.03 -3.78 -6.66
CA GLY A 2 -34.49 -2.46 -6.30
C GLY A 2 -33.35 -1.99 -7.22
N HIS A 3 -32.89 -0.76 -7.01
CA HIS A 3 -31.85 -0.08 -7.81
C HIS A 3 -30.84 0.74 -6.98
N HIS A 4 -31.00 0.79 -5.65
CA HIS A 4 -30.10 1.50 -4.72
C HIS A 4 -28.72 0.84 -4.53
N HIS A 5 -28.52 -0.34 -5.13
CA HIS A 5 -27.31 -1.18 -5.07
C HIS A 5 -27.11 -1.96 -6.39
N HIS A 6 -25.94 -2.60 -6.53
CA HIS A 6 -25.57 -3.45 -7.67
C HIS A 6 -24.49 -4.46 -7.25
N HIS A 7 -24.28 -5.51 -8.04
CA HIS A 7 -23.35 -6.63 -7.79
C HIS A 7 -21.87 -6.22 -7.55
N HIS A 8 -21.48 -5.03 -7.99
CA HIS A 8 -20.14 -4.43 -7.81
C HIS A 8 -20.13 -3.18 -6.90
N HIS A 9 -21.25 -2.91 -6.21
CA HIS A 9 -21.47 -1.73 -5.36
C HIS A 9 -22.03 -2.08 -3.96
N HIS A 10 -22.20 -3.37 -3.64
CA HIS A 10 -22.51 -3.88 -2.29
C HIS A 10 -21.41 -3.55 -1.26
N SER A 11 -21.76 -3.62 0.03
CA SER A 11 -20.85 -3.33 1.17
C SER A 11 -20.85 -4.41 2.27
N GLY A 12 -21.51 -5.55 2.02
CA GLY A 12 -21.60 -6.68 2.95
C GLY A 12 -22.04 -8.01 2.30
N ASP A 13 -21.83 -8.16 0.99
CA ASP A 13 -22.27 -9.33 0.20
C ASP A 13 -21.39 -9.66 -1.02
N SER A 14 -20.72 -8.65 -1.61
CA SER A 14 -19.81 -8.79 -2.76
C SER A 14 -18.75 -7.68 -2.76
N PRO A 15 -17.51 -7.92 -3.23
CA PRO A 15 -16.49 -6.88 -3.45
C PRO A 15 -16.92 -5.71 -4.35
N ALA A 16 -16.09 -4.66 -4.36
CA ALA A 16 -16.28 -3.44 -5.16
C ALA A 16 -14.98 -2.90 -5.80
N VAL A 17 -13.86 -3.62 -5.67
CA VAL A 17 -12.51 -3.23 -6.13
C VAL A 17 -11.73 -4.46 -6.63
N THR A 18 -10.67 -4.19 -7.40
CA THR A 18 -9.67 -5.19 -7.82
C THR A 18 -8.32 -4.50 -8.09
N LEU A 19 -7.22 -5.25 -8.08
CA LEU A 19 -5.88 -4.78 -8.39
C LEU A 19 -5.42 -5.29 -9.76
N SER A 20 -4.72 -4.44 -10.49
CA SER A 20 -4.13 -4.65 -11.83
C SER A 20 -3.00 -3.63 -12.06
N ALA A 21 -2.20 -3.82 -13.11
CA ALA A 21 -1.14 -2.89 -13.49
C ALA A 21 -1.70 -1.50 -13.88
N GLY A 22 -1.30 -0.44 -13.15
CA GLY A 22 -1.77 0.93 -13.39
C GLY A 22 -1.35 1.96 -12.33
N ASN A 23 -1.93 3.16 -12.39
CA ASN A 23 -1.76 4.22 -11.39
C ASN A 23 -2.83 4.08 -10.29
N TYR A 24 -2.41 4.25 -9.03
CA TYR A 24 -3.26 4.09 -7.84
C TYR A 24 -2.88 5.12 -6.74
N ILE A 25 -3.72 5.16 -5.71
CA ILE A 25 -3.48 5.86 -4.45
C ILE A 25 -3.65 4.87 -3.29
N ILE A 26 -2.93 5.10 -2.20
CA ILE A 26 -2.91 4.22 -1.02
C ILE A 26 -3.15 5.08 0.23
N TYR A 27 -4.14 4.71 1.02
CA TYR A 27 -4.51 5.40 2.26
C TYR A 27 -4.91 4.40 3.34
N ASN A 28 -4.68 4.75 4.61
CA ASN A 28 -4.96 3.82 5.71
C ASN A 28 -6.46 3.74 6.02
N ARG A 29 -6.88 2.65 6.69
CA ARG A 29 -8.29 2.43 7.07
C ARG A 29 -8.78 3.32 8.23
N VAL A 30 -7.88 4.12 8.83
CA VAL A 30 -8.10 4.89 10.06
C VAL A 30 -8.49 6.35 9.79
N LEU A 31 -8.11 6.90 8.62
CA LEU A 31 -8.25 8.32 8.23
C LEU A 31 -7.56 9.24 9.27
N SER A 32 -7.96 10.52 9.36
CA SER A 32 -7.41 11.49 10.32
C SER A 32 -8.51 12.21 11.12
N PRO A 33 -8.34 12.45 12.43
CA PRO A 33 -9.30 13.18 13.26
C PRO A 33 -9.47 14.66 12.85
N ARG A 34 -8.64 15.18 11.94
CA ARG A 34 -8.83 16.49 11.28
C ARG A 34 -10.15 16.58 10.50
N GLY A 35 -10.68 15.43 10.07
CA GLY A 35 -11.92 15.31 9.28
C GLY A 35 -11.70 14.98 7.81
N GLU A 36 -10.52 14.45 7.45
CA GLU A 36 -10.13 14.09 6.07
C GLU A 36 -9.43 12.71 6.03
N LYS A 37 -9.31 12.12 4.83
CA LYS A 37 -8.52 10.90 4.60
C LYS A 37 -7.01 11.15 4.81
N LEU A 38 -6.25 10.10 5.08
CA LEU A 38 -4.83 10.13 5.45
C LEU A 38 -4.06 9.13 4.59
N ALA A 39 -3.16 9.63 3.73
CA ALA A 39 -2.58 8.85 2.62
C ALA A 39 -1.04 8.82 2.57
N LEU A 40 -0.52 7.78 1.91
CA LEU A 40 0.89 7.54 1.68
C LEU A 40 1.48 8.63 0.75
N THR A 41 2.54 9.29 1.22
CA THR A 41 3.09 10.51 0.59
C THR A 41 4.61 10.40 0.43
N TYR A 42 5.10 10.65 -0.79
CA TYR A 42 6.51 10.63 -1.16
C TYR A 42 7.32 11.63 -0.31
N PRO A 43 8.46 11.23 0.28
CA PRO A 43 9.23 12.08 1.20
C PRO A 43 9.97 13.25 0.53
N GLY A 44 9.97 13.32 -0.81
CA GLY A 44 10.54 14.43 -1.59
C GLY A 44 11.94 14.15 -2.16
N ARG A 45 12.61 13.08 -1.69
CA ARG A 45 13.97 12.68 -2.10
C ARG A 45 14.28 11.21 -1.81
N GLN A 46 15.43 10.75 -2.29
CA GLN A 46 15.88 9.34 -2.30
C GLN A 46 16.47 8.87 -0.96
N ARG A 47 16.64 7.54 -0.79
CA ARG A 47 17.25 6.86 0.37
C ARG A 47 16.70 7.34 1.72
N THR A 48 15.38 7.54 1.77
CA THR A 48 14.64 8.19 2.86
C THR A 48 13.30 7.48 3.07
N PRO A 49 12.84 7.28 4.33
CA PRO A 49 11.60 6.55 4.62
C PRO A 49 10.35 7.30 4.14
N VAL A 50 9.33 6.56 3.73
CA VAL A 50 8.07 7.13 3.18
C VAL A 50 7.25 7.83 4.30
N THR A 51 6.55 8.91 3.95
CA THR A 51 5.80 9.77 4.89
C THR A 51 4.28 9.63 4.65
N VAL A 52 3.45 10.21 5.53
CA VAL A 52 1.98 10.12 5.48
C VAL A 52 1.37 11.49 5.81
N SER A 53 0.43 11.93 4.98
CA SER A 53 -0.15 13.29 4.99
C SER A 53 -1.63 13.25 4.57
N PRO A 54 -2.46 14.25 4.89
CA PRO A 54 -3.87 14.25 4.49
C PRO A 54 -4.01 14.21 2.97
N LEU A 55 -5.04 13.51 2.48
CA LEU A 55 -5.22 13.25 1.05
C LEU A 55 -5.58 14.54 0.28
N ASP A 56 -4.80 14.82 -0.75
CA ASP A 56 -5.00 15.86 -1.77
C ASP A 56 -4.81 15.30 -3.20
N GLY A 57 -4.13 14.15 -3.36
CA GLY A 57 -4.01 13.45 -4.65
C GLY A 57 -2.98 14.07 -5.61
N SER A 58 -1.98 14.78 -5.07
CA SER A 58 -0.87 15.37 -5.82
C SER A 58 0.05 14.34 -6.49
N SER A 59 0.99 14.82 -7.29
CA SER A 59 2.11 14.03 -7.84
C SER A 59 3.03 13.41 -6.76
N GLU A 60 2.94 13.87 -5.51
CA GLU A 60 3.63 13.29 -4.35
C GLU A 60 2.74 12.30 -3.56
N GLN A 61 1.48 12.09 -3.95
CA GLN A 61 0.55 11.14 -3.31
C GLN A 61 -0.04 10.10 -4.27
N ALA A 62 0.06 10.31 -5.58
CA ALA A 62 -0.24 9.30 -6.57
C ALA A 62 0.97 8.37 -6.77
N TRP A 63 0.70 7.09 -7.00
CA TRP A 63 1.69 6.02 -7.18
C TRP A 63 1.32 5.14 -8.39
N ILE A 64 2.18 4.20 -8.72
CA ILE A 64 1.91 3.11 -9.67
C ILE A 64 2.07 1.76 -8.97
N LEU A 65 1.33 0.77 -9.44
CA LEU A 65 1.36 -0.62 -8.99
C LEU A 65 1.53 -1.49 -10.23
N ARG A 66 2.57 -2.34 -10.25
CA ARG A 66 2.91 -3.21 -11.40
C ARG A 66 3.21 -4.63 -10.92
N SER A 67 2.70 -5.62 -11.64
CA SER A 67 2.83 -7.04 -11.27
C SER A 67 4.28 -7.52 -11.34
N TYR A 68 4.66 -8.44 -10.45
CA TYR A 68 5.95 -9.15 -10.49
C TYR A 68 5.79 -10.67 -10.41
N ASP A 69 4.91 -11.21 -9.54
CA ASP A 69 4.63 -12.65 -9.48
C ASP A 69 3.23 -13.00 -8.92
N SER A 70 2.51 -13.87 -9.64
CA SER A 70 1.18 -14.37 -9.29
C SER A 70 1.19 -15.53 -8.29
N ASN A 71 2.26 -16.33 -8.25
CA ASN A 71 2.42 -17.45 -7.30
C ASN A 71 2.50 -16.96 -5.83
N SER A 72 2.92 -15.71 -5.63
CA SER A 72 3.13 -15.08 -4.32
C SER A 72 2.29 -13.80 -4.12
N ASN A 73 1.48 -13.40 -5.11
CA ASN A 73 0.69 -12.17 -5.14
C ASN A 73 1.51 -10.90 -4.78
N THR A 74 2.70 -10.81 -5.37
CA THR A 74 3.69 -9.74 -5.15
C THR A 74 3.81 -8.80 -6.34
N TRP A 75 3.99 -7.53 -6.02
CA TRP A 75 3.96 -6.39 -6.93
C TRP A 75 5.08 -5.40 -6.58
N THR A 76 5.40 -4.49 -7.48
CA THR A 76 6.32 -3.36 -7.26
C THR A 76 5.55 -2.04 -7.22
N ILE A 77 6.04 -1.07 -6.43
CA ILE A 77 5.33 0.20 -6.12
C ILE A 77 6.30 1.37 -6.23
N SER A 78 5.93 2.40 -7.01
CA SER A 78 6.77 3.58 -7.27
C SER A 78 5.93 4.87 -7.30
N PRO A 79 6.47 6.04 -6.92
CA PRO A 79 5.75 7.32 -6.99
C PRO A 79 5.67 7.84 -8.43
N VAL A 80 4.59 8.53 -8.81
CA VAL A 80 4.43 9.05 -10.19
C VAL A 80 5.47 10.13 -10.57
N GLY A 81 6.03 10.84 -9.59
CA GLY A 81 7.03 11.90 -9.79
C GLY A 81 8.48 11.39 -9.89
N SER A 82 8.76 10.18 -9.39
CA SER A 82 10.11 9.58 -9.35
C SER A 82 10.11 8.06 -9.61
N PRO A 83 9.56 7.58 -10.77
CA PRO A 83 9.52 6.15 -11.11
C PRO A 83 10.90 5.55 -11.44
N ASN A 84 11.97 6.36 -11.40
CA ASN A 84 13.37 5.94 -11.44
C ASN A 84 13.80 5.12 -10.20
N SER A 85 12.94 5.01 -9.19
CA SER A 85 13.12 4.29 -7.92
C SER A 85 11.78 3.72 -7.43
N GLN A 86 11.82 2.81 -6.45
CA GLN A 86 10.65 2.08 -5.94
C GLN A 86 10.75 1.85 -4.41
N ILE A 87 9.63 1.48 -3.78
CA ILE A 87 9.59 1.22 -2.34
C ILE A 87 10.23 -0.14 -2.02
N GLY A 88 11.14 -0.15 -1.04
CA GLY A 88 11.78 -1.34 -0.48
C GLY A 88 11.97 -1.21 1.04
N TRP A 89 12.54 -2.24 1.69
CA TRP A 89 12.91 -2.17 3.10
C TRP A 89 14.13 -1.25 3.30
N GLY A 90 14.42 -0.88 4.55
CA GLY A 90 15.62 -0.10 4.92
C GLY A 90 16.34 -0.61 6.17
N ALA A 91 16.18 -1.89 6.50
CA ALA A 91 16.71 -2.60 7.68
C ALA A 91 16.38 -2.02 9.08
N GLY A 92 15.64 -0.91 9.14
CA GLY A 92 15.14 -0.24 10.35
C GLY A 92 13.63 -0.42 10.56
N ASN A 93 13.06 -1.49 9.99
CA ASN A 93 11.62 -1.83 10.01
C ASN A 93 10.69 -0.67 9.55
N VAL A 94 11.09 0.01 8.47
CA VAL A 94 10.30 1.03 7.75
C VAL A 94 10.47 0.87 6.23
N PRO A 95 9.48 1.27 5.40
CA PRO A 95 9.65 1.31 3.95
C PRO A 95 10.43 2.57 3.52
N VAL A 96 11.29 2.43 2.51
CA VAL A 96 12.26 3.43 2.04
C VAL A 96 12.28 3.43 0.50
N VAL A 97 12.35 4.62 -0.12
CA VAL A 97 12.48 4.75 -1.59
C VAL A 97 13.93 4.50 -2.00
N LEU A 98 14.17 3.52 -2.89
CA LEU A 98 15.50 3.07 -3.33
C LEU A 98 15.52 2.74 -4.84
N PRO A 99 16.71 2.76 -5.50
CA PRO A 99 16.90 2.35 -6.89
C PRO A 99 16.33 0.95 -7.23
N PRO A 100 16.00 0.66 -8.51
CA PRO A 100 15.36 -0.58 -8.93
C PRO A 100 16.27 -1.80 -8.76
N ASN A 101 15.97 -2.61 -7.74
CA ASN A 101 16.69 -3.83 -7.35
C ASN A 101 15.70 -4.89 -6.82
N ASN A 102 14.61 -5.09 -7.57
CA ASN A 102 13.54 -6.09 -7.34
C ASN A 102 12.86 -6.03 -5.95
N TYR A 103 12.84 -4.87 -5.28
CA TYR A 103 12.08 -4.71 -4.03
C TYR A 103 10.57 -4.85 -4.28
N VAL A 104 9.91 -5.81 -3.63
CA VAL A 104 8.50 -6.18 -3.85
C VAL A 104 7.72 -6.22 -2.55
N TRP A 105 6.39 -6.12 -2.65
CA TRP A 105 5.45 -6.24 -1.53
C TRP A 105 4.20 -7.00 -1.95
N THR A 106 3.54 -7.63 -0.99
CA THR A 106 2.33 -8.45 -1.18
C THR A 106 1.09 -7.60 -0.88
N LEU A 107 0.09 -7.66 -1.77
CA LEU A 107 -1.19 -6.94 -1.59
C LEU A 107 -2.35 -7.93 -1.44
N THR A 108 -3.26 -7.68 -0.49
CA THR A 108 -4.37 -8.61 -0.19
C THR A 108 -5.69 -7.87 -0.04
N LEU A 109 -6.73 -8.33 -0.73
CA LEU A 109 -8.09 -7.80 -0.64
C LEU A 109 -8.90 -8.48 0.49
N THR A 110 -9.81 -7.73 1.11
CA THR A 110 -10.83 -8.24 2.06
C THR A 110 -12.23 -7.71 1.72
N SER A 111 -13.26 -8.14 2.47
CA SER A 111 -14.66 -7.70 2.31
C SER A 111 -14.91 -6.21 2.58
N GLY A 112 -13.92 -5.46 3.08
CA GLY A 112 -14.06 -4.03 3.43
C GLY A 112 -12.75 -3.24 3.49
N GLY A 113 -11.70 -3.66 2.78
CA GLY A 113 -10.40 -2.98 2.74
C GLY A 113 -9.32 -3.75 1.97
N TYR A 114 -8.09 -3.25 2.05
CA TYR A 114 -6.86 -3.88 1.54
C TYR A 114 -5.82 -4.04 2.67
N ASN A 115 -4.81 -4.88 2.43
CA ASN A 115 -3.64 -5.06 3.30
C ASN A 115 -2.34 -5.06 2.49
N ILE A 116 -1.25 -4.71 3.16
CA ILE A 116 0.09 -4.51 2.58
C ILE A 116 1.13 -5.19 3.48
N GLN A 117 1.76 -6.26 2.99
CA GLN A 117 2.66 -7.13 3.75
C GLN A 117 3.93 -7.49 2.97
N ASP A 118 4.94 -8.03 3.66
CA ASP A 118 6.21 -8.46 3.05
C ASP A 118 6.09 -9.80 2.27
N GLY A 119 7.09 -10.08 1.44
CA GLY A 119 7.20 -11.32 0.64
C GLY A 119 7.24 -12.66 1.40
N LYS A 120 7.33 -12.68 2.74
CA LYS A 120 7.28 -13.88 3.60
C LYS A 120 6.12 -13.86 4.60
N ARG A 121 5.26 -12.83 4.58
CA ARG A 121 4.08 -12.64 5.45
C ARG A 121 4.39 -12.55 6.95
N THR A 122 5.64 -12.30 7.35
CA THR A 122 6.05 -12.19 8.77
C THR A 122 5.71 -10.84 9.41
N VAL A 123 5.44 -9.80 8.60
CA VAL A 123 5.13 -8.43 9.03
C VAL A 123 4.07 -7.75 8.14
N SER A 124 3.64 -6.54 8.54
CA SER A 124 2.61 -5.73 7.89
C SER A 124 2.92 -4.23 8.05
N TRP A 125 2.57 -3.42 7.04
CA TRP A 125 2.69 -1.94 7.13
C TRP A 125 1.67 -1.37 8.11
N SER A 126 2.08 -0.41 8.94
CA SER A 126 1.26 0.17 10.01
C SER A 126 1.57 1.64 10.33
N LEU A 127 0.73 2.24 11.19
CA LEU A 127 0.79 3.64 11.64
C LEU A 127 0.94 3.71 13.17
N ASN A 128 1.20 4.91 13.72
CA ASN A 128 1.59 5.11 15.13
C ASN A 128 0.78 6.21 15.86
N ASN A 129 0.33 7.23 15.13
CA ASN A 129 -0.40 8.39 15.62
C ASN A 129 -1.70 8.66 14.83
N ALA A 130 -1.80 8.16 13.59
CA ALA A 130 -2.96 8.31 12.69
C ALA A 130 -3.43 9.77 12.52
N THR A 131 -2.48 10.68 12.28
CA THR A 131 -2.66 12.14 12.09
C THR A 131 -1.77 12.68 10.97
N ALA A 132 -1.99 13.93 10.54
CA ALA A 132 -1.11 14.59 9.56
C ALA A 132 0.35 14.69 10.05
N GLY A 133 1.32 14.40 9.16
CA GLY A 133 2.75 14.43 9.46
C GLY A 133 3.31 13.09 9.96
N GLU A 134 2.51 12.03 9.89
CA GLU A 134 2.88 10.64 10.20
C GLU A 134 3.98 10.07 9.30
N GLU A 135 4.55 8.94 9.73
CA GLU A 135 5.50 8.13 8.96
C GLU A 135 5.09 6.66 9.05
N VAL A 136 4.89 6.02 7.89
CA VAL A 136 4.54 4.59 7.82
C VAL A 136 5.67 3.72 8.39
N SER A 137 5.29 2.63 9.06
CA SER A 137 6.18 1.72 9.78
C SER A 137 5.84 0.26 9.48
N ILE A 138 6.63 -0.69 10.00
CA ILE A 138 6.47 -2.13 9.77
C ILE A 138 6.64 -2.89 11.09
N GLY A 139 5.75 -3.85 11.35
CA GLY A 139 5.76 -4.72 12.52
C GLY A 139 4.93 -5.99 12.29
N ALA A 140 4.97 -6.94 13.23
CA ALA A 140 4.34 -8.25 13.06
C ALA A 140 2.81 -8.19 12.77
N ASP A 141 2.10 -7.30 13.46
CA ASP A 141 0.66 -7.02 13.34
C ASP A 141 0.27 -5.73 14.11
N ALA A 142 -0.94 -5.19 13.85
CA ALA A 142 -1.53 -4.12 14.65
C ALA A 142 -3.08 -4.17 14.64
N THR A 143 -3.71 -3.85 15.77
CA THR A 143 -5.16 -4.04 16.00
C THR A 143 -6.04 -2.88 15.51
N PHE A 144 -5.48 -1.66 15.41
CA PHE A 144 -6.20 -0.44 15.00
C PHE A 144 -5.51 0.34 13.87
N SER A 145 -4.27 -0.03 13.48
CA SER A 145 -3.41 0.76 12.58
C SER A 145 -2.73 -0.04 11.47
N GLY A 146 -3.00 -1.34 11.34
CA GLY A 146 -2.38 -2.26 10.37
C GLY A 146 -3.29 -2.65 9.19
N ARG A 147 -4.17 -1.75 8.76
CA ARG A 147 -5.18 -1.96 7.68
C ARG A 147 -5.20 -0.76 6.72
N TRP A 148 -5.50 -1.03 5.45
CA TRP A 148 -5.35 -0.07 4.36
C TRP A 148 -6.55 -0.08 3.39
N VAL A 149 -6.51 0.84 2.42
CA VAL A 149 -7.42 0.95 1.27
C VAL A 149 -6.59 1.41 0.08
N ILE A 150 -6.94 0.94 -1.12
CA ILE A 150 -6.25 1.25 -2.38
C ILE A 150 -7.31 1.52 -3.45
N GLU A 151 -7.04 2.50 -4.31
CA GLU A 151 -8.00 2.94 -5.34
C GLU A 151 -7.29 3.43 -6.60
N LYS A 152 -7.89 3.17 -7.77
CA LYS A 152 -7.30 3.43 -9.09
C LYS A 152 -7.53 4.87 -9.52
N VAL A 153 -6.54 5.47 -10.21
CA VAL A 153 -6.56 6.88 -10.68
C VAL A 153 -6.19 7.06 -12.16
N MET A 1 -42.64 -16.22 -6.10
CA MET A 1 -41.68 -15.39 -6.89
C MET A 1 -41.75 -13.91 -6.48
N GLY A 2 -40.84 -13.08 -7.01
CA GLY A 2 -40.81 -11.63 -6.78
C GLY A 2 -39.69 -10.94 -7.55
N HIS A 3 -39.53 -9.62 -7.33
CA HIS A 3 -38.46 -8.80 -7.93
C HIS A 3 -37.03 -9.21 -7.49
N HIS A 4 -36.92 -10.00 -6.43
CA HIS A 4 -35.67 -10.58 -5.90
C HIS A 4 -35.92 -11.99 -5.34
N HIS A 5 -34.94 -12.89 -5.49
CA HIS A 5 -34.99 -14.28 -4.99
C HIS A 5 -33.60 -14.93 -4.79
N HIS A 6 -32.59 -14.49 -5.56
CA HIS A 6 -31.23 -15.04 -5.56
C HIS A 6 -30.18 -13.96 -5.85
N HIS A 7 -28.91 -14.22 -5.52
CA HIS A 7 -27.78 -13.28 -5.69
C HIS A 7 -26.45 -14.01 -5.96
N HIS A 8 -25.44 -13.24 -6.40
CA HIS A 8 -24.09 -13.71 -6.74
C HIS A 8 -22.98 -12.73 -6.30
N HIS A 9 -23.33 -11.69 -5.51
CA HIS A 9 -22.44 -10.60 -5.09
C HIS A 9 -22.87 -10.03 -3.73
N HIS A 10 -21.94 -9.38 -3.01
CA HIS A 10 -22.16 -8.79 -1.67
C HIS A 10 -21.20 -7.61 -1.41
N SER A 11 -21.37 -6.92 -0.27
CA SER A 11 -20.64 -5.69 0.10
C SER A 11 -20.02 -5.71 1.52
N GLY A 12 -20.11 -6.83 2.23
CA GLY A 12 -19.53 -7.05 3.57
C GLY A 12 -19.10 -8.49 3.87
N ASP A 13 -19.29 -9.42 2.92
CA ASP A 13 -19.01 -10.86 3.05
C ASP A 13 -18.33 -11.46 1.80
N SER A 14 -17.98 -10.62 0.82
CA SER A 14 -17.34 -10.99 -0.44
C SER A 14 -16.55 -9.79 -1.01
N PRO A 15 -15.47 -9.98 -1.78
CA PRO A 15 -14.77 -8.91 -2.51
C PRO A 15 -15.66 -8.00 -3.37
N ALA A 16 -15.15 -6.80 -3.63
CA ALA A 16 -15.83 -5.76 -4.42
C ALA A 16 -14.89 -4.92 -5.31
N VAL A 17 -13.57 -5.15 -5.25
CA VAL A 17 -12.52 -4.45 -6.01
C VAL A 17 -11.41 -5.41 -6.45
N THR A 18 -10.57 -4.94 -7.36
CA THR A 18 -9.35 -5.62 -7.80
C THR A 18 -8.25 -4.61 -8.17
N LEU A 19 -7.05 -5.10 -8.40
CA LEU A 19 -5.84 -4.37 -8.81
C LEU A 19 -5.27 -4.91 -10.14
N SER A 20 -4.50 -4.07 -10.82
CA SER A 20 -3.85 -4.34 -12.11
C SER A 20 -2.61 -3.47 -12.30
N ALA A 21 -1.85 -3.72 -13.37
CA ALA A 21 -0.74 -2.87 -13.76
C ALA A 21 -1.24 -1.48 -14.21
N GLY A 22 -1.00 -0.44 -13.41
CA GLY A 22 -1.56 0.90 -13.61
C GLY A 22 -1.24 1.90 -12.50
N ASN A 23 -1.85 3.08 -12.53
CA ASN A 23 -1.69 4.13 -11.52
C ASN A 23 -2.76 3.98 -10.41
N TYR A 24 -2.33 4.07 -9.15
CA TYR A 24 -3.16 3.88 -7.96
C TYR A 24 -2.75 4.86 -6.84
N ILE A 25 -3.57 4.91 -5.80
CA ILE A 25 -3.33 5.64 -4.55
C ILE A 25 -3.58 4.70 -3.37
N ILE A 26 -2.90 4.96 -2.25
CA ILE A 26 -2.93 4.13 -1.04
C ILE A 26 -3.19 5.03 0.16
N TYR A 27 -4.19 4.68 0.97
CA TYR A 27 -4.53 5.39 2.20
C TYR A 27 -4.96 4.42 3.30
N ASN A 28 -4.79 4.80 4.57
CA ASN A 28 -5.10 3.90 5.67
C ASN A 28 -6.63 3.68 5.83
N ARG A 29 -7.01 2.60 6.52
CA ARG A 29 -8.41 2.29 6.90
C ARG A 29 -8.90 3.11 8.12
N VAL A 30 -8.06 4.02 8.63
CA VAL A 30 -8.21 4.72 9.92
C VAL A 30 -8.66 6.18 9.77
N LEU A 31 -8.48 6.79 8.59
CA LEU A 31 -8.64 8.22 8.33
C LEU A 31 -7.71 9.08 9.22
N SER A 32 -8.02 10.36 9.41
CA SER A 32 -7.27 11.26 10.31
C SER A 32 -8.17 12.34 10.96
N PRO A 33 -7.71 12.99 12.05
CA PRO A 33 -8.41 14.12 12.70
C PRO A 33 -8.75 15.31 11.78
N ARG A 34 -8.13 15.41 10.59
CA ARG A 34 -8.46 16.38 9.54
C ARG A 34 -9.90 16.25 9.00
N GLY A 35 -10.56 15.11 9.23
CA GLY A 35 -11.90 14.80 8.73
C GLY A 35 -11.89 14.12 7.35
N GLU A 36 -10.72 13.69 6.88
CA GLU A 36 -10.47 13.11 5.55
C GLU A 36 -9.53 11.90 5.62
N LYS A 37 -9.39 11.19 4.49
CA LYS A 37 -8.43 10.08 4.30
C LYS A 37 -6.99 10.53 4.57
N LEU A 38 -6.13 9.59 4.94
CA LEU A 38 -4.71 9.80 5.22
C LEU A 38 -3.88 8.89 4.29
N ALA A 39 -3.20 9.49 3.32
CA ALA A 39 -2.58 8.80 2.19
C ALA A 39 -1.05 8.72 2.26
N LEU A 40 -0.50 7.67 1.64
CA LEU A 40 0.93 7.43 1.45
C LEU A 40 1.54 8.56 0.60
N THR A 41 2.52 9.27 1.16
CA THR A 41 3.08 10.50 0.59
C THR A 41 4.60 10.41 0.49
N TYR A 42 5.12 10.84 -0.67
CA TYR A 42 6.54 10.87 -1.00
C TYR A 42 7.30 11.84 -0.05
N PRO A 43 8.44 11.43 0.54
CA PRO A 43 9.20 12.25 1.50
C PRO A 43 9.95 13.44 0.86
N GLY A 44 10.00 13.53 -0.47
CA GLY A 44 10.56 14.65 -1.23
C GLY A 44 11.92 14.40 -1.88
N ARG A 45 12.58 13.27 -1.55
CA ARG A 45 13.89 12.87 -2.13
C ARG A 45 14.11 11.35 -2.12
N GLN A 46 15.31 10.95 -2.51
CA GLN A 46 15.80 9.56 -2.51
C GLN A 46 16.46 9.18 -1.17
N ARG A 47 16.58 7.87 -0.90
CA ARG A 47 17.16 7.27 0.31
C ARG A 47 16.61 7.85 1.63
N THR A 48 15.28 7.97 1.68
CA THR A 48 14.50 8.49 2.82
C THR A 48 13.27 7.62 3.10
N PRO A 49 12.83 7.48 4.36
CA PRO A 49 11.66 6.67 4.73
C PRO A 49 10.34 7.34 4.32
N VAL A 50 9.33 6.53 3.99
CA VAL A 50 8.02 7.01 3.50
C VAL A 50 7.14 7.57 4.64
N THR A 51 6.28 8.54 4.32
CA THR A 51 5.41 9.25 5.29
C THR A 51 3.94 9.25 4.85
N VAL A 52 3.06 9.81 5.67
CA VAL A 52 1.63 10.01 5.34
C VAL A 52 1.13 11.43 5.62
N SER A 53 0.18 11.89 4.81
CA SER A 53 -0.45 13.22 4.87
C SER A 53 -1.91 13.14 4.42
N PRO A 54 -2.77 14.15 4.70
CA PRO A 54 -4.17 14.15 4.25
C PRO A 54 -4.28 13.93 2.72
N LEU A 55 -5.28 13.18 2.28
CA LEU A 55 -5.50 12.89 0.86
C LEU A 55 -5.78 14.17 0.05
N ASP A 56 -4.91 14.45 -0.92
CA ASP A 56 -5.03 15.50 -1.94
C ASP A 56 -4.81 14.96 -3.36
N GLY A 57 -4.14 13.81 -3.52
CA GLY A 57 -3.97 13.12 -4.81
C GLY A 57 -3.03 13.83 -5.80
N SER A 58 -2.21 14.79 -5.35
CA SER A 58 -1.14 15.38 -6.14
C SER A 58 -0.03 14.36 -6.48
N SER A 59 0.95 14.76 -7.28
CA SER A 59 2.07 13.90 -7.73
C SER A 59 2.89 13.28 -6.59
N GLU A 60 2.88 13.89 -5.40
CA GLU A 60 3.50 13.37 -4.17
C GLU A 60 2.71 12.23 -3.50
N GLN A 61 1.45 11.99 -3.93
CA GLN A 61 0.55 10.96 -3.39
C GLN A 61 0.02 10.00 -4.46
N ALA A 62 0.25 10.27 -5.74
CA ALA A 62 -0.03 9.34 -6.83
C ALA A 62 1.14 8.33 -6.98
N TRP A 63 0.79 7.07 -7.18
CA TRP A 63 1.74 5.95 -7.30
C TRP A 63 1.37 5.06 -8.51
N ILE A 64 2.22 4.10 -8.82
CA ILE A 64 1.92 3.00 -9.77
C ILE A 64 2.11 1.67 -9.07
N LEU A 65 1.41 0.65 -9.58
CA LEU A 65 1.49 -0.75 -9.18
C LEU A 65 1.75 -1.57 -10.44
N ARG A 66 2.63 -2.58 -10.33
CA ARG A 66 2.99 -3.50 -11.42
C ARG A 66 2.98 -4.93 -10.94
N SER A 67 2.43 -5.79 -11.79
CA SER A 67 2.07 -7.19 -11.55
C SER A 67 3.28 -8.13 -11.51
N TYR A 68 4.22 -7.86 -10.60
CA TYR A 68 5.53 -8.52 -10.50
C TYR A 68 5.42 -10.06 -10.44
N ASP A 69 4.47 -10.58 -9.66
CA ASP A 69 4.06 -11.99 -9.65
C ASP A 69 2.55 -12.11 -9.37
N SER A 70 2.04 -13.35 -9.31
CA SER A 70 0.63 -13.69 -9.09
C SER A 70 0.44 -14.91 -8.17
N ASN A 71 1.45 -15.80 -8.08
CA ASN A 71 1.47 -16.96 -7.20
C ASN A 71 1.63 -16.58 -5.71
N SER A 72 2.13 -15.37 -5.44
CA SER A 72 2.37 -14.81 -4.09
C SER A 72 1.67 -13.47 -3.85
N ASN A 73 0.80 -13.02 -4.77
CA ASN A 73 0.11 -11.72 -4.75
C ASN A 73 1.05 -10.52 -4.50
N THR A 74 2.24 -10.59 -5.11
CA THR A 74 3.31 -9.59 -4.96
C THR A 74 3.41 -8.64 -6.15
N TRP A 75 3.77 -7.41 -5.80
CA TRP A 75 3.75 -6.22 -6.65
C TRP A 75 4.98 -5.34 -6.36
N THR A 76 5.22 -4.36 -7.22
CA THR A 76 6.21 -3.29 -6.99
C THR A 76 5.51 -1.93 -7.02
N ILE A 77 6.01 -0.97 -6.24
CA ILE A 77 5.35 0.32 -5.96
C ILE A 77 6.34 1.46 -6.20
N SER A 78 5.93 2.46 -6.99
CA SER A 78 6.78 3.60 -7.39
C SER A 78 5.96 4.90 -7.45
N PRO A 79 6.49 6.06 -7.01
CA PRO A 79 5.75 7.33 -7.01
C PRO A 79 5.71 7.96 -8.42
N VAL A 80 4.56 8.52 -8.80
CA VAL A 80 4.41 9.24 -10.10
C VAL A 80 5.29 10.50 -10.16
N GLY A 81 5.63 11.10 -9.01
CA GLY A 81 6.60 12.20 -8.91
C GLY A 81 8.06 11.80 -9.20
N SER A 82 8.44 10.53 -8.96
CA SER A 82 9.81 10.01 -9.16
C SER A 82 9.82 8.55 -9.66
N PRO A 83 9.35 8.26 -10.90
CA PRO A 83 9.35 6.91 -11.50
C PRO A 83 10.74 6.24 -11.59
N ASN A 84 11.81 7.01 -11.43
CA ASN A 84 13.21 6.56 -11.30
C ASN A 84 13.51 5.79 -9.99
N SER A 85 12.52 5.61 -9.11
CA SER A 85 12.66 4.98 -7.79
C SER A 85 11.46 4.10 -7.40
N GLN A 86 11.63 3.28 -6.36
CA GLN A 86 10.72 2.21 -5.96
C GLN A 86 10.79 2.00 -4.44
N ILE A 87 9.68 1.64 -3.80
CA ILE A 87 9.66 1.37 -2.35
C ILE A 87 10.34 0.02 -2.07
N GLY A 88 11.27 0.01 -1.11
CA GLY A 88 11.94 -1.19 -0.59
C GLY A 88 12.17 -1.09 0.91
N TRP A 89 12.69 -2.14 1.54
CA TRP A 89 13.06 -2.09 2.97
C TRP A 89 14.35 -1.25 3.17
N GLY A 90 14.73 -1.01 4.42
CA GLY A 90 15.97 -0.31 4.78
C GLY A 90 16.64 -0.87 6.05
N ALA A 91 16.38 -2.14 6.39
CA ALA A 91 16.85 -2.87 7.58
C ALA A 91 16.53 -2.26 8.97
N GLY A 92 15.84 -1.12 9.00
CA GLY A 92 15.41 -0.38 10.20
C GLY A 92 13.91 -0.53 10.51
N ASN A 93 13.28 -1.62 10.03
CA ASN A 93 11.84 -1.91 10.15
C ASN A 93 10.91 -0.78 9.64
N VAL A 94 11.33 -0.10 8.57
CA VAL A 94 10.56 0.93 7.85
C VAL A 94 10.79 0.81 6.34
N PRO A 95 9.82 1.19 5.48
CA PRO A 95 10.04 1.27 4.03
C PRO A 95 10.77 2.57 3.67
N VAL A 96 11.60 2.50 2.63
CA VAL A 96 12.53 3.55 2.19
C VAL A 96 12.51 3.65 0.66
N VAL A 97 12.57 4.87 0.13
CA VAL A 97 12.66 5.15 -1.31
C VAL A 97 14.05 4.79 -1.83
N LEU A 98 14.15 3.74 -2.66
CA LEU A 98 15.39 3.16 -3.20
C LEU A 98 15.34 3.12 -4.75
N PRO A 99 16.46 2.89 -5.46
CA PRO A 99 16.45 2.63 -6.90
C PRO A 99 15.74 1.29 -7.22
N PRO A 100 15.17 1.11 -8.42
CA PRO A 100 14.51 -0.14 -8.82
C PRO A 100 15.51 -1.30 -8.96
N ASN A 101 15.15 -2.46 -8.41
CA ASN A 101 15.93 -3.71 -8.50
C ASN A 101 14.98 -4.92 -8.48
N ASN A 102 14.64 -5.42 -7.28
CA ASN A 102 13.77 -6.57 -7.07
C ASN A 102 12.92 -6.45 -5.77
N TYR A 103 12.90 -5.28 -5.12
CA TYR A 103 12.17 -5.06 -3.85
C TYR A 103 10.65 -5.12 -4.08
N VAL A 104 9.93 -6.00 -3.37
CA VAL A 104 8.50 -6.27 -3.59
C VAL A 104 7.66 -6.17 -2.31
N TRP A 105 6.35 -5.97 -2.49
CA TRP A 105 5.35 -5.91 -1.43
C TRP A 105 4.09 -6.66 -1.85
N THR A 106 3.29 -7.10 -0.88
CA THR A 106 2.10 -7.93 -1.09
C THR A 106 0.84 -7.13 -0.78
N LEU A 107 -0.17 -7.23 -1.64
CA LEU A 107 -1.39 -6.40 -1.58
C LEU A 107 -2.63 -7.27 -1.32
N THR A 108 -2.71 -7.79 -0.10
CA THR A 108 -3.77 -8.73 0.33
C THR A 108 -5.13 -8.04 0.45
N LEU A 109 -6.17 -8.65 -0.12
CA LEU A 109 -7.55 -8.13 -0.14
C LEU A 109 -8.45 -8.89 0.83
N THR A 110 -9.44 -8.20 1.41
CA THR A 110 -10.48 -8.75 2.30
C THR A 110 -11.88 -8.23 1.92
N SER A 111 -12.93 -8.75 2.56
CA SER A 111 -14.34 -8.38 2.33
C SER A 111 -14.71 -6.91 2.66
N GLY A 112 -13.75 -6.08 3.08
CA GLY A 112 -13.97 -4.65 3.38
C GLY A 112 -12.72 -3.76 3.39
N GLY A 113 -11.58 -4.21 2.85
CA GLY A 113 -10.34 -3.41 2.83
C GLY A 113 -9.13 -4.13 2.22
N TYR A 114 -7.96 -3.48 2.29
CA TYR A 114 -6.67 -3.99 1.85
C TYR A 114 -5.66 -4.07 3.01
N ASN A 115 -4.61 -4.86 2.79
CA ASN A 115 -3.44 -4.97 3.69
C ASN A 115 -2.15 -5.01 2.86
N ILE A 116 -1.04 -4.62 3.49
CA ILE A 116 0.24 -4.41 2.82
C ILE A 116 1.34 -5.13 3.59
N GLN A 117 1.86 -6.21 3.03
CA GLN A 117 2.76 -7.18 3.67
C GLN A 117 4.03 -7.44 2.83
N ASP A 118 4.89 -8.33 3.31
CA ASP A 118 6.18 -8.69 2.72
C ASP A 118 6.23 -10.17 2.30
N GLY A 119 7.31 -10.59 1.63
CA GLY A 119 7.49 -11.98 1.21
C GLY A 119 7.54 -13.01 2.35
N LYS A 120 7.98 -12.62 3.56
CA LYS A 120 8.10 -13.50 4.74
C LYS A 120 6.76 -13.76 5.45
N ARG A 121 5.75 -12.92 5.23
CA ARG A 121 4.44 -12.87 5.94
C ARG A 121 4.54 -12.65 7.46
N THR A 122 5.72 -12.29 7.98
CA THR A 122 5.94 -12.05 9.42
C THR A 122 5.44 -10.67 9.87
N VAL A 123 5.21 -9.74 8.94
CA VAL A 123 4.90 -8.33 9.21
C VAL A 123 3.90 -7.71 8.21
N SER A 124 3.44 -6.51 8.53
CA SER A 124 2.53 -5.64 7.77
C SER A 124 2.93 -4.16 7.98
N TRP A 125 2.60 -3.28 7.04
CA TRP A 125 2.79 -1.82 7.20
C TRP A 125 1.82 -1.24 8.23
N SER A 126 2.32 -0.36 9.10
CA SER A 126 1.58 0.23 10.23
C SER A 126 1.96 1.70 10.50
N LEU A 127 1.22 2.31 11.44
CA LEU A 127 1.39 3.66 11.98
C LEU A 127 1.67 3.59 13.49
N ASN A 128 2.02 4.73 14.12
CA ASN A 128 2.37 4.83 15.54
C ASN A 128 1.45 5.79 16.32
N ASN A 129 0.92 6.83 15.67
CA ASN A 129 -0.08 7.77 16.18
C ASN A 129 -1.28 7.93 15.24
N ALA A 130 -1.21 7.37 14.02
CA ALA A 130 -2.27 7.39 13.00
C ALA A 130 -2.67 8.83 12.56
N THR A 131 -1.68 9.72 12.42
CA THR A 131 -1.85 11.15 12.09
C THR A 131 -0.87 11.63 11.02
N ALA A 132 -1.14 12.80 10.42
CA ALA A 132 -0.33 13.40 9.36
C ALA A 132 1.10 13.76 9.80
N GLY A 133 2.03 13.74 8.84
CA GLY A 133 3.46 13.99 9.03
C GLY A 133 4.25 12.79 9.58
N GLU A 134 3.57 11.68 9.91
CA GLU A 134 4.17 10.49 10.52
C GLU A 134 4.90 9.60 9.49
N GLU A 135 6.08 9.13 9.89
CA GLU A 135 6.86 8.09 9.20
C GLU A 135 6.21 6.71 9.42
N VAL A 136 5.85 6.00 8.33
CA VAL A 136 5.23 4.68 8.45
C VAL A 136 6.21 3.63 9.00
N SER A 137 5.68 2.52 9.53
CA SER A 137 6.44 1.47 10.21
C SER A 137 6.07 0.08 9.69
N ILE A 138 6.83 -0.94 10.10
CA ILE A 138 6.65 -2.35 9.70
C ILE A 138 6.79 -3.23 10.96
N GLY A 139 5.78 -4.06 11.21
CA GLY A 139 5.70 -4.94 12.38
C GLY A 139 4.51 -5.89 12.32
N ALA A 140 4.17 -6.53 13.43
CA ALA A 140 2.97 -7.37 13.55
C ALA A 140 1.67 -6.62 13.16
N ASP A 141 0.64 -7.37 12.76
CA ASP A 141 -0.68 -6.85 12.39
C ASP A 141 -1.39 -6.09 13.54
N ALA A 142 -2.35 -5.26 13.18
CA ALA A 142 -3.10 -4.39 14.08
C ALA A 142 -4.57 -4.22 13.65
N THR A 143 -5.39 -3.70 14.57
CA THR A 143 -6.86 -3.54 14.40
C THR A 143 -7.31 -2.13 14.01
N PHE A 144 -6.52 -1.10 14.37
CA PHE A 144 -6.81 0.32 14.14
C PHE A 144 -5.60 1.15 13.65
N SER A 145 -4.46 0.50 13.35
CA SER A 145 -3.20 1.17 13.00
C SER A 145 -2.34 0.44 11.97
N GLY A 146 -2.86 -0.62 11.31
CA GLY A 146 -2.10 -1.48 10.39
C GLY A 146 -2.96 -2.11 9.29
N ARG A 147 -3.93 -1.35 8.78
CA ARG A 147 -4.90 -1.74 7.73
C ARG A 147 -5.07 -0.59 6.73
N TRP A 148 -5.33 -0.92 5.47
CA TRP A 148 -5.26 0.03 4.35
C TRP A 148 -6.44 -0.09 3.36
N VAL A 149 -6.47 0.82 2.39
CA VAL A 149 -7.42 0.90 1.27
C VAL A 149 -6.63 1.39 0.04
N ILE A 150 -7.00 0.90 -1.15
CA ILE A 150 -6.33 1.21 -2.41
C ILE A 150 -7.38 1.54 -3.47
N GLU A 151 -7.08 2.53 -4.31
CA GLU A 151 -7.97 3.05 -5.35
C GLU A 151 -7.21 3.42 -6.62
N LYS A 152 -7.89 3.37 -7.76
CA LYS A 152 -7.31 3.54 -9.10
C LYS A 152 -7.44 5.00 -9.56
N VAL A 153 -6.44 5.52 -10.27
CA VAL A 153 -6.37 6.92 -10.77
C VAL A 153 -5.96 7.05 -12.24
#